data_8CVM
#
_entry.id   8CVM
#
_cell.length_a   1.00
_cell.length_b   1.00
_cell.length_c   1.00
_cell.angle_alpha   90.00
_cell.angle_beta   90.00
_cell.angle_gamma   90.00
#
_symmetry.space_group_name_H-M   'P 1'
#
loop_
_entity.id
_entity.type
_entity.pdbx_description
1 polymer '50S ribosomal protein L2'
2 polymer '50S ribosomal protein L3'
3 polymer '50S ribosomal protein L4'
4 polymer '50S ribosomal protein L5'
5 polymer '50S ribosomal protein L6'
6 polymer '50S ribosomal protein L13'
7 polymer '50S ribosomal protein L14'
8 polymer '50S ribosomal protein L15'
9 polymer '50S ribosomal protein L16'
10 polymer '50S ribosomal protein L17'
11 polymer '50S ribosomal protein L18'
12 polymer '50S ribosomal protein L19'
13 polymer '50S ribosomal protein L20'
14 polymer '50S ribosomal protein L21'
15 polymer '50S ribosomal protein L22'
16 polymer '50S ribosomal protein L23'
17 polymer '50S ribosomal protein L24'
18 polymer '50S ribosomal protein L25'
19 polymer '50S ribosomal protein L27'
20 polymer '50S ribosomal protein L28'
21 polymer '50S ribosomal protein L29'
22 polymer '50S ribosomal protein L30'
23 polymer '50S ribosomal protein L32'
24 polymer '50S ribosomal protein L33'
25 polymer '50S ribosomal protein L34'
26 polymer '50S ribosomal protein L35'
27 polymer '50S ribosomal protein L31'
28 polymer '23S ribosomal RNA'
29 polymer '5S ribosomal RNA'
30 polymer '50S ribosomal protein bL37'
31 polymer 'Initiator fMet RNA'
32 polymer '50S ribosomal protein L36'
33 non-polymer 'MAGNESIUM ION'
34 non-polymer 'ZINC ION'
35 non-polymer Sarecycline
36 water water
#
loop_
_entity_poly.entity_id
_entity_poly.type
_entity_poly.pdbx_seq_one_letter_code
_entity_poly.pdbx_strand_id
1 'polypeptide(L)'
;MGIRKYKPTTPGRRGSSVSDFVELTRSTPEKSLLVAKPKTGGRNNTGRITTRHIGGGHKQAYRIIDFKRYDKDGVPAKVA
HIEYDPNRTARIALLHYADGEKRYIIAPDGVGQGTVVVSGPEADIKPGNNLPLRNIPVGTTVHAVELRPGGGAKMGRSAG
ASVQLVAREGKYATVRLPSGEMRMVDIRCRATIGEVGNAEQININWGKAGRNRWKGIRPTVRGVVMNPIDHPHGGGEGRT
SGGRHPVSPWGKPEGRTRNKKKASSRLIVRRRKSGKKR
;
c
2 'polypeptide(L)'
;MTNERTVKGVLGTKLGMTQLWDEHNRLVPVTVIQAGPCVVTQVRTPETDGYSAVQLGYGAVKAKNVTKPEAGHFEKAGVT
PRRHLVELRTADASEYTLGQEIAADVFSESDFVDVTGTSKGKGTAGVMKRHGFGGLRATHGVHRKHRSPGSIGGCSTPGK
VIKGLRMAGRMGVERVTVQNLQVHSVDAERGIMLVRGAVPGPKGSLLVVRSAAKKAAKNGDAA
;
d
3 'polypeptide(L)'
;MNETKTIDVLDVKGKKAGSAELPGDLFDVNTNIPLIHQVVVAQLAAARQGTHATKTRGQVSGGGKKPWRQKGTGRARQGS
TRAPQWVGGGTVHGPQPRSYAQRTPKKMVGAALRGALSDMARDNRIFVVTSLVDGDKPSTKQAKAVLSGLAELRKVLVVL
DRSDEIDWLSVRNLSEVHVLAADQLNTYDVVNARTIVFSQAGLDAFVGARSANTQALSAEPEVPETNVADQHPYGEDSFR
GDNPPAGFDIKGNEDSMKFHEPSSPWYGRTIAEVWFRSAAAAEAAGFVNAVKSDSEKEDAK
;
e
4 'polypeptide(L)'
;MSTDAIAHEMPRLKKQYREQIRAAMQEEFGYRNPMLIPGLEKIVVNMGVGDAAHDSKVMDGAIRDITAITGQKPQVTKAR
KSIAQFKLREGQPIGCHVTLRGDRMWEFADRLLTLALPRIRDFRGLNSNQFDGKGNYTFGLSEQVMFLEIDQDKIDRIRG
MDITFVTTAQTNEEGKALLKHLGFPFKAKDDPKKAKTKRGPAYYAKKKKK
;
f
5 'polypeptide(L)'
;MSRIGRLPIAVPSGVEVKLDGQYVEVKGPKGTLNFTVREPITVSKNDEGAILVERPDDERENRSLHGLTRTLINNMVIGV
TEGYEKKLEIQGVGYRVLSKGPKQLEFNLGFSHPVIVDAPEGITFAVENPTKFSVQGIDKQVVGETAANIRKIRKPEPYK
GKGVRYEGENVRRKVGKAGK
;
g
6 'polypeptide(L)'
;MTTYSPKAGEVQRKWYVIDAEDIVLGRLATTAANLLRGKHKPQYAPHIDTGDFVVVVNASKIALTGKKATDSLRYDHSGR
PGGLRVTSIGEMLAKNPRRAVERAVWGMMPKNKLSRQQLKKLKVYGGPEHPHAAQNPQPYEITQIAQ
;
i
7 'polypeptide(L)'
;MIQQETRLKVADNTGAKELLCIRVLGGSKRRYAYLGDTIVCTVKDAIPGGNVKKGEVVKAVVVRTVKSHRRPDGSYIKFD
ENAAVLLKGDGEPRGTRIFGPIARELREKKFMRIVSLAPEVI
;
j
8 'polypeptide(L)'
;MAIELHDLKPAPGAHKAKTRVGRGEGSKGKTAGRGTKGTGARKNVPEFFAGGQMPIHMQAPKLGGFHNPFRTEYQVVNLD
KVEALFPKGGKITVDDLVSVGAVRDNELVKVLGTGELTVKVDLVVDAWSKSAQEKIEKAGGSVTKR
;
k
9 'polypeptide(L)'
;MLIPRRVKYRKQHHPKRTGAAKGGTQLAFGDYGIQATEGGYLTNRQIEAARIAMTRYIKRGGKVWINVYPDRPMTKHPAE
SRMGSGKGTPEWWIANIKPGRVLFELSGVPEDVAREAMRLAIHKLPMKARFISREGGDN
;
l
10 'polypeptide(L)'
;MPKPTKGPRLGGSPAHERIILRNLASQLFEHGRVVTTVTKAKRVRPLAEKLINRAKTDTVANRRFVNRTITDRGIVHILF
TEIGPRMEGRDGGYTRVTRIGIRKGDNAPMAVIEVISDKVAPKAPASAADAKAQINTATEAKDAEPEAGDAAVEHNAPAE
DAAAQAPVADEQEAAEADEKAEEKPEA
;
m
11 'polypeptide(L)'
;MASTLTVRKSLSDRAKARARRQARGRKKIFGTVERPRMVVTRSSKHVFVQVIDDVAGNTLVSASTMEAELREMSGDKTAK
AARVGTIIGERAKAAGITKVVFDKAGNQYHGRIAALADAAREAGLDF
;
n
12 'polypeptide(L)'
;MSNIIDEIDKASMRDDIPEFRPGDSVKVHVKVVEGSRTRVQVFSGIVISRTGGGVQESFTVRKLSFGTGVERTFPLHSPI
IDKIEVDRHGAVRRAKLYYLRGRRGKAAKIKERGSAR
;
o
13 'polypeptide(L)'
;MARVKRSVNAKKKRREVLDQASGYRGQRSRLYRKAKEQTLHSATYSFRDRRAKKGDFRSLWIQRINAASRAQGMTYNRFI
NGLKNAGVEVDRKMLAELAVSDINAFNSLVEVAKASQPQNAAA
;
p
14 'polypeptide(L)'
;MYAIVRSGGRQHKVAVGDVVEIDKVADEAGSSIELTPLLVVDGESVTSDKDALGKVKVTAEVLGETKGPKIRILKYKNKT
GYKKRQGHRQKYTQVKVTGIEG
;
q
15 'polypeptide(L)'
;MSKTERPSRRAALLGDRPGSYAIARHVRMSASKCRRVINLVRGMDAVDAVTMLKFQPQAAAEPIRKVIASAMANAEQTEG
LRADDLYISQAFVDEGITMRRIRPRAKGSASRILKRSAHITVVVEPKEARQARKKAKSGRPAAAAKSETEKGA
;
r
16 'polypeptide(L)'
;MSELKIRDPRDIILAPVVSEKSYGLLDQNTYTFVVKPTANKTEIKIAIEQIFGVKVTSVNTMNRKGKVRRTRTGVGKRPD
TKRAIVTVAEGDRIDIFTGPVA
;
s
17 'polypeptide(L)'
;MKSLKIKKGDRVKVIAGNDKGAIGEVLSVDPARERVVVEGVNIRKHHRRDMPTPQGGTTKGGIISSEAPIHVSNVQLVTK
IDGKDVVTRVGYRRVDVTKRRPDGSEYAAQRSVRYLKKEEAK
;
t
18 'polypeptide(L)'
;MADIIHLKAEQRTEFGKGAARRIRRDDKVPAVMYGHDHDPIHVTLDGHATLLALRTENPLLSIEIEGQKPMLALPKDVQR
DVLKGFVRHVDLLTVRRGEKVDVNVALRITGESAPGTIAMTEFNEIEVQADLLNIPEVIEIDVTGLEAGTTIYLGDLKLP
EGTSLLGDAEDVAATVAFPETEPVEDEESAGEDAQGESEEKAAKE
;
u
19 'polypeptide(L)'
;MAHKKGASSSRNGRDSNAQRLGVKRFGGQLVNAGEIIVRQRGTHFHPGDGVGRGGDDTLFALRDGNVEFGTRRGRRVVNV
TPVEAPVEA
;
v
20 'polypeptide(L)' MAAVCDICAKRPGFGHNVPWSKKKTNRRWSPNIQRVRVVENGTHKRMNVCTSCLKAGRVSR w
21 'polypeptide(L)' MPKLSAAELRQLSGEELRNKVRELKEELFGLRFQSATGQLENTARLREVRKDIARVYTVLQERNLNIVDDPDSTKEA x
22 'polypeptide(L)' MSKLKITQIKSGIATKPNHRETLRSLGLKRIGDTVIKEDRPEFRGMVRTVRHLVTMEEVD y
23 'polypeptide(L)' MAVPKRKMSRSNTRHRRSQWKTVATKLVTCANPACGEKHLPHTACPSCGGYGPRGDRRQVVEA z
24 'polypeptide(L)' MAKKSGDVRPKITLACTECKERNYITKKNRRNNPDRMEMAKFCPRCRKHTAHRETR 0
25 'polypeptide(L)' MKRTFQPSNRRRARNHGFRSRMSTRAGRSILAARRRKGRVNLSA 1
26 'polypeptide(L)' MPKMKSHSGTKKRFKVTGSGKVTARKAGKRHLNEHKSSRVTRRLTGETVLSKGEAAKVKKLLAGHPGR 2
27 'polypeptide(L)' MKQGIHPDYRETTVVCTCGNTFTTRSTSQSGTLNADVCSKCHPFYTGKQKILDAGGRVARFERRYGKKN 4
28 'polyribonucleotide'
;GCAAAGUUGUGUAGUGCGAUCGGUGGAUGCCUUGGCACCAAGAGCCGAUGAAGGACGUUGUGACCUGCGAUAAGCCCUGG
GGAGUUGGUGAGCGAGCUGUGAUCCGGGGGUGUCCGAAUGGGGAAACCUGGAAUGUCCGGAGUAGUGUCCGGUGGCCCUG
CCCUGAAUGUAUAGGGGUGUGGGUGGUAACGCGGGGAAGUGAAACAUCUUAGUACCCGUAGGAAGAGAAAACAAGUGUGA
UUCCGUGAGUAGUGGCGAGCGAAAGCGGAGGAGGCUAAACCGUGUGUGUGUUCAAGCCGGCAGGUGUUGCAUGUGCGGGG
UUGUGGGGGCCUUGUGGUUCUGCUGCCGCAGGAUUGGCCAGUGAGAAAUGUUGCGUGAAGGUGAAGCGUCUGGGAAGGCG
UACCGGAGUGGGUGAGAGUCCUGUAACUGUAAGCGUGGCACUGGUGUGGGGUUGCCCCGAGUAGCGUGGGACUCGUGGAA
UUUCGCGUGAAUCUGGCGGGACCACCCGUCAAGCCUAAAUACUCCUUGGUGACCGAUAGUGGAUGAGUACCGUGAGGGAA
GGGUGAAAAGUACCCCGGGAGGGGAGUGAAAGAGUUCCUGAAACCGGUCGCAUGCAAGCCGUCAGAGCCUGUGUGGUGAU
GGCGUGCCUUUUGAAGAAUGAGCCUGCGAGUUAGUGAUGCGUGGCGAGGUUAACCCGUGGUGGGGGAGUCGUAGCGAAAG
CGAGUCCGAUAAGGGCGUGAGUCGCGUGUUCUAGACCCGAAGCGGUGUGAUCUAUCCAUGGCCAGGAUGAAGCGUCGGUA
AGACGUCGUGGAGGUCCGAACCCACUUCAGUUGAAAAUGGAGGGGAUGAGUUGUGGAUAGGGGUGAAAGGCCAAUCAAAC
ACCGUGAUAGCUGGUUCUCCCCGAAAUGCAUUUAGGUGCAGCGUUGCGUGGUUCUUGUUGGAGGUAGAGCACUGGAUGGU
CUAGGGGGCUUAUCGGCUUACCGAAAUCAGCCAAACUCCGAAUGCUGGCAAGUGUAGCGUGGCAGUGAGACGGCGGG
(PSU)GAUAAGCUUCGUCGUCGAGAGGGAAACAGCCCAGAUCAUCAGCUAAGGCCCCUAAGUGGUGACUCAGUGGGAAAG
GAUGUGGAGUUGCGUAGACAACCAGGAGGUUGGCUUGGAAGCAGCCAUCCUUGAAAGAGUGCGUAAUAGCUCACUGGUCA
AGUGAUUCCGCGCCGAUAAUGUAGCGGGGCUUAAGUUAUCCGCCGAAGCUGUGGCAACCUGUGUGGUUGGGUAGGGGAGC
GUCGUGUCAGUGGUGAAGCUGCCGGGUGACUGUGUGGUGGAGUUGAUGCGAGUGAGAAUGCAGGCAUGAGUAGCGUGUGA
CGGGUGGGAAUCCCGUCCGCCGAUUAUCCAAGGGUUCCAGGGUCAAGUUUGUCUGCCCUGGGUGAGUCGGGUCCUAAGGC
GAGGCCGACAGGCGUAGUCGAUGGGUAACCAGUUGAUAUUCUGGUACCGGCUUGUCACCGUCCGUGUCGAGGUGUGUGAU
GCUAAGCAUGUGAGCUUGUCUUGGGAGUGUUUUUGAUGCUUCUGGGGUGGGUGAGUGUGUGAACCGAUCAUGUAGUAGGC
AAGCUGCGGAGGGACGCAGUGAGGUAGCUCAUCCCCGGUGAUGGUUGUCCGGGGCUAAGUGUGUGGACUGUCUGGUAGGU
AAAUCCGCUGGGCGUGAAGGUUGAGGCAUGAUGGGGAGCCCAUGGUUGUGGGUGAGUGAGUGAUCCUGUACUGUCGAGAA
AAGCUUCGUGAGCGAGGUGGCGGGUCCGCCCGUACCCUAAACCGACACUGGUGGAUAGGUAGAGUAUACCGAGGCGAUCG
AGUGAAUCGUGGUGAAGGAACUCGGCAAAAUGCCCCCGUAACUUUGGGAUAAGGGGGACCUGAGCUGUCGUGCACCCGUG
CGGUGUGGUGGCGGUGAGGGGCGCAGAGUCCAGGGGGAAACGACUGUUUACCAAAAACACAGGUCCGUGCGAAGUCGUAA
GACGAUGUAUACGGACUGACUCCU(2MG)CCCGGUGCUGGAAGGUUAAGGGGAACUGUGAGUGUAUGCGUAGCGGUGAAC
UUAAGCCCCAGUAAACGGCGGUGG(PSU)AAC(3TD)A(PSU)AACCAUCCUAAGGUAGCGAAA(5MU)UCCUUGUCGGG
UAAGUUCCGAC(5MC)UGCACGAAUGGAGUAACGAUUUCCCUACUGUCUCCACCAUGAACUCGGUGAAAUUGCAUUACGA
GUAAAGAUGCUCGUUACGCGCAGCAGGACGGAAAGACCCCGGGACCUUUACUAUAGUUUGGUAUUGGUGAUUGGGACGGU
UUGUGUAGGAUAGGUGGGAGACGUUGAUGCGGCCACGCUAGUGGUGGUGGAGUCGUUGGUGAAAUACCACUCUGAUUGUU
CUGGUUAUCUCACUGUGGACCGUGAUCCGGUUCAAGGACAGUGCCUGAUGGGUAGUUUGACUG(OMG)GGCGGUCGCCUC
CUAAAGGGUAACGGAGGCGCCCAAAGGUUCCCUCAGCCUGGUUGGUAAUCAGGUGGUGAGUGUAAGUGCACAAGGGGGCU
UGACUGUGAGACUGACAGGUCGAGCAGGGACGAAAGUCGGGACUAGUGAUCUGACGGUGGCUUGUGGAUGCGCCGUCACU
CAACGGAUAAAAGGUACCCCG(2MG)GGA(H2U)AACAGGC(PSU)GAUCUUGCCCGAGCGCUCAUAGCGACGGCAUGGU
UUGGCA(OMC)CUCG(2MA)(PSU)GUCGGCUCGUCGCAUCCUGGGGCUGGAGUCGGUCCCAAGGGUUGGGC(OMU)GUU
CGCCCAUUAAAGCGGCACGCGAGC(PSU)GGGUUCAGAACGUCGUGAGACAG(PSU)(PSU)CGGUCCCUAUCCGCUGCG
CGCGGAGGAAUCUUGAGAAGGGCUGUCUUUAGUACGAGAGGACCGAGACGGACUGACCUCUGGUGUGCCAGUUGUUCUGC
CAAGAGCAUGGCUGGUUGGCUACGUCGGGUUGUGAUAACCGCUGAAAGCAUCUAAGCGGGAAGCACGCUUCAAGAUAAGG
GUUCCCACAGGAGUGUUCCUGGUAAGGUCCCCGAGAGAUGAUCGGGUUGAUAGGCCAGACGUGGACGCAUCGUAAGGUGU
GGAGCUGACUGGUACUAAUAGACCGAGGACUUUCAUUAACA
;
a
29 'polyribonucleotide'
;UUUCCGGUGGCCAUAGUGGAAGGGAAACACCCGGUCCCAUUCCGAACCCGGUCGUUAAGCCUUCCAACGCUGAUGGUACU
GCACGAGGGAUCGUGUGGGAGAGUAAGACGCUGCCGGAAU
;
b
30 'polypeptide(L)' MGKTGRKRRARRKKGANHGKRPNA V
31 'polyribonucleotide'
;CGCGGGG(4SU)GGAGCAGCCUGGUAGCUCGUCGGG(5MC)UCAUAACCCGAAGGUCGUCGG(5MU)(PSU)CAAAUCCG
GCCCCCGCAACCA
;
C
32 'polypeptide(L)' MKVQPSVKKICDKCKVIRRHGRVMVICDNPRHKQRQG 3
#
# COMPACT_ATOMS: atom_id res chain seq x y z
N GLY A 2 -23.83 74.46 32.39
CA GLY A 2 -24.17 74.21 31.01
C GLY A 2 -23.20 73.29 30.32
N ILE A 3 -23.28 73.21 28.99
CA ILE A 3 -22.41 72.36 28.19
C ILE A 3 -21.64 73.26 27.23
N ARG A 4 -20.35 72.98 27.07
CA ARG A 4 -19.51 73.66 26.11
C ARG A 4 -19.07 72.67 25.05
N LYS A 5 -19.34 72.99 23.79
CA LYS A 5 -19.04 72.10 22.68
C LYS A 5 -17.60 72.32 22.21
N TYR A 6 -16.88 71.21 22.02
CA TYR A 6 -15.50 71.26 21.57
C TYR A 6 -15.43 71.48 20.07
N LYS A 7 -14.38 72.15 19.63
CA LYS A 7 -14.18 72.35 18.20
C LYS A 7 -13.50 71.13 17.59
N PRO A 8 -13.81 70.81 16.34
CA PRO A 8 -13.30 69.58 15.71
C PRO A 8 -11.86 69.68 15.21
N THR A 9 -10.96 70.13 16.08
CA THR A 9 -9.56 70.22 15.71
C THR A 9 -8.97 68.84 15.43
N THR A 10 -9.29 67.86 16.27
CA THR A 10 -8.79 66.51 16.13
C THR A 10 -9.95 65.53 16.14
N PRO A 11 -9.79 64.35 15.55
CA PRO A 11 -10.76 63.29 15.78
C PRO A 11 -10.73 62.87 17.24
N GLY A 12 -11.86 62.37 17.72
CA GLY A 12 -12.05 62.14 19.13
C GLY A 12 -12.38 63.40 19.91
N ARG A 13 -12.09 64.56 19.34
CA ARG A 13 -12.51 65.84 19.86
C ARG A 13 -13.59 66.46 18.97
N ARG A 14 -13.97 65.77 17.89
CA ARG A 14 -14.85 66.33 16.87
C ARG A 14 -16.24 66.67 17.38
N GLY A 15 -17.01 65.66 17.76
CA GLY A 15 -18.35 65.85 18.25
C GLY A 15 -18.46 65.94 19.75
N SER A 16 -17.35 65.90 20.48
CA SER A 16 -17.38 65.83 21.92
C SER A 16 -17.73 67.18 22.52
N SER A 17 -18.02 67.16 23.82
CA SER A 17 -18.36 68.36 24.55
C SER A 17 -18.04 68.14 26.01
N VAL A 18 -18.18 69.20 26.80
CA VAL A 18 -17.81 69.17 28.21
C VAL A 18 -18.64 70.22 28.93
N SER A 19 -18.90 69.98 30.22
CA SER A 19 -19.54 71.00 31.03
C SER A 19 -18.61 72.20 31.22
N ASP A 20 -19.20 73.38 31.27
CA ASP A 20 -18.43 74.60 31.46
C ASP A 20 -18.14 74.92 32.91
N PHE A 21 -18.74 74.19 33.85
CA PHE A 21 -18.42 74.34 35.28
C PHE A 21 -18.68 75.75 35.77
N VAL A 22 -19.75 76.38 35.27
CA VAL A 22 -20.06 77.75 35.66
C VAL A 22 -20.48 77.81 37.12
N GLU A 23 -21.17 76.77 37.61
CA GLU A 23 -21.69 76.77 38.96
C GLU A 23 -20.63 76.50 40.02
N LEU A 24 -19.46 76.01 39.64
CA LEU A 24 -18.42 75.76 40.61
C LEU A 24 -17.88 77.07 41.16
N THR A 25 -17.82 77.18 42.49
CA THR A 25 -17.20 78.31 43.17
C THR A 25 -16.22 77.74 44.19
N ARG A 26 -15.01 77.40 43.72
CA ARG A 26 -13.93 76.69 44.41
C ARG A 26 -13.50 75.50 43.57
N SER A 27 -12.20 75.40 43.28
CA SER A 27 -11.66 74.29 42.50
C SER A 27 -10.99 73.24 43.36
N THR A 28 -11.16 73.31 44.68
CA THR A 28 -10.55 72.36 45.60
C THR A 28 -11.59 71.89 46.59
N PRO A 29 -11.44 70.67 47.12
CA PRO A 29 -12.40 70.16 48.09
C PRO A 29 -12.00 70.46 49.53
N GLU A 30 -13.00 70.34 50.41
CA GLU A 30 -12.76 70.49 51.84
C GLU A 30 -11.94 69.32 52.35
N LYS A 31 -10.74 69.61 52.86
CA LYS A 31 -9.80 68.55 53.21
C LYS A 31 -10.32 67.67 54.34
N SER A 32 -11.14 68.22 55.23
CA SER A 32 -11.60 67.49 56.40
C SER A 32 -12.76 66.56 56.09
N LEU A 33 -13.24 66.52 54.86
CA LEU A 33 -14.39 65.70 54.48
C LEU A 33 -14.06 64.73 53.36
N LEU A 34 -12.78 64.36 53.23
CA LEU A 34 -12.35 63.44 52.20
C LEU A 34 -11.81 62.16 52.83
N VAL A 35 -12.06 61.05 52.15
CA VAL A 35 -11.47 59.76 52.51
C VAL A 35 -10.94 59.13 51.23
N ALA A 36 -9.98 58.22 51.40
CA ALA A 36 -9.44 57.50 50.26
C ALA A 36 -10.48 56.56 49.68
N LYS A 37 -10.53 56.50 48.35
CA LYS A 37 -11.47 55.64 47.62
C LYS A 37 -10.68 54.82 46.61
N PRO A 38 -10.00 53.78 47.05
CA PRO A 38 -9.26 52.94 46.11
C PRO A 38 -10.21 52.22 45.16
N LYS A 39 -9.70 51.92 43.97
CA LYS A 39 -10.53 51.31 42.94
C LYS A 39 -10.65 49.82 43.15
N THR A 40 -11.80 49.27 42.76
CA THR A 40 -12.06 47.85 42.93
C THR A 40 -11.83 47.04 41.66
N GLY A 41 -11.88 47.67 40.49
CA GLY A 41 -11.79 46.91 39.26
C GLY A 41 -12.94 45.95 39.05
N GLY A 42 -14.06 46.18 39.74
CA GLY A 42 -15.19 45.28 39.64
C GLY A 42 -14.96 43.93 40.27
N ARG A 43 -14.05 43.83 41.23
CA ARG A 43 -13.70 42.57 41.84
C ARG A 43 -14.38 42.40 43.19
N ASN A 44 -14.78 41.17 43.47
CA ASN A 44 -15.46 40.77 44.69
C ASN A 44 -14.46 40.70 45.84
N ASN A 45 -14.96 40.41 47.04
CA ASN A 45 -14.07 40.08 48.14
C ASN A 45 -13.41 38.72 47.93
N THR A 46 -13.91 37.92 47.00
CA THR A 46 -13.25 36.69 46.57
C THR A 46 -12.18 36.94 45.52
N GLY A 47 -12.04 38.18 45.06
CA GLY A 47 -11.03 38.52 44.09
C GLY A 47 -11.43 38.30 42.65
N ARG A 48 -12.64 37.84 42.39
CA ARG A 48 -13.11 37.57 41.04
C ARG A 48 -13.93 38.74 40.52
N ILE A 49 -13.95 38.89 39.20
CA ILE A 49 -14.79 39.92 38.59
C ILE A 49 -16.25 39.52 38.76
N THR A 50 -17.00 40.31 39.51
CA THR A 50 -18.43 40.13 39.59
C THR A 50 -19.20 41.16 38.80
N THR A 51 -18.74 42.40 38.75
CA THR A 51 -19.25 43.39 37.83
C THR A 51 -18.19 43.64 36.79
N ARG A 52 -18.55 43.44 35.53
CA ARG A 52 -17.58 43.55 34.47
C ARG A 52 -17.43 45.00 34.04
N HIS A 53 -16.39 45.25 33.25
CA HIS A 53 -16.24 46.46 32.46
C HIS A 53 -15.84 47.64 33.35
N ILE A 54 -15.12 47.33 34.42
CA ILE A 54 -14.68 48.33 35.41
C ILE A 54 -13.19 48.19 35.61
N GLY A 55 -12.48 49.30 35.55
CA GLY A 55 -11.06 49.31 35.78
C GLY A 55 -10.37 50.55 35.31
N GLY A 56 -9.26 50.90 35.94
CA GLY A 56 -8.55 52.07 35.52
C GLY A 56 -9.31 53.32 35.89
N GLY A 57 -8.99 54.39 35.17
CA GLY A 57 -9.63 55.67 35.39
C GLY A 57 -8.81 56.57 36.30
N HIS A 58 -9.18 57.84 36.30
CA HIS A 58 -8.50 58.82 37.13
C HIS A 58 -8.70 58.49 38.61
N LYS A 59 -7.68 58.78 39.40
CA LYS A 59 -7.79 58.60 40.84
C LYS A 59 -8.82 59.57 41.41
N GLN A 60 -9.58 59.10 42.39
CA GLN A 60 -10.64 59.89 42.99
C GLN A 60 -10.60 59.79 44.50
N ALA A 61 -11.08 60.84 45.15
CA ALA A 61 -11.20 60.89 46.60
C ALA A 61 -12.66 61.05 46.95
N TYR A 62 -13.14 60.25 47.89
CA TYR A 62 -14.54 60.28 48.25
C TYR A 62 -14.84 61.49 49.11
N ARG A 63 -15.94 62.17 48.79
CA ARG A 63 -16.46 63.26 49.60
C ARG A 63 -17.57 62.71 50.48
N ILE A 64 -17.52 63.02 51.78
CA ILE A 64 -18.52 62.52 52.72
C ILE A 64 -19.76 63.39 52.59
N ILE A 65 -20.84 62.81 52.08
CA ILE A 65 -22.09 63.52 51.87
C ILE A 65 -23.05 63.19 53.00
N ASP A 66 -23.69 64.21 53.55
CA ASP A 66 -24.70 64.01 54.59
C ASP A 66 -26.01 63.68 53.91
N PHE A 67 -26.41 62.42 53.96
CA PHE A 67 -27.70 61.99 53.45
C PHE A 67 -28.75 61.87 54.54
N LYS A 68 -28.40 62.21 55.78
CA LYS A 68 -29.35 62.19 56.89
C LYS A 68 -29.98 63.55 57.12
N ARG A 69 -29.16 64.55 57.43
CA ARG A 69 -29.54 65.95 57.60
C ARG A 69 -30.41 66.21 58.81
N TYR A 70 -30.85 65.18 59.53
CA TYR A 70 -31.77 65.38 60.65
C TYR A 70 -31.07 65.36 62.00
N ASP A 71 -29.74 65.26 62.02
CA ASP A 71 -29.01 65.45 63.26
C ASP A 71 -28.58 66.88 63.46
N LYS A 72 -28.92 67.77 62.52
CA LYS A 72 -28.69 69.19 62.62
C LYS A 72 -29.98 69.97 62.50
N ASP A 73 -31.07 69.41 63.01
CA ASP A 73 -32.37 70.04 62.86
C ASP A 73 -32.41 71.37 63.60
N GLY A 74 -32.89 72.41 62.93
CA GLY A 74 -33.00 73.72 63.53
C GLY A 74 -31.72 74.52 63.56
N VAL A 75 -30.63 74.02 62.98
CA VAL A 75 -29.37 74.75 62.94
C VAL A 75 -29.19 75.27 61.51
N PRO A 76 -29.31 76.57 61.28
CA PRO A 76 -29.18 77.11 59.92
C PRO A 76 -27.75 76.94 59.41
N ALA A 77 -27.63 76.77 58.10
CA ALA A 77 -26.33 76.60 57.47
C ALA A 77 -26.23 77.50 56.25
N LYS A 78 -25.06 78.08 56.05
CA LYS A 78 -24.78 78.88 54.87
C LYS A 78 -24.15 78.00 53.81
N VAL A 79 -24.60 78.14 52.56
CA VAL A 79 -23.98 77.39 51.48
C VAL A 79 -22.63 78.03 51.19
N ALA A 80 -21.58 77.45 51.75
CA ALA A 80 -20.25 78.06 51.64
C ALA A 80 -19.71 77.92 50.23
N HIS A 81 -19.89 76.76 49.60
CA HIS A 81 -19.32 76.58 48.28
C HIS A 81 -20.17 75.62 47.46
N ILE A 82 -20.03 75.72 46.14
CA ILE A 82 -20.55 74.73 45.21
C ILE A 82 -19.34 74.19 44.45
N GLU A 83 -19.17 72.87 44.48
CA GLU A 83 -17.95 72.31 43.92
C GLU A 83 -18.22 70.96 43.27
N TYR A 84 -17.16 70.42 42.69
CA TYR A 84 -17.21 69.24 41.83
C TYR A 84 -17.00 67.98 42.65
N ASP A 85 -17.83 66.98 42.41
CA ASP A 85 -17.69 65.68 43.05
C ASP A 85 -17.44 64.63 41.98
N PRO A 86 -16.24 64.05 41.92
CA PRO A 86 -15.98 63.03 40.90
C PRO A 86 -16.78 61.76 41.09
N ASN A 87 -17.34 61.53 42.26
CA ASN A 87 -18.03 60.28 42.57
C ASN A 87 -19.48 60.27 42.12
N ARG A 88 -19.99 61.36 41.57
CA ARG A 88 -21.40 61.44 41.22
C ARG A 88 -21.58 62.41 40.06
N THR A 89 -22.76 62.36 39.46
CA THR A 89 -23.08 63.25 38.34
C THR A 89 -23.59 64.60 38.79
N ALA A 90 -23.83 64.78 40.09
CA ALA A 90 -24.29 66.06 40.62
C ALA A 90 -23.12 66.84 41.22
N ARG A 91 -23.39 68.10 41.55
CA ARG A 91 -22.44 68.91 42.27
C ARG A 91 -22.71 68.81 43.76
N ILE A 92 -21.75 69.23 44.56
CA ILE A 92 -21.88 69.16 46.02
C ILE A 92 -21.79 70.56 46.59
N ALA A 93 -22.73 70.89 47.47
CA ALA A 93 -22.73 72.14 48.21
C ALA A 93 -22.06 71.91 49.55
N LEU A 94 -20.98 72.64 49.81
CA LEU A 94 -20.33 72.65 51.10
C LEU A 94 -21.04 73.68 51.97
N LEU A 95 -21.55 73.20 53.10
CA LEU A 95 -22.39 73.96 54.02
C LEU A 95 -21.61 74.25 55.29
N HIS A 96 -21.69 75.49 55.75
CA HIS A 96 -21.14 75.91 57.04
C HIS A 96 -22.31 76.10 58.00
N TYR A 97 -22.53 75.12 58.86
CA TYR A 97 -23.57 75.25 59.88
C TYR A 97 -23.19 76.34 60.87
N ALA A 98 -24.19 76.95 61.48
CA ALA A 98 -23.90 78.04 62.40
C ALA A 98 -23.55 77.50 63.78
N ASP A 99 -22.69 76.49 63.81
CA ASP A 99 -22.07 76.04 65.05
C ASP A 99 -20.63 75.60 64.85
N GLY A 100 -20.09 75.74 63.64
CA GLY A 100 -18.74 75.32 63.32
C GLY A 100 -18.67 74.06 62.49
N GLU A 101 -19.72 73.26 62.46
CA GLU A 101 -19.70 72.02 61.70
C GLU A 101 -19.84 72.32 60.21
N LYS A 102 -19.02 71.66 59.41
CA LYS A 102 -19.06 71.78 57.96
C LYS A 102 -19.50 70.45 57.37
N ARG A 103 -20.29 70.50 56.30
CA ARG A 103 -20.83 69.28 55.74
C ARG A 103 -21.01 69.43 54.24
N TYR A 104 -21.37 68.33 53.60
CA TYR A 104 -21.62 68.28 52.17
C TYR A 104 -23.04 67.82 51.91
N ILE A 105 -23.68 68.40 50.89
CA ILE A 105 -24.96 67.88 50.42
C ILE A 105 -24.95 67.86 48.91
N ILE A 106 -25.87 67.09 48.33
CA ILE A 106 -26.13 67.20 46.91
C ILE A 106 -26.69 68.58 46.64
N ALA A 107 -26.13 69.27 45.65
CA ALA A 107 -26.51 70.65 45.42
C ALA A 107 -27.86 70.70 44.72
N PRO A 108 -28.90 71.27 45.32
CA PRO A 108 -30.16 71.43 44.61
C PRO A 108 -30.03 72.47 43.52
N ASP A 109 -30.83 72.30 42.47
CA ASP A 109 -30.82 73.25 41.37
C ASP A 109 -31.27 74.60 41.89
N GLY A 110 -30.53 75.64 41.55
CA GLY A 110 -30.88 76.99 41.87
C GLY A 110 -30.19 77.56 43.10
N VAL A 111 -29.76 76.73 44.03
CA VAL A 111 -29.06 77.23 45.20
C VAL A 111 -27.63 77.58 44.82
N GLY A 112 -27.11 78.61 45.47
CA GLY A 112 -25.76 79.05 45.18
C GLY A 112 -25.05 79.49 46.44
N GLN A 113 -23.84 80.02 46.29
CA GLN A 113 -23.08 80.45 47.45
C GLN A 113 -23.84 81.54 48.20
N GLY A 114 -23.96 81.36 49.52
CA GLY A 114 -24.51 82.36 50.39
C GLY A 114 -25.94 82.12 50.85
N THR A 115 -26.69 81.27 50.17
CA THR A 115 -28.07 81.03 50.59
C THR A 115 -28.09 80.17 51.86
N VAL A 116 -29.17 80.30 52.61
CA VAL A 116 -29.29 79.68 53.93
C VAL A 116 -30.24 78.49 53.84
N VAL A 117 -29.74 77.32 54.19
CA VAL A 117 -30.53 76.11 54.23
C VAL A 117 -30.77 75.74 55.69
N VAL A 118 -31.78 74.90 55.91
CA VAL A 118 -32.16 74.50 57.26
C VAL A 118 -32.94 73.20 57.17
N SER A 119 -33.00 72.47 58.27
CA SER A 119 -33.75 71.24 58.34
C SER A 119 -34.67 71.27 59.56
N GLY A 120 -35.75 70.51 59.48
CA GLY A 120 -36.70 70.42 60.57
C GLY A 120 -38.13 70.44 60.13
N PRO A 121 -39.03 69.99 61.00
CA PRO A 121 -40.47 70.06 60.69
C PRO A 121 -40.96 71.48 60.48
N GLU A 122 -40.39 72.45 61.20
CA GLU A 122 -40.80 73.83 61.07
C GLU A 122 -39.94 74.62 60.09
N ALA A 123 -39.13 73.94 59.30
CA ALA A 123 -38.30 74.61 58.30
C ALA A 123 -39.18 75.21 57.21
N ASP A 124 -38.73 76.34 56.66
CA ASP A 124 -39.44 76.98 55.58
C ASP A 124 -39.26 76.17 54.30
N ILE A 125 -40.26 76.24 53.42
CA ILE A 125 -40.23 75.47 52.18
C ILE A 125 -39.42 76.23 51.14
N LYS A 126 -38.11 76.00 51.13
CA LYS A 126 -37.19 76.56 50.16
C LYS A 126 -36.30 75.45 49.62
N PRO A 127 -35.86 75.56 48.37
CA PRO A 127 -34.95 74.54 47.83
C PRO A 127 -33.70 74.44 48.68
N GLY A 128 -33.31 73.20 48.98
CA GLY A 128 -32.20 72.94 49.87
C GLY A 128 -32.59 72.66 51.31
N ASN A 129 -33.76 73.13 51.74
CA ASN A 129 -34.24 72.82 53.07
C ASN A 129 -34.70 71.37 53.14
N ASN A 130 -34.51 70.76 54.30
CA ASN A 130 -34.89 69.37 54.51
C ASN A 130 -35.99 69.28 55.57
N LEU A 131 -37.05 68.56 55.23
CA LEU A 131 -38.24 68.46 56.07
C LEU A 131 -38.75 67.05 56.03
N PRO A 132 -39.55 66.65 57.02
CA PRO A 132 -40.33 65.41 56.90
C PRO A 132 -41.42 65.55 55.85
N LEU A 133 -41.80 64.41 55.29
CA LEU A 133 -42.80 64.40 54.24
C LEU A 133 -44.17 64.85 54.75
N ARG A 134 -44.49 64.63 56.03
CA ARG A 134 -45.75 65.12 56.54
C ARG A 134 -45.80 66.64 56.48
N ASN A 135 -44.65 67.30 56.61
CA ASN A 135 -44.59 68.75 56.56
C ASN A 135 -44.38 69.29 55.15
N ILE A 136 -43.86 68.47 54.24
CA ILE A 136 -43.73 68.95 52.86
C ILE A 136 -45.11 69.00 52.22
N PRO A 137 -45.49 70.13 51.61
CA PRO A 137 -46.83 70.23 51.03
C PRO A 137 -47.00 69.32 49.82
N VAL A 138 -48.26 68.93 49.57
CA VAL A 138 -48.57 68.06 48.46
C VAL A 138 -48.38 68.81 47.15
N GLY A 139 -47.80 68.13 46.16
CA GLY A 139 -47.48 68.74 44.89
C GLY A 139 -46.09 69.32 44.80
N THR A 140 -45.22 69.02 45.76
CA THR A 140 -43.90 69.62 45.80
C THR A 140 -42.87 68.72 45.14
N THR A 141 -41.91 69.35 44.48
CA THR A 141 -40.77 68.67 43.88
C THR A 141 -39.64 68.60 44.89
N VAL A 142 -39.28 67.40 45.32
CA VAL A 142 -38.24 67.18 46.31
C VAL A 142 -37.17 66.27 45.72
N HIS A 143 -36.16 65.96 46.52
CA HIS A 143 -35.12 65.01 46.15
C HIS A 143 -34.49 64.50 47.42
N ALA A 144 -33.62 63.50 47.27
CA ALA A 144 -32.93 62.89 48.40
C ALA A 144 -33.95 62.36 49.42
N VAL A 145 -34.74 61.40 48.98
CA VAL A 145 -35.89 60.92 49.74
C VAL A 145 -35.51 59.62 50.44
N GLU A 146 -35.95 59.49 51.68
CA GLU A 146 -35.68 58.30 52.47
C GLU A 146 -36.72 57.21 52.19
N LEU A 147 -36.25 55.98 52.01
CA LEU A 147 -37.17 54.85 51.92
C LEU A 147 -37.78 54.53 53.28
N ARG A 148 -36.95 54.49 54.32
CA ARG A 148 -37.40 54.18 55.66
C ARG A 148 -36.95 55.28 56.61
N PRO A 149 -37.82 55.69 57.53
CA PRO A 149 -37.55 56.92 58.29
C PRO A 149 -36.28 56.82 59.10
N GLY A 150 -35.38 57.78 58.90
CA GLY A 150 -34.08 57.78 59.53
C GLY A 150 -33.01 57.05 58.78
N GLY A 151 -33.34 56.40 57.66
CA GLY A 151 -32.36 55.63 56.93
C GLY A 151 -31.45 56.42 56.03
N GLY A 152 -31.76 57.68 55.76
CA GLY A 152 -30.97 58.51 54.88
C GLY A 152 -31.53 58.57 53.48
N ALA A 153 -31.01 59.53 52.72
CA ALA A 153 -31.48 59.77 51.37
C ALA A 153 -31.13 58.60 50.45
N LYS A 154 -32.11 58.12 49.71
CA LYS A 154 -31.88 57.01 48.78
C LYS A 154 -32.50 57.20 47.41
N MET A 155 -33.48 58.07 47.22
CA MET A 155 -34.15 58.23 45.95
C MET A 155 -33.98 59.66 45.45
N GLY A 156 -33.81 59.81 44.15
CA GLY A 156 -33.67 61.12 43.56
C GLY A 156 -32.39 61.83 43.97
N ARG A 157 -31.25 61.32 43.52
CA ARG A 157 -29.97 61.86 43.96
C ARG A 157 -29.07 62.24 42.79
N SER A 158 -29.25 61.60 41.64
CA SER A 158 -28.40 61.88 40.51
C SER A 158 -28.72 63.25 39.92
N ALA A 159 -27.89 63.69 39.00
CA ALA A 159 -28.05 65.02 38.42
C ALA A 159 -29.40 65.13 37.72
N GLY A 160 -30.12 66.20 38.03
CA GLY A 160 -31.42 66.43 37.44
C GLY A 160 -32.54 65.61 38.02
N ALA A 161 -32.27 64.76 39.00
CA ALA A 161 -33.30 63.89 39.55
C ALA A 161 -34.35 64.71 40.28
N SER A 162 -35.55 64.13 40.38
CA SER A 162 -36.71 64.84 40.89
C SER A 162 -37.74 63.82 41.35
N VAL A 163 -38.33 64.07 42.51
CA VAL A 163 -39.39 63.24 43.06
C VAL A 163 -40.59 64.14 43.33
N GLN A 164 -41.76 63.69 42.92
CA GLN A 164 -42.98 64.49 43.05
C GLN A 164 -43.83 63.94 44.18
N LEU A 165 -44.12 64.77 45.19
CA LEU A 165 -44.98 64.34 46.28
C LEU A 165 -46.43 64.60 45.89
N VAL A 166 -47.19 63.52 45.69
CA VAL A 166 -48.52 63.64 45.10
C VAL A 166 -49.64 63.46 46.12
N ALA A 167 -49.41 62.77 47.23
CA ALA A 167 -50.48 62.51 48.20
C ALA A 167 -49.87 62.20 49.56
N ARG A 168 -50.69 62.37 50.59
CA ARG A 168 -50.29 62.11 51.97
C ARG A 168 -51.41 61.41 52.73
N GLU A 169 -52.06 60.43 52.11
CA GLU A 169 -53.17 59.75 52.76
C GLU A 169 -52.67 58.88 53.91
N GLY A 170 -53.28 59.04 55.07
CA GLY A 170 -52.94 58.19 56.21
C GLY A 170 -51.52 58.40 56.67
N LYS A 171 -50.85 57.29 56.97
CA LYS A 171 -49.45 57.32 57.40
C LYS A 171 -48.49 57.06 56.26
N TYR A 172 -48.94 57.22 55.02
CA TYR A 172 -48.12 57.00 53.84
C TYR A 172 -48.20 58.21 52.92
N ALA A 173 -47.06 58.57 52.35
CA ALA A 173 -46.98 59.60 51.32
C ALA A 173 -46.67 58.93 49.99
N THR A 174 -47.37 59.33 48.95
CA THR A 174 -47.18 58.78 47.62
C THR A 174 -46.27 59.71 46.83
N VAL A 175 -45.26 59.13 46.18
CA VAL A 175 -44.24 59.88 45.46
C VAL A 175 -44.06 59.27 44.08
N ARG A 176 -43.97 60.13 43.08
CA ARG A 176 -43.56 59.74 41.74
C ARG A 176 -42.05 59.87 41.65
N LEU A 177 -41.38 58.75 41.42
CA LEU A 177 -39.94 58.72 41.33
C LEU A 177 -39.49 59.12 39.93
N PRO A 178 -38.22 59.49 39.76
CA PRO A 178 -37.75 59.88 38.41
C PRO A 178 -37.92 58.79 37.37
N SER A 179 -38.05 57.52 37.79
CA SER A 179 -38.42 56.47 36.85
C SER A 179 -39.88 56.57 36.43
N GLY A 180 -40.67 57.41 37.07
CA GLY A 180 -42.08 57.47 36.83
C GLY A 180 -42.90 56.52 37.66
N GLU A 181 -42.26 55.66 38.44
CA GLU A 181 -42.98 54.72 39.29
C GLU A 181 -43.61 55.44 40.47
N MET A 182 -44.83 55.02 40.83
CA MET A 182 -45.54 55.57 41.97
C MET A 182 -45.28 54.67 43.17
N ARG A 183 -44.86 55.27 44.28
CA ARG A 183 -44.37 54.53 45.43
C ARG A 183 -44.95 55.13 46.69
N MET A 184 -45.18 54.29 47.70
CA MET A 184 -45.60 54.76 49.02
C MET A 184 -44.42 54.66 49.98
N VAL A 185 -44.20 55.74 50.74
CA VAL A 185 -43.17 55.76 51.77
C VAL A 185 -43.80 56.29 53.05
N ASP A 186 -43.12 56.06 54.16
CA ASP A 186 -43.60 56.56 55.44
C ASP A 186 -43.54 58.08 55.44
N ILE A 187 -44.58 58.72 55.99
CA ILE A 187 -44.62 60.17 56.04
C ILE A 187 -43.46 60.72 56.86
N ARG A 188 -42.97 59.95 57.83
CA ARG A 188 -41.86 60.40 58.64
C ARG A 188 -40.55 60.45 57.86
N CYS A 189 -40.50 59.88 56.65
CA CYS A 189 -39.28 59.92 55.86
C CYS A 189 -38.98 61.35 55.42
N ARG A 190 -37.70 61.70 55.47
CA ARG A 190 -37.27 63.05 55.16
C ARG A 190 -37.07 63.22 53.65
N ALA A 191 -37.11 64.48 53.21
CA ALA A 191 -36.82 64.81 51.83
C ALA A 191 -36.36 66.26 51.78
N THR A 192 -35.56 66.57 50.75
CA THR A 192 -35.00 67.90 50.56
C THR A 192 -35.78 68.61 49.45
N ILE A 193 -36.18 69.85 49.71
CA ILE A 193 -36.99 70.60 48.76
C ILE A 193 -36.16 70.93 47.52
N GLY A 194 -36.78 70.79 46.36
CA GLY A 194 -36.13 71.11 45.10
C GLY A 194 -35.56 69.88 44.42
N GLU A 195 -35.12 70.08 43.18
CA GLU A 195 -34.54 69.02 42.38
C GLU A 195 -33.02 69.19 42.30
N VAL A 196 -32.36 68.13 41.87
CA VAL A 196 -30.90 68.11 41.83
C VAL A 196 -30.41 68.95 40.65
N GLY A 197 -29.34 69.70 40.88
CA GLY A 197 -28.76 70.54 39.85
C GLY A 197 -27.95 69.73 38.85
N ASN A 198 -27.22 70.46 38.01
CA ASN A 198 -26.41 69.85 36.94
C ASN A 198 -27.27 68.99 36.03
N ALA A 199 -28.50 69.45 35.77
CA ALA A 199 -29.46 68.65 35.03
C ALA A 199 -29.08 68.46 33.57
N GLU A 200 -28.16 69.26 33.06
CA GLU A 200 -27.80 69.22 31.64
C GLU A 200 -26.60 68.33 31.35
N GLN A 201 -26.06 67.64 32.37
CA GLN A 201 -24.88 66.82 32.16
C GLN A 201 -25.14 65.62 31.25
N ILE A 202 -26.39 65.20 31.10
CA ILE A 202 -26.69 64.05 30.27
C ILE A 202 -26.43 64.34 28.80
N ASN A 203 -26.40 65.61 28.41
CA ASN A 203 -26.14 65.98 27.03
C ASN A 203 -24.66 66.00 26.68
N ILE A 204 -23.78 65.67 27.62
CA ILE A 204 -22.35 65.66 27.35
C ILE A 204 -22.02 64.55 26.38
N ASN A 205 -21.37 64.91 25.28
CA ASN A 205 -20.84 63.94 24.33
C ASN A 205 -19.37 63.72 24.66
N TRP A 206 -19.02 62.50 25.03
CA TRP A 206 -17.64 62.22 25.39
C TRP A 206 -16.74 62.09 24.17
N GLY A 207 -17.30 61.70 23.03
CA GLY A 207 -16.61 61.81 21.77
C GLY A 207 -15.32 61.05 21.65
N LYS A 208 -14.94 60.26 22.65
CA LYS A 208 -13.60 59.72 22.72
C LYS A 208 -13.62 58.47 23.59
N ALA A 209 -13.04 57.39 23.07
CA ALA A 209 -12.91 56.18 23.88
C ALA A 209 -12.06 56.45 25.11
N GLY A 210 -11.05 57.31 24.97
CA GLY A 210 -10.18 57.61 26.09
C GLY A 210 -10.88 58.25 27.26
N ARG A 211 -11.92 59.05 26.99
CA ARG A 211 -12.58 59.74 28.09
C ARG A 211 -13.35 58.77 28.97
N ASN A 212 -14.05 57.80 28.38
CA ASN A 212 -14.61 56.75 29.23
C ASN A 212 -13.52 55.89 29.85
N ARG A 213 -12.39 55.72 29.15
CA ARG A 213 -11.31 54.92 29.72
C ARG A 213 -10.80 55.53 31.01
N TRP A 214 -10.65 56.84 31.08
CA TRP A 214 -10.30 57.43 32.36
C TRP A 214 -11.51 57.80 33.20
N LYS A 215 -12.72 57.62 32.70
CA LYS A 215 -13.87 57.59 33.59
C LYS A 215 -14.05 56.25 34.27
N GLY A 216 -13.26 55.25 33.87
CA GLY A 216 -13.25 53.99 34.56
C GLY A 216 -14.00 52.86 33.90
N ILE A 217 -14.34 52.99 32.62
CA ILE A 217 -15.13 52.00 31.91
C ILE A 217 -14.20 51.27 30.95
N ARG A 218 -14.07 49.97 31.14
CA ARG A 218 -13.28 49.15 30.24
C ARG A 218 -14.10 48.78 29.01
N PRO A 219 -13.45 48.42 27.91
CA PRO A 219 -14.19 48.13 26.68
C PRO A 219 -15.17 46.99 26.87
N THR A 220 -16.26 47.05 26.09
CA THR A 220 -17.34 46.08 26.15
C THR A 220 -17.33 45.23 24.89
N VAL A 221 -17.07 43.93 25.05
CA VAL A 221 -17.08 42.98 23.96
C VAL A 221 -18.46 42.36 23.87
N ARG A 222 -19.15 42.62 22.77
CA ARG A 222 -20.49 42.10 22.59
C ARG A 222 -20.44 40.60 22.36
N GLY A 223 -21.42 39.89 22.92
CA GLY A 223 -21.36 38.44 22.98
C GLY A 223 -21.44 37.74 21.65
N VAL A 224 -21.99 38.40 20.63
CA VAL A 224 -22.19 37.72 19.36
C VAL A 224 -20.89 37.45 18.63
N VAL A 225 -19.82 38.18 18.95
CA VAL A 225 -18.52 37.96 18.33
C VAL A 225 -17.61 37.14 19.24
N MET A 226 -18.17 36.40 20.18
CA MET A 226 -17.41 35.52 21.06
C MET A 226 -17.47 34.10 20.51
N ASN A 227 -16.85 33.19 21.23
CA ASN A 227 -16.93 31.77 20.93
C ASN A 227 -18.03 31.12 21.76
N PRO A 228 -18.57 29.99 21.31
CA PRO A 228 -19.70 29.39 22.04
C PRO A 228 -19.38 29.05 23.48
N ILE A 229 -18.13 28.78 23.81
CA ILE A 229 -17.77 28.50 25.19
C ILE A 229 -17.87 29.77 26.04
N ASP A 230 -17.65 30.93 25.45
CA ASP A 230 -17.60 32.18 26.20
C ASP A 230 -18.97 32.81 26.41
N HIS A 231 -19.90 32.63 25.47
CA HIS A 231 -21.17 33.31 25.50
C HIS A 231 -22.17 32.45 24.75
N PRO A 232 -23.42 32.37 25.20
CA PRO A 232 -24.43 31.67 24.42
C PRO A 232 -24.63 32.23 23.03
N HIS A 233 -24.37 33.53 22.83
CA HIS A 233 -24.44 34.14 21.51
C HIS A 233 -23.23 33.81 20.65
N GLY A 234 -22.21 33.17 21.20
CA GLY A 234 -21.00 32.90 20.45
C GLY A 234 -21.22 31.84 19.38
N GLY A 235 -20.19 31.69 18.54
CA GLY A 235 -20.18 30.71 17.48
C GLY A 235 -20.65 31.29 16.16
N GLY A 236 -20.65 30.41 15.17
CA GLY A 236 -21.10 30.75 13.83
C GLY A 236 -19.95 31.05 12.89
N GLU A 237 -20.17 30.78 11.61
CA GLU A 237 -19.21 31.10 10.56
C GLU A 237 -19.63 32.42 9.92
N GLY A 238 -18.76 33.40 9.95
CA GLY A 238 -19.11 34.73 9.53
C GLY A 238 -19.93 35.44 10.60
N ARG A 239 -20.46 36.60 10.22
CA ARG A 239 -21.30 37.36 11.14
C ARG A 239 -22.65 36.69 11.28
N THR A 240 -23.10 36.52 12.52
CA THR A 240 -24.39 35.91 12.82
C THR A 240 -25.11 36.78 13.85
N SER A 241 -26.35 36.39 14.14
CA SER A 241 -27.03 36.86 15.33
C SER A 241 -26.60 35.95 16.47
N GLY A 242 -27.31 36.01 17.61
CA GLY A 242 -27.00 35.12 18.71
C GLY A 242 -27.20 33.66 18.38
N GLY A 243 -27.92 33.36 17.29
CA GLY A 243 -28.32 31.99 17.04
C GLY A 243 -29.43 31.51 17.94
N ARG A 244 -30.07 32.42 18.65
CA ARG A 244 -31.08 32.13 19.66
C ARG A 244 -31.68 33.46 20.09
N HIS A 245 -32.61 33.40 21.03
CA HIS A 245 -33.16 34.62 21.57
C HIS A 245 -32.12 35.29 22.47
N PRO A 246 -32.16 36.62 22.59
CA PRO A 246 -31.14 37.32 23.37
C PRO A 246 -31.11 36.86 24.81
N VAL A 247 -29.88 36.66 25.32
CA VAL A 247 -29.66 36.18 26.67
C VAL A 247 -28.45 36.90 27.25
N SER A 248 -28.28 36.76 28.56
CA SER A 248 -27.11 37.28 29.26
C SER A 248 -25.92 36.37 29.02
N PRO A 249 -24.71 36.81 29.36
CA PRO A 249 -23.54 35.93 29.23
C PRO A 249 -23.65 34.65 30.03
N TRP A 250 -24.61 34.56 30.96
CA TRP A 250 -24.80 33.37 31.78
C TRP A 250 -26.08 32.62 31.40
N GLY A 251 -26.64 32.92 30.24
CA GLY A 251 -27.76 32.17 29.73
C GLY A 251 -29.12 32.54 30.27
N LYS A 252 -29.25 33.70 30.90
CA LYS A 252 -30.53 34.12 31.45
C LYS A 252 -31.34 34.84 30.38
N PRO A 253 -32.53 34.38 30.04
CA PRO A 253 -33.32 35.05 29.00
C PRO A 253 -33.80 36.42 29.47
N GLU A 254 -34.06 37.28 28.49
CA GLU A 254 -34.54 38.62 28.78
C GLU A 254 -35.93 38.55 29.38
N GLY A 255 -36.15 39.30 30.45
CA GLY A 255 -37.44 39.30 31.12
C GLY A 255 -37.35 40.05 32.42
N ARG A 256 -38.51 40.20 33.05
CA ARG A 256 -38.57 40.89 34.34
C ARG A 256 -37.80 40.08 35.38
N THR A 257 -37.06 40.80 36.24
CA THR A 257 -36.22 40.15 37.23
C THR A 257 -36.54 40.56 38.65
N ARG A 258 -37.49 41.45 38.87
CA ARG A 258 -37.83 41.85 40.22
C ARG A 258 -38.48 40.69 40.98
N ASN A 259 -38.10 40.54 42.24
CA ASN A 259 -38.73 39.53 43.09
C ASN A 259 -40.18 39.91 43.30
N LYS A 260 -41.09 39.04 42.87
CA LYS A 260 -42.51 39.35 42.91
C LYS A 260 -43.08 39.38 44.31
N LYS A 261 -42.32 38.94 45.32
CA LYS A 261 -42.80 38.87 46.70
C LYS A 261 -41.78 39.51 47.64
N LYS A 262 -41.94 40.81 47.88
CA LYS A 262 -41.11 41.52 48.84
C LYS A 262 -41.81 42.75 49.41
N ALA A 263 -41.44 43.95 48.97
CA ALA A 263 -42.10 45.20 49.36
C ALA A 263 -43.07 45.69 48.31
N SER A 264 -43.64 44.76 47.53
CA SER A 264 -44.55 45.14 46.45
C SER A 264 -45.83 45.76 46.97
N SER A 265 -46.15 45.58 48.25
CA SER A 265 -47.36 46.18 48.82
C SER A 265 -47.26 47.70 48.94
N ARG A 266 -46.08 48.27 48.72
CA ARG A 266 -45.89 49.71 48.78
C ARG A 266 -45.70 50.34 47.41
N LEU A 267 -45.81 49.58 46.33
CA LEU A 267 -45.63 50.08 44.98
C LEU A 267 -47.00 50.28 44.35
N ILE A 268 -47.31 51.51 43.98
CA ILE A 268 -48.64 51.81 43.44
C ILE A 268 -48.74 51.34 41.99
N VAL A 269 -47.83 51.81 41.14
CA VAL A 269 -47.77 51.35 39.75
C VAL A 269 -46.32 51.23 39.34
N ARG A 270 -46.05 50.25 38.49
CA ARG A 270 -44.70 49.99 38.00
C ARG A 270 -44.21 51.18 37.17
N ARG A 271 -42.89 51.23 36.96
CA ARG A 271 -42.26 52.38 36.31
C ARG A 271 -42.83 52.64 34.93
N ARG A 272 -43.24 51.58 34.21
CA ARG A 272 -43.84 51.70 32.88
C ARG A 272 -42.89 52.43 31.93
N LYS A 273 -41.76 51.78 31.67
CA LYS A 273 -40.84 52.27 30.65
C LYS A 273 -41.44 52.05 29.26
N SER A 274 -41.66 50.78 28.89
CA SER A 274 -42.39 50.39 27.70
C SER A 274 -41.95 51.15 26.46
N GLY A 275 -42.90 51.45 25.57
CA GLY A 275 -42.60 52.20 24.36
C GLY A 275 -43.85 52.46 23.53
N GLU B 4 46.07 14.90 -46.24
CA GLU B 4 45.74 14.86 -47.66
C GLU B 4 45.84 16.26 -48.26
N ARG B 5 45.65 17.27 -47.42
CA ARG B 5 45.67 18.66 -47.85
C ARG B 5 47.07 19.24 -47.72
N THR B 6 47.46 20.05 -48.70
CA THR B 6 48.75 20.72 -48.67
C THR B 6 48.63 22.03 -47.90
N VAL B 7 49.40 22.16 -46.83
CA VAL B 7 49.29 23.31 -45.93
C VAL B 7 50.68 23.93 -45.78
N LYS B 8 50.75 25.24 -45.94
CA LYS B 8 51.92 26.00 -45.54
C LYS B 8 51.74 26.45 -44.09
N GLY B 9 52.85 26.60 -43.39
CA GLY B 9 52.76 26.92 -41.97
C GLY B 9 54.02 27.55 -41.44
N VAL B 10 53.88 28.20 -40.30
CA VAL B 10 55.00 28.85 -39.62
C VAL B 10 54.61 28.98 -38.14
N LEU B 11 55.62 29.12 -37.29
CA LEU B 11 55.40 29.30 -35.86
C LEU B 11 55.80 30.71 -35.45
N GLY B 12 55.12 31.23 -34.45
CA GLY B 12 55.38 32.60 -34.03
C GLY B 12 54.97 32.81 -32.58
N THR B 13 55.09 34.06 -32.17
CA THR B 13 54.75 34.48 -30.81
C THR B 13 53.79 35.66 -30.88
N LYS B 14 52.75 35.62 -30.06
CA LYS B 14 51.79 36.72 -29.99
C LYS B 14 52.43 37.89 -29.23
N LEU B 15 52.73 38.96 -29.95
CA LEU B 15 53.33 40.13 -29.34
C LEU B 15 52.31 41.12 -28.79
N GLY B 16 51.10 41.11 -29.32
CA GLY B 16 50.07 42.02 -28.89
C GLY B 16 49.20 42.42 -30.06
N MET B 17 48.44 43.48 -29.88
CA MET B 17 47.61 44.03 -30.95
C MET B 17 47.80 45.53 -31.06
N THR B 18 47.49 46.01 -32.26
CA THR B 18 47.38 47.43 -32.54
C THR B 18 46.34 47.60 -33.63
N GLN B 19 46.30 48.77 -34.25
CA GLN B 19 45.31 49.05 -35.28
C GLN B 19 45.97 49.73 -36.47
N LEU B 20 45.42 49.47 -37.65
CA LEU B 20 45.89 50.07 -38.88
C LEU B 20 44.69 50.65 -39.62
N TRP B 21 44.98 51.36 -40.70
CA TRP B 21 43.94 51.84 -41.61
C TRP B 21 44.23 51.27 -42.99
N ASP B 22 43.25 50.59 -43.57
CA ASP B 22 43.43 49.99 -44.87
C ASP B 22 43.21 51.04 -45.97
N GLU B 23 43.32 50.59 -47.22
CA GLU B 23 43.23 51.50 -48.36
C GLU B 23 41.83 52.06 -48.57
N HIS B 24 40.79 51.43 -48.03
CA HIS B 24 39.48 52.06 -47.92
C HIS B 24 39.31 52.89 -46.66
N ASN B 25 40.41 53.27 -46.02
CA ASN B 25 40.38 54.12 -44.82
C ASN B 25 39.57 53.48 -43.71
N ARG B 26 39.56 52.15 -43.65
CA ARG B 26 38.85 51.40 -42.62
C ARG B 26 39.83 51.03 -41.51
N LEU B 27 39.40 51.22 -40.26
CA LEU B 27 40.20 50.83 -39.12
C LEU B 27 40.15 49.31 -38.98
N VAL B 28 41.31 48.67 -38.97
CA VAL B 28 41.41 47.22 -38.89
C VAL B 28 42.24 46.86 -37.67
N PRO B 29 41.74 46.01 -36.78
CA PRO B 29 42.55 45.51 -35.67
C PRO B 29 43.53 44.47 -36.20
N VAL B 30 44.79 44.60 -35.80
CA VAL B 30 45.82 43.68 -36.25
C VAL B 30 46.53 43.09 -35.04
N THR B 31 46.72 41.77 -35.07
CA THR B 31 47.59 41.10 -34.13
C THR B 31 48.99 41.02 -34.71
N VAL B 32 49.98 41.29 -33.88
CA VAL B 32 51.38 41.28 -34.28
C VAL B 32 51.99 39.97 -33.81
N ILE B 33 52.43 39.16 -34.77
CA ILE B 33 52.98 37.84 -34.52
C ILE B 33 54.44 37.87 -34.93
N GLN B 34 55.33 37.58 -34.00
CA GLN B 34 56.75 37.50 -34.34
C GLN B 34 56.94 36.14 -34.99
N ALA B 35 56.59 36.07 -36.28
CA ALA B 35 56.67 34.82 -37.01
C ALA B 35 58.14 34.52 -37.31
N GLY B 36 58.87 34.14 -36.28
CA GLY B 36 60.30 34.08 -36.36
C GLY B 36 60.78 32.95 -37.23
N PRO B 37 62.10 32.84 -37.36
CA PRO B 37 62.67 31.79 -38.21
C PRO B 37 62.45 30.42 -37.59
N CYS B 38 61.90 29.51 -38.39
CA CYS B 38 61.69 28.13 -37.99
C CYS B 38 62.57 27.22 -38.84
N VAL B 39 63.05 26.15 -38.24
CA VAL B 39 63.94 25.21 -38.91
C VAL B 39 63.29 23.84 -38.90
N VAL B 40 63.44 23.11 -40.01
CA VAL B 40 62.85 21.79 -40.15
C VAL B 40 63.70 20.82 -39.33
N THR B 41 63.23 20.47 -38.13
CA THR B 41 63.95 19.55 -37.28
C THR B 41 63.78 18.11 -37.71
N GLN B 42 62.60 17.74 -38.23
CA GLN B 42 62.34 16.34 -38.62
C GLN B 42 61.24 16.29 -39.67
N VAL B 43 61.39 15.43 -40.67
CA VAL B 43 60.36 15.27 -41.73
C VAL B 43 59.75 13.87 -41.57
N ARG B 44 58.44 13.78 -41.55
CA ARG B 44 57.78 12.48 -41.34
C ARG B 44 57.29 11.96 -42.69
N THR B 45 57.65 10.73 -43.04
CA THR B 45 57.29 10.16 -44.36
C THR B 45 56.43 8.93 -44.14
N PRO B 46 55.53 8.53 -45.07
CA PRO B 46 54.76 7.30 -44.89
C PRO B 46 55.64 6.07 -44.74
N GLU B 47 56.82 6.05 -45.36
CA GLU B 47 57.68 4.87 -45.29
C GLU B 47 58.15 4.61 -43.87
N THR B 48 58.57 5.64 -43.15
CA THR B 48 59.14 5.46 -41.82
C THR B 48 58.18 5.84 -40.70
N ASP B 49 57.28 6.79 -40.93
CA ASP B 49 56.39 7.29 -39.89
C ASP B 49 54.92 7.00 -40.14
N GLY B 50 54.50 6.86 -41.39
CA GLY B 50 53.12 6.53 -41.69
C GLY B 50 52.26 7.70 -42.11
N TYR B 51 52.81 8.90 -42.14
CA TYR B 51 52.06 10.08 -42.57
C TYR B 51 53.04 11.17 -42.95
N SER B 52 52.55 12.13 -43.72
CA SER B 52 53.37 13.23 -44.21
C SER B 52 53.17 14.45 -43.32
N ALA B 53 54.24 14.90 -42.67
CA ALA B 53 54.21 16.09 -41.85
C ALA B 53 55.62 16.60 -41.70
N VAL B 54 55.73 17.87 -41.33
CA VAL B 54 57.03 18.52 -41.14
C VAL B 54 57.10 19.06 -39.73
N GLN B 55 58.14 18.67 -38.99
CA GLN B 55 58.33 19.17 -37.64
C GLN B 55 59.21 20.40 -37.69
N LEU B 56 58.70 21.52 -37.21
CA LEU B 56 59.43 22.78 -37.17
C LEU B 56 59.85 23.09 -35.74
N GLY B 57 60.92 23.88 -35.63
CA GLY B 57 61.50 24.21 -34.36
C GLY B 57 60.98 25.53 -33.82
N TYR B 58 61.79 26.59 -33.97
CA TYR B 58 61.47 27.94 -33.54
C TYR B 58 61.61 28.10 -32.03
N GLY B 59 62.17 29.23 -31.61
CA GLY B 59 62.36 29.52 -30.20
C GLY B 59 63.81 29.71 -29.83
N ALA B 60 64.08 30.65 -28.93
CA ALA B 60 65.43 30.87 -28.41
C ALA B 60 65.56 30.13 -27.09
N VAL B 61 66.56 29.25 -26.99
CA VAL B 61 66.73 28.40 -25.84
C VAL B 61 68.13 28.55 -25.29
N LYS B 62 68.25 28.45 -23.97
CA LYS B 62 69.55 28.52 -23.32
C LYS B 62 70.27 27.18 -23.42
N ALA B 63 71.58 27.24 -23.65
CA ALA B 63 72.34 26.02 -23.86
C ALA B 63 72.33 25.11 -22.65
N LYS B 64 72.16 25.66 -21.46
CA LYS B 64 72.12 24.84 -20.25
C LYS B 64 70.73 24.29 -19.96
N ASN B 65 69.72 24.66 -20.75
CA ASN B 65 68.37 24.18 -20.55
C ASN B 65 67.94 23.18 -21.62
N VAL B 66 68.87 22.75 -22.47
CA VAL B 66 68.60 21.72 -23.47
C VAL B 66 69.29 20.44 -23.02
N THR B 67 68.51 19.37 -22.87
CA THR B 67 69.03 18.12 -22.35
C THR B 67 69.73 17.34 -23.45
N LYS B 68 70.38 16.25 -23.04
CA LYS B 68 71.12 15.43 -24.00
C LYS B 68 70.24 14.81 -25.08
N PRO B 69 69.06 14.23 -24.78
CA PRO B 69 68.24 13.71 -25.88
C PRO B 69 67.81 14.80 -26.87
N GLU B 70 67.41 15.96 -26.36
CA GLU B 70 67.06 17.07 -27.25
C GLU B 70 68.26 17.53 -28.05
N ALA B 71 69.42 17.61 -27.40
CA ALA B 71 70.63 18.03 -28.10
C ALA B 71 70.97 17.05 -29.21
N GLY B 72 70.82 15.75 -28.97
CA GLY B 72 71.07 14.79 -30.01
C GLY B 72 70.08 14.88 -31.15
N HIS B 73 68.81 15.13 -30.83
CA HIS B 73 67.80 15.32 -31.87
C HIS B 73 68.17 16.49 -32.76
N PHE B 74 68.54 17.62 -32.15
CA PHE B 74 68.92 18.79 -32.93
C PHE B 74 70.23 18.58 -33.68
N GLU B 75 71.15 17.79 -33.12
CA GLU B 75 72.40 17.50 -33.80
C GLU B 75 72.15 16.67 -35.05
N LYS B 76 71.25 15.69 -34.96
CA LYS B 76 70.87 14.94 -36.16
C LYS B 76 70.20 15.85 -37.17
N ALA B 77 69.33 16.76 -36.70
CA ALA B 77 68.72 17.73 -37.59
C ALA B 77 69.76 18.66 -38.22
N GLY B 78 70.92 18.80 -37.59
CA GLY B 78 71.94 19.69 -38.12
C GLY B 78 71.67 21.16 -37.87
N VAL B 79 70.92 21.50 -36.83
CA VAL B 79 70.55 22.87 -36.54
C VAL B 79 70.83 23.16 -35.07
N THR B 80 70.81 24.44 -34.73
CA THR B 80 70.92 24.85 -33.34
C THR B 80 69.62 24.54 -32.60
N PRO B 81 69.70 24.21 -31.32
CA PRO B 81 68.48 23.86 -30.58
C PRO B 81 67.49 25.00 -30.52
N ARG B 82 66.21 24.65 -30.59
CA ARG B 82 65.12 25.60 -30.47
C ARG B 82 64.25 25.22 -29.27
N ARG B 83 63.55 26.22 -28.74
CA ARG B 83 62.71 25.97 -27.57
C ARG B 83 61.52 25.10 -27.90
N HIS B 84 60.81 25.43 -28.98
CA HIS B 84 59.57 24.75 -29.29
C HIS B 84 59.75 23.79 -30.46
N LEU B 85 58.86 22.81 -30.53
CA LEU B 85 58.79 21.87 -31.64
C LEU B 85 57.33 21.59 -31.93
N VAL B 86 56.88 21.92 -33.13
CA VAL B 86 55.49 21.75 -33.52
C VAL B 86 55.44 21.17 -34.92
N GLU B 87 54.53 20.22 -35.14
CA GLU B 87 54.43 19.63 -36.46
C GLU B 87 53.34 20.31 -37.28
N LEU B 88 53.51 20.23 -38.60
CA LEU B 88 52.57 20.75 -39.58
C LEU B 88 52.20 19.59 -40.48
N ARG B 89 50.93 19.18 -40.42
CA ARG B 89 50.43 18.09 -41.25
C ARG B 89 50.21 18.63 -42.66
N THR B 90 51.23 18.45 -43.49
CA THR B 90 51.17 18.91 -44.89
C THR B 90 51.35 17.69 -45.79
N ALA B 91 50.76 17.73 -46.98
CA ALA B 91 50.91 16.61 -47.93
C ALA B 91 52.13 16.85 -48.82
N ASP B 92 52.84 17.95 -48.59
CA ASP B 92 54.05 18.26 -49.41
C ASP B 92 55.28 18.20 -48.49
N ALA B 93 55.19 17.44 -47.41
CA ALA B 93 56.29 17.37 -46.44
C ALA B 93 57.60 17.07 -47.16
N SER B 94 57.56 16.21 -48.17
CA SER B 94 58.80 15.80 -48.86
C SER B 94 59.58 17.04 -49.32
N GLU B 95 58.92 17.97 -49.99
CA GLU B 95 59.60 19.16 -50.55
C GLU B 95 60.42 19.84 -49.45
N TYR B 96 60.30 19.39 -48.20
CA TYR B 96 61.02 20.02 -47.11
C TYR B 96 62.27 19.21 -46.80
N THR B 97 63.42 19.86 -46.76
CA THR B 97 64.67 19.21 -46.44
C THR B 97 65.03 19.47 -44.99
N LEU B 98 65.77 18.53 -44.39
CA LEU B 98 66.11 18.63 -42.99
C LEU B 98 66.97 19.86 -42.74
N GLY B 99 66.61 20.65 -41.74
CA GLY B 99 67.33 21.87 -41.44
C GLY B 99 66.97 23.05 -42.30
N GLN B 100 65.94 22.93 -43.14
CA GLN B 100 65.57 24.01 -44.04
C GLN B 100 65.09 25.22 -43.26
N GLU B 101 65.28 26.40 -43.85
CA GLU B 101 64.92 27.66 -43.21
C GLU B 101 63.53 28.07 -43.65
N ILE B 102 62.67 28.42 -42.69
CA ILE B 102 61.33 28.89 -42.96
C ILE B 102 61.14 30.23 -42.28
N ALA B 103 60.67 31.22 -43.04
CA ALA B 103 60.46 32.56 -42.52
C ALA B 103 59.06 33.04 -42.83
N ALA B 104 58.68 34.14 -42.19
CA ALA B 104 57.32 34.67 -42.32
C ALA B 104 56.95 34.97 -43.77
N ASP B 105 57.94 35.27 -44.61
CA ASP B 105 57.64 35.55 -46.02
C ASP B 105 57.04 34.35 -46.73
N VAL B 106 56.85 33.23 -46.05
CA VAL B 106 56.08 32.12 -46.63
C VAL B 106 54.64 32.53 -46.88
N PHE B 107 54.18 33.60 -46.22
CA PHE B 107 52.84 34.13 -46.45
C PHE B 107 52.93 35.50 -47.10
N SER B 108 52.05 35.76 -48.06
CA SER B 108 52.08 37.00 -48.81
C SER B 108 51.16 38.02 -48.13
N GLU B 109 50.87 39.13 -48.81
CA GLU B 109 50.21 40.27 -48.22
C GLU B 109 48.69 40.08 -48.08
N SER B 110 48.10 39.09 -48.75
CA SER B 110 46.65 38.95 -48.64
C SER B 110 46.20 37.49 -48.50
N ASP B 111 47.07 36.59 -48.07
CA ASP B 111 46.66 35.22 -47.83
C ASP B 111 45.76 35.12 -46.61
N PHE B 112 44.77 34.25 -46.68
CA PHE B 112 43.97 33.92 -45.50
C PHE B 112 44.66 32.79 -44.75
N VAL B 113 44.68 32.89 -43.42
CA VAL B 113 45.37 31.94 -42.58
C VAL B 113 44.47 31.52 -41.43
N ASP B 114 44.84 30.41 -40.82
CA ASP B 114 44.24 29.90 -39.60
C ASP B 114 45.29 29.96 -38.51
N VAL B 115 44.97 30.60 -37.39
CA VAL B 115 45.92 30.78 -36.30
C VAL B 115 45.46 29.92 -35.13
N THR B 116 46.37 29.07 -34.64
CA THR B 116 46.08 28.14 -33.56
C THR B 116 46.93 28.49 -32.34
N GLY B 117 46.27 28.55 -31.19
CA GLY B 117 46.99 28.81 -29.95
C GLY B 117 46.18 28.34 -28.77
N THR B 118 46.81 28.36 -27.59
CA THR B 118 46.14 27.96 -26.37
C THR B 118 45.50 29.20 -25.75
N SER B 119 44.19 29.12 -25.49
CA SER B 119 43.44 30.27 -25.03
C SER B 119 43.87 30.68 -23.63
N LYS B 120 43.49 31.89 -23.24
CA LYS B 120 43.76 32.38 -21.89
C LYS B 120 42.96 31.58 -20.88
N GLY B 121 43.59 31.29 -19.74
CA GLY B 121 42.91 30.54 -18.71
C GLY B 121 42.04 31.41 -17.81
N LYS B 122 41.00 30.79 -17.26
CA LYS B 122 40.10 31.49 -16.37
C LYS B 122 39.90 30.78 -15.04
N GLY B 123 40.56 29.65 -14.81
CA GLY B 123 40.34 28.91 -13.59
C GLY B 123 39.00 28.20 -13.61
N THR B 124 38.58 27.76 -12.44
CA THR B 124 37.27 27.16 -12.29
C THR B 124 36.21 28.24 -12.52
N ALA B 125 35.45 28.11 -13.59
CA ALA B 125 34.43 29.08 -13.94
C ALA B 125 33.05 28.53 -13.60
N GLY B 126 32.14 29.43 -13.27
CA GLY B 126 30.78 29.03 -13.03
C GLY B 126 30.05 28.71 -14.30
N VAL B 127 28.82 28.21 -14.15
CA VAL B 127 28.01 27.91 -15.31
C VAL B 127 27.67 29.20 -16.06
N MET B 128 27.37 30.26 -15.32
CA MET B 128 26.95 31.52 -15.93
C MET B 128 28.06 32.13 -16.78
N LYS B 129 29.31 31.79 -16.49
CA LYS B 129 30.43 32.32 -17.25
C LYS B 129 30.92 31.37 -18.33
N ARG B 130 31.10 30.09 -18.00
CA ARG B 130 31.68 29.16 -18.96
C ARG B 130 30.65 28.54 -19.88
N HIS B 131 29.37 28.78 -19.66
CA HIS B 131 28.36 28.25 -20.57
C HIS B 131 27.26 29.25 -20.89
N GLY B 132 27.33 30.47 -20.36
CA GLY B 132 26.32 31.46 -20.66
C GLY B 132 24.97 31.15 -20.05
N PHE B 133 24.94 30.37 -18.98
CA PHE B 133 23.68 30.06 -18.32
C PHE B 133 23.02 31.34 -17.84
N GLY B 134 21.73 31.47 -18.12
CA GLY B 134 20.95 32.49 -17.45
C GLY B 134 20.58 31.97 -16.08
N GLY B 135 20.96 32.69 -15.03
CA GLY B 135 20.70 32.19 -13.70
C GLY B 135 19.27 32.41 -13.28
N LEU B 136 19.06 32.79 -12.03
CA LEU B 136 17.75 33.18 -11.55
C LEU B 136 17.69 34.69 -11.42
N ARG B 137 16.52 35.20 -11.04
CA ARG B 137 16.38 36.63 -10.83
C ARG B 137 17.15 37.08 -9.60
N ALA B 138 17.34 38.39 -9.49
CA ALA B 138 18.01 38.95 -8.33
C ALA B 138 17.05 39.18 -7.17
N THR B 139 15.76 39.22 -7.42
CA THR B 139 14.76 39.50 -6.40
C THR B 139 13.58 38.56 -6.66
N HIS B 140 12.43 38.91 -6.07
CA HIS B 140 11.20 38.12 -6.20
C HIS B 140 11.36 36.77 -5.52
N GLY B 141 12.03 36.76 -4.37
CA GLY B 141 12.08 35.60 -3.52
C GLY B 141 13.15 34.58 -3.85
N VAL B 142 13.99 34.83 -4.86
CA VAL B 142 15.07 33.89 -5.18
C VAL B 142 15.89 33.65 -3.94
N HIS B 143 16.06 32.38 -3.58
CA HIS B 143 16.59 31.98 -2.29
C HIS B 143 17.95 31.32 -2.49
N ARG B 144 19.01 32.13 -2.42
CA ARG B 144 20.39 31.66 -2.38
C ARG B 144 20.76 30.86 -3.63
N LYS B 145 20.18 31.19 -4.78
CA LYS B 145 20.44 30.45 -6.00
C LYS B 145 20.54 31.39 -7.19
N HIS B 146 21.07 32.59 -6.96
CA HIS B 146 21.08 33.61 -8.01
C HIS B 146 21.92 33.21 -9.20
N ARG B 147 22.95 32.39 -9.01
CA ARG B 147 23.81 31.96 -10.10
C ARG B 147 23.79 30.44 -10.23
N SER B 148 22.72 29.81 -9.78
CA SER B 148 22.60 28.37 -9.80
C SER B 148 22.45 27.84 -11.23
N PRO B 149 22.76 26.56 -11.45
CA PRO B 149 22.50 25.97 -12.76
C PRO B 149 21.07 25.49 -12.97
N GLY B 150 20.18 25.70 -12.00
CA GLY B 150 18.83 25.20 -12.16
C GLY B 150 18.78 23.69 -12.05
N SER B 151 17.82 23.10 -12.75
CA SER B 151 17.71 21.66 -12.78
C SER B 151 18.87 21.04 -13.56
N ILE B 152 19.17 19.79 -13.25
CA ILE B 152 20.25 19.08 -13.94
C ILE B 152 19.75 17.73 -14.45
N GLY B 153 18.44 17.53 -14.44
CA GLY B 153 17.90 16.28 -14.94
C GLY B 153 16.40 16.25 -14.83
N GLY B 154 15.86 15.03 -14.90
CA GLY B 154 14.43 14.84 -14.83
C GLY B 154 13.94 14.34 -13.48
N CYS B 155 13.46 13.10 -13.44
CA CYS B 155 12.99 12.52 -12.15
C CYS B 155 13.39 11.05 -12.11
N SER B 156 12.51 10.20 -11.57
CA SER B 156 12.83 8.76 -11.47
C SER B 156 13.16 8.23 -12.86
N THR B 157 12.89 9.01 -13.89
CA THR B 157 13.27 8.59 -15.25
C THR B 157 13.93 9.79 -15.94
N PRO B 158 15.08 9.63 -16.58
CA PRO B 158 16.03 8.63 -16.15
C PRO B 158 16.52 9.09 -14.79
N GLY B 159 16.54 8.22 -13.79
CA GLY B 159 16.95 8.68 -12.46
C GLY B 159 18.43 8.97 -12.49
N LYS B 160 18.87 9.82 -13.41
CA LYS B 160 20.30 10.02 -13.53
C LYS B 160 20.55 11.37 -14.18
N VAL B 161 21.81 11.77 -14.18
CA VAL B 161 22.25 12.98 -14.86
C VAL B 161 22.90 12.56 -16.16
N ILE B 162 22.35 13.04 -17.29
CA ILE B 162 22.84 12.60 -18.59
C ILE B 162 24.27 13.04 -18.79
N LYS B 163 25.04 12.19 -19.47
CA LYS B 163 26.43 12.51 -19.76
C LYS B 163 26.52 13.70 -20.69
N GLY B 164 27.46 14.58 -20.40
CA GLY B 164 27.65 15.76 -21.21
C GLY B 164 26.90 16.99 -20.77
N LEU B 165 26.22 16.94 -19.63
CA LEU B 165 25.53 18.11 -19.13
C LEU B 165 26.54 19.20 -18.78
N ARG B 166 26.21 20.44 -19.13
CA ARG B 166 27.11 21.55 -18.92
C ARG B 166 27.01 22.03 -17.47
N MET B 167 28.10 21.89 -16.72
CA MET B 167 28.19 22.39 -15.36
C MET B 167 29.52 23.09 -15.18
N ALA B 168 29.76 23.57 -13.96
CA ALA B 168 30.94 24.37 -13.69
C ALA B 168 32.20 23.53 -13.83
N GLY B 169 33.29 24.22 -14.13
CA GLY B 169 34.56 23.55 -14.34
C GLY B 169 35.60 24.56 -14.75
N ARG B 170 36.78 24.05 -15.08
CA ARG B 170 37.91 24.90 -15.43
C ARG B 170 37.85 25.25 -16.90
N MET B 171 37.85 26.55 -17.19
CA MET B 171 37.73 27.08 -18.54
C MET B 171 39.01 27.76 -18.96
N GLY B 172 39.33 27.66 -20.25
CA GLY B 172 40.54 28.25 -20.77
C GLY B 172 41.67 27.25 -20.87
N VAL B 173 42.80 27.75 -21.37
CA VAL B 173 43.99 26.94 -21.62
C VAL B 173 43.61 25.73 -22.47
N GLU B 174 43.23 25.98 -23.71
CA GLU B 174 42.87 24.90 -24.61
C GLU B 174 43.20 25.31 -26.04
N ARG B 175 43.38 24.30 -26.89
CA ARG B 175 43.70 24.53 -28.28
C ARG B 175 42.52 25.18 -28.98
N VAL B 176 42.70 26.38 -29.51
CA VAL B 176 41.69 27.10 -30.25
C VAL B 176 42.30 27.54 -31.56
N THR B 177 41.59 27.26 -32.65
CA THR B 177 41.99 27.70 -33.99
C THR B 177 40.97 28.71 -34.49
N VAL B 178 41.44 29.89 -34.87
CA VAL B 178 40.60 30.94 -35.42
C VAL B 178 40.93 31.03 -36.91
N GLN B 179 39.91 30.92 -37.75
CA GLN B 179 40.11 30.67 -39.16
C GLN B 179 39.85 31.92 -40.01
N ASN B 180 40.39 31.89 -41.22
CA ASN B 180 40.11 32.89 -42.24
C ASN B 180 40.50 34.30 -41.82
N LEU B 181 41.64 34.43 -41.16
CA LEU B 181 42.19 35.75 -40.83
C LEU B 181 43.08 36.18 -41.98
N GLN B 182 42.80 37.34 -42.54
CA GLN B 182 43.55 37.79 -43.71
C GLN B 182 44.82 38.47 -43.22
N VAL B 183 45.98 37.91 -43.61
CA VAL B 183 47.25 38.50 -43.26
C VAL B 183 47.31 39.91 -43.81
N HIS B 184 47.60 40.88 -42.96
CA HIS B 184 47.70 42.25 -43.43
C HIS B 184 49.06 42.53 -44.04
N SER B 185 50.14 42.16 -43.34
CA SER B 185 51.46 42.47 -43.88
C SER B 185 52.48 41.49 -43.33
N VAL B 186 53.56 41.32 -44.07
CA VAL B 186 54.68 40.48 -43.66
C VAL B 186 55.96 41.25 -43.90
N ASP B 187 56.75 41.44 -42.85
CA ASP B 187 58.07 42.04 -42.95
C ASP B 187 59.06 40.96 -42.52
N ALA B 188 59.66 40.30 -43.50
CA ALA B 188 60.47 39.12 -43.23
C ALA B 188 61.83 39.45 -42.66
N GLU B 189 62.39 40.61 -43.00
CA GLU B 189 63.74 40.94 -42.55
C GLU B 189 63.82 41.10 -41.03
N ARG B 190 62.68 41.30 -40.37
CA ARG B 190 62.63 41.26 -38.92
C ARG B 190 61.60 40.25 -38.41
N GLY B 191 60.99 39.47 -39.29
CA GLY B 191 60.10 38.41 -38.89
C GLY B 191 58.84 38.86 -38.18
N ILE B 192 58.16 39.86 -38.73
CA ILE B 192 56.94 40.38 -38.13
C ILE B 192 55.78 40.13 -39.09
N MET B 193 54.67 39.66 -38.56
CA MET B 193 53.46 39.41 -39.32
C MET B 193 52.32 40.18 -38.68
N LEU B 194 51.60 40.95 -39.48
CA LEU B 194 50.41 41.67 -39.03
C LEU B 194 49.20 40.96 -39.62
N VAL B 195 48.39 40.37 -38.75
CA VAL B 195 47.24 39.56 -39.15
C VAL B 195 45.98 40.26 -38.67
N ARG B 196 45.07 40.50 -39.61
CA ARG B 196 43.83 41.24 -39.30
C ARG B 196 42.92 40.38 -38.45
N GLY B 197 42.89 40.63 -37.16
CA GLY B 197 41.96 39.96 -36.27
C GLY B 197 42.54 39.80 -34.89
N ALA B 198 41.88 38.96 -34.10
CA ALA B 198 42.29 38.63 -32.74
C ALA B 198 42.52 37.13 -32.65
N VAL B 199 43.66 36.74 -32.12
CA VAL B 199 44.07 35.34 -32.08
C VAL B 199 44.07 34.85 -30.64
N PRO B 200 43.89 33.56 -30.39
CA PRO B 200 43.80 33.08 -29.00
C PRO B 200 45.13 33.15 -28.27
N GLY B 201 45.03 33.31 -26.96
CA GLY B 201 46.19 33.20 -26.10
C GLY B 201 46.68 34.53 -25.57
N PRO B 202 47.37 34.48 -24.44
CA PRO B 202 47.98 35.70 -23.89
C PRO B 202 49.19 36.10 -24.70
N LYS B 203 49.66 37.33 -24.43
CA LYS B 203 50.87 37.82 -25.07
C LYS B 203 52.05 36.93 -24.72
N GLY B 204 52.87 36.63 -25.71
CA GLY B 204 54.00 35.76 -25.51
C GLY B 204 53.75 34.29 -25.76
N SER B 205 52.52 33.89 -26.02
CA SER B 205 52.21 32.50 -26.27
C SER B 205 52.68 32.09 -27.66
N LEU B 206 52.80 30.78 -27.85
CA LEU B 206 53.17 30.22 -29.14
C LEU B 206 51.95 30.13 -30.03
N LEU B 207 52.13 30.49 -31.30
CA LEU B 207 51.06 30.49 -32.29
C LEU B 207 51.49 29.71 -33.51
N VAL B 208 50.57 28.95 -34.07
CA VAL B 208 50.79 28.23 -35.33
C VAL B 208 49.95 28.92 -36.39
N VAL B 209 50.60 29.48 -37.40
CA VAL B 209 49.92 30.17 -38.49
C VAL B 209 49.99 29.27 -39.70
N ARG B 210 48.84 28.78 -40.14
CA ARG B 210 48.77 27.85 -41.27
C ARG B 210 47.90 28.46 -42.36
N SER B 211 48.04 27.93 -43.57
CA SER B 211 47.17 28.38 -44.65
C SER B 211 45.72 28.03 -44.33
N ALA B 212 44.81 28.91 -44.75
CA ALA B 212 43.40 28.74 -44.41
C ALA B 212 42.87 27.44 -45.00
N ALA B 213 42.34 26.58 -44.13
CA ALA B 213 41.82 25.29 -44.57
C ALA B 213 40.67 25.46 -45.55
N LYS B 214 39.75 26.37 -45.25
CA LYS B 214 38.62 26.66 -46.11
C LYS B 214 38.95 27.73 -47.14
N LYS B 215 40.23 27.92 -47.44
CA LYS B 215 40.70 28.87 -48.44
C LYS B 215 40.33 30.30 -48.07
N ALA B 216 39.04 30.62 -48.09
CA ALA B 216 38.56 31.96 -47.77
C ALA B 216 37.08 31.87 -47.44
N ALA B 217 36.43 33.03 -47.33
CA ALA B 217 35.00 33.08 -47.06
C ALA B 217 34.20 32.60 -48.27
N GLU C 3 3.67 -59.55 52.03
CA GLU C 3 4.26 -60.19 53.20
C GLU C 3 3.94 -59.39 54.46
N THR C 4 3.65 -60.11 55.54
CA THR C 4 3.33 -59.47 56.81
C THR C 4 3.99 -60.23 57.97
N LYS C 5 5.15 -60.84 57.72
CA LYS C 5 5.79 -61.66 58.76
C LYS C 5 6.38 -60.78 59.86
N THR C 6 6.06 -61.12 61.10
CA THR C 6 6.67 -60.48 62.25
C THR C 6 7.95 -61.23 62.62
N ILE C 7 9.04 -60.49 62.78
CA ILE C 7 10.33 -61.12 63.06
C ILE C 7 10.83 -60.68 64.42
N ASP C 8 11.98 -61.23 64.83
CA ASP C 8 12.50 -61.03 66.18
C ASP C 8 13.92 -60.48 66.09
N VAL C 9 14.16 -59.35 66.73
CA VAL C 9 15.50 -58.82 66.90
C VAL C 9 15.83 -58.85 68.39
N LEU C 10 17.12 -58.86 68.69
CA LEU C 10 17.59 -59.04 70.05
C LEU C 10 18.05 -57.71 70.60
N ASP C 11 17.47 -57.30 71.72
CA ASP C 11 17.95 -56.11 72.42
C ASP C 11 19.37 -56.34 72.92
N VAL C 12 20.21 -55.32 72.79
CA VAL C 12 21.65 -55.48 72.93
C VAL C 12 22.17 -54.92 74.26
N LYS C 13 22.05 -53.61 74.45
CA LYS C 13 22.80 -52.91 75.48
C LYS C 13 24.27 -53.33 75.45
N GLY C 14 24.91 -53.06 74.32
CA GLY C 14 26.31 -53.39 74.16
C GLY C 14 26.58 -54.87 73.95
N LYS C 15 26.14 -55.71 74.88
CA LYS C 15 26.52 -57.11 74.88
C LYS C 15 25.35 -58.04 74.55
N LYS C 16 24.30 -58.04 75.36
CA LYS C 16 23.10 -58.83 75.10
C LYS C 16 22.07 -58.50 76.18
N ALA C 17 20.80 -58.58 75.82
CA ALA C 17 19.71 -58.33 76.74
C ALA C 17 18.51 -59.16 76.28
N GLY C 18 17.32 -58.78 76.71
CA GLY C 18 16.11 -59.43 76.23
C GLY C 18 15.89 -59.26 74.74
N SER C 19 14.67 -59.55 74.27
CA SER C 19 14.40 -59.52 72.84
C SER C 19 13.17 -58.65 72.57
N ALA C 20 13.11 -58.14 71.35
CA ALA C 20 12.01 -57.28 70.91
C ALA C 20 11.47 -57.77 69.59
N GLU C 21 10.17 -57.56 69.38
CA GLU C 21 9.47 -58.02 68.20
C GLU C 21 9.23 -56.86 67.25
N LEU C 22 9.58 -57.07 65.98
CA LEU C 22 9.16 -56.15 64.92
C LEU C 22 7.78 -56.58 64.44
N PRO C 23 6.77 -55.72 64.52
CA PRO C 23 5.38 -56.20 64.38
C PRO C 23 5.07 -56.86 63.05
N GLY C 24 5.84 -56.61 62.00
CA GLY C 24 5.57 -57.25 60.73
C GLY C 24 4.66 -56.44 59.84
N ASP C 25 3.42 -56.19 60.27
CA ASP C 25 2.53 -55.32 59.51
C ASP C 25 3.17 -53.96 59.25
N LEU C 26 4.00 -53.51 60.18
CA LEU C 26 5.02 -52.52 59.92
C LEU C 26 6.36 -53.16 60.23
N PHE C 27 7.38 -52.78 59.46
CA PHE C 27 8.71 -53.40 59.31
C PHE C 27 8.73 -54.58 58.34
N ASP C 28 7.59 -54.97 57.75
CA ASP C 28 7.65 -55.94 56.66
C ASP C 28 6.46 -55.68 55.74
N VAL C 29 6.68 -54.78 54.78
CA VAL C 29 5.64 -54.44 53.77
C VAL C 29 6.42 -54.15 52.49
N ASN C 30 5.74 -53.82 51.40
CA ASN C 30 6.46 -53.61 50.12
C ASN C 30 7.13 -52.25 50.15
N THR C 31 8.22 -52.09 49.41
CA THR C 31 8.90 -50.77 49.32
C THR C 31 8.51 -50.13 47.99
N ASN C 32 7.38 -49.44 47.95
CA ASN C 32 6.91 -48.77 46.71
C ASN C 32 7.83 -47.57 46.48
N ILE C 33 8.83 -47.73 45.64
CA ILE C 33 9.79 -46.66 45.38
C ILE C 33 9.11 -45.39 44.89
N PRO C 34 8.19 -45.41 43.92
CA PRO C 34 7.52 -44.16 43.55
C PRO C 34 6.77 -43.51 44.70
N LEU C 35 6.11 -44.31 45.54
CA LEU C 35 5.39 -43.75 46.68
C LEU C 35 6.35 -43.10 47.66
N ILE C 36 7.46 -43.77 47.95
CA ILE C 36 8.45 -43.21 48.86
C ILE C 36 9.04 -41.93 48.28
N HIS C 37 9.30 -41.92 46.97
CA HIS C 37 9.84 -40.74 46.32
C HIS C 37 8.87 -39.57 46.43
N GLN C 38 7.59 -39.81 46.21
CA GLN C 38 6.62 -38.72 46.32
C GLN C 38 6.54 -38.20 47.75
N VAL C 39 6.54 -39.10 48.73
CA VAL C 39 6.43 -38.67 50.12
C VAL C 39 7.67 -37.86 50.52
N VAL C 40 8.85 -38.30 50.11
CA VAL C 40 10.08 -37.59 50.45
C VAL C 40 10.13 -36.24 49.76
N VAL C 41 9.69 -36.18 48.50
CA VAL C 41 9.67 -34.90 47.79
C VAL C 41 8.71 -33.93 48.47
N ALA C 42 7.54 -34.42 48.87
CA ALA C 42 6.59 -33.57 49.58
C ALA C 42 7.18 -33.10 50.90
N GLN C 43 7.93 -33.98 51.57
CA GLN C 43 8.60 -33.63 52.81
C GLN C 43 9.57 -32.47 52.61
N LEU C 44 10.44 -32.57 51.62
CA LEU C 44 11.40 -31.50 51.38
C LEU C 44 10.71 -30.22 50.90
N ALA C 45 9.63 -30.35 50.14
CA ALA C 45 8.87 -29.18 49.73
C ALA C 45 8.28 -28.46 50.93
N ALA C 46 7.74 -29.22 51.89
CA ALA C 46 7.26 -28.61 53.13
C ALA C 46 8.41 -27.97 53.90
N ALA C 47 9.59 -28.59 53.84
CA ALA C 47 10.76 -28.00 54.50
C ALA C 47 11.15 -26.66 53.89
N ARG C 48 10.89 -26.49 52.59
CA ARG C 48 11.18 -25.22 51.93
C ARG C 48 10.56 -24.05 52.68
N GLN C 49 11.28 -22.93 52.73
CA GLN C 49 10.79 -21.71 53.33
C GLN C 49 10.11 -20.78 52.34
N GLY C 50 10.70 -20.60 51.16
CA GLY C 50 10.06 -19.85 50.10
C GLY C 50 9.86 -18.38 50.38
N THR C 51 10.79 -17.74 51.10
CA THR C 51 10.75 -16.30 51.29
C THR C 51 11.60 -15.64 50.22
N HIS C 52 11.02 -15.55 49.02
CA HIS C 52 11.64 -14.91 47.88
C HIS C 52 10.62 -13.99 47.24
N ALA C 53 11.05 -12.79 46.88
CA ALA C 53 10.12 -11.80 46.35
C ALA C 53 10.85 -10.83 45.43
N THR C 54 10.09 -10.28 44.48
CA THR C 54 10.58 -9.25 43.57
C THR C 54 9.54 -8.15 43.49
N LYS C 55 9.97 -6.98 43.03
CA LYS C 55 9.08 -5.84 42.88
C LYS C 55 8.59 -5.76 41.44
N THR C 56 7.28 -5.70 41.26
CA THR C 56 6.72 -5.51 39.94
C THR C 56 6.81 -4.05 39.54
N ARG C 57 6.37 -3.75 38.32
CA ARG C 57 6.44 -2.38 37.82
C ARG C 57 5.57 -1.45 38.65
N GLY C 58 4.53 -1.98 39.30
CA GLY C 58 3.72 -1.17 40.18
C GLY C 58 4.34 -0.95 41.54
N GLN C 59 5.25 -1.82 41.96
CA GLN C 59 5.89 -1.69 43.27
C GLN C 59 7.24 -1.00 43.21
N VAL C 60 7.86 -0.89 42.03
CA VAL C 60 9.10 -0.15 41.93
C VAL C 60 8.85 1.33 42.16
N SER C 61 9.76 1.99 42.86
CA SER C 61 9.57 3.38 43.22
C SER C 61 9.57 4.28 41.99
N GLY C 62 8.74 5.33 42.05
CA GLY C 62 8.67 6.27 40.94
C GLY C 62 7.90 5.71 39.76
N GLY C 63 8.23 6.21 38.57
CA GLY C 63 7.63 5.69 37.36
C GLY C 63 6.18 6.05 37.16
N GLY C 64 5.70 7.11 37.81
CA GLY C 64 4.30 7.48 37.69
C GLY C 64 3.90 8.09 36.37
N LYS C 65 4.73 8.97 35.81
CA LYS C 65 4.35 9.75 34.65
C LYS C 65 4.90 9.13 33.38
N LYS C 66 4.32 9.53 32.26
CA LYS C 66 4.83 9.15 30.95
C LYS C 66 6.18 9.82 30.74
N PRO C 67 7.23 9.06 30.39
CA PRO C 67 8.56 9.69 30.25
C PRO C 67 8.61 10.83 29.25
N TRP C 68 7.89 10.73 28.14
CA TRP C 68 7.84 11.79 27.16
C TRP C 68 6.55 11.65 26.35
N ARG C 69 6.38 12.56 25.39
CA ARG C 69 5.18 12.54 24.56
C ARG C 69 5.12 11.27 23.74
N GLN C 70 3.90 10.86 23.40
CA GLN C 70 3.72 9.65 22.61
C GLN C 70 4.34 9.81 21.21
N LYS C 71 4.19 10.97 20.60
CA LYS C 71 4.61 11.19 19.23
C LYS C 71 5.48 12.44 19.12
N GLY C 72 6.29 12.47 18.07
CA GLY C 72 7.05 13.64 17.70
C GLY C 72 8.51 13.62 18.12
N THR C 73 8.86 12.80 19.09
CA THR C 73 10.22 12.79 19.62
C THR C 73 11.17 11.89 18.83
N GLY C 74 10.64 10.93 18.08
CA GLY C 74 11.49 9.96 17.44
C GLY C 74 11.92 8.82 18.33
N ARG C 75 11.50 8.83 19.59
CA ARG C 75 11.77 7.74 20.51
C ARG C 75 10.62 6.74 20.50
N ALA C 76 10.90 5.55 21.01
CA ALA C 76 9.86 4.54 21.15
C ALA C 76 8.83 4.98 22.16
N ARG C 77 7.60 4.52 21.98
CA ARG C 77 6.53 4.82 22.91
C ARG C 77 6.80 4.16 24.24
N GLN C 78 6.87 4.95 25.30
CA GLN C 78 7.07 4.44 26.65
C GLN C 78 5.98 5.00 27.56
N GLY C 79 5.62 4.22 28.56
CA GLY C 79 4.56 4.62 29.46
C GLY C 79 5.05 4.90 30.86
N SER C 80 6.16 4.30 31.22
CA SER C 80 6.74 4.49 32.54
C SER C 80 8.22 4.14 32.49
N THR C 81 9.01 4.82 33.32
CA THR C 81 10.42 4.48 33.42
C THR C 81 10.64 3.19 34.17
N ARG C 82 9.62 2.67 34.86
CA ARG C 82 9.72 1.41 35.58
C ARG C 82 9.08 0.26 34.81
N ALA C 83 8.86 0.44 33.51
CA ALA C 83 8.36 -0.64 32.69
C ALA C 83 9.39 -1.77 32.67
N PRO C 84 8.94 -3.02 32.52
CA PRO C 84 9.86 -4.15 32.69
C PRO C 84 11.07 -4.14 31.76
N GLN C 85 10.94 -3.60 30.55
CA GLN C 85 12.07 -3.61 29.64
C GLN C 85 13.11 -2.57 29.98
N TRP C 86 12.84 -1.70 30.96
CA TRP C 86 13.79 -0.67 31.37
C TRP C 86 14.76 -1.22 32.40
N VAL C 87 15.99 -0.71 32.36
CA VAL C 87 16.92 -0.97 33.44
C VAL C 87 16.38 -0.33 34.71
N GLY C 88 16.35 -1.09 35.80
CA GLY C 88 15.76 -0.60 37.01
C GLY C 88 14.25 -0.70 37.08
N GLY C 89 13.62 -1.33 36.08
CA GLY C 89 12.19 -1.49 36.07
C GLY C 89 11.74 -2.73 36.83
N GLY C 90 10.43 -2.93 36.83
CA GLY C 90 9.88 -4.05 37.55
C GLY C 90 10.17 -5.38 36.87
N THR C 91 10.15 -6.44 37.67
CA THR C 91 10.29 -7.80 37.16
C THR C 91 8.92 -8.33 36.79
N VAL C 92 8.83 -9.00 35.65
CA VAL C 92 7.53 -9.41 35.12
C VAL C 92 6.98 -10.58 35.91
N HIS C 93 7.66 -11.71 35.86
CA HIS C 93 7.16 -12.94 36.45
C HIS C 93 8.18 -13.50 37.43
N GLY C 94 8.76 -12.63 38.25
CA GLY C 94 9.72 -13.04 39.23
C GLY C 94 9.03 -13.76 40.37
N PRO C 95 9.83 -14.33 41.27
CA PRO C 95 9.24 -15.09 42.39
C PRO C 95 8.45 -14.19 43.32
N GLN C 96 7.46 -14.80 43.96
CA GLN C 96 6.69 -14.19 45.04
C GLN C 96 6.65 -15.16 46.20
N PRO C 97 6.49 -14.67 47.43
CA PRO C 97 6.46 -15.58 48.58
C PRO C 97 5.32 -16.58 48.44
N ARG C 98 5.60 -17.82 48.84
CA ARG C 98 4.62 -18.89 48.70
C ARG C 98 5.03 -20.03 49.63
N SER C 99 4.11 -20.98 49.79
CA SER C 99 4.37 -22.19 50.54
C SER C 99 4.39 -23.37 49.58
N TYR C 100 5.34 -24.27 49.78
CA TYR C 100 5.52 -25.42 48.92
C TYR C 100 4.97 -26.70 49.51
N ALA C 101 4.27 -26.62 50.64
CA ALA C 101 3.76 -27.82 51.29
C ALA C 101 2.73 -28.50 50.41
N GLN C 102 2.77 -29.84 50.37
CA GLN C 102 1.86 -30.64 49.59
C GLN C 102 1.00 -31.48 50.52
N ARG C 103 -0.28 -31.61 50.18
CA ARG C 103 -1.25 -32.29 51.04
C ARG C 103 -1.27 -33.78 50.70
N THR C 104 -0.17 -34.44 50.99
CA THR C 104 -0.07 -35.87 50.72
C THR C 104 -1.03 -36.63 51.64
N PRO C 105 -1.76 -37.61 51.13
CA PRO C 105 -2.69 -38.36 51.98
C PRO C 105 -1.99 -39.10 53.10
N LYS C 106 -2.73 -39.24 54.21
CA LYS C 106 -2.19 -39.89 55.40
C LYS C 106 -1.78 -41.32 55.10
N LYS C 107 -2.61 -42.05 54.34
CA LYS C 107 -2.29 -43.43 54.02
C LYS C 107 -1.02 -43.51 53.19
N MET C 108 -0.84 -42.58 52.26
CA MET C 108 0.37 -42.58 51.45
C MET C 108 1.60 -42.33 52.31
N VAL C 109 1.54 -41.31 53.16
CA VAL C 109 2.72 -40.91 54.00
C VAL C 109 3.08 -42.07 54.91
N GLY C 110 2.11 -42.64 55.59
CA GLY C 110 2.38 -43.76 56.52
C GLY C 110 2.93 -44.94 55.79
N ALA C 111 2.28 -45.36 54.70
CA ALA C 111 2.71 -46.55 53.96
C ALA C 111 4.15 -46.35 53.50
N ALA C 112 4.47 -45.15 53.04
CA ALA C 112 5.84 -44.89 52.57
C ALA C 112 6.77 -45.13 53.74
N LEU C 113 6.40 -44.61 54.91
CA LEU C 113 7.24 -44.83 56.08
C LEU C 113 7.41 -46.31 56.37
N ARG C 114 6.32 -47.07 56.26
CA ARG C 114 6.38 -48.52 56.49
C ARG C 114 7.32 -49.19 55.48
N GLY C 115 7.23 -48.82 54.22
CA GLY C 115 8.10 -49.42 53.22
C GLY C 115 9.56 -49.08 53.44
N ALA C 116 9.84 -47.82 53.79
CA ALA C 116 11.21 -47.41 54.05
C ALA C 116 11.78 -48.17 55.23
N LEU C 117 11.01 -48.32 56.30
CA LEU C 117 11.46 -49.10 57.45
C LEU C 117 11.63 -50.56 57.08
N SER C 118 10.71 -51.10 56.28
CA SER C 118 10.73 -52.52 55.96
C SER C 118 11.90 -52.90 55.09
N ASP C 119 12.33 -52.00 54.19
CA ASP C 119 13.45 -52.36 53.32
C ASP C 119 14.68 -52.68 54.12
N MET C 120 15.05 -51.82 55.07
CA MET C 120 16.23 -52.14 55.84
C MET C 120 15.95 -52.99 57.06
N ALA C 121 14.68 -53.25 57.39
CA ALA C 121 14.39 -54.38 58.27
C ALA C 121 14.74 -55.69 57.59
N ARG C 122 14.37 -55.83 56.31
CA ARG C 122 14.76 -57.00 55.54
C ARG C 122 16.25 -57.03 55.29
N ASP C 123 16.89 -55.86 55.24
CA ASP C 123 18.33 -55.77 55.08
C ASP C 123 19.07 -55.85 56.42
N ASN C 124 18.37 -55.98 57.54
CA ASN C 124 18.97 -56.16 58.85
C ASN C 124 19.81 -54.95 59.26
N ARG C 125 19.18 -53.78 59.23
CA ARG C 125 19.83 -52.55 59.63
C ARG C 125 19.16 -51.88 60.82
N ILE C 126 18.24 -52.57 61.49
CA ILE C 126 17.64 -52.06 62.72
C ILE C 126 18.19 -52.84 63.90
N PHE C 127 18.81 -52.12 64.82
CA PHE C 127 19.27 -52.64 66.10
C PHE C 127 18.42 -52.02 67.20
N VAL C 128 18.28 -52.73 68.31
CA VAL C 128 17.55 -52.22 69.46
C VAL C 128 18.46 -52.32 70.67
N VAL C 129 18.61 -51.21 71.39
CA VAL C 129 19.41 -51.15 72.59
C VAL C 129 18.50 -50.76 73.76
N THR C 130 18.83 -51.25 74.95
CA THR C 130 18.08 -50.84 76.12
C THR C 130 18.22 -49.35 76.36
N SER C 131 19.44 -48.84 76.19
CA SER C 131 19.74 -47.42 76.23
C SER C 131 21.21 -47.26 75.88
N LEU C 132 21.61 -46.02 75.66
CA LEU C 132 23.01 -45.65 75.57
C LEU C 132 23.37 -44.82 76.79
N VAL C 133 24.59 -44.99 77.29
CA VAL C 133 25.11 -44.17 78.37
C VAL C 133 24.44 -44.54 79.70
N ASP C 134 25.19 -44.45 80.80
CA ASP C 134 24.69 -44.74 82.14
C ASP C 134 25.00 -43.58 83.07
N GLY C 135 24.09 -43.30 83.98
CA GLY C 135 24.29 -42.26 84.98
C GLY C 135 24.32 -40.86 84.38
N ASP C 136 25.47 -40.22 84.39
CA ASP C 136 25.65 -38.97 83.67
C ASP C 136 25.97 -39.27 82.21
N LYS C 137 25.93 -38.21 81.39
CA LYS C 137 25.89 -38.38 79.94
C LYS C 137 27.10 -37.80 79.20
N PRO C 138 27.86 -38.68 78.50
CA PRO C 138 28.91 -38.23 77.62
C PRO C 138 28.59 -38.58 76.16
N SER C 139 29.37 -38.04 75.23
CA SER C 139 29.20 -38.38 73.80
C SER C 139 30.18 -39.51 73.48
N THR C 140 31.25 -39.62 74.26
CA THR C 140 32.24 -40.68 74.04
C THR C 140 31.56 -42.04 74.19
N LYS C 141 30.82 -42.21 75.29
CA LYS C 141 30.14 -43.50 75.54
C LYS C 141 29.32 -43.91 74.34
N GLN C 142 28.34 -43.10 73.96
CA GLN C 142 27.43 -43.55 72.86
C GLN C 142 28.23 -43.68 71.57
N ALA C 143 29.19 -42.81 71.31
CA ALA C 143 29.99 -43.04 70.09
C ALA C 143 30.39 -44.51 70.09
N LYS C 144 30.82 -45.00 71.25
CA LYS C 144 31.27 -46.41 71.33
C LYS C 144 30.09 -47.33 71.06
N ALA C 145 29.04 -47.23 71.89
CA ALA C 145 27.87 -48.12 71.73
C ALA C 145 27.52 -48.22 70.25
N VAL C 146 27.54 -47.11 69.52
CA VAL C 146 27.07 -47.15 68.11
C VAL C 146 28.16 -47.78 67.23
N LEU C 147 29.41 -47.37 67.35
CA LEU C 147 30.48 -48.03 66.62
C LEU C 147 30.50 -49.53 66.86
N SER C 148 30.18 -49.98 68.07
CA SER C 148 30.03 -51.41 68.30
C SER C 148 28.85 -51.95 67.51
N GLY C 149 27.79 -51.16 67.36
CA GLY C 149 26.67 -51.58 66.55
C GLY C 149 27.07 -51.79 65.10
N LEU C 150 27.31 -50.71 64.36
CA LEU C 150 27.98 -50.76 63.06
C LEU C 150 28.07 -49.35 62.46
N ALA C 151 29.11 -49.11 61.65
CA ALA C 151 29.31 -47.91 60.83
C ALA C 151 28.94 -46.56 61.46
N GLU C 152 28.91 -45.51 60.65
CA GLU C 152 28.65 -44.14 61.10
C GLU C 152 27.80 -43.33 60.12
N LEU C 153 26.65 -43.85 59.69
CA LEU C 153 25.60 -43.00 59.12
C LEU C 153 24.29 -43.45 59.76
N ARG C 154 23.93 -42.83 60.89
CA ARG C 154 23.13 -43.51 61.90
C ARG C 154 21.81 -42.78 62.10
N LYS C 155 20.80 -43.51 62.56
CA LYS C 155 19.61 -42.91 63.14
C LYS C 155 19.38 -43.50 64.52
N VAL C 156 19.01 -42.66 65.49
CA VAL C 156 18.68 -43.10 66.84
C VAL C 156 17.25 -42.71 67.15
N LEU C 157 16.52 -43.62 67.79
CA LEU C 157 15.18 -43.34 68.30
C LEU C 157 15.17 -43.47 69.80
N VAL C 158 14.70 -42.43 70.49
CA VAL C 158 14.61 -42.43 71.94
C VAL C 158 13.24 -42.02 72.45
N VAL C 159 12.32 -41.64 71.55
CA VAL C 159 10.93 -41.27 71.79
C VAL C 159 10.67 -40.36 72.99
N LEU C 160 11.36 -40.59 74.11
CA LEU C 160 10.83 -40.09 75.37
C LEU C 160 10.98 -38.57 75.35
N ASP C 161 9.94 -37.91 74.81
CA ASP C 161 10.00 -36.54 74.31
C ASP C 161 10.30 -35.51 75.39
N ARG C 162 10.13 -35.85 76.66
CA ARG C 162 10.25 -34.86 77.73
C ARG C 162 11.51 -35.01 78.57
N SER C 163 11.94 -36.24 78.89
CA SER C 163 13.02 -36.40 79.85
C SER C 163 14.03 -37.48 79.47
N ASP C 164 14.18 -37.80 78.19
CA ASP C 164 15.27 -38.70 77.79
C ASP C 164 16.51 -37.90 77.40
N GLU C 165 16.85 -36.96 78.28
CA GLU C 165 17.95 -36.04 77.99
C GLU C 165 19.26 -36.79 77.90
N ILE C 166 19.43 -37.87 78.67
CA ILE C 166 20.71 -38.58 78.65
C ILE C 166 21.05 -39.03 77.24
N ASP C 167 20.19 -39.88 76.66
CA ASP C 167 20.46 -40.37 75.32
C ASP C 167 20.41 -39.26 74.28
N TRP C 168 19.43 -38.36 74.40
CA TRP C 168 19.31 -37.32 73.38
C TRP C 168 20.56 -36.46 73.33
N LEU C 169 20.97 -35.92 74.47
CA LEU C 169 22.13 -35.04 74.51
C LEU C 169 23.42 -35.79 74.30
N SER C 170 23.47 -37.09 74.59
CA SER C 170 24.65 -37.87 74.22
C SER C 170 24.81 -37.92 72.71
N VAL C 171 23.76 -38.34 72.00
CA VAL C 171 23.90 -38.53 70.55
C VAL C 171 23.70 -37.25 69.75
N ARG C 172 23.41 -36.13 70.41
CA ARG C 172 23.08 -34.89 69.70
C ARG C 172 24.21 -34.38 68.82
N ASN C 173 25.47 -34.60 69.22
CA ASN C 173 26.60 -33.89 68.62
C ASN C 173 27.47 -34.79 67.74
N LEU C 174 26.95 -35.92 67.26
CA LEU C 174 27.82 -36.82 66.51
C LEU C 174 28.08 -36.30 65.10
N SER C 175 27.07 -35.73 64.45
CA SER C 175 27.10 -35.19 63.08
C SER C 175 27.07 -36.27 62.01
N GLU C 176 27.17 -37.52 62.41
CA GLU C 176 26.75 -38.64 61.57
C GLU C 176 25.66 -39.45 62.22
N VAL C 177 24.97 -38.88 63.19
CA VAL C 177 23.82 -39.49 63.84
C VAL C 177 22.67 -38.50 63.73
N HIS C 178 21.50 -39.00 63.35
CA HIS C 178 20.27 -38.22 63.40
C HIS C 178 19.39 -38.80 64.50
N VAL C 179 19.01 -37.96 65.46
CA VAL C 179 18.23 -38.41 66.60
C VAL C 179 16.79 -37.96 66.43
N LEU C 180 15.84 -38.86 66.69
CA LEU C 180 14.43 -38.59 66.52
C LEU C 180 13.65 -39.16 67.69
N ALA C 181 12.47 -38.59 67.91
CA ALA C 181 11.47 -39.23 68.75
C ALA C 181 10.64 -40.17 67.90
N ALA C 182 10.20 -41.27 68.51
CA ALA C 182 9.52 -42.32 67.73
C ALA C 182 8.27 -41.79 67.04
N ASP C 183 7.65 -40.76 67.59
CA ASP C 183 6.49 -40.16 66.96
C ASP C 183 6.86 -39.18 65.86
N GLN C 184 8.11 -39.20 65.38
CA GLN C 184 8.54 -38.32 64.30
C GLN C 184 9.47 -39.04 63.33
N LEU C 185 9.26 -40.35 63.11
CA LEU C 185 10.21 -41.13 62.32
C LEU C 185 10.44 -40.55 60.94
N ASN C 186 9.35 -40.30 60.20
CA ASN C 186 9.32 -39.71 58.87
C ASN C 186 10.19 -40.40 57.82
N THR C 187 9.62 -40.48 56.61
CA THR C 187 10.23 -41.27 55.55
C THR C 187 11.56 -40.71 55.11
N TYR C 188 11.70 -39.38 55.07
CA TYR C 188 12.95 -38.80 54.62
C TYR C 188 14.11 -39.28 55.48
N ASP C 189 13.98 -39.13 56.79
CA ASP C 189 15.03 -39.55 57.70
C ASP C 189 15.24 -41.06 57.65
N VAL C 190 14.17 -41.84 57.53
CA VAL C 190 14.36 -43.29 57.48
C VAL C 190 15.16 -43.69 56.24
N VAL C 191 14.85 -43.10 55.09
CA VAL C 191 15.57 -43.41 53.87
C VAL C 191 17.01 -42.93 53.95
N ASN C 192 17.22 -41.74 54.52
CA ASN C 192 18.57 -41.22 54.64
C ASN C 192 19.42 -42.06 55.58
N ALA C 193 18.82 -42.66 56.59
CA ALA C 193 19.58 -43.48 57.52
C ALA C 193 20.10 -44.73 56.85
N ARG C 194 21.34 -45.10 57.17
CA ARG C 194 21.86 -46.38 56.72
C ARG C 194 21.53 -47.49 57.71
N THR C 195 21.46 -47.16 59.00
CA THR C 195 20.88 -48.05 59.99
C THR C 195 20.08 -47.23 60.98
N ILE C 196 19.10 -47.88 61.61
CA ILE C 196 18.36 -47.31 62.72
C ILE C 196 18.68 -48.12 63.97
N VAL C 197 18.95 -47.45 65.07
CA VAL C 197 18.99 -48.05 66.38
C VAL C 197 17.87 -47.43 67.21
N PHE C 198 16.97 -48.29 67.69
CA PHE C 198 15.90 -47.89 68.59
C PHE C 198 16.36 -48.09 70.02
N SER C 199 15.99 -47.16 70.88
CA SER C 199 15.95 -47.51 72.29
C SER C 199 14.80 -48.49 72.51
N GLN C 200 14.90 -49.26 73.59
CA GLN C 200 13.80 -50.17 73.93
C GLN C 200 12.50 -49.39 74.03
N ALA C 201 12.52 -48.29 74.77
CA ALA C 201 11.33 -47.44 74.89
C ALA C 201 10.95 -46.83 73.55
N GLY C 202 11.94 -46.48 72.73
CA GLY C 202 11.63 -45.89 71.43
C GLY C 202 10.84 -46.85 70.54
N LEU C 203 11.34 -48.07 70.41
CA LEU C 203 10.63 -49.07 69.61
C LEU C 203 9.27 -49.38 70.22
N ASP C 204 9.21 -49.54 71.54
CA ASP C 204 7.93 -49.85 72.19
C ASP C 204 6.92 -48.75 71.94
N ALA C 205 7.35 -47.49 72.02
CA ALA C 205 6.42 -46.37 71.84
C ALA C 205 5.99 -46.24 70.39
N PHE C 206 6.89 -46.46 69.44
CA PHE C 206 6.47 -46.44 68.04
C PHE C 206 5.45 -47.54 67.76
N VAL C 207 5.70 -48.74 68.25
CA VAL C 207 4.78 -49.84 68.04
C VAL C 207 3.43 -49.56 68.70
N GLY C 208 3.45 -49.02 69.92
CA GLY C 208 2.20 -48.69 70.59
C GLY C 208 1.44 -47.60 69.87
N ALA C 209 2.15 -46.59 69.36
CA ALA C 209 1.49 -45.51 68.64
C ALA C 209 0.84 -46.02 67.37
N ARG C 210 1.51 -46.90 66.63
CA ARG C 210 0.90 -47.51 65.45
C ARG C 210 1.05 -49.01 65.50
N SER C 211 -0.06 -49.71 65.67
CA SER C 211 -0.10 -51.17 65.59
C SER C 211 -1.49 -51.60 65.21
N ALA C 212 -1.59 -52.76 64.57
CA ALA C 212 -2.87 -53.29 64.12
C ALA C 212 -3.69 -53.79 65.31
N ALA D 7 -104.84 -33.42 -15.95
CA ALA D 7 -105.50 -34.72 -15.92
C ALA D 7 -104.93 -35.64 -17.00
N HIS D 8 -105.28 -36.92 -16.93
CA HIS D 8 -104.77 -37.90 -17.87
C HIS D 8 -105.50 -37.76 -19.20
N GLU D 9 -104.85 -37.09 -20.16
CA GLU D 9 -105.34 -37.02 -21.53
C GLU D 9 -104.21 -36.59 -22.45
N MET D 10 -103.90 -37.42 -23.43
CA MET D 10 -102.79 -37.14 -24.33
C MET D 10 -103.16 -35.98 -25.25
N PRO D 11 -102.36 -34.92 -25.31
CA PRO D 11 -102.84 -33.64 -25.85
C PRO D 11 -103.17 -33.71 -27.34
N ARG D 12 -104.00 -32.74 -27.76
CA ARG D 12 -104.39 -32.64 -29.16
C ARG D 12 -103.18 -32.48 -30.06
N LEU D 13 -102.27 -31.58 -29.70
CA LEU D 13 -101.11 -31.33 -30.53
C LEU D 13 -100.21 -32.57 -30.59
N LYS D 14 -100.06 -33.26 -29.47
CA LYS D 14 -99.26 -34.49 -29.47
C LYS D 14 -99.88 -35.56 -30.36
N LYS D 15 -101.21 -35.72 -30.29
CA LYS D 15 -101.89 -36.70 -31.13
C LYS D 15 -101.73 -36.35 -32.60
N GLN D 16 -101.95 -35.08 -32.94
CA GLN D 16 -101.76 -34.63 -34.31
C GLN D 16 -100.35 -34.90 -34.78
N TYR D 17 -99.36 -34.53 -33.97
CA TYR D 17 -97.97 -34.81 -34.28
C TYR D 17 -97.80 -36.28 -34.62
N ARG D 18 -98.08 -37.15 -33.66
CA ARG D 18 -97.85 -38.57 -33.83
C ARG D 18 -98.46 -39.02 -35.15
N GLU D 19 -99.80 -39.00 -35.25
CA GLU D 19 -100.41 -39.59 -36.42
C GLU D 19 -99.98 -38.88 -37.70
N GLN D 20 -100.43 -37.63 -37.85
CA GLN D 20 -100.28 -36.97 -39.14
C GLN D 20 -98.81 -36.74 -39.47
N ILE D 21 -98.07 -36.15 -38.53
CA ILE D 21 -96.72 -35.71 -38.84
C ILE D 21 -95.79 -36.91 -39.01
N ARG D 22 -95.90 -37.94 -38.14
CA ARG D 22 -95.02 -39.08 -38.32
C ARG D 22 -95.29 -39.76 -39.66
N ALA D 23 -96.57 -39.92 -40.04
CA ALA D 23 -96.85 -40.50 -41.35
C ALA D 23 -96.29 -39.64 -42.47
N ALA D 24 -96.49 -38.31 -42.38
CA ALA D 24 -96.06 -37.42 -43.45
C ALA D 24 -94.55 -37.42 -43.60
N MET D 25 -93.82 -37.37 -42.49
CA MET D 25 -92.37 -37.41 -42.56
C MET D 25 -91.87 -38.75 -43.10
N GLN D 26 -92.46 -39.85 -42.63
CA GLN D 26 -92.04 -41.15 -43.15
C GLN D 26 -92.25 -41.24 -44.65
N GLU D 27 -93.31 -40.60 -45.17
CA GLU D 27 -93.56 -40.73 -46.60
C GLU D 27 -92.74 -39.76 -47.44
N GLU D 28 -92.50 -38.53 -46.96
CA GLU D 28 -91.85 -37.53 -47.79
C GLU D 28 -90.42 -37.20 -47.36
N PHE D 29 -89.82 -38.00 -46.49
CA PHE D 29 -88.36 -38.02 -46.35
C PHE D 29 -87.77 -39.41 -46.52
N GLY D 30 -88.58 -40.47 -46.47
CA GLY D 30 -88.08 -41.80 -46.73
C GLY D 30 -87.02 -42.28 -45.76
N TYR D 31 -87.21 -42.01 -44.46
CA TYR D 31 -86.28 -42.52 -43.47
C TYR D 31 -86.26 -44.03 -43.50
N ARG D 32 -85.07 -44.62 -43.49
CA ARG D 32 -84.95 -46.07 -43.54
C ARG D 32 -85.13 -46.72 -42.19
N ASN D 33 -85.30 -45.93 -41.12
CA ASN D 33 -85.51 -46.49 -39.79
C ASN D 33 -86.68 -45.78 -39.12
N PRO D 34 -87.55 -46.54 -38.43
CA PRO D 34 -88.74 -45.91 -37.83
C PRO D 34 -88.44 -44.84 -36.81
N MET D 35 -87.41 -44.99 -35.99
CA MET D 35 -87.12 -43.95 -35.02
C MET D 35 -86.09 -42.96 -35.55
N LEU D 36 -86.36 -42.45 -36.75
CA LEU D 36 -85.58 -41.36 -37.33
C LEU D 36 -86.44 -40.17 -37.69
N ILE D 37 -87.76 -40.31 -37.69
CA ILE D 37 -88.66 -39.18 -37.90
C ILE D 37 -88.44 -38.16 -36.80
N PRO D 38 -88.12 -36.92 -37.13
CA PRO D 38 -87.87 -35.91 -36.10
C PRO D 38 -89.13 -35.58 -35.32
N GLY D 39 -88.92 -35.12 -34.09
CA GLY D 39 -90.01 -34.65 -33.26
C GLY D 39 -89.48 -33.62 -32.29
N LEU D 40 -90.40 -32.88 -31.70
CA LEU D 40 -90.01 -31.86 -30.73
C LEU D 40 -89.35 -32.51 -29.53
N GLU D 41 -88.16 -32.03 -29.18
CA GLU D 41 -87.48 -32.54 -28.00
C GLU D 41 -87.78 -31.69 -26.77
N LYS D 42 -87.67 -30.37 -26.88
CA LYS D 42 -87.96 -29.51 -25.75
C LYS D 42 -88.28 -28.10 -26.24
N ILE D 43 -88.94 -27.34 -25.37
CA ILE D 43 -89.20 -25.92 -25.60
C ILE D 43 -88.52 -25.14 -24.49
N VAL D 44 -87.75 -24.12 -24.86
CA VAL D 44 -87.05 -23.30 -23.89
C VAL D 44 -87.58 -21.87 -24.01
N VAL D 45 -88.09 -21.35 -22.89
CA VAL D 45 -88.57 -19.99 -22.80
C VAL D 45 -87.58 -19.20 -21.97
N ASN D 46 -86.82 -18.34 -22.62
CA ASN D 46 -85.84 -17.49 -21.95
C ASN D 46 -86.34 -16.06 -21.86
N MET D 47 -85.83 -15.33 -20.88
CA MET D 47 -85.89 -13.88 -20.94
C MET D 47 -84.70 -13.32 -20.17
N GLY D 48 -83.90 -12.51 -20.87
CA GLY D 48 -82.84 -11.75 -20.26
C GLY D 48 -83.36 -10.39 -19.84
N VAL D 49 -83.33 -10.13 -18.54
CA VAL D 49 -83.96 -8.96 -17.95
C VAL D 49 -82.87 -8.06 -17.41
N GLY D 50 -81.77 -7.98 -18.15
CA GLY D 50 -80.53 -7.36 -17.71
C GLY D 50 -80.66 -6.03 -16.99
N ASP D 51 -81.77 -5.33 -17.17
CA ASP D 51 -82.03 -4.18 -16.32
C ASP D 51 -82.57 -4.65 -14.96
N ALA D 52 -81.87 -5.62 -14.38
CA ALA D 52 -82.09 -6.06 -13.01
C ALA D 52 -80.87 -5.85 -12.14
N ALA D 53 -79.80 -5.30 -12.72
CA ALA D 53 -78.60 -5.00 -11.94
C ALA D 53 -78.80 -3.85 -10.98
N HIS D 54 -79.89 -3.08 -11.15
CA HIS D 54 -80.16 -1.95 -10.27
C HIS D 54 -81.32 -2.17 -9.32
N ASP D 55 -82.15 -3.19 -9.56
CA ASP D 55 -83.28 -3.47 -8.67
C ASP D 55 -83.72 -4.91 -8.86
N SER D 56 -84.52 -5.39 -7.91
CA SER D 56 -84.99 -6.76 -7.90
C SER D 56 -86.44 -6.91 -8.34
N LYS D 57 -87.23 -5.83 -8.30
CA LYS D 57 -88.65 -5.93 -8.63
C LYS D 57 -88.85 -6.38 -10.08
N VAL D 58 -87.95 -6.01 -10.98
CA VAL D 58 -88.07 -6.43 -12.37
C VAL D 58 -87.93 -7.94 -12.49
N MET D 59 -87.00 -8.52 -11.74
CA MET D 59 -86.88 -9.98 -11.74
C MET D 59 -88.13 -10.64 -11.18
N ASP D 60 -88.71 -10.06 -10.13
CA ASP D 60 -89.93 -10.62 -9.57
C ASP D 60 -91.06 -10.60 -10.58
N GLY D 61 -91.21 -9.48 -11.30
CA GLY D 61 -92.22 -9.41 -12.34
C GLY D 61 -91.97 -10.40 -13.45
N ALA D 62 -90.71 -10.55 -13.86
CA ALA D 62 -90.38 -11.52 -14.91
C ALA D 62 -90.68 -12.94 -14.46
N ILE D 63 -90.38 -13.26 -13.19
CA ILE D 63 -90.68 -14.59 -12.66
C ILE D 63 -92.18 -14.83 -12.70
N ARG D 64 -92.97 -13.85 -12.25
CA ARG D 64 -94.42 -14.00 -12.27
C ARG D 64 -94.93 -14.21 -13.68
N ASP D 65 -94.44 -13.39 -14.63
CA ASP D 65 -94.92 -13.48 -16.01
C ASP D 65 -94.59 -14.83 -16.63
N ILE D 66 -93.34 -15.26 -16.50
CA ILE D 66 -92.94 -16.52 -17.12
C ILE D 66 -93.63 -17.70 -16.42
N THR D 67 -93.83 -17.60 -15.10
CA THR D 67 -94.54 -18.66 -14.40
C THR D 67 -95.96 -18.79 -14.90
N ALA D 68 -96.66 -17.66 -15.06
CA ALA D 68 -98.03 -17.69 -15.57
C ALA D 68 -98.06 -18.22 -16.99
N ILE D 69 -97.09 -17.81 -17.82
CA ILE D 69 -97.11 -18.21 -19.22
C ILE D 69 -96.86 -19.70 -19.39
N THR D 70 -95.84 -20.23 -18.69
CA THR D 70 -95.44 -21.61 -18.88
C THR D 70 -96.23 -22.56 -17.98
N GLY D 71 -96.16 -22.36 -16.66
CA GLY D 71 -96.83 -23.25 -15.74
C GLY D 71 -95.89 -23.97 -14.80
N GLN D 72 -94.65 -23.49 -14.70
CA GLN D 72 -93.70 -24.05 -13.76
C GLN D 72 -92.68 -23.00 -13.36
N LYS D 73 -92.06 -23.22 -12.21
CA LYS D 73 -91.09 -22.27 -11.68
C LYS D 73 -89.88 -22.19 -12.60
N PRO D 74 -89.38 -20.99 -12.89
CA PRO D 74 -88.23 -20.85 -13.79
C PRO D 74 -86.90 -20.97 -13.07
N GLN D 75 -85.89 -21.38 -13.84
CA GLN D 75 -84.52 -21.34 -13.39
C GLN D 75 -83.98 -19.93 -13.57
N VAL D 76 -83.47 -19.35 -12.49
CA VAL D 76 -82.96 -17.99 -12.50
C VAL D 76 -81.44 -18.06 -12.58
N THR D 77 -80.87 -17.50 -13.64
CA THR D 77 -79.44 -17.60 -13.89
C THR D 77 -78.73 -16.38 -13.35
N LYS D 78 -77.66 -16.61 -12.59
CA LYS D 78 -76.84 -15.54 -12.07
C LYS D 78 -75.73 -15.20 -13.07
N ALA D 79 -75.24 -13.96 -13.00
CA ALA D 79 -74.28 -13.48 -13.97
C ALA D 79 -72.99 -14.29 -13.91
N ARG D 80 -72.60 -14.87 -15.05
CA ARG D 80 -71.35 -15.63 -15.10
C ARG D 80 -70.15 -14.72 -14.86
N LYS D 81 -70.14 -13.54 -15.49
CA LYS D 81 -69.08 -12.57 -15.27
C LYS D 81 -69.68 -11.18 -15.18
N SER D 82 -69.05 -10.33 -14.38
CA SER D 82 -69.49 -8.96 -14.20
C SER D 82 -69.03 -8.08 -15.35
N ILE D 83 -69.86 -7.12 -15.74
CA ILE D 83 -69.52 -6.20 -16.82
C ILE D 83 -69.90 -4.79 -16.38
N ALA D 84 -68.95 -3.86 -16.53
CA ALA D 84 -69.17 -2.49 -16.06
C ALA D 84 -70.11 -1.72 -16.99
N GLN D 85 -69.91 -1.86 -18.30
CA GLN D 85 -70.73 -1.08 -19.23
C GLN D 85 -72.15 -1.59 -19.30
N PHE D 86 -72.39 -2.86 -18.97
CA PHE D 86 -73.74 -3.31 -18.68
C PHE D 86 -74.11 -3.13 -17.22
N LYS D 87 -73.15 -2.73 -16.38
CA LYS D 87 -73.40 -2.33 -15.00
C LYS D 87 -73.92 -3.48 -14.14
N LEU D 88 -73.52 -4.70 -14.45
CA LEU D 88 -73.94 -5.85 -13.67
C LEU D 88 -72.74 -6.43 -12.91
N ARG D 89 -72.99 -6.80 -11.67
CA ARG D 89 -71.99 -7.38 -10.80
C ARG D 89 -71.93 -8.90 -11.02
N GLU D 90 -71.07 -9.57 -10.25
CA GLU D 90 -71.03 -11.02 -10.29
C GLU D 90 -72.16 -11.61 -9.45
N GLY D 91 -72.79 -12.65 -9.96
CA GLY D 91 -73.80 -13.36 -9.20
C GLY D 91 -75.15 -12.69 -9.12
N GLN D 92 -75.35 -11.58 -9.79
CA GLN D 92 -76.67 -10.96 -9.81
C GLN D 92 -77.61 -11.75 -10.72
N PRO D 93 -78.88 -11.88 -10.36
CA PRO D 93 -79.85 -12.52 -11.26
C PRO D 93 -80.20 -11.57 -12.41
N ILE D 94 -79.91 -12.00 -13.63
CA ILE D 94 -80.12 -11.17 -14.81
C ILE D 94 -81.00 -11.85 -15.85
N GLY D 95 -81.48 -13.05 -15.60
CA GLY D 95 -82.32 -13.72 -16.56
C GLY D 95 -82.96 -14.95 -15.99
N CYS D 96 -84.03 -15.40 -16.64
CA CYS D 96 -84.73 -16.59 -16.17
C CYS D 96 -85.27 -17.36 -17.36
N HIS D 97 -85.26 -18.68 -17.25
CA HIS D 97 -85.70 -19.52 -18.35
C HIS D 97 -86.40 -20.76 -17.84
N VAL D 98 -87.19 -21.37 -18.71
CA VAL D 98 -88.02 -22.52 -18.41
C VAL D 98 -87.82 -23.57 -19.49
N THR D 99 -87.67 -24.82 -19.09
CA THR D 99 -87.56 -25.95 -20.01
C THR D 99 -88.83 -26.80 -19.91
N LEU D 100 -89.48 -27.02 -21.04
CA LEU D 100 -90.73 -27.76 -21.12
C LEU D 100 -90.52 -28.99 -21.98
N ARG D 101 -90.95 -30.14 -21.45
CA ARG D 101 -90.85 -31.41 -22.15
C ARG D 101 -92.15 -32.19 -21.96
N GLY D 102 -92.39 -33.10 -22.89
CA GLY D 102 -93.53 -34.00 -22.75
C GLY D 102 -94.86 -33.28 -22.86
N ASP D 103 -95.77 -33.59 -21.94
CA ASP D 103 -97.11 -33.06 -22.02
C ASP D 103 -97.13 -31.55 -21.87
N ARG D 104 -96.35 -31.02 -20.93
CA ARG D 104 -96.27 -29.57 -20.76
C ARG D 104 -95.77 -28.91 -22.02
N MET D 105 -94.73 -29.50 -22.64
CA MET D 105 -94.25 -29.02 -23.93
C MET D 105 -95.37 -28.97 -24.96
N TRP D 106 -96.08 -30.08 -25.12
CA TRP D 106 -97.06 -30.17 -26.19
C TRP D 106 -98.19 -29.16 -25.97
N GLU D 107 -98.70 -29.09 -24.75
CA GLU D 107 -99.84 -28.20 -24.51
C GLU D 107 -99.43 -26.73 -24.49
N PHE D 108 -98.21 -26.41 -24.04
CA PHE D 108 -97.76 -25.03 -24.17
C PHE D 108 -97.59 -24.64 -25.62
N ALA D 109 -97.06 -25.54 -26.45
CA ALA D 109 -96.92 -25.23 -27.86
C ALA D 109 -98.30 -25.04 -28.50
N ASP D 110 -99.26 -25.91 -28.16
CA ASP D 110 -100.61 -25.77 -28.67
C ASP D 110 -101.20 -24.42 -28.27
N ARG D 111 -101.10 -24.09 -26.99
CA ARG D 111 -101.64 -22.82 -26.50
C ARG D 111 -101.00 -21.66 -27.25
N LEU D 112 -99.67 -21.66 -27.33
CA LEU D 112 -98.96 -20.56 -27.99
C LEU D 112 -99.45 -20.39 -29.42
N LEU D 113 -99.39 -21.47 -30.22
CA LEU D 113 -99.71 -21.36 -31.63
C LEU D 113 -101.17 -21.00 -31.85
N THR D 114 -102.07 -21.61 -31.09
CA THR D 114 -103.49 -21.39 -31.34
C THR D 114 -103.96 -20.03 -30.83
N LEU D 115 -103.33 -19.49 -29.78
CA LEU D 115 -103.87 -18.31 -29.11
C LEU D 115 -102.97 -17.09 -29.21
N ALA D 116 -101.70 -17.20 -28.83
CA ALA D 116 -100.94 -16.02 -28.44
C ALA D 116 -100.47 -15.21 -29.66
N LEU D 117 -99.60 -15.78 -30.48
CA LEU D 117 -99.05 -15.03 -31.61
C LEU D 117 -100.12 -14.62 -32.63
N PRO D 118 -101.28 -15.29 -32.70
CA PRO D 118 -102.38 -14.70 -33.48
C PRO D 118 -102.70 -13.27 -33.08
N ARG D 119 -102.63 -12.93 -31.80
CA ARG D 119 -102.98 -11.58 -31.35
C ARG D 119 -101.74 -10.72 -31.12
N ILE D 120 -100.71 -10.94 -31.95
CA ILE D 120 -99.63 -9.98 -32.09
C ILE D 120 -100.12 -8.79 -32.91
N ARG D 121 -99.75 -7.58 -32.48
CA ARG D 121 -100.08 -6.39 -33.24
C ARG D 121 -99.52 -6.48 -34.65
N ASP D 122 -100.37 -6.15 -35.62
CA ASP D 122 -100.05 -6.23 -37.06
C ASP D 122 -99.19 -7.45 -37.39
N PHE D 123 -99.63 -8.60 -36.87
CA PHE D 123 -98.88 -9.83 -37.02
C PHE D 123 -98.75 -10.22 -38.49
N ARG D 124 -97.53 -10.54 -38.91
CA ARG D 124 -97.25 -10.89 -40.29
C ARG D 124 -96.61 -12.27 -40.45
N GLY D 125 -96.51 -13.04 -39.38
CA GLY D 125 -95.88 -14.34 -39.43
C GLY D 125 -94.44 -14.29 -38.97
N LEU D 126 -93.83 -15.47 -38.93
CA LEU D 126 -92.46 -15.64 -38.46
C LEU D 126 -91.56 -16.04 -39.62
N ASN D 127 -90.35 -15.50 -39.63
CA ASN D 127 -89.39 -15.84 -40.67
C ASN D 127 -89.05 -17.33 -40.61
N SER D 128 -88.90 -17.93 -41.78
CA SER D 128 -88.48 -19.31 -41.88
C SER D 128 -86.98 -19.49 -41.79
N ASN D 129 -86.23 -18.40 -41.70
CA ASN D 129 -84.76 -18.43 -41.71
C ASN D 129 -84.19 -18.06 -40.34
N GLN D 130 -84.82 -18.55 -39.27
CA GLN D 130 -84.32 -18.34 -37.92
C GLN D 130 -83.95 -19.67 -37.27
N PHE D 131 -83.58 -20.65 -38.07
CA PHE D 131 -83.10 -21.93 -37.56
C PHE D 131 -81.62 -21.83 -37.24
N ASP D 132 -81.20 -22.55 -36.19
CA ASP D 132 -79.81 -22.54 -35.79
C ASP D 132 -78.90 -23.28 -36.77
N GLY D 133 -79.47 -23.99 -37.74
CA GLY D 133 -78.69 -24.80 -38.66
C GLY D 133 -78.63 -26.26 -38.32
N LYS D 134 -79.39 -26.72 -37.32
CA LYS D 134 -79.39 -28.11 -36.92
C LYS D 134 -80.80 -28.60 -36.63
N GLY D 135 -81.80 -28.02 -37.28
CA GLY D 135 -83.17 -28.44 -37.09
C GLY D 135 -83.89 -27.82 -35.91
N ASN D 136 -83.27 -26.86 -35.23
CA ASN D 136 -83.88 -26.19 -34.09
C ASN D 136 -84.18 -24.75 -34.47
N TYR D 137 -85.33 -24.24 -34.02
CA TYR D 137 -85.79 -22.93 -34.44
C TYR D 137 -86.04 -22.07 -33.23
N THR D 138 -85.36 -20.93 -33.15
CA THR D 138 -85.54 -20.00 -32.06
C THR D 138 -85.92 -18.63 -32.61
N PHE D 139 -86.88 -17.99 -31.93
CA PHE D 139 -87.38 -16.69 -32.32
C PHE D 139 -87.63 -15.88 -31.06
N GLY D 140 -88.04 -14.64 -31.23
CA GLY D 140 -88.23 -13.74 -30.11
C GLY D 140 -89.53 -12.97 -30.18
N LEU D 141 -90.15 -12.80 -29.03
CA LEU D 141 -91.33 -11.96 -28.87
C LEU D 141 -90.91 -10.67 -28.18
N SER D 142 -91.25 -9.54 -28.77
CA SER D 142 -90.87 -8.25 -28.24
C SER D 142 -91.76 -7.80 -27.09
N GLU D 143 -92.91 -8.43 -26.89
CA GLU D 143 -93.83 -7.96 -25.87
C GLU D 143 -94.51 -9.18 -25.25
N GLN D 144 -94.94 -9.05 -24.00
CA GLN D 144 -95.32 -10.21 -23.20
C GLN D 144 -96.80 -10.35 -22.92
N VAL D 145 -97.54 -9.27 -22.64
CA VAL D 145 -98.92 -9.43 -22.17
C VAL D 145 -99.80 -10.03 -23.25
N MET D 146 -99.31 -10.07 -24.49
CA MET D 146 -99.99 -10.77 -25.56
C MET D 146 -100.31 -12.22 -25.19
N PHE D 147 -99.60 -12.78 -24.22
CA PHE D 147 -99.99 -14.07 -23.66
C PHE D 147 -101.21 -13.86 -22.76
N LEU D 148 -102.40 -14.10 -23.30
CA LEU D 148 -103.62 -13.76 -22.58
C LEU D 148 -103.86 -14.64 -21.36
N GLU D 149 -103.00 -15.63 -21.12
CA GLU D 149 -103.06 -16.40 -19.89
C GLU D 149 -102.65 -15.58 -18.67
N ILE D 150 -102.12 -14.39 -18.87
CA ILE D 150 -101.76 -13.50 -17.78
C ILE D 150 -102.79 -12.37 -17.72
N ASP D 151 -102.70 -11.57 -16.66
CA ASP D 151 -103.60 -10.44 -16.46
C ASP D 151 -103.21 -9.30 -17.40
N GLN D 152 -103.84 -8.15 -17.24
CA GLN D 152 -103.55 -7.03 -18.12
C GLN D 152 -103.19 -5.76 -17.40
N ASP D 153 -103.82 -5.47 -16.25
CA ASP D 153 -103.70 -4.18 -15.58
C ASP D 153 -102.90 -4.26 -14.28
N LYS D 154 -101.95 -5.19 -14.20
CA LYS D 154 -101.09 -5.27 -13.02
C LYS D 154 -99.64 -5.54 -13.37
N ILE D 155 -99.32 -5.73 -14.65
CA ILE D 155 -97.94 -6.00 -15.05
C ILE D 155 -97.07 -4.80 -14.72
N ASP D 156 -95.92 -5.06 -14.10
CA ASP D 156 -95.05 -3.97 -13.68
C ASP D 156 -94.53 -3.18 -14.88
N ARG D 157 -93.95 -3.85 -15.86
CA ARG D 157 -93.52 -3.22 -17.10
C ARG D 157 -93.58 -4.24 -18.22
N ILE D 158 -93.60 -3.73 -19.45
CA ILE D 158 -93.54 -4.58 -20.62
C ILE D 158 -92.18 -5.24 -20.71
N ARG D 159 -92.17 -6.56 -20.99
CA ARG D 159 -90.93 -7.29 -21.20
C ARG D 159 -91.10 -8.19 -22.41
N GLY D 160 -89.98 -8.69 -22.91
CA GLY D 160 -89.99 -9.62 -24.02
C GLY D 160 -89.42 -10.97 -23.64
N MET D 161 -89.29 -11.87 -24.60
CA MET D 161 -88.77 -13.20 -24.32
C MET D 161 -88.29 -13.86 -25.60
N ASP D 162 -87.61 -14.98 -25.43
CA ASP D 162 -87.12 -15.81 -26.53
C ASP D 162 -87.74 -17.19 -26.40
N ILE D 163 -88.25 -17.71 -27.52
CA ILE D 163 -88.85 -19.03 -27.57
C ILE D 163 -87.98 -19.89 -28.47
N THR D 164 -87.55 -21.04 -27.97
CA THR D 164 -86.69 -21.94 -28.72
C THR D 164 -87.35 -23.32 -28.78
N PHE D 165 -87.55 -23.83 -29.99
CA PHE D 165 -88.01 -25.19 -30.20
C PHE D 165 -86.80 -26.02 -30.59
N VAL D 166 -86.44 -26.98 -29.74
CA VAL D 166 -85.36 -27.91 -30.02
C VAL D 166 -86.00 -29.23 -30.43
N THR D 167 -85.76 -29.64 -31.66
CA THR D 167 -86.32 -30.85 -32.23
C THR D 167 -85.22 -31.84 -32.55
N THR D 168 -85.59 -33.12 -32.56
CA THR D 168 -84.63 -34.16 -32.91
C THR D 168 -84.51 -34.27 -34.42
N ALA D 169 -84.28 -33.15 -35.08
CA ALA D 169 -84.15 -33.08 -36.53
C ALA D 169 -82.68 -32.89 -36.88
N GLN D 170 -82.17 -33.74 -37.77
CA GLN D 170 -80.77 -33.63 -38.15
C GLN D 170 -80.51 -32.36 -38.94
N THR D 171 -81.39 -32.02 -39.88
CA THR D 171 -81.11 -30.99 -40.85
C THR D 171 -82.17 -29.90 -40.82
N ASN D 172 -81.75 -28.72 -41.30
CA ASN D 172 -82.60 -27.53 -41.26
C ASN D 172 -83.86 -27.71 -42.09
N GLU D 173 -83.75 -28.33 -43.26
CA GLU D 173 -84.93 -28.47 -44.12
C GLU D 173 -85.98 -29.36 -43.47
N GLU D 174 -85.57 -30.46 -42.84
CA GLU D 174 -86.55 -31.32 -42.20
C GLU D 174 -87.07 -30.71 -40.92
N GLY D 175 -86.25 -29.92 -40.22
CA GLY D 175 -86.78 -29.15 -39.10
C GLY D 175 -87.85 -28.17 -39.53
N LYS D 176 -87.61 -27.47 -40.64
CA LYS D 176 -88.61 -26.55 -41.18
C LYS D 176 -89.88 -27.30 -41.56
N ALA D 177 -89.73 -28.47 -42.19
CA ALA D 177 -90.90 -29.27 -42.54
C ALA D 177 -91.68 -29.68 -41.29
N LEU D 178 -90.97 -30.11 -40.24
CA LEU D 178 -91.65 -30.52 -39.02
C LEU D 178 -92.42 -29.36 -38.39
N LEU D 179 -91.78 -28.18 -38.32
CA LEU D 179 -92.43 -27.06 -37.64
C LEU D 179 -93.54 -26.48 -38.49
N LYS D 180 -93.45 -26.66 -39.82
CA LYS D 180 -94.57 -26.23 -40.68
C LYS D 180 -95.73 -27.17 -40.40
N HIS D 181 -95.47 -28.46 -40.49
CA HIS D 181 -96.54 -29.43 -40.29
C HIS D 181 -97.21 -29.25 -38.93
N LEU D 182 -96.42 -28.97 -37.89
CA LEU D 182 -97.00 -28.59 -36.61
C LEU D 182 -97.78 -27.29 -36.73
N GLY D 183 -97.34 -26.40 -37.62
CA GLY D 183 -98.07 -25.18 -37.91
C GLY D 183 -97.49 -23.95 -37.28
N PHE D 184 -96.70 -23.22 -38.08
CA PHE D 184 -96.07 -21.99 -37.61
C PHE D 184 -96.25 -20.94 -38.70
N PRO D 185 -96.71 -19.72 -38.39
CA PRO D 185 -96.82 -18.68 -39.40
C PRO D 185 -95.41 -18.41 -39.98
N PHE D 186 -95.26 -18.57 -41.29
CA PHE D 186 -93.93 -18.38 -41.92
C PHE D 186 -93.98 -18.77 -43.39
N LYS D 187 -92.88 -19.33 -43.93
CA LYS D 187 -92.86 -19.88 -45.32
C LYS D 187 -93.31 -18.88 -46.37
N ALA D 188 -93.83 -17.73 -45.94
CA ALA D 188 -94.43 -16.75 -46.88
C ALA D 188 -93.38 -16.54 -47.97
N LYS D 189 -92.45 -15.61 -47.73
CA LYS D 189 -91.34 -15.37 -48.69
C LYS D 189 -90.42 -14.31 -48.11
N ASP D 190 -90.46 -13.13 -48.74
CA ASP D 190 -89.64 -11.98 -48.28
C ASP D 190 -90.04 -11.70 -46.84
N ASP D 191 -90.87 -10.69 -46.55
CA ASP D 191 -91.17 -10.36 -45.12
C ASP D 191 -90.21 -11.18 -44.23
N PRO D 192 -90.47 -12.46 -43.89
CA PRO D 192 -89.50 -13.29 -43.14
C PRO D 192 -88.04 -13.15 -43.61
N LYS D 193 -87.56 -14.15 -44.36
CA LYS D 193 -86.20 -14.07 -44.94
C LYS D 193 -85.85 -12.62 -45.29
N LYS D 194 -86.80 -11.77 -45.66
CA LYS D 194 -86.42 -10.40 -46.10
C LYS D 194 -85.76 -9.67 -44.93
N ALA D 195 -86.61 -9.21 -44.02
CA ALA D 195 -86.07 -8.57 -42.81
C ALA D 195 -84.86 -9.38 -42.36
N LYS D 196 -84.93 -10.72 -42.49
CA LYS D 196 -83.80 -11.55 -42.00
C LYS D 196 -82.53 -11.02 -42.64
N THR D 197 -82.24 -11.47 -43.87
CA THR D 197 -81.06 -10.95 -44.60
C THR D 197 -80.79 -9.53 -44.12
N LYS D 198 -81.76 -8.63 -44.24
CA LYS D 198 -81.49 -7.21 -43.89
C LYS D 198 -80.74 -7.09 -42.55
N ARG D 199 -81.50 -7.12 -41.44
CA ARG D 199 -80.87 -6.90 -40.11
C ARG D 199 -79.59 -7.74 -40.04
N GLY D 200 -79.64 -9.00 -40.46
CA GLY D 200 -78.43 -9.84 -40.51
C GLY D 200 -77.27 -9.03 -41.04
N PRO D 201 -77.00 -9.00 -42.37
CA PRO D 201 -75.96 -8.13 -42.91
C PRO D 201 -75.74 -6.91 -42.03
N ALA D 202 -76.76 -6.06 -41.88
CA ALA D 202 -76.59 -4.81 -41.10
C ALA D 202 -75.67 -5.03 -39.89
N TYR D 203 -76.20 -5.63 -38.81
CA TYR D 203 -75.36 -5.74 -37.58
C TYR D 203 -74.11 -6.60 -37.85
N TYR D 204 -74.30 -7.77 -38.47
CA TYR D 204 -73.23 -8.78 -38.68
C TYR D 204 -71.79 -8.24 -38.76
N ALA D 205 -71.56 -6.97 -39.11
CA ALA D 205 -70.17 -6.47 -39.11
C ALA D 205 -69.64 -6.43 -37.66
N LYS D 206 -68.35 -6.17 -37.48
CA LYS D 206 -67.79 -6.03 -36.10
C LYS D 206 -66.44 -5.33 -36.16
N LYS D 207 -66.20 -4.37 -35.26
CA LYS D 207 -64.88 -3.68 -35.21
C LYS D 207 -64.63 -3.20 -33.77
N LYS D 208 -64.66 -4.13 -32.80
CA LYS D 208 -64.32 -3.76 -31.40
C LYS D 208 -62.86 -3.26 -31.41
N LYS D 209 -62.23 -3.27 -32.58
CA LYS D 209 -60.82 -2.79 -32.70
C LYS D 209 -60.71 -1.94 -33.97
N SER E 2 10.56 -19.35 -70.36
CA SER E 2 11.16 -18.28 -71.16
C SER E 2 10.94 -18.53 -72.66
N ARG E 3 9.80 -18.08 -73.16
CA ARG E 3 9.53 -18.21 -74.59
C ARG E 3 10.52 -17.39 -75.41
N ILE E 4 10.89 -16.21 -74.92
CA ILE E 4 11.94 -15.43 -75.56
C ILE E 4 13.26 -16.20 -75.51
N GLY E 5 13.59 -16.75 -74.34
CA GLY E 5 14.89 -17.39 -74.17
C GLY E 5 15.07 -18.62 -75.04
N ARG E 6 14.01 -19.42 -75.19
CA ARG E 6 14.14 -20.66 -75.96
C ARG E 6 14.37 -20.40 -77.45
N LEU E 7 14.12 -19.19 -77.93
CA LEU E 7 14.47 -18.87 -79.31
C LEU E 7 15.97 -18.65 -79.44
N PRO E 8 16.57 -19.05 -80.57
CA PRO E 8 18.02 -18.93 -80.72
C PRO E 8 18.42 -17.51 -81.10
N ILE E 9 19.73 -17.29 -81.07
CA ILE E 9 20.33 -16.02 -81.45
C ILE E 9 21.23 -16.27 -82.65
N ALA E 10 20.99 -15.58 -83.75
CA ALA E 10 21.72 -15.78 -85.00
C ALA E 10 22.91 -14.83 -85.04
N VAL E 11 24.11 -15.39 -85.02
CA VAL E 11 25.33 -14.57 -85.13
C VAL E 11 25.47 -14.08 -86.57
N PRO E 12 25.63 -12.77 -86.80
CA PRO E 12 25.78 -12.27 -88.16
C PRO E 12 27.22 -12.30 -88.63
N SER E 13 27.44 -11.89 -89.88
CA SER E 13 28.77 -11.93 -90.47
C SER E 13 29.69 -10.90 -89.81
N GLY E 14 30.95 -11.28 -89.64
CA GLY E 14 31.94 -10.39 -89.07
C GLY E 14 31.86 -10.18 -87.58
N VAL E 15 31.02 -10.94 -86.89
CA VAL E 15 30.81 -10.79 -85.45
C VAL E 15 31.48 -11.96 -84.75
N GLU E 16 32.42 -11.66 -83.86
CA GLU E 16 33.18 -12.69 -83.15
C GLU E 16 32.56 -12.88 -81.76
N VAL E 17 32.10 -14.09 -81.49
CA VAL E 17 31.42 -14.41 -80.24
C VAL E 17 32.28 -15.43 -79.50
N LYS E 18 32.95 -14.98 -78.44
CA LYS E 18 33.82 -15.85 -77.64
C LYS E 18 33.10 -16.20 -76.34
N LEU E 19 32.78 -17.48 -76.17
CA LEU E 19 32.09 -17.99 -74.98
C LEU E 19 33.14 -18.63 -74.09
N ASP E 20 33.81 -17.79 -73.29
CA ASP E 20 34.86 -18.26 -72.38
C ASP E 20 34.22 -18.67 -71.06
N GLY E 21 33.40 -19.70 -71.13
CA GLY E 21 32.69 -20.19 -69.96
C GLY E 21 31.59 -19.24 -69.52
N GLN E 22 31.72 -18.69 -68.31
CA GLN E 22 30.74 -17.75 -67.78
C GLN E 22 30.89 -16.35 -68.34
N TYR E 23 32.05 -16.02 -68.89
CA TYR E 23 32.36 -14.68 -69.38
C TYR E 23 32.44 -14.70 -70.90
N VAL E 24 31.83 -13.71 -71.55
CA VAL E 24 31.59 -13.73 -72.97
C VAL E 24 32.06 -12.42 -73.58
N GLU E 25 32.80 -12.51 -74.69
CA GLU E 25 33.25 -11.36 -75.46
C GLU E 25 32.51 -11.31 -76.78
N VAL E 26 32.19 -10.10 -77.24
CA VAL E 26 31.52 -9.89 -78.52
C VAL E 26 32.28 -8.79 -79.25
N LYS E 27 32.97 -9.17 -80.33
CA LYS E 27 33.66 -8.25 -81.23
C LYS E 27 32.81 -8.03 -82.47
N GLY E 28 32.94 -6.83 -83.02
CA GLY E 28 32.22 -6.47 -84.22
C GLY E 28 32.82 -5.26 -84.90
N PRO E 29 32.24 -4.85 -86.03
CA PRO E 29 32.76 -3.67 -86.74
C PRO E 29 32.71 -2.40 -85.89
N LYS E 30 31.69 -2.26 -85.04
CA LYS E 30 31.48 -1.02 -84.31
C LYS E 30 32.26 -0.94 -83.01
N GLY E 31 32.64 -2.07 -82.44
CA GLY E 31 33.40 -2.03 -81.19
C GLY E 31 33.41 -3.38 -80.51
N THR E 32 33.54 -3.33 -79.18
CA THR E 32 33.66 -4.54 -78.36
C THR E 32 32.76 -4.43 -77.14
N LEU E 33 32.08 -5.52 -76.81
CA LEU E 33 31.26 -5.61 -75.62
C LEU E 33 31.59 -6.89 -74.86
N ASN E 34 31.32 -6.87 -73.56
CA ASN E 34 31.63 -8.00 -72.69
C ASN E 34 30.48 -8.20 -71.71
N PHE E 35 30.27 -9.45 -71.31
CA PHE E 35 29.18 -9.73 -70.38
C PHE E 35 29.38 -11.07 -69.69
N THR E 36 28.96 -11.15 -68.43
CA THR E 36 28.96 -12.38 -67.67
C THR E 36 27.53 -12.82 -67.43
N VAL E 37 27.21 -14.04 -67.84
CA VAL E 37 25.90 -14.63 -67.59
C VAL E 37 25.83 -15.08 -66.13
N ARG E 38 24.64 -14.99 -65.53
CA ARG E 38 24.45 -15.49 -64.19
C ARG E 38 24.65 -17.00 -64.16
N GLU E 39 25.08 -17.52 -63.00
CA GLU E 39 25.62 -18.87 -62.94
C GLU E 39 24.66 -19.97 -63.39
N PRO E 40 23.37 -20.01 -62.99
CA PRO E 40 22.57 -21.18 -63.39
C PRO E 40 21.98 -21.03 -64.78
N ILE E 41 22.80 -20.52 -65.70
CA ILE E 41 22.43 -20.35 -67.10
C ILE E 41 23.68 -20.55 -67.92
N THR E 42 23.58 -21.35 -68.98
CA THR E 42 24.73 -21.66 -69.82
C THR E 42 24.43 -21.31 -71.27
N VAL E 43 25.50 -21.10 -72.04
CA VAL E 43 25.40 -20.63 -73.41
C VAL E 43 26.21 -21.56 -74.32
N SER E 44 25.62 -21.92 -75.45
CA SER E 44 26.23 -22.81 -76.44
C SER E 44 26.18 -22.16 -77.81
N LYS E 45 26.95 -22.71 -78.74
CA LYS E 45 27.11 -22.13 -80.07
C LYS E 45 26.12 -22.67 -81.10
N ASN E 46 25.62 -23.90 -80.91
CA ASN E 46 24.63 -24.49 -81.82
C ASN E 46 25.16 -24.53 -83.26
N ASP E 47 26.21 -25.32 -83.44
CA ASP E 47 26.91 -25.53 -84.70
C ASP E 47 27.72 -24.31 -85.12
N GLU E 48 28.11 -23.47 -84.15
CA GLU E 48 29.00 -22.32 -84.31
C GLU E 48 28.39 -21.19 -85.13
N GLY E 49 27.19 -21.37 -85.68
CA GLY E 49 26.55 -20.34 -86.46
C GLY E 49 25.45 -19.57 -85.74
N ALA E 50 25.22 -19.86 -84.47
CA ALA E 50 24.15 -19.22 -83.72
C ALA E 50 24.55 -19.15 -82.25
N ILE E 51 23.58 -18.83 -81.40
CA ILE E 51 23.76 -18.82 -79.95
C ILE E 51 22.51 -19.41 -79.32
N LEU E 52 22.70 -20.28 -78.32
CA LEU E 52 21.61 -20.80 -77.52
C LEU E 52 21.91 -20.57 -76.05
N VAL E 53 20.85 -20.31 -75.29
CA VAL E 53 20.93 -20.19 -73.83
C VAL E 53 20.02 -21.25 -73.22
N GLU E 54 20.51 -21.92 -72.18
CA GLU E 54 19.71 -23.04 -71.62
C GLU E 54 19.48 -22.86 -70.13
N ARG E 55 18.22 -22.97 -69.70
CA ARG E 55 17.92 -22.91 -68.24
C ARG E 55 18.02 -24.33 -67.71
N PRO E 56 18.77 -24.60 -66.63
CA PRO E 56 18.98 -25.97 -66.16
C PRO E 56 17.72 -26.53 -65.47
N ASP E 57 16.78 -25.65 -65.14
CA ASP E 57 15.55 -26.09 -64.44
C ASP E 57 14.40 -25.19 -64.89
N ASP E 58 13.15 -25.61 -64.70
CA ASP E 58 12.02 -24.82 -65.20
C ASP E 58 11.44 -24.00 -64.05
N GLU E 59 12.29 -23.57 -63.12
CA GLU E 59 11.83 -22.74 -61.98
C GLU E 59 11.56 -21.31 -62.47
N ARG E 60 11.53 -20.35 -61.55
CA ARG E 60 11.29 -18.93 -61.91
C ARG E 60 12.63 -18.25 -62.23
N GLU E 61 13.63 -18.35 -61.36
CA GLU E 61 14.87 -17.65 -61.62
C GLU E 61 15.57 -18.20 -62.85
N ASN E 62 15.47 -19.52 -63.08
CA ASN E 62 16.01 -20.09 -64.30
C ASN E 62 15.38 -19.46 -65.53
N ARG E 63 14.05 -19.43 -65.58
CA ARG E 63 13.38 -18.87 -66.76
C ARG E 63 13.63 -17.37 -66.90
N SER E 64 13.62 -16.64 -65.77
CA SER E 64 13.81 -15.21 -65.81
C SER E 64 15.20 -14.85 -66.32
N LEU E 65 16.24 -15.47 -65.75
CA LEU E 65 17.58 -15.22 -66.22
C LEU E 65 17.77 -15.75 -67.64
N HIS E 66 17.05 -16.80 -68.01
CA HIS E 66 17.09 -17.30 -69.39
C HIS E 66 16.65 -16.21 -70.36
N GLY E 67 15.46 -15.65 -70.14
CA GLY E 67 14.96 -14.61 -71.02
C GLY E 67 15.83 -13.37 -70.99
N LEU E 68 16.26 -12.98 -69.79
CA LEU E 68 17.10 -11.79 -69.64
C LEU E 68 18.40 -11.94 -70.43
N THR E 69 19.09 -13.06 -70.24
CA THR E 69 20.37 -13.26 -70.91
C THR E 69 20.19 -13.39 -72.42
N ARG E 70 19.14 -14.08 -72.86
CA ARG E 70 18.88 -14.16 -74.29
C ARG E 70 18.69 -12.77 -74.89
N THR E 71 17.82 -11.97 -74.28
CA THR E 71 17.57 -10.64 -74.81
C THR E 71 18.82 -9.78 -74.77
N LEU E 72 19.61 -9.89 -73.70
CA LEU E 72 20.76 -9.00 -73.55
C LEU E 72 21.90 -9.38 -74.50
N ILE E 73 22.12 -10.68 -74.70
CA ILE E 73 23.11 -11.11 -75.70
C ILE E 73 22.66 -10.72 -77.10
N ASN E 74 21.37 -10.91 -77.41
CA ASN E 74 20.87 -10.46 -78.71
C ASN E 74 21.04 -8.96 -78.87
N ASN E 75 20.85 -8.21 -77.79
CA ASN E 75 21.05 -6.77 -77.84
C ASN E 75 22.50 -6.43 -78.14
N MET E 76 23.45 -7.10 -77.48
CA MET E 76 24.85 -6.75 -77.75
C MET E 76 25.25 -7.10 -79.17
N VAL E 77 24.77 -8.24 -79.69
CA VAL E 77 25.18 -8.62 -81.04
C VAL E 77 24.52 -7.69 -82.07
N ILE E 78 23.25 -7.35 -81.88
CA ILE E 78 22.62 -6.44 -82.82
C ILE E 78 23.23 -5.05 -82.70
N GLY E 79 23.75 -4.68 -81.53
CA GLY E 79 24.43 -3.41 -81.41
C GLY E 79 25.77 -3.40 -82.12
N VAL E 80 26.56 -4.46 -81.94
CA VAL E 80 27.87 -4.50 -82.60
C VAL E 80 27.74 -4.68 -84.11
N THR E 81 26.59 -5.18 -84.59
CA THR E 81 26.42 -5.28 -86.03
C THR E 81 25.70 -4.08 -86.64
N GLU E 82 24.91 -3.34 -85.86
CA GLU E 82 24.18 -2.20 -86.40
C GLU E 82 24.23 -0.95 -85.54
N GLY E 83 24.45 -1.05 -84.23
CA GLY E 83 24.47 0.11 -83.37
C GLY E 83 23.11 0.41 -82.76
N TYR E 84 23.06 1.53 -82.04
CA TYR E 84 21.84 2.00 -81.40
C TYR E 84 21.71 3.49 -81.61
N GLU E 85 20.51 3.91 -82.00
CA GLU E 85 20.22 5.28 -82.41
C GLU E 85 19.00 5.77 -81.64
N LYS E 86 19.04 7.02 -81.17
CA LYS E 86 17.92 7.61 -80.47
C LYS E 86 17.77 9.07 -80.86
N LYS E 87 16.56 9.45 -81.25
CA LYS E 87 16.28 10.79 -81.76
C LYS E 87 15.55 11.62 -80.69
N LEU E 88 16.10 12.79 -80.38
CA LEU E 88 15.54 13.68 -79.38
C LEU E 88 15.25 15.03 -80.02
N GLU E 89 14.03 15.53 -79.83
CA GLU E 89 13.59 16.78 -80.41
C GLU E 89 13.12 17.73 -79.32
N ILE E 90 13.45 19.01 -79.48
CA ILE E 90 13.19 20.06 -78.50
C ILE E 90 12.13 21.00 -79.05
N GLN E 91 11.17 21.35 -78.21
CA GLN E 91 10.10 22.26 -78.57
C GLN E 91 10.04 23.40 -77.56
N GLY E 92 9.48 24.52 -77.99
CA GLY E 92 9.44 25.71 -77.17
C GLY E 92 10.39 26.79 -77.65
N VAL E 93 9.91 28.02 -77.73
CA VAL E 93 10.74 29.11 -78.25
C VAL E 93 11.92 29.36 -77.33
N GLY E 94 13.04 29.78 -77.91
CA GLY E 94 14.24 30.08 -77.16
C GLY E 94 15.10 28.89 -76.80
N TYR E 95 14.68 27.68 -77.16
CA TYR E 95 15.42 26.47 -76.83
C TYR E 95 16.27 26.05 -78.03
N ARG E 96 17.56 25.83 -77.79
CA ARG E 96 18.45 25.44 -78.87
C ARG E 96 19.49 24.46 -78.38
N VAL E 97 20.02 23.68 -79.32
CA VAL E 97 21.08 22.72 -79.07
C VAL E 97 22.15 22.87 -80.15
N LEU E 98 23.41 22.83 -79.75
CA LEU E 98 24.51 22.88 -80.70
C LEU E 98 25.62 21.95 -80.24
N SER E 99 26.52 21.60 -81.16
CA SER E 99 27.52 20.58 -80.94
C SER E 99 28.93 21.15 -80.98
N LYS E 100 29.71 20.87 -79.95
CA LYS E 100 31.14 21.17 -79.93
C LYS E 100 31.97 19.95 -80.27
N GLY E 101 31.44 19.07 -81.11
CA GLY E 101 32.07 17.81 -81.42
C GLY E 101 31.08 16.66 -81.34
N PRO E 102 31.54 15.46 -81.71
CA PRO E 102 30.63 14.30 -81.66
C PRO E 102 30.19 13.93 -80.25
N LYS E 103 30.91 14.37 -79.23
CA LYS E 103 30.65 13.92 -77.85
C LYS E 103 30.46 15.11 -76.90
N GLN E 104 30.10 16.27 -77.43
CA GLN E 104 29.95 17.48 -76.63
C GLN E 104 28.75 18.26 -77.11
N LEU E 105 27.76 18.45 -76.24
CA LEU E 105 26.55 19.18 -76.58
C LEU E 105 26.40 20.40 -75.69
N GLU E 106 25.79 21.45 -76.24
CA GLU E 106 25.49 22.68 -75.52
C GLU E 106 24.01 22.96 -75.67
N PHE E 107 23.32 23.12 -74.54
CA PHE E 107 21.88 23.33 -74.53
C PHE E 107 21.56 24.69 -73.95
N ASN E 108 20.71 25.45 -74.65
CA ASN E 108 20.07 26.64 -74.12
C ASN E 108 18.60 26.28 -73.97
N LEU E 109 18.27 25.70 -72.82
CA LEU E 109 16.89 25.33 -72.47
C LEU E 109 16.28 26.35 -71.52
N GLY E 110 16.26 27.62 -71.91
CA GLY E 110 15.63 28.65 -71.11
C GLY E 110 16.23 28.88 -69.74
N PHE E 111 17.44 28.36 -69.53
CA PHE E 111 18.12 28.53 -68.25
C PHE E 111 18.77 29.90 -68.18
N SER E 112 19.35 30.20 -67.02
CA SER E 112 20.13 31.43 -66.89
C SER E 112 21.33 31.41 -67.83
N HIS E 113 22.01 30.28 -67.91
CA HIS E 113 23.23 30.12 -68.70
C HIS E 113 23.16 28.83 -69.49
N PRO E 114 23.90 28.74 -70.59
CA PRO E 114 23.97 27.47 -71.34
C PRO E 114 24.52 26.34 -70.48
N VAL E 115 24.05 25.13 -70.73
CA VAL E 115 24.46 23.94 -70.00
C VAL E 115 25.26 23.04 -70.93
N ILE E 116 26.31 22.42 -70.40
CA ILE E 116 27.24 21.61 -71.16
C ILE E 116 26.99 20.13 -70.84
N VAL E 117 26.99 19.30 -71.88
CA VAL E 117 26.78 17.87 -71.75
C VAL E 117 27.97 17.15 -72.37
N ASP E 118 28.63 16.31 -71.57
CA ASP E 118 29.74 15.48 -72.03
C ASP E 118 29.22 14.09 -72.36
N ALA E 119 29.89 13.43 -73.32
CA ALA E 119 29.45 12.08 -73.61
C ALA E 119 30.45 11.04 -73.10
N PRO E 120 29.97 9.85 -72.75
CA PRO E 120 30.90 8.75 -72.48
C PRO E 120 31.63 8.32 -73.74
N GLU E 121 32.59 7.43 -73.55
CA GLU E 121 33.46 7.03 -74.66
C GLU E 121 32.67 6.35 -75.78
N GLY E 122 31.72 5.50 -75.42
CA GLY E 122 30.93 4.79 -76.41
C GLY E 122 29.74 5.54 -76.95
N ILE E 123 29.54 6.79 -76.52
CA ILE E 123 28.39 7.59 -76.92
C ILE E 123 28.87 8.72 -77.83
N THR E 124 28.23 8.86 -78.98
CA THR E 124 28.53 9.98 -79.87
C THR E 124 27.23 10.66 -80.29
N PHE E 125 27.21 11.98 -80.18
CA PHE E 125 26.05 12.77 -80.56
C PHE E 125 26.08 13.09 -82.05
N ALA E 126 24.93 13.50 -82.57
CA ALA E 126 24.82 13.91 -83.96
C ALA E 126 23.62 14.85 -84.06
N VAL E 127 23.89 16.13 -84.25
CA VAL E 127 22.84 17.14 -84.36
C VAL E 127 22.73 17.58 -85.81
N GLU E 128 21.49 17.68 -86.29
CA GLU E 128 21.22 18.11 -87.65
C GLU E 128 20.38 19.38 -87.72
N ASN E 129 19.59 19.66 -86.69
CA ASN E 129 18.72 20.82 -86.63
C ASN E 129 18.91 21.49 -85.28
N PRO E 130 18.71 22.81 -85.19
CA PRO E 130 18.74 23.46 -83.88
C PRO E 130 17.68 22.94 -82.92
N THR E 131 16.65 22.27 -83.42
CA THR E 131 15.60 21.73 -82.57
C THR E 131 15.50 20.21 -82.64
N LYS E 132 16.40 19.54 -83.35
CA LYS E 132 16.42 18.08 -83.40
C LYS E 132 17.85 17.58 -83.37
N PHE E 133 18.10 16.52 -82.63
CA PHE E 133 19.42 15.92 -82.54
C PHE E 133 19.25 14.45 -82.21
N SER E 134 20.37 13.75 -82.09
CA SER E 134 20.30 12.32 -81.85
C SER E 134 21.57 11.85 -81.17
N VAL E 135 21.49 10.66 -80.59
CA VAL E 135 22.62 10.03 -79.90
C VAL E 135 22.76 8.61 -80.45
N GLN E 136 24.01 8.18 -80.65
CA GLN E 136 24.25 6.84 -81.14
C GLN E 136 25.36 6.20 -80.33
N GLY E 137 25.33 4.87 -80.31
CA GLY E 137 26.32 4.11 -79.56
C GLY E 137 26.24 2.65 -79.90
N ILE E 138 26.95 1.85 -79.11
CA ILE E 138 26.95 0.40 -79.29
C ILE E 138 26.32 -0.34 -78.11
N ASP E 139 26.00 0.34 -77.03
CA ASP E 139 25.35 -0.26 -75.87
C ASP E 139 23.96 0.35 -75.72
N LYS E 140 22.94 -0.51 -75.81
CA LYS E 140 21.56 -0.03 -75.73
C LYS E 140 21.28 0.63 -74.39
N GLN E 141 21.76 0.03 -73.29
CA GLN E 141 21.51 0.59 -71.96
C GLN E 141 22.15 1.97 -71.81
N VAL E 142 23.40 2.11 -72.27
CA VAL E 142 24.08 3.39 -72.13
C VAL E 142 23.41 4.45 -73.00
N VAL E 143 23.03 4.08 -74.23
CA VAL E 143 22.34 5.04 -75.09
C VAL E 143 21.02 5.48 -74.46
N GLY E 144 20.27 4.52 -73.92
CA GLY E 144 19.00 4.85 -73.31
C GLY E 144 19.14 5.74 -72.08
N GLU E 145 20.13 5.46 -71.24
CA GLU E 145 20.31 6.29 -70.05
C GLU E 145 20.83 7.67 -70.41
N THR E 146 21.66 7.79 -71.44
CA THR E 146 22.10 9.10 -71.89
C THR E 146 20.94 9.92 -72.42
N ALA E 147 20.07 9.30 -73.21
CA ALA E 147 18.87 9.98 -73.69
C ALA E 147 17.97 10.38 -72.52
N ALA E 148 17.86 9.50 -71.52
CA ALA E 148 17.05 9.80 -70.35
C ALA E 148 17.59 11.00 -69.59
N ASN E 149 18.92 11.09 -69.44
CA ASN E 149 19.51 12.25 -68.77
C ASN E 149 19.29 13.52 -69.58
N ILE E 150 19.44 13.45 -70.90
CA ILE E 150 19.22 14.62 -71.73
C ILE E 150 17.77 15.09 -71.59
N ARG E 151 16.83 14.16 -71.53
CA ARG E 151 15.43 14.53 -71.31
C ARG E 151 15.23 15.10 -69.90
N LYS E 152 15.87 14.50 -68.91
CA LYS E 152 15.76 14.96 -67.53
C LYS E 152 16.27 16.38 -67.37
N ILE E 153 17.16 16.81 -68.28
CA ILE E 153 17.62 18.20 -68.24
C ILE E 153 16.43 19.15 -68.29
N ARG E 154 15.47 18.85 -69.17
CA ARG E 154 14.23 19.67 -69.25
C ARG E 154 13.11 18.79 -69.81
N LYS E 155 12.44 18.04 -68.94
CA LYS E 155 11.39 17.09 -69.41
C LYS E 155 10.25 17.89 -70.03
N PRO E 156 9.56 17.37 -71.06
CA PRO E 156 8.40 18.05 -71.64
C PRO E 156 7.40 18.50 -70.58
N GLU E 157 6.61 19.52 -70.88
CA GLU E 157 5.59 20.02 -69.91
C GLU E 157 4.19 19.66 -70.39
N PRO E 158 3.15 19.75 -69.53
CA PRO E 158 1.78 19.44 -69.92
C PRO E 158 1.02 20.72 -70.25
N TYR E 159 1.73 21.75 -70.69
CA TYR E 159 1.09 23.06 -70.98
C TYR E 159 1.45 23.48 -72.40
N LYS E 160 2.75 23.47 -72.72
CA LYS E 160 3.21 23.90 -74.08
C LYS E 160 4.29 22.93 -74.58
N GLY E 161 4.37 21.73 -73.99
CA GLY E 161 5.32 20.70 -74.46
C GLY E 161 6.79 21.10 -74.33
N LYS E 162 7.08 22.37 -74.06
CA LYS E 162 8.51 22.80 -74.04
C LYS E 162 9.36 21.77 -73.28
N GLY E 163 10.49 21.36 -73.85
CA GLY E 163 11.40 20.40 -73.17
C GLY E 163 11.98 19.38 -74.14
N VAL E 164 13.06 18.69 -73.74
CA VAL E 164 13.61 17.66 -74.61
C VAL E 164 12.70 16.44 -74.53
N ARG E 165 12.20 16.00 -75.67
CA ARG E 165 11.28 14.88 -75.75
C ARG E 165 11.82 13.82 -76.71
N TYR E 166 11.43 12.58 -76.47
CA TYR E 166 11.76 11.51 -77.39
C TYR E 166 11.02 11.72 -78.71
N GLU E 167 11.59 11.14 -79.78
CA GLU E 167 11.02 11.36 -81.12
C GLU E 167 9.59 10.86 -81.19
N GLY E 168 9.31 9.69 -80.63
CA GLY E 168 7.96 9.15 -80.61
C GLY E 168 7.26 9.34 -79.29
N GLU E 169 7.75 10.25 -78.46
CA GLU E 169 7.18 10.44 -77.13
C GLU E 169 5.78 11.04 -77.22
N ASN E 170 4.85 10.45 -76.49
CA ASN E 170 3.47 10.92 -76.43
C ASN E 170 3.35 11.81 -75.19
N VAL E 171 3.67 13.08 -75.36
CA VAL E 171 3.72 14.02 -74.24
C VAL E 171 2.31 14.46 -73.89
N ARG E 172 1.98 14.37 -72.60
CA ARG E 172 0.63 14.73 -72.12
C ARG E 172 0.48 16.25 -72.13
N ARG E 173 -0.74 16.74 -72.06
CA ARG E 173 -0.94 18.21 -72.16
C ARG E 173 -2.30 18.58 -71.59
N LYS E 174 -2.42 19.77 -71.02
CA LYS E 174 -3.71 20.25 -70.48
C LYS E 174 -3.82 21.75 -70.75
N VAL E 175 -4.70 22.44 -70.03
CA VAL E 175 -4.82 23.91 -70.21
C VAL E 175 -5.07 24.55 -68.85
N GLY E 176 -4.22 25.49 -68.44
CA GLY E 176 -4.37 26.13 -67.13
C GLY E 176 -5.29 27.34 -67.21
N LYS E 177 -4.74 28.50 -67.58
CA LYS E 177 -5.56 29.70 -67.77
C LYS E 177 -6.48 29.47 -68.97
N ALA E 178 -7.52 28.66 -68.81
CA ALA E 178 -8.47 28.40 -69.91
C ALA E 178 -8.90 29.73 -70.54
N THR F 2 39.24 -38.64 -7.79
CA THR F 2 39.23 -37.22 -8.09
C THR F 2 39.38 -36.97 -9.58
N THR F 3 38.51 -36.14 -10.14
CA THR F 3 38.57 -35.82 -11.55
C THR F 3 39.82 -34.99 -11.85
N TYR F 4 40.39 -35.23 -13.03
CA TYR F 4 41.59 -34.50 -13.45
C TYR F 4 41.29 -33.01 -13.59
N SER F 5 42.30 -32.19 -13.29
CA SER F 5 42.18 -30.76 -13.46
C SER F 5 43.53 -30.23 -13.96
N PRO F 6 43.53 -29.42 -15.02
CA PRO F 6 44.80 -28.91 -15.55
C PRO F 6 45.45 -27.95 -14.58
N LYS F 7 46.77 -27.84 -14.69
CA LYS F 7 47.58 -27.03 -13.79
C LYS F 7 48.27 -25.93 -14.58
N ALA F 8 47.64 -24.75 -14.60
CA ALA F 8 48.26 -23.53 -15.13
C ALA F 8 48.76 -23.72 -16.55
N GLY F 9 50.07 -23.97 -16.69
CA GLY F 9 50.68 -24.12 -17.98
C GLY F 9 50.85 -25.57 -18.40
N GLU F 10 50.10 -26.47 -17.76
CA GLU F 10 50.21 -27.89 -18.09
C GLU F 10 49.78 -28.16 -19.53
N VAL F 11 48.66 -27.58 -19.94
CA VAL F 11 48.16 -27.77 -21.30
C VAL F 11 48.88 -26.81 -22.24
N GLN F 12 49.44 -27.36 -23.32
CA GLN F 12 50.23 -26.56 -24.25
C GLN F 12 49.31 -25.98 -25.31
N ARG F 13 49.37 -24.66 -25.47
CA ARG F 13 48.49 -23.95 -26.37
C ARG F 13 49.13 -23.82 -27.74
N LYS F 14 48.37 -24.13 -28.79
CA LYS F 14 48.88 -24.14 -30.14
C LYS F 14 48.34 -22.94 -30.92
N TRP F 15 48.75 -22.83 -32.18
CA TRP F 15 48.35 -21.75 -33.05
C TRP F 15 47.73 -22.32 -34.31
N TYR F 16 46.47 -21.98 -34.56
CA TYR F 16 45.78 -22.36 -35.77
C TYR F 16 45.50 -21.13 -36.60
N VAL F 17 45.39 -21.31 -37.91
CA VAL F 17 45.03 -20.25 -38.84
C VAL F 17 43.87 -20.72 -39.69
N ILE F 18 42.84 -19.89 -39.78
CA ILE F 18 41.63 -20.19 -40.53
C ILE F 18 41.49 -19.16 -41.65
N ASP F 19 41.34 -19.66 -42.86
CA ASP F 19 41.08 -18.81 -44.02
C ASP F 19 39.59 -18.59 -44.11
N ALA F 20 39.13 -17.39 -43.77
CA ALA F 20 37.71 -17.05 -43.76
C ALA F 20 37.16 -16.83 -45.14
N GLU F 21 37.90 -17.25 -46.15
CA GLU F 21 37.48 -17.14 -47.54
C GLU F 21 36.17 -17.86 -47.75
N ASP F 22 35.10 -17.12 -48.02
CA ASP F 22 33.81 -17.68 -48.41
C ASP F 22 33.23 -18.60 -47.33
N ILE F 23 33.53 -18.34 -46.07
CA ILE F 23 33.01 -19.12 -44.95
C ILE F 23 32.01 -18.25 -44.20
N VAL F 24 30.84 -18.84 -43.90
CA VAL F 24 29.78 -18.09 -43.25
C VAL F 24 30.25 -17.58 -41.91
N LEU F 25 29.84 -16.36 -41.56
CA LEU F 25 30.30 -15.72 -40.34
C LEU F 25 29.92 -16.52 -39.11
N GLY F 26 28.73 -17.13 -39.11
CA GLY F 26 28.32 -17.90 -37.96
C GLY F 26 29.19 -19.12 -37.72
N ARG F 27 29.47 -19.89 -38.79
CA ARG F 27 30.34 -21.05 -38.64
C ARG F 27 31.74 -20.62 -38.23
N LEU F 28 32.25 -19.56 -38.84
CA LEU F 28 33.59 -19.09 -38.47
C LEU F 28 33.64 -18.71 -37.00
N ALA F 29 32.61 -18.01 -36.51
CA ALA F 29 32.62 -17.57 -35.13
C ALA F 29 32.47 -18.73 -34.16
N THR F 30 31.60 -19.70 -34.46
CA THR F 30 31.47 -20.85 -33.58
C THR F 30 32.77 -21.65 -33.53
N THR F 31 33.40 -21.88 -34.68
CA THR F 31 34.66 -22.59 -34.70
C THR F 31 35.73 -21.83 -33.92
N ALA F 32 35.79 -20.51 -34.10
CA ALA F 32 36.78 -19.72 -33.39
C ALA F 32 36.55 -19.77 -31.89
N ALA F 33 35.30 -19.66 -31.45
CA ALA F 33 35.02 -19.72 -30.02
C ALA F 33 35.40 -21.07 -29.44
N ASN F 34 35.07 -22.15 -30.14
CA ASN F 34 35.43 -23.48 -29.66
C ASN F 34 36.94 -23.63 -29.55
N LEU F 35 37.68 -23.19 -30.56
CA LEU F 35 39.13 -23.30 -30.53
C LEU F 35 39.72 -22.44 -29.41
N LEU F 36 39.24 -21.20 -29.27
CA LEU F 36 39.78 -20.30 -28.27
C LEU F 36 39.55 -20.83 -26.87
N ARG F 37 38.41 -21.47 -26.62
CA ARG F 37 38.15 -22.03 -25.32
C ARG F 37 38.70 -23.44 -25.14
N GLY F 38 39.18 -24.06 -26.21
CA GLY F 38 39.73 -25.40 -26.10
C GLY F 38 38.72 -26.47 -25.77
N LYS F 39 37.55 -26.42 -26.42
CA LYS F 39 36.53 -27.42 -26.19
C LYS F 39 36.77 -28.71 -26.96
N HIS F 40 37.74 -28.72 -27.87
CA HIS F 40 38.07 -29.90 -28.64
C HIS F 40 39.14 -30.75 -27.98
N LYS F 41 39.61 -30.36 -26.81
CA LYS F 41 40.66 -31.03 -26.06
C LYS F 41 40.06 -31.84 -24.92
N PRO F 42 40.50 -33.08 -24.73
CA PRO F 42 40.08 -33.84 -23.55
C PRO F 42 40.54 -33.25 -22.24
N GLN F 43 41.46 -32.28 -22.27
CA GLN F 43 41.94 -31.63 -21.06
C GLN F 43 41.19 -30.35 -20.75
N TYR F 44 40.01 -30.17 -21.34
CA TYR F 44 39.29 -28.92 -21.18
C TYR F 44 38.91 -28.69 -19.72
N ALA F 45 38.94 -27.42 -19.31
CA ALA F 45 38.51 -27.02 -18.00
C ALA F 45 38.00 -25.59 -18.11
N PRO F 46 36.80 -25.31 -17.61
CA PRO F 46 36.26 -23.95 -17.74
C PRO F 46 37.08 -22.89 -17.03
N HIS F 47 37.74 -23.24 -15.92
CA HIS F 47 38.40 -22.26 -15.07
C HIS F 47 39.85 -22.02 -15.42
N ILE F 48 40.42 -22.79 -16.35
CA ILE F 48 41.81 -22.65 -16.75
C ILE F 48 41.86 -22.56 -18.27
N ASP F 49 42.58 -21.57 -18.78
CA ASP F 49 42.64 -21.36 -20.22
C ASP F 49 43.44 -22.49 -20.87
N THR F 50 42.76 -23.38 -21.56
CA THR F 50 43.39 -24.48 -22.28
C THR F 50 43.24 -24.36 -23.78
N GLY F 51 42.64 -23.27 -24.26
CA GLY F 51 42.39 -23.12 -25.68
C GLY F 51 43.63 -22.76 -26.47
N ASP F 52 43.42 -22.53 -27.76
CA ASP F 52 44.50 -22.24 -28.68
C ASP F 52 44.31 -20.86 -29.28
N PHE F 53 45.39 -20.34 -29.86
CA PHE F 53 45.32 -19.07 -30.57
C PHE F 53 44.79 -19.30 -31.97
N VAL F 54 43.90 -18.40 -32.41
CA VAL F 54 43.29 -18.49 -33.73
C VAL F 54 43.66 -17.23 -34.50
N VAL F 55 44.24 -17.42 -35.68
CA VAL F 55 44.55 -16.34 -36.59
C VAL F 55 43.60 -16.47 -37.76
N VAL F 56 42.72 -15.49 -37.95
CA VAL F 56 41.76 -15.51 -39.03
C VAL F 56 42.27 -14.59 -40.13
N VAL F 57 42.37 -15.13 -41.35
CA VAL F 57 42.78 -14.33 -42.49
C VAL F 57 41.63 -14.23 -43.47
N ASN F 58 41.71 -13.24 -44.36
CA ASN F 58 40.69 -12.99 -45.37
C ASN F 58 39.33 -12.73 -44.74
N ALA F 59 39.33 -12.00 -43.63
CA ALA F 59 38.08 -11.67 -42.96
C ALA F 59 37.22 -10.72 -43.78
N SER F 60 37.80 -10.03 -44.76
CA SER F 60 37.03 -9.15 -45.62
C SER F 60 36.20 -9.91 -46.64
N LYS F 61 36.41 -11.22 -46.78
CA LYS F 61 35.70 -12.03 -47.75
C LYS F 61 34.79 -13.05 -47.07
N ILE F 62 34.35 -12.75 -45.85
CA ILE F 62 33.44 -13.62 -45.13
C ILE F 62 32.09 -13.63 -45.84
N ALA F 63 31.53 -14.82 -46.02
CA ALA F 63 30.28 -14.97 -46.73
C ALA F 63 29.09 -14.66 -45.83
N LEU F 64 28.11 -13.96 -46.38
CA LEU F 64 26.86 -13.67 -45.70
C LEU F 64 25.70 -14.08 -46.60
N THR F 65 24.67 -14.67 -46.00
CA THR F 65 23.52 -15.15 -46.76
C THR F 65 22.38 -14.15 -46.69
N GLY F 66 21.46 -14.29 -47.63
CA GLY F 66 20.31 -13.39 -47.66
C GLY F 66 20.73 -11.97 -47.93
N LYS F 67 20.03 -11.03 -47.29
CA LYS F 67 20.36 -9.62 -47.38
C LYS F 67 21.09 -9.11 -46.14
N LYS F 68 21.88 -9.99 -45.50
CA LYS F 68 22.56 -9.61 -44.28
C LYS F 68 23.56 -8.49 -44.51
N ALA F 69 24.22 -8.48 -45.67
CA ALA F 69 25.30 -7.54 -45.92
C ALA F 69 24.85 -6.09 -45.81
N THR F 70 23.55 -5.83 -45.93
CA THR F 70 23.04 -4.48 -45.81
C THR F 70 21.87 -4.34 -44.86
N ASP F 71 21.31 -5.44 -44.34
CA ASP F 71 20.20 -5.36 -43.40
C ASP F 71 20.54 -5.83 -41.99
N SER F 72 21.64 -6.55 -41.81
CA SER F 72 22.07 -7.00 -40.49
C SER F 72 22.92 -5.90 -39.87
N LEU F 73 22.40 -5.25 -38.85
CA LEU F 73 22.99 -4.03 -38.31
C LEU F 73 23.78 -4.33 -37.04
N ARG F 74 24.77 -3.49 -36.79
CA ARG F 74 25.59 -3.55 -35.58
C ARG F 74 25.55 -2.18 -34.92
N TYR F 75 25.28 -2.17 -33.62
CA TYR F 75 25.03 -0.95 -32.88
C TYR F 75 26.10 -0.76 -31.82
N ASP F 76 26.46 0.50 -31.58
CA ASP F 76 27.30 0.90 -30.46
C ASP F 76 26.70 2.13 -29.81
N HIS F 77 26.87 2.26 -28.50
CA HIS F 77 26.38 3.43 -27.79
C HIS F 77 27.49 3.98 -26.91
N SER F 78 27.72 5.29 -27.01
CA SER F 78 28.76 5.93 -26.23
C SER F 78 28.37 6.15 -24.78
N GLY F 79 27.11 5.94 -24.43
CA GLY F 79 26.66 6.14 -23.08
C GLY F 79 26.08 7.49 -22.79
N ARG F 80 25.81 8.30 -23.81
CA ARG F 80 25.27 9.64 -23.64
C ARG F 80 24.11 9.81 -24.61
N PRO F 81 23.18 10.72 -24.31
CA PRO F 81 21.98 10.82 -25.15
C PRO F 81 22.33 11.04 -26.61
N GLY F 82 21.62 10.32 -27.48
CA GLY F 82 21.93 10.37 -28.90
C GLY F 82 23.31 9.86 -29.24
N GLY F 83 23.82 8.91 -28.48
CA GLY F 83 25.16 8.41 -28.69
C GLY F 83 25.20 7.08 -29.39
N LEU F 84 24.13 6.74 -30.10
CA LEU F 84 24.06 5.51 -30.89
C LEU F 84 24.72 5.71 -32.24
N ARG F 85 25.57 4.78 -32.64
CA ARG F 85 25.98 4.66 -34.03
C ARG F 85 25.58 3.27 -34.47
N VAL F 86 25.20 3.15 -35.74
CA VAL F 86 24.81 1.88 -36.33
C VAL F 86 25.50 1.75 -37.68
N THR F 87 26.00 0.55 -37.97
CA THR F 87 26.58 0.27 -39.28
C THR F 87 26.25 -1.15 -39.68
N SER F 88 26.04 -1.37 -40.97
CA SER F 88 25.70 -2.70 -41.45
C SER F 88 26.93 -3.61 -41.43
N ILE F 89 26.67 -4.91 -41.32
CA ILE F 89 27.77 -5.86 -41.22
C ILE F 89 28.61 -5.86 -42.49
N GLY F 90 28.00 -5.55 -43.64
CA GLY F 90 28.78 -5.44 -44.86
C GLY F 90 29.77 -4.29 -44.81
N GLU F 91 29.31 -3.12 -44.37
CA GLU F 91 30.22 -1.99 -44.21
C GLU F 91 31.30 -2.30 -43.18
N MET F 92 30.94 -2.98 -42.10
CA MET F 92 31.93 -3.27 -41.07
C MET F 92 32.95 -4.28 -41.55
N LEU F 93 32.53 -5.26 -42.35
CA LEU F 93 33.51 -6.17 -42.94
C LEU F 93 34.39 -5.46 -43.95
N ALA F 94 33.86 -4.48 -44.66
CA ALA F 94 34.69 -3.73 -45.61
C ALA F 94 35.70 -2.85 -44.89
N LYS F 95 35.28 -2.18 -43.82
CA LYS F 95 36.11 -1.19 -43.14
C LYS F 95 37.01 -1.82 -42.07
N ASN F 96 36.40 -2.42 -41.05
CA ASN F 96 37.11 -2.96 -39.90
C ASN F 96 36.63 -4.39 -39.72
N PRO F 97 37.09 -5.33 -40.55
CA PRO F 97 36.65 -6.72 -40.41
C PRO F 97 37.01 -7.34 -39.07
N ARG F 98 38.12 -6.92 -38.50
CA ARG F 98 38.54 -7.45 -37.21
C ARG F 98 37.49 -7.19 -36.15
N ARG F 99 36.92 -5.98 -36.14
CA ARG F 99 35.87 -5.66 -35.17
C ARG F 99 34.67 -6.57 -35.34
N ALA F 100 34.26 -6.82 -36.59
CA ALA F 100 33.11 -7.68 -36.83
C ALA F 100 33.34 -9.09 -36.32
N VAL F 101 34.49 -9.66 -36.66
CA VAL F 101 34.76 -11.03 -36.23
C VAL F 101 34.87 -11.10 -34.71
N GLU F 102 35.52 -10.12 -34.09
CA GLU F 102 35.63 -10.12 -32.64
C GLU F 102 34.27 -9.99 -31.98
N ARG F 103 33.39 -9.17 -32.53
CA ARG F 103 32.05 -9.03 -31.96
C ARG F 103 31.30 -10.35 -32.03
N ALA F 104 31.35 -11.03 -33.18
CA ALA F 104 30.66 -12.31 -33.31
C ALA F 104 31.21 -13.33 -32.32
N VAL F 105 32.54 -13.45 -32.26
CA VAL F 105 33.14 -14.46 -31.38
C VAL F 105 32.86 -14.14 -29.93
N TRP F 106 32.96 -12.86 -29.54
CA TRP F 106 32.68 -12.50 -28.16
C TRP F 106 31.23 -12.78 -27.79
N GLY F 107 30.30 -12.47 -28.69
CA GLY F 107 28.91 -12.80 -28.43
C GLY F 107 28.70 -14.28 -28.24
N MET F 108 29.43 -15.10 -28.98
CA MET F 108 29.32 -16.55 -28.84
C MET F 108 30.14 -17.12 -27.69
N MET F 109 30.95 -16.36 -27.11
CA MET F 109 31.78 -16.84 -26.02
C MET F 109 31.18 -16.44 -24.67
N PRO F 110 31.35 -17.25 -23.60
CA PRO F 110 30.78 -16.91 -22.29
C PRO F 110 31.16 -15.52 -21.82
N LYS F 111 30.40 -14.98 -20.87
CA LYS F 111 30.63 -13.63 -20.37
C LYS F 111 31.45 -13.73 -19.09
N ASN F 112 32.77 -13.76 -19.26
CA ASN F 112 33.69 -14.05 -18.17
C ASN F 112 34.92 -13.16 -18.28
N LYS F 113 35.59 -12.98 -17.15
CA LYS F 113 36.93 -12.42 -17.17
C LYS F 113 37.88 -13.31 -17.96
N LEU F 114 37.76 -14.63 -17.78
CA LEU F 114 38.58 -15.56 -18.55
C LEU F 114 38.25 -15.48 -20.03
N SER F 115 36.97 -15.31 -20.36
CA SER F 115 36.59 -15.16 -21.77
C SER F 115 37.16 -13.89 -22.36
N ARG F 116 37.15 -12.79 -21.59
CA ARG F 116 37.79 -11.57 -22.06
C ARG F 116 39.26 -11.79 -22.32
N GLN F 117 39.94 -12.52 -21.43
CA GLN F 117 41.35 -12.82 -21.63
C GLN F 117 41.55 -13.68 -22.88
N GLN F 118 40.69 -14.68 -23.08
CA GLN F 118 40.85 -15.60 -24.19
C GLN F 118 40.55 -14.94 -25.53
N LEU F 119 39.65 -13.96 -25.55
CA LEU F 119 39.33 -13.27 -26.80
C LEU F 119 40.53 -12.54 -27.37
N LYS F 120 41.51 -12.18 -26.52
CA LYS F 120 42.73 -11.58 -27.03
C LYS F 120 43.56 -12.55 -27.86
N LYS F 121 43.28 -13.85 -27.75
CA LYS F 121 44.01 -14.85 -28.52
C LYS F 121 43.52 -14.95 -29.95
N LEU F 122 42.46 -14.23 -30.31
CA LEU F 122 41.93 -14.23 -31.66
C LEU F 122 42.53 -13.07 -32.44
N LYS F 123 43.31 -13.38 -33.47
CA LYS F 123 43.99 -12.39 -34.29
C LYS F 123 43.34 -12.39 -35.67
N VAL F 124 42.59 -11.34 -35.97
CA VAL F 124 41.77 -11.27 -37.17
C VAL F 124 42.39 -10.27 -38.13
N TYR F 125 42.57 -10.70 -39.39
CA TYR F 125 43.13 -9.85 -40.43
C TYR F 125 42.24 -9.95 -41.67
N GLY F 126 41.87 -8.80 -42.23
CA GLY F 126 40.99 -8.79 -43.38
C GLY F 126 41.63 -9.28 -44.65
N GLY F 127 42.95 -9.19 -44.77
CA GLY F 127 43.65 -9.60 -45.96
C GLY F 127 44.06 -11.05 -45.90
N PRO F 128 44.75 -11.52 -46.94
CA PRO F 128 45.20 -12.91 -46.97
C PRO F 128 46.51 -13.18 -46.24
N GLU F 129 47.13 -12.16 -45.65
CA GLU F 129 48.44 -12.31 -45.04
C GLU F 129 48.38 -11.87 -43.58
N HIS F 130 49.07 -12.62 -42.72
CA HIS F 130 49.16 -12.32 -41.31
C HIS F 130 50.62 -12.22 -40.89
N PRO F 131 50.91 -11.44 -39.86
CA PRO F 131 52.31 -11.22 -39.45
C PRO F 131 52.86 -12.23 -38.45
N HIS F 132 52.17 -13.33 -38.21
CA HIS F 132 52.54 -14.29 -37.16
C HIS F 132 53.22 -15.52 -37.72
N ALA F 133 54.06 -15.34 -38.73
CA ALA F 133 54.82 -16.48 -39.27
C ALA F 133 55.72 -17.08 -38.21
N ALA F 134 56.23 -16.27 -37.28
CA ALA F 134 57.11 -16.78 -36.24
C ALA F 134 56.38 -17.80 -35.35
N GLN F 135 55.11 -17.52 -35.02
CA GLN F 135 54.33 -18.44 -34.23
C GLN F 135 53.96 -19.70 -34.99
N ASN F 136 54.17 -19.73 -36.30
CA ASN F 136 53.94 -20.88 -37.17
C ASN F 136 52.55 -21.46 -36.99
N PRO F 137 51.50 -20.75 -37.43
CA PRO F 137 50.15 -21.29 -37.29
C PRO F 137 49.89 -22.40 -38.28
N GLN F 138 49.23 -23.45 -37.81
CA GLN F 138 48.87 -24.55 -38.69
C GLN F 138 47.47 -24.32 -39.28
N PRO F 139 47.27 -24.67 -40.55
CA PRO F 139 45.95 -24.48 -41.15
C PRO F 139 44.90 -25.33 -40.45
N TYR F 140 43.71 -24.75 -40.27
CA TYR F 140 42.58 -25.45 -39.68
C TYR F 140 41.41 -25.42 -40.64
N GLU F 141 40.80 -26.58 -40.86
CA GLU F 141 39.70 -26.72 -41.81
C GLU F 141 38.41 -26.97 -41.04
N ILE F 142 37.40 -26.15 -41.29
CA ILE F 142 36.12 -26.31 -40.62
C ILE F 142 35.41 -27.52 -41.21
N THR F 143 35.15 -28.53 -40.38
CA THR F 143 34.58 -29.78 -40.85
C THR F 143 33.43 -30.19 -39.93
N GLN F 144 32.72 -31.22 -40.35
CA GLN F 144 31.62 -31.79 -39.59
C GLN F 144 31.83 -33.28 -39.43
N ILE F 145 31.37 -33.83 -38.31
CA ILE F 145 31.46 -35.25 -38.02
C ILE F 145 30.13 -35.90 -38.31
N ALA F 146 30.15 -36.97 -39.10
CA ALA F 146 28.92 -37.56 -39.60
C ALA F 146 28.11 -38.20 -38.47
N GLN F 147 26.81 -37.97 -38.50
CA GLN F 147 25.79 -38.50 -37.57
C GLN F 147 26.05 -38.19 -36.10
N MET G 1 21.22 52.68 -28.61
CA MET G 1 20.46 51.44 -28.74
C MET G 1 19.02 51.67 -28.33
N ILE G 2 18.09 51.31 -29.22
CA ILE G 2 16.67 51.48 -28.98
C ILE G 2 16.04 50.09 -28.93
N GLN G 3 15.39 49.78 -27.81
CA GLN G 3 14.72 48.51 -27.62
C GLN G 3 13.25 48.74 -27.34
N GLN G 4 12.51 47.66 -27.13
CA GLN G 4 11.11 47.77 -26.80
C GLN G 4 10.93 48.58 -25.52
N GLU G 5 9.91 49.42 -25.50
CA GLU G 5 9.52 50.34 -24.43
C GLU G 5 10.42 51.58 -24.37
N THR G 6 11.40 51.72 -25.27
CA THR G 6 12.17 52.94 -25.32
C THR G 6 11.32 54.06 -25.90
N ARG G 7 11.31 55.21 -25.24
CA ARG G 7 10.57 56.37 -25.72
C ARG G 7 11.53 57.32 -26.43
N LEU G 8 11.12 57.77 -27.60
CA LEU G 8 11.93 58.60 -28.47
C LEU G 8 11.20 59.90 -28.77
N LYS G 9 11.95 60.94 -29.09
CA LYS G 9 11.35 62.15 -29.59
C LYS G 9 11.32 62.13 -31.12
N VAL G 10 10.59 63.08 -31.70
CA VAL G 10 10.29 63.09 -33.12
C VAL G 10 11.05 64.23 -33.78
N ALA G 11 11.72 63.94 -34.89
CA ALA G 11 12.40 64.95 -35.68
C ALA G 11 11.57 65.40 -36.88
N ASP G 12 10.29 65.03 -36.91
CA ASP G 12 9.37 65.40 -37.96
C ASP G 12 8.47 66.55 -37.50
N ASN G 13 7.68 67.07 -38.44
CA ASN G 13 6.64 68.03 -38.15
C ASN G 13 5.24 67.42 -38.31
N THR G 14 5.13 66.10 -38.15
CA THR G 14 3.84 65.44 -38.24
C THR G 14 2.93 65.74 -37.05
N GLY G 15 3.45 66.38 -36.01
CA GLY G 15 2.69 66.68 -34.83
C GLY G 15 2.93 65.72 -33.67
N ALA G 16 3.42 64.52 -33.96
CA ALA G 16 3.79 63.61 -32.88
C ALA G 16 4.99 64.15 -32.13
N LYS G 17 4.96 64.02 -30.80
CA LYS G 17 6.04 64.51 -29.97
C LYS G 17 6.82 63.41 -29.26
N GLU G 18 6.25 62.21 -29.13
CA GLU G 18 6.94 61.15 -28.40
C GLU G 18 6.40 59.81 -28.89
N LEU G 19 7.33 58.89 -29.16
CA LEU G 19 7.00 57.56 -29.65
C LEU G 19 7.50 56.51 -28.66
N LEU G 20 6.80 55.39 -28.61
CA LEU G 20 7.20 54.24 -27.79
C LEU G 20 7.51 53.07 -28.71
N CYS G 21 8.74 52.58 -28.66
CA CYS G 21 9.13 51.48 -29.55
C CYS G 21 8.33 50.24 -29.17
N ILE G 22 7.56 49.70 -30.11
CA ILE G 22 6.77 48.47 -29.87
C ILE G 22 7.60 47.30 -30.41
N ARG G 23 8.47 47.56 -31.39
CA ARG G 23 9.25 46.46 -32.00
C ARG G 23 10.42 47.03 -32.78
N VAL G 24 11.47 46.24 -32.95
CA VAL G 24 12.62 46.66 -33.79
C VAL G 24 12.61 45.75 -35.00
N LEU G 25 12.37 46.28 -36.20
CA LEU G 25 12.27 45.49 -37.41
C LEU G 25 13.66 45.09 -37.90
N GLY G 26 13.74 43.92 -38.50
CA GLY G 26 15.00 43.47 -39.05
C GLY G 26 15.32 42.01 -38.80
N GLY G 27 14.45 41.32 -38.10
CA GLY G 27 14.62 39.91 -37.82
C GLY G 27 14.10 39.54 -36.46
N SER G 28 13.79 38.26 -36.29
CA SER G 28 13.28 37.77 -35.02
C SER G 28 14.33 37.90 -33.94
N LYS G 29 13.88 38.14 -32.71
CA LYS G 29 14.68 38.18 -31.50
C LYS G 29 15.61 39.39 -31.48
N ARG G 30 15.61 40.21 -32.52
CA ARG G 30 16.48 41.38 -32.57
C ARG G 30 16.23 42.30 -31.38
N ARG G 31 17.30 42.68 -30.70
CA ARG G 31 17.21 43.48 -29.47
C ARG G 31 17.07 44.97 -29.75
N TYR G 32 18.02 45.56 -30.46
CA TYR G 32 18.20 47.00 -30.45
C TYR G 32 18.10 47.58 -31.85
N ALA G 33 17.72 48.85 -31.90
CA ALA G 33 17.72 49.65 -33.12
C ALA G 33 18.82 50.69 -33.01
N TYR G 34 19.54 50.90 -34.10
CA TYR G 34 20.59 51.90 -34.17
C TYR G 34 20.26 52.92 -35.25
N LEU G 35 21.21 53.79 -35.52
CA LEU G 35 21.03 54.83 -36.53
C LEU G 35 20.68 54.22 -37.87
N GLY G 36 19.48 54.54 -38.35
CA GLY G 36 19.01 54.04 -39.63
C GLY G 36 18.18 52.77 -39.55
N ASP G 37 17.88 52.28 -38.36
CA ASP G 37 17.04 51.10 -38.21
C ASP G 37 15.58 51.50 -38.10
N THR G 38 14.71 50.63 -38.62
CA THR G 38 13.28 50.90 -38.66
C THR G 38 12.60 50.20 -37.48
N ILE G 39 11.71 50.93 -36.81
CA ILE G 39 11.00 50.43 -35.64
C ILE G 39 9.52 50.67 -35.83
N VAL G 40 8.73 49.86 -35.13
CA VAL G 40 7.30 50.06 -35.01
C VAL G 40 7.05 50.76 -33.69
N CYS G 41 6.31 51.86 -33.73
CA CYS G 41 6.12 52.71 -32.56
C CYS G 41 4.64 53.01 -32.38
N THR G 42 4.31 53.43 -31.16
CA THR G 42 3.03 54.02 -30.86
C THR G 42 3.25 55.46 -30.43
N VAL G 43 2.27 56.31 -30.71
CA VAL G 43 2.40 57.75 -30.50
C VAL G 43 1.86 58.05 -29.10
N LYS G 44 2.76 58.24 -28.15
CA LYS G 44 2.34 58.52 -26.78
C LYS G 44 1.85 59.95 -26.62
N ASP G 45 2.48 60.91 -27.27
CA ASP G 45 2.11 62.31 -27.16
C ASP G 45 2.21 62.95 -28.53
N ALA G 46 1.21 63.75 -28.89
CA ALA G 46 1.19 64.42 -30.18
C ALA G 46 0.64 65.83 -30.01
N ILE G 47 1.02 66.69 -30.95
CA ILE G 47 0.48 68.06 -30.97
C ILE G 47 -1.01 68.00 -31.29
N PRO G 48 -1.86 68.72 -30.56
CA PRO G 48 -3.31 68.66 -30.86
C PRO G 48 -3.64 69.02 -32.30
N GLY G 49 -2.95 69.99 -32.87
CA GLY G 49 -3.12 70.29 -34.29
C GLY G 49 -2.10 69.56 -35.13
N GLY G 50 -2.49 68.42 -35.69
CA GLY G 50 -1.56 67.62 -36.48
C GLY G 50 -2.30 66.50 -37.17
N ASN G 51 -1.56 65.80 -38.03
CA ASN G 51 -2.11 64.69 -38.81
C ASN G 51 -1.83 63.33 -38.19
N VAL G 52 -1.36 63.29 -36.95
CA VAL G 52 -1.09 62.05 -36.24
C VAL G 52 -1.75 62.13 -34.87
N LYS G 53 -2.48 61.08 -34.50
CA LYS G 53 -3.20 61.02 -33.23
C LYS G 53 -2.45 60.17 -32.23
N LYS G 54 -2.66 60.46 -30.95
CA LYS G 54 -2.07 59.65 -29.89
C LYS G 54 -2.63 58.24 -29.95
N GLY G 55 -1.77 57.26 -29.67
CA GLY G 55 -2.18 55.87 -29.74
C GLY G 55 -2.13 55.26 -31.12
N GLU G 56 -1.60 55.97 -32.10
CA GLU G 56 -1.50 55.46 -33.46
C GLU G 56 -0.22 54.65 -33.63
N VAL G 57 -0.33 53.50 -34.28
CA VAL G 57 0.82 52.65 -34.56
C VAL G 57 1.41 53.07 -35.89
N VAL G 58 2.69 53.45 -35.88
CA VAL G 58 3.37 53.96 -37.06
C VAL G 58 4.72 53.25 -37.17
N LYS G 59 5.40 53.48 -38.29
CA LYS G 59 6.77 53.04 -38.48
C LYS G 59 7.67 54.26 -38.51
N ALA G 60 8.85 54.14 -37.92
CA ALA G 60 9.80 55.23 -37.89
C ALA G 60 11.19 54.69 -38.16
N VAL G 61 12.08 55.58 -38.56
CA VAL G 61 13.50 55.29 -38.68
C VAL G 61 14.22 56.04 -37.57
N VAL G 62 15.15 55.36 -36.91
CA VAL G 62 15.85 55.94 -35.78
C VAL G 62 16.97 56.84 -36.29
N VAL G 63 16.97 58.07 -35.84
CA VAL G 63 18.08 58.99 -36.02
C VAL G 63 18.43 59.52 -34.64
N ARG G 64 19.68 59.95 -34.46
CA ARG G 64 20.08 60.57 -33.21
C ARG G 64 19.88 59.61 -32.03
N THR G 65 20.71 58.57 -32.01
CA THR G 65 20.80 57.75 -30.80
C THR G 65 21.67 58.44 -29.76
N VAL G 66 21.50 58.04 -28.51
CA VAL G 66 22.32 58.58 -27.43
C VAL G 66 23.54 57.72 -27.15
N LYS G 67 23.48 56.42 -27.41
CA LYS G 67 24.54 55.53 -26.96
C LYS G 67 25.87 55.85 -27.61
N SER G 68 26.01 55.51 -28.88
CA SER G 68 27.17 55.83 -29.72
C SER G 68 26.92 55.14 -31.05
N HIS G 69 27.73 55.49 -32.04
CA HIS G 69 27.76 54.73 -33.28
C HIS G 69 29.18 54.73 -33.80
N ARG G 70 29.73 53.53 -34.00
CA ARG G 70 31.02 53.34 -34.62
C ARG G 70 30.90 53.50 -36.12
N ARG G 71 31.99 53.89 -36.75
CA ARG G 71 32.06 53.97 -38.20
C ARG G 71 33.27 53.22 -38.69
N PRO G 72 33.25 52.71 -39.93
CA PRO G 72 34.35 51.84 -40.38
C PRO G 72 35.71 52.49 -40.30
N ASP G 73 35.77 53.81 -40.36
CA ASP G 73 37.02 54.54 -40.24
C ASP G 73 37.46 54.73 -38.79
N GLY G 74 36.80 54.08 -37.83
CA GLY G 74 37.22 54.11 -36.45
C GLY G 74 36.71 55.29 -35.64
N SER G 75 35.93 56.18 -36.24
CA SER G 75 35.38 57.30 -35.50
C SER G 75 34.02 56.93 -34.91
N TYR G 76 33.53 57.78 -34.02
CA TYR G 76 32.26 57.56 -33.34
C TYR G 76 31.42 58.82 -33.38
N ILE G 77 30.11 58.65 -33.38
CA ILE G 77 29.17 59.76 -33.34
C ILE G 77 28.17 59.52 -32.22
N LYS G 78 27.80 60.59 -31.53
CA LYS G 78 26.94 60.49 -30.36
C LYS G 78 26.09 61.75 -30.25
N PHE G 79 24.81 61.56 -29.94
CA PHE G 79 23.87 62.64 -29.74
C PHE G 79 23.42 62.66 -28.29
N ASP G 80 22.55 63.61 -27.95
CA ASP G 80 22.08 63.79 -26.60
C ASP G 80 20.60 63.47 -26.42
N GLU G 81 19.95 62.89 -27.42
CA GLU G 81 18.55 62.54 -27.31
C GLU G 81 18.20 61.54 -28.39
N ASN G 82 17.44 60.50 -28.02
CA ASN G 82 16.99 59.50 -28.99
C ASN G 82 15.85 60.09 -29.82
N ALA G 83 16.06 60.17 -31.12
CA ALA G 83 15.06 60.74 -32.03
C ALA G 83 14.63 59.71 -33.05
N ALA G 84 13.56 60.04 -33.77
CA ALA G 84 13.06 59.17 -34.83
C ALA G 84 12.25 60.00 -35.82
N VAL G 85 12.09 59.45 -37.02
CA VAL G 85 11.39 60.12 -38.11
C VAL G 85 10.35 59.15 -38.67
N LEU G 86 9.09 59.58 -38.70
CA LEU G 86 8.02 58.70 -39.16
C LEU G 86 8.10 58.46 -40.66
N LEU G 87 7.50 57.36 -41.10
CA LEU G 87 7.57 56.92 -42.49
C LEU G 87 6.17 56.61 -43.02
N LYS G 88 6.04 56.65 -44.35
CA LYS G 88 4.77 56.41 -45.02
C LYS G 88 4.63 54.96 -45.49
N GLY G 89 5.41 54.04 -44.94
CA GLY G 89 5.32 52.66 -45.37
C GLY G 89 6.02 52.35 -46.66
N ASP G 90 6.77 53.30 -47.23
CA ASP G 90 7.56 53.05 -48.42
C ASP G 90 8.95 53.67 -48.34
N GLY G 91 9.45 53.93 -47.12
CA GLY G 91 10.75 54.52 -46.95
C GLY G 91 10.78 56.02 -47.04
N GLU G 92 9.63 56.69 -47.12
CA GLU G 92 9.60 58.12 -47.26
C GLU G 92 8.98 58.78 -46.02
N PRO G 93 9.45 59.97 -45.65
CA PRO G 93 8.93 60.62 -44.44
C PRO G 93 7.45 60.96 -44.58
N ARG G 94 6.75 60.89 -43.45
CA ARG G 94 5.39 61.43 -43.43
C ARG G 94 5.40 62.95 -43.36
N GLY G 95 6.33 63.52 -42.58
CA GLY G 95 6.42 64.95 -42.47
C GLY G 95 7.12 65.59 -43.64
N THR G 96 7.00 66.91 -43.72
CA THR G 96 7.64 67.69 -44.78
C THR G 96 8.88 68.43 -44.30
N ARG G 97 9.28 68.23 -43.05
CA ARG G 97 10.47 68.88 -42.51
C ARG G 97 11.16 67.95 -41.54
N ILE G 98 12.47 68.16 -41.38
CA ILE G 98 13.30 67.40 -40.45
C ILE G 98 13.94 68.40 -39.50
N PHE G 99 14.04 68.02 -38.23
CA PHE G 99 14.56 68.90 -37.19
C PHE G 99 15.84 68.34 -36.60
N GLY G 100 16.79 69.22 -36.34
CA GLY G 100 18.01 68.86 -35.65
C GLY G 100 18.98 68.12 -36.54
N PRO G 101 20.13 67.77 -35.99
CA PRO G 101 21.13 67.04 -36.79
C PRO G 101 20.65 65.63 -37.10
N ILE G 102 21.16 65.09 -38.20
CA ILE G 102 20.83 63.75 -38.67
C ILE G 102 22.12 63.00 -38.90
N ALA G 103 22.15 61.72 -38.55
CA ALA G 103 23.34 60.92 -38.70
C ALA G 103 23.64 60.66 -40.18
N ARG G 104 24.91 60.41 -40.47
CA ARG G 104 25.33 60.11 -41.83
C ARG G 104 24.86 58.73 -42.27
N GLU G 105 24.65 57.82 -41.31
CA GLU G 105 24.23 56.46 -41.65
C GLU G 105 22.87 56.43 -42.34
N LEU G 106 22.09 57.51 -42.24
CA LEU G 106 20.87 57.58 -43.02
C LEU G 106 21.17 57.68 -44.51
N ARG G 107 22.30 58.26 -44.87
CA ARG G 107 22.74 58.33 -46.26
C ARG G 107 23.56 57.11 -46.64
N GLU G 108 23.06 55.93 -46.31
CA GLU G 108 23.57 54.69 -46.85
C GLU G 108 22.64 54.15 -47.93
N LYS G 109 22.50 54.95 -49.00
CA LYS G 109 21.74 54.58 -50.19
C LYS G 109 20.24 54.49 -49.90
N LYS G 110 19.86 54.64 -48.62
CA LYS G 110 18.49 54.31 -48.23
C LYS G 110 17.57 55.52 -48.08
N PHE G 111 17.87 56.44 -47.14
CA PHE G 111 16.93 57.50 -46.80
C PHE G 111 17.35 58.83 -47.43
N MET G 112 17.32 58.84 -48.76
CA MET G 112 17.77 60.03 -49.50
C MET G 112 16.88 61.23 -49.20
N ARG G 113 15.56 61.02 -49.11
CA ARG G 113 14.66 62.14 -48.85
C ARG G 113 14.93 62.74 -47.48
N ILE G 114 15.11 61.90 -46.47
CA ILE G 114 15.39 62.39 -45.12
C ILE G 114 16.71 63.13 -45.08
N VAL G 115 17.74 62.59 -45.75
CA VAL G 115 19.03 63.28 -45.77
C VAL G 115 18.91 64.62 -46.48
N SER G 116 18.11 64.68 -47.54
CA SER G 116 17.92 65.94 -48.25
C SER G 116 17.23 66.98 -47.37
N LEU G 117 16.22 66.56 -46.61
CA LEU G 117 15.53 67.50 -45.72
C LEU G 117 16.28 67.73 -44.42
N ALA G 118 17.37 67.03 -44.17
CA ALA G 118 18.08 67.18 -42.92
C ALA G 118 18.69 68.57 -42.80
N PRO G 119 18.46 69.29 -41.71
CA PRO G 119 19.16 70.58 -41.52
C PRO G 119 20.66 70.43 -41.43
N GLU G 120 21.15 69.33 -40.89
CA GLU G 120 22.58 69.09 -40.73
C GLU G 120 22.82 67.60 -40.68
N VAL G 121 23.69 67.11 -41.54
CA VAL G 121 24.05 65.69 -41.58
C VAL G 121 25.46 65.56 -41.01
N ILE G 122 25.58 64.90 -39.86
CA ILE G 122 26.92 64.86 -39.20
C ILE G 122 27.54 63.48 -39.36
N ALA H 2 17.46 -50.17 52.45
CA ALA H 2 18.76 -49.69 52.00
C ALA H 2 18.62 -48.93 50.69
N ILE H 3 17.51 -48.22 50.52
CA ILE H 3 17.29 -47.50 49.27
C ILE H 3 18.33 -46.40 49.10
N GLU H 4 18.50 -45.58 50.14
CA GLU H 4 19.30 -44.34 50.08
C GLU H 4 18.61 -43.31 49.21
N LEU H 5 18.74 -42.04 49.59
CA LEU H 5 17.96 -40.98 48.97
C LEU H 5 18.23 -40.81 47.48
N HIS H 6 19.36 -41.27 46.99
CA HIS H 6 19.69 -41.09 45.59
C HIS H 6 19.14 -42.18 44.70
N ASP H 7 18.47 -43.19 45.26
CA ASP H 7 17.81 -44.21 44.46
C ASP H 7 16.32 -43.99 44.34
N LEU H 8 15.78 -42.92 44.91
CA LEU H 8 14.36 -42.61 44.80
C LEU H 8 14.12 -41.88 43.49
N LYS H 9 13.38 -42.50 42.59
CA LYS H 9 13.02 -41.88 41.33
C LYS H 9 11.51 -42.03 41.11
N PRO H 10 10.89 -41.09 40.41
CA PRO H 10 9.45 -41.20 40.17
C PRO H 10 9.15 -42.28 39.14
N ALA H 11 7.89 -42.72 39.15
CA ALA H 11 7.44 -43.67 38.15
C ALA H 11 7.51 -43.02 36.77
N PRO H 12 7.84 -43.80 35.73
CA PRO H 12 7.85 -43.24 34.37
C PRO H 12 6.48 -42.68 34.01
N GLY H 13 6.48 -41.50 33.43
CA GLY H 13 5.27 -40.82 33.07
C GLY H 13 4.59 -40.08 34.20
N ALA H 14 5.14 -40.12 35.41
CA ALA H 14 4.51 -39.45 36.54
C ALA H 14 4.83 -37.97 36.60
N HIS H 15 5.91 -37.54 35.96
CA HIS H 15 6.35 -36.14 36.00
C HIS H 15 6.55 -35.68 34.56
N LYS H 16 5.47 -35.23 33.94
CA LYS H 16 5.57 -34.71 32.59
C LYS H 16 6.33 -33.39 32.60
N ALA H 17 7.20 -33.21 31.61
CA ALA H 17 7.97 -31.98 31.52
C ALA H 17 7.07 -30.80 31.24
N LYS H 18 7.33 -29.70 31.93
CA LYS H 18 6.57 -28.47 31.70
C LYS H 18 6.91 -27.90 30.34
N THR H 19 5.90 -27.68 29.51
CA THR H 19 6.13 -27.09 28.20
C THR H 19 6.33 -25.60 28.37
N ARG H 20 7.46 -25.10 27.87
CA ARG H 20 7.82 -23.69 27.97
C ARG H 20 7.65 -23.05 26.60
N VAL H 21 6.85 -22.01 26.55
CA VAL H 21 6.31 -21.50 25.29
C VAL H 21 6.97 -20.16 25.00
N GLY H 22 7.09 -19.85 23.71
CA GLY H 22 7.76 -18.63 23.31
C GLY H 22 9.24 -18.64 23.60
N ARG H 23 9.92 -19.74 23.32
CA ARG H 23 11.38 -19.83 23.58
C ARG H 23 12.04 -20.43 22.35
N GLY H 24 11.79 -19.87 21.19
CA GLY H 24 12.46 -20.33 19.96
C GLY H 24 11.48 -20.90 18.96
N GLU H 25 11.91 -21.08 17.74
CA GLU H 25 11.01 -21.56 16.67
C GLU H 25 11.08 -23.09 16.58
N GLY H 26 11.87 -23.73 17.42
CA GLY H 26 11.94 -25.20 17.44
C GLY H 26 10.90 -25.76 18.37
N SER H 27 10.15 -24.88 19.02
CA SER H 27 9.06 -25.30 19.94
C SER H 27 7.89 -24.34 19.72
N LYS H 28 6.95 -24.27 20.65
CA LYS H 28 5.83 -23.28 20.54
C LYS H 28 6.43 -21.89 20.64
N GLY H 29 7.07 -21.42 19.56
CA GLY H 29 7.79 -20.14 19.63
C GLY H 29 7.11 -18.97 18.99
N LYS H 30 7.63 -17.77 19.25
CA LYS H 30 7.05 -16.51 18.72
C LYS H 30 5.60 -16.39 19.14
N THR H 31 4.69 -16.62 18.22
CA THR H 31 3.30 -16.35 18.53
C THR H 31 2.79 -17.16 19.71
N ALA H 32 3.54 -18.18 20.15
CA ALA H 32 3.24 -18.92 21.36
C ALA H 32 1.92 -19.70 21.24
N GLY H 33 1.68 -20.26 20.06
CA GLY H 33 0.50 -21.08 19.86
C GLY H 33 -0.79 -20.31 19.80
N ARG H 34 -0.75 -19.02 19.46
CA ARG H 34 -1.96 -18.22 19.36
C ARG H 34 -2.29 -17.75 17.96
N GLY H 35 -1.42 -17.96 16.99
CA GLY H 35 -1.66 -17.43 15.66
C GLY H 35 -1.33 -15.95 15.60
N THR H 36 -1.93 -15.29 14.61
CA THR H 36 -1.61 -13.91 14.28
C THR H 36 -2.86 -13.05 14.39
N LYS H 37 -2.74 -11.92 15.10
CA LYS H 37 -3.79 -10.90 15.23
C LYS H 37 -5.04 -11.42 15.92
N GLY H 38 -5.98 -10.51 16.17
CA GLY H 38 -7.26 -10.87 16.73
C GLY H 38 -7.31 -10.78 18.24
N THR H 39 -8.51 -10.99 18.78
CA THR H 39 -8.68 -11.00 20.23
C THR H 39 -7.85 -12.11 20.87
N GLY H 40 -7.92 -13.31 20.29
CA GLY H 40 -7.22 -14.45 20.84
C GLY H 40 -5.72 -14.31 20.80
N ALA H 41 -5.21 -13.41 19.97
CA ALA H 41 -3.77 -13.13 19.98
C ALA H 41 -3.35 -12.46 21.28
N ARG H 42 -4.25 -11.84 21.99
CA ARG H 42 -3.80 -11.15 23.18
C ARG H 42 -4.49 -11.61 24.46
N LYS H 43 -5.81 -11.78 24.47
CA LYS H 43 -6.36 -12.19 25.75
C LYS H 43 -7.10 -13.53 25.82
N ASN H 44 -8.36 -13.55 25.36
CA ASN H 44 -9.33 -14.64 25.45
C ASN H 44 -10.67 -14.17 24.91
N VAL H 45 -11.64 -15.07 24.85
CA VAL H 45 -13.03 -14.70 24.64
C VAL H 45 -13.86 -15.35 25.74
N PRO H 46 -14.73 -14.61 26.41
CA PRO H 46 -15.55 -15.21 27.48
C PRO H 46 -16.44 -16.32 26.97
N GLU H 47 -16.68 -17.31 27.82
CA GLU H 47 -17.46 -18.48 27.42
C GLU H 47 -18.93 -18.15 27.20
N PHE H 48 -19.45 -17.10 27.83
CA PHE H 48 -20.83 -16.73 27.61
C PHE H 48 -21.03 -15.91 26.34
N PHE H 49 -19.95 -15.41 25.76
CA PHE H 49 -20.04 -14.59 24.56
C PHE H 49 -20.15 -15.45 23.31
N ALA H 50 -21.01 -15.04 22.39
CA ALA H 50 -21.28 -15.82 21.18
C ALA H 50 -21.10 -15.00 19.91
N GLY H 51 -20.38 -13.89 19.98
CA GLY H 51 -20.15 -13.07 18.82
C GLY H 51 -21.18 -12.00 18.57
N GLY H 52 -22.12 -11.79 19.49
CA GLY H 52 -23.19 -10.84 19.33
C GLY H 52 -24.52 -11.49 19.03
N GLN H 53 -24.51 -12.69 18.45
CA GLN H 53 -25.73 -13.47 18.35
C GLN H 53 -26.25 -13.77 19.76
N MET H 54 -27.56 -13.76 19.91
CA MET H 54 -28.14 -14.03 21.22
C MET H 54 -27.66 -15.40 21.69
N PRO H 55 -26.95 -15.49 22.80
CA PRO H 55 -26.31 -16.75 23.18
C PRO H 55 -27.32 -17.77 23.65
N ILE H 56 -26.87 -19.02 23.72
CA ILE H 56 -27.75 -20.17 24.07
C ILE H 56 -28.40 -19.92 25.42
N HIS H 57 -27.62 -19.42 26.35
CA HIS H 57 -28.12 -19.18 27.69
C HIS H 57 -29.06 -17.99 27.78
N MET H 58 -29.35 -17.34 26.65
CA MET H 58 -30.42 -16.36 26.59
C MET H 58 -31.57 -16.81 25.70
N GLN H 59 -31.29 -17.54 24.63
CA GLN H 59 -32.33 -18.01 23.73
C GLN H 59 -33.11 -19.18 24.32
N ALA H 60 -32.47 -20.03 25.11
CA ALA H 60 -33.20 -21.09 25.77
C ALA H 60 -34.11 -20.49 26.84
N PRO H 61 -35.35 -20.96 26.94
CA PRO H 61 -36.23 -20.45 28.00
C PRO H 61 -35.78 -20.94 29.36
N LYS H 62 -36.03 -20.12 30.37
CA LYS H 62 -35.67 -20.49 31.72
C LYS H 62 -36.54 -21.63 32.20
N LEU H 63 -35.91 -22.71 32.67
CA LEU H 63 -36.66 -23.73 33.37
C LEU H 63 -37.24 -23.10 34.61
N GLY H 64 -38.57 -23.00 34.69
CA GLY H 64 -39.16 -22.30 35.81
C GLY H 64 -39.22 -23.19 37.03
N GLY H 65 -40.37 -23.25 37.67
CA GLY H 65 -40.50 -24.07 38.83
C GLY H 65 -39.89 -23.42 40.07
N PHE H 66 -39.73 -24.25 41.09
CA PHE H 66 -39.27 -23.80 42.38
C PHE H 66 -38.60 -24.95 43.08
N HIS H 67 -37.91 -24.64 44.17
CA HIS H 67 -37.31 -25.64 45.03
C HIS H 67 -38.08 -25.71 46.34
N ASN H 68 -38.22 -26.89 46.88
CA ASN H 68 -38.85 -27.05 48.18
C ASN H 68 -37.86 -26.58 49.23
N PRO H 69 -38.17 -25.54 50.01
CA PRO H 69 -37.22 -25.07 51.02
C PRO H 69 -36.87 -26.12 52.06
N PHE H 70 -37.80 -27.05 52.32
CA PHE H 70 -37.64 -28.04 53.37
C PHE H 70 -37.61 -29.45 52.80
N ARG H 71 -37.07 -29.61 51.60
CA ARG H 71 -36.97 -30.93 51.00
C ARG H 71 -35.93 -31.74 51.72
N THR H 72 -36.29 -32.97 52.09
CA THR H 72 -35.35 -33.92 52.67
C THR H 72 -35.04 -34.99 51.62
N GLU H 73 -33.78 -35.42 51.60
CA GLU H 73 -33.33 -36.42 50.64
C GLU H 73 -33.15 -37.75 51.36
N TYR H 74 -33.76 -38.79 50.79
CA TYR H 74 -33.75 -40.11 51.39
C TYR H 74 -32.51 -40.84 50.88
N GLN H 75 -31.57 -41.12 51.76
CA GLN H 75 -30.54 -42.09 51.45
C GLN H 75 -31.20 -43.42 51.13
N VAL H 76 -30.86 -43.99 49.98
CA VAL H 76 -31.58 -45.15 49.45
C VAL H 76 -30.68 -46.35 49.49
N VAL H 77 -31.21 -47.47 49.96
CA VAL H 77 -30.52 -48.74 49.91
C VAL H 77 -31.42 -49.74 49.21
N ASN H 78 -30.81 -50.63 48.42
CA ASN H 78 -31.55 -51.55 47.58
C ASN H 78 -31.45 -52.97 48.13
N LEU H 79 -32.37 -53.83 47.66
CA LEU H 79 -32.41 -55.19 48.15
C LEU H 79 -31.19 -56.00 47.72
N ASP H 80 -30.66 -55.72 46.52
CA ASP H 80 -29.38 -56.30 46.14
C ASP H 80 -28.31 -56.03 47.18
N LYS H 81 -28.15 -54.77 47.55
CA LYS H 81 -27.13 -54.40 48.52
C LYS H 81 -27.41 -55.01 49.89
N VAL H 82 -28.68 -55.02 50.30
CA VAL H 82 -29.02 -55.59 51.59
C VAL H 82 -28.68 -57.07 51.63
N GLU H 83 -29.02 -57.81 50.56
CA GLU H 83 -28.69 -59.22 50.49
C GLU H 83 -27.17 -59.43 50.49
N ALA H 84 -26.44 -58.63 49.72
CA ALA H 84 -25.00 -58.82 49.63
C ALA H 84 -24.29 -58.53 50.94
N LEU H 85 -24.70 -57.47 51.63
CA LEU H 85 -24.02 -57.06 52.86
C LEU H 85 -24.58 -57.74 54.11
N PHE H 86 -25.71 -58.45 54.01
CA PHE H 86 -26.22 -59.25 55.11
C PHE H 86 -26.64 -60.62 54.57
N PRO H 87 -25.68 -61.41 54.08
CA PRO H 87 -26.05 -62.68 53.45
C PRO H 87 -26.49 -63.73 54.45
N LYS H 88 -25.98 -63.69 55.68
CA LYS H 88 -26.30 -64.73 56.65
C LYS H 88 -27.66 -64.43 57.28
N GLY H 89 -28.67 -64.20 56.44
CA GLY H 89 -30.01 -63.90 56.90
C GLY H 89 -30.03 -62.85 57.97
N GLY H 90 -29.66 -61.62 57.62
CA GLY H 90 -29.65 -60.53 58.58
C GLY H 90 -30.97 -60.44 59.33
N LYS H 91 -30.94 -60.75 60.63
CA LYS H 91 -32.18 -60.83 61.38
C LYS H 91 -32.81 -59.46 61.54
N ILE H 92 -32.10 -58.54 62.20
CA ILE H 92 -32.59 -57.19 62.40
C ILE H 92 -31.50 -56.22 61.90
N THR H 93 -31.60 -55.83 60.64
CA THR H 93 -30.81 -54.72 60.14
C THR H 93 -31.37 -53.42 60.68
N VAL H 94 -30.50 -52.45 60.90
CA VAL H 94 -30.89 -51.13 61.41
C VAL H 94 -30.11 -50.06 60.66
N ASP H 95 -30.41 -48.81 61.02
CA ASP H 95 -29.71 -47.68 60.41
C ASP H 95 -28.22 -47.75 60.69
N ASP H 96 -27.84 -48.12 61.91
CA ASP H 96 -26.42 -48.22 62.24
C ASP H 96 -25.74 -49.31 61.42
N LEU H 97 -26.43 -50.43 61.20
CA LEU H 97 -25.82 -51.50 60.41
C LEU H 97 -25.68 -51.11 58.95
N VAL H 98 -26.72 -50.52 58.35
CA VAL H 98 -26.55 -50.07 56.97
C VAL H 98 -25.55 -48.93 56.89
N SER H 99 -25.33 -48.19 57.98
CA SER H 99 -24.32 -47.13 57.97
C SER H 99 -22.92 -47.70 58.02
N VAL H 100 -22.70 -48.73 58.84
CA VAL H 100 -21.38 -49.34 58.87
C VAL H 100 -21.10 -50.08 57.57
N GLY H 101 -22.13 -50.58 56.90
CA GLY H 101 -21.88 -51.05 55.55
C GLY H 101 -21.64 -49.90 54.59
N ALA H 102 -22.72 -49.25 54.13
CA ALA H 102 -22.65 -47.92 53.52
C ALA H 102 -24.06 -47.35 53.32
N VAL H 103 -24.44 -46.31 54.05
CA VAL H 103 -25.67 -45.59 53.71
C VAL H 103 -25.47 -44.09 53.85
N ARG H 104 -24.29 -43.66 54.30
CA ARG H 104 -24.01 -42.24 54.55
C ARG H 104 -24.94 -41.68 55.64
N ASP H 105 -24.64 -42.10 56.87
CA ASP H 105 -25.48 -41.86 58.04
C ASP H 105 -25.76 -40.41 58.38
N ASN H 106 -26.55 -40.19 59.44
CA ASN H 106 -27.16 -38.91 59.80
C ASN H 106 -28.16 -38.44 58.75
N GLU H 107 -28.82 -39.39 58.10
CA GLU H 107 -29.86 -39.10 57.12
C GLU H 107 -30.95 -40.15 57.24
N LEU H 108 -32.07 -39.89 56.58
CA LEU H 108 -33.14 -40.88 56.49
C LEU H 108 -32.74 -41.97 55.50
N VAL H 109 -33.16 -43.20 55.78
CA VAL H 109 -32.47 -44.38 55.26
C VAL H 109 -33.44 -45.24 54.45
N LYS H 110 -34.24 -44.61 53.61
CA LYS H 110 -35.22 -45.32 52.79
C LYS H 110 -34.61 -46.54 52.08
N VAL H 111 -35.39 -47.60 51.98
CA VAL H 111 -34.97 -48.83 51.32
C VAL H 111 -35.84 -49.06 50.10
N LEU H 112 -35.21 -49.30 48.96
CA LEU H 112 -35.88 -49.56 47.70
C LEU H 112 -35.71 -51.01 47.30
N GLY H 113 -36.42 -51.42 46.26
CA GLY H 113 -36.58 -52.85 46.02
C GLY H 113 -36.15 -53.44 44.70
N THR H 114 -35.02 -53.01 44.14
CA THR H 114 -34.48 -53.67 42.96
C THR H 114 -33.58 -54.81 43.43
N GLY H 115 -34.06 -56.04 43.25
CA GLY H 115 -33.33 -57.19 43.74
C GLY H 115 -34.28 -58.33 44.06
N GLU H 116 -33.75 -59.30 44.80
CA GLU H 116 -34.46 -60.54 45.05
C GLU H 116 -34.73 -60.79 46.53
N LEU H 117 -33.73 -60.62 47.39
CA LEU H 117 -33.88 -60.76 48.84
C LEU H 117 -34.38 -62.16 49.21
N THR H 118 -33.51 -63.14 48.97
CA THR H 118 -33.82 -64.53 49.30
C THR H 118 -33.79 -64.80 50.80
N VAL H 119 -33.33 -63.87 51.63
CA VAL H 119 -33.23 -64.08 53.05
C VAL H 119 -34.34 -63.34 53.77
N LYS H 120 -34.53 -63.64 55.04
CA LYS H 120 -35.51 -62.97 55.89
C LYS H 120 -34.82 -61.85 56.66
N VAL H 121 -35.40 -60.66 56.65
CA VAL H 121 -34.72 -59.49 57.19
C VAL H 121 -35.76 -58.52 57.76
N ASP H 122 -35.41 -57.87 58.86
CA ASP H 122 -36.25 -56.89 59.51
C ASP H 122 -35.53 -55.55 59.43
N LEU H 123 -36.09 -54.62 58.66
CA LEU H 123 -35.30 -53.48 58.20
C LEU H 123 -35.24 -52.36 59.24
N VAL H 124 -36.37 -51.96 59.80
CA VAL H 124 -36.41 -50.87 60.77
C VAL H 124 -35.69 -49.64 60.21
N VAL H 125 -36.29 -48.98 59.23
CA VAL H 125 -35.70 -47.83 58.57
C VAL H 125 -36.74 -46.74 58.44
N ASP H 126 -36.36 -45.65 57.80
CA ASP H 126 -37.25 -44.51 57.57
C ASP H 126 -37.80 -44.63 56.16
N ALA H 127 -39.07 -44.99 56.04
CA ALA H 127 -39.78 -45.13 54.77
C ALA H 127 -39.24 -46.27 53.91
N TRP H 128 -40.09 -46.80 53.03
CA TRP H 128 -39.73 -47.88 52.13
C TRP H 128 -40.68 -47.83 50.95
N SER H 129 -40.25 -48.41 49.84
CA SER H 129 -41.12 -48.46 48.68
C SER H 129 -42.08 -49.65 48.79
N LYS H 130 -43.16 -49.57 48.03
CA LYS H 130 -44.17 -50.63 48.08
C LYS H 130 -43.62 -51.94 47.54
N SER H 131 -42.88 -51.91 46.44
CA SER H 131 -42.30 -53.13 45.90
C SER H 131 -41.29 -53.73 46.86
N ALA H 132 -40.48 -52.87 47.50
CA ALA H 132 -39.53 -53.38 48.49
C ALA H 132 -40.25 -54.04 49.63
N GLN H 133 -41.29 -53.41 50.16
CA GLN H 133 -42.04 -54.00 51.26
C GLN H 133 -42.64 -55.34 50.84
N GLU H 134 -43.23 -55.39 49.64
CA GLU H 134 -43.84 -56.62 49.18
C GLU H 134 -42.82 -57.74 49.09
N LYS H 135 -41.64 -57.44 48.54
CA LYS H 135 -40.59 -58.45 48.46
C LYS H 135 -40.14 -58.90 49.85
N ILE H 136 -40.09 -57.95 50.80
CA ILE H 136 -39.61 -58.30 52.15
C ILE H 136 -40.59 -59.25 52.83
N GLU H 137 -41.88 -58.93 52.82
CA GLU H 137 -42.82 -59.87 53.43
C GLU H 137 -42.91 -61.18 52.64
N LYS H 138 -42.71 -61.14 51.31
CA LYS H 138 -42.70 -62.39 50.56
C LYS H 138 -41.56 -63.28 51.01
N ALA H 139 -40.38 -62.69 51.24
CA ALA H 139 -39.26 -63.45 51.77
C ALA H 139 -39.47 -63.84 53.23
N GLY H 140 -40.33 -63.14 53.95
CA GLY H 140 -40.62 -63.46 55.32
C GLY H 140 -40.20 -62.41 56.33
N GLY H 141 -39.62 -61.31 55.88
CA GLY H 141 -39.14 -60.26 56.76
C GLY H 141 -40.21 -59.23 57.06
N SER H 142 -39.74 -58.06 57.49
CA SER H 142 -40.66 -56.99 57.87
C SER H 142 -39.92 -55.66 57.83
N VAL H 143 -40.69 -54.58 57.89
CA VAL H 143 -40.18 -53.22 57.98
C VAL H 143 -40.88 -52.52 59.13
N THR H 144 -40.23 -51.49 59.66
CA THR H 144 -40.73 -50.79 60.84
C THR H 144 -40.28 -49.34 60.74
N LYS H 145 -40.97 -48.47 61.47
CA LYS H 145 -40.77 -47.02 61.42
C LYS H 145 -41.17 -46.47 60.06
N MET I 1 -34.24 1.18 -38.72
CA MET I 1 -33.70 0.47 -37.56
C MET I 1 -34.71 -0.53 -37.04
N LEU I 2 -34.34 -1.81 -37.08
CA LEU I 2 -35.20 -2.86 -36.57
C LEU I 2 -35.13 -2.90 -35.05
N ILE I 3 -36.24 -2.60 -34.40
CA ILE I 3 -36.36 -2.72 -32.95
C ILE I 3 -37.65 -3.46 -32.65
N PRO I 4 -37.63 -4.50 -31.82
CA PRO I 4 -38.87 -5.23 -31.52
C PRO I 4 -39.89 -4.32 -30.86
N ARG I 5 -41.16 -4.61 -31.11
CA ARG I 5 -42.23 -3.84 -30.47
C ARG I 5 -42.16 -3.99 -28.96
N ARG I 6 -41.92 -5.19 -28.48
CA ARG I 6 -41.75 -5.43 -27.05
C ARG I 6 -40.94 -6.71 -26.87
N VAL I 7 -40.34 -6.84 -25.70
CA VAL I 7 -39.65 -8.06 -25.31
C VAL I 7 -40.12 -8.45 -23.92
N LYS I 8 -40.06 -9.74 -23.63
CA LYS I 8 -40.46 -10.22 -22.31
C LYS I 8 -39.59 -9.62 -21.23
N TYR I 9 -38.27 -9.66 -21.41
CA TYR I 9 -37.32 -9.12 -20.47
C TYR I 9 -36.35 -8.21 -21.20
N ARG I 10 -36.22 -6.97 -20.72
CA ARG I 10 -35.36 -6.00 -21.39
C ARG I 10 -33.89 -6.15 -21.00
N LYS I 11 -33.60 -6.73 -19.84
CA LYS I 11 -32.23 -6.94 -19.40
C LYS I 11 -31.96 -8.44 -19.44
N GLN I 12 -31.12 -8.86 -20.38
CA GLN I 12 -30.86 -10.27 -20.61
C GLN I 12 -29.37 -10.55 -20.54
N HIS I 13 -29.04 -11.81 -20.28
CA HIS I 13 -27.66 -12.24 -20.34
C HIS I 13 -27.17 -12.16 -21.79
N HIS I 14 -25.86 -12.03 -21.94
CA HIS I 14 -25.27 -11.97 -23.25
C HIS I 14 -25.56 -13.27 -23.99
N PRO I 15 -25.98 -13.21 -25.26
CA PRO I 15 -26.24 -14.44 -26.00
C PRO I 15 -24.99 -15.29 -26.15
N LYS I 16 -25.17 -16.60 -26.07
CA LYS I 16 -24.10 -17.53 -26.40
C LYS I 16 -23.59 -17.24 -27.80
N ARG I 17 -22.28 -17.15 -27.94
CA ARG I 17 -21.67 -16.99 -29.26
C ARG I 17 -20.72 -18.13 -29.58
N THR I 18 -21.00 -19.30 -29.05
CA THR I 18 -20.31 -20.54 -29.36
C THR I 18 -21.11 -21.36 -30.37
N GLY I 19 -20.41 -22.23 -31.08
CA GLY I 19 -21.05 -23.18 -31.97
C GLY I 19 -21.34 -22.62 -33.34
N ALA I 20 -21.70 -23.54 -34.25
CA ALA I 20 -22.08 -23.16 -35.60
C ALA I 20 -23.54 -22.74 -35.62
N ALA I 21 -24.03 -22.40 -36.81
CA ALA I 21 -25.39 -21.90 -36.94
C ALA I 21 -26.38 -22.99 -36.58
N LYS I 22 -27.30 -22.68 -35.67
CA LYS I 22 -28.31 -23.64 -35.25
C LYS I 22 -29.24 -24.01 -36.39
N GLY I 23 -29.69 -23.01 -37.15
CA GLY I 23 -30.55 -23.24 -38.28
C GLY I 23 -30.48 -22.05 -39.22
N GLY I 24 -31.21 -22.14 -40.32
CA GLY I 24 -31.16 -21.10 -41.32
C GLY I 24 -29.83 -21.01 -42.02
N THR I 25 -29.22 -22.15 -42.35
CA THR I 25 -27.96 -22.19 -43.05
C THR I 25 -28.12 -22.27 -44.56
N GLN I 26 -29.35 -22.32 -45.05
CA GLN I 26 -29.61 -22.48 -46.47
C GLN I 26 -30.55 -21.37 -46.95
N LEU I 27 -30.44 -21.03 -48.22
CA LEU I 27 -31.33 -20.04 -48.80
C LEU I 27 -32.76 -20.55 -48.77
N ALA I 28 -33.67 -19.68 -48.35
CA ALA I 28 -35.08 -20.05 -48.23
C ALA I 28 -36.02 -19.18 -49.03
N PHE I 29 -35.65 -17.94 -49.34
CA PHE I 29 -36.54 -17.04 -50.06
C PHE I 29 -35.96 -16.57 -51.39
N GLY I 30 -34.72 -16.10 -51.40
CA GLY I 30 -34.14 -15.49 -52.57
C GLY I 30 -33.28 -16.44 -53.38
N ASP I 31 -32.64 -15.89 -54.40
CA ASP I 31 -31.74 -16.64 -55.27
C ASP I 31 -30.29 -16.55 -54.82
N TYR I 32 -29.85 -15.38 -54.36
CA TYR I 32 -28.51 -15.20 -53.87
C TYR I 32 -28.58 -14.74 -52.42
N GLY I 33 -27.44 -14.74 -51.74
CA GLY I 33 -27.48 -14.34 -50.35
C GLY I 33 -26.10 -14.15 -49.76
N ILE I 34 -26.10 -13.59 -48.55
CA ILE I 34 -24.91 -13.40 -47.75
C ILE I 34 -24.89 -14.47 -46.68
N GLN I 35 -23.78 -15.18 -46.55
CA GLN I 35 -23.62 -16.20 -45.53
C GLN I 35 -22.44 -15.83 -44.65
N ALA I 36 -22.68 -15.68 -43.35
CA ALA I 36 -21.62 -15.31 -42.43
C ALA I 36 -20.71 -16.50 -42.19
N THR I 37 -19.42 -16.30 -42.40
CA THR I 37 -18.42 -17.34 -42.14
C THR I 37 -17.83 -17.26 -40.74
N GLU I 38 -18.19 -16.23 -39.97
CA GLU I 38 -17.71 -16.08 -38.61
C GLU I 38 -18.87 -15.65 -37.72
N GLY I 39 -18.78 -16.02 -36.45
CA GLY I 39 -19.79 -15.64 -35.50
C GLY I 39 -19.60 -14.21 -35.01
N GLY I 40 -20.61 -13.72 -34.33
CA GLY I 40 -20.53 -12.39 -33.75
C GLY I 40 -21.91 -11.81 -33.52
N TYR I 41 -21.90 -10.56 -33.05
CA TYR I 41 -23.11 -9.80 -32.83
C TYR I 41 -23.34 -8.86 -34.01
N LEU I 42 -24.58 -8.77 -34.45
CA LEU I 42 -24.96 -7.96 -35.61
C LEU I 42 -26.01 -6.96 -35.15
N THR I 43 -25.64 -5.68 -35.07
CA THR I 43 -26.55 -4.68 -34.57
C THR I 43 -27.52 -4.23 -35.65
N ASN I 44 -28.61 -3.59 -35.22
CA ASN I 44 -29.60 -3.09 -36.15
C ASN I 44 -29.02 -2.01 -37.06
N ARG I 45 -28.09 -1.21 -36.54
CA ARG I 45 -27.47 -0.19 -37.38
C ARG I 45 -26.67 -0.82 -38.50
N GLN I 46 -25.91 -1.87 -38.21
CA GLN I 46 -25.18 -2.57 -39.26
C GLN I 46 -26.12 -3.23 -40.26
N ILE I 47 -27.20 -3.84 -39.75
CA ILE I 47 -28.17 -4.46 -40.64
C ILE I 47 -28.77 -3.43 -41.57
N GLU I 48 -29.14 -2.26 -41.03
CA GLU I 48 -29.73 -1.22 -41.84
C GLU I 48 -28.75 -0.69 -42.87
N ALA I 49 -27.49 -0.52 -42.48
CA ALA I 49 -26.49 -0.05 -43.44
C ALA I 49 -26.33 -1.02 -44.59
N ALA I 50 -26.25 -2.32 -44.29
CA ALA I 50 -26.10 -3.31 -45.35
C ALA I 50 -27.34 -3.36 -46.24
N ARG I 51 -28.52 -3.28 -45.64
CA ARG I 51 -29.75 -3.31 -46.44
C ARG I 51 -29.84 -2.09 -47.34
N ILE I 52 -29.49 -0.92 -46.82
CA ILE I 52 -29.48 0.29 -47.64
C ILE I 52 -28.52 0.13 -48.80
N ALA I 53 -27.33 -0.41 -48.54
CA ALA I 53 -26.35 -0.59 -49.61
C ALA I 53 -26.90 -1.50 -50.71
N MET I 54 -27.45 -2.65 -50.33
CA MET I 54 -27.98 -3.58 -51.32
C MET I 54 -29.12 -2.96 -52.12
N THR I 55 -30.09 -2.36 -51.43
CA THR I 55 -31.25 -1.82 -52.12
C THR I 55 -30.84 -0.67 -53.05
N ARG I 56 -29.97 0.20 -52.57
CA ARG I 56 -29.52 1.32 -53.37
C ARG I 56 -28.78 0.87 -54.61
N TYR I 57 -27.92 -0.15 -54.48
CA TYR I 57 -27.23 -0.64 -55.67
C TYR I 57 -28.18 -1.31 -56.65
N ILE I 58 -29.09 -2.15 -56.16
CA ILE I 58 -30.01 -2.84 -57.07
C ILE I 58 -31.11 -1.93 -57.57
N LYS I 59 -31.15 -0.68 -57.09
CA LYS I 59 -32.06 0.34 -57.62
C LYS I 59 -33.50 -0.04 -57.32
N ARG I 60 -34.29 -0.27 -58.38
CA ARG I 60 -35.71 -0.54 -58.22
C ARG I 60 -36.06 -2.02 -58.33
N GLY I 61 -35.31 -2.80 -59.10
CA GLY I 61 -35.65 -4.20 -59.26
C GLY I 61 -35.19 -5.06 -58.10
N GLY I 62 -35.63 -6.32 -58.13
CA GLY I 62 -35.23 -7.28 -57.13
C GLY I 62 -35.79 -7.03 -55.75
N LYS I 63 -35.78 -8.04 -54.89
CA LYS I 63 -36.28 -7.89 -53.53
C LYS I 63 -35.28 -8.50 -52.55
N VAL I 64 -35.23 -7.91 -51.36
CA VAL I 64 -34.25 -8.23 -50.33
C VAL I 64 -34.98 -8.78 -49.11
N TRP I 65 -34.42 -9.83 -48.53
CA TRP I 65 -34.91 -10.43 -47.29
C TRP I 65 -33.85 -10.27 -46.22
N ILE I 66 -34.27 -9.83 -45.04
CA ILE I 66 -33.42 -9.76 -43.86
C ILE I 66 -33.76 -10.99 -43.02
N ASN I 67 -32.90 -12.01 -43.06
CA ASN I 67 -33.22 -13.26 -42.37
C ASN I 67 -33.07 -13.14 -40.86
N VAL I 68 -32.19 -12.29 -40.39
CA VAL I 68 -31.91 -12.16 -38.97
C VAL I 68 -32.62 -10.93 -38.44
N TYR I 69 -32.92 -10.95 -37.14
CA TYR I 69 -33.61 -9.84 -36.52
C TYR I 69 -32.90 -9.46 -35.22
N PRO I 70 -32.56 -8.20 -35.03
CA PRO I 70 -31.91 -7.75 -33.79
C PRO I 70 -32.88 -7.63 -32.62
N ASP I 71 -33.30 -8.77 -32.09
CA ASP I 71 -34.28 -8.79 -31.01
C ASP I 71 -33.65 -9.00 -29.64
N ARG I 72 -32.33 -9.10 -29.57
CA ARG I 72 -31.65 -9.29 -28.29
C ARG I 72 -31.17 -7.94 -27.77
N PRO I 73 -31.63 -7.49 -26.61
CA PRO I 73 -31.21 -6.17 -26.11
C PRO I 73 -29.91 -6.24 -25.34
N MET I 74 -29.09 -5.21 -25.52
CA MET I 74 -27.81 -5.09 -24.82
C MET I 74 -27.84 -3.84 -23.96
N THR I 75 -27.64 -4.01 -22.67
CA THR I 75 -27.64 -2.88 -21.76
C THR I 75 -26.27 -2.20 -21.76
N LYS I 76 -26.25 -0.98 -21.24
CA LYS I 76 -25.03 -0.20 -21.12
C LYS I 76 -24.95 0.37 -19.71
N HIS I 77 -23.81 0.16 -19.06
CA HIS I 77 -23.60 0.76 -17.75
C HIS I 77 -23.65 2.28 -17.87
N PRO I 78 -24.25 2.98 -16.92
CA PRO I 78 -24.27 4.45 -16.98
C PRO I 78 -22.85 4.99 -17.05
N ALA I 79 -22.66 6.00 -17.90
CA ALA I 79 -21.33 6.50 -18.19
C ALA I 79 -20.68 7.10 -16.96
N GLU I 80 -19.36 6.93 -16.86
CA GLU I 80 -18.52 7.52 -15.83
C GLU I 80 -18.87 7.05 -14.43
N SER I 81 -19.54 5.91 -14.30
CA SER I 81 -20.03 5.44 -13.01
C SER I 81 -19.26 4.20 -12.58
N ARG I 82 -19.09 4.06 -11.26
CA ARG I 82 -18.44 2.90 -10.71
C ARG I 82 -19.30 1.66 -10.93
N MET I 83 -18.67 0.50 -10.83
CA MET I 83 -19.36 -0.76 -11.07
C MET I 83 -20.37 -1.04 -9.96
N GLY I 84 -21.51 -1.61 -10.35
CA GLY I 84 -22.55 -1.92 -9.39
C GLY I 84 -23.83 -1.15 -9.63
N SER I 85 -24.69 -1.09 -8.62
CA SER I 85 -25.95 -0.36 -8.70
C SER I 85 -26.86 -0.91 -9.79
N GLY I 86 -26.84 -2.23 -9.97
CA GLY I 86 -27.75 -2.89 -10.88
C GLY I 86 -27.32 -2.82 -12.33
N LYS I 87 -28.04 -3.57 -13.16
CA LYS I 87 -27.78 -3.60 -14.58
C LYS I 87 -28.24 -2.31 -15.23
N GLY I 88 -27.65 -2.01 -16.39
CA GLY I 88 -27.94 -0.79 -17.11
C GLY I 88 -29.24 -0.87 -17.89
N THR I 89 -29.44 0.14 -18.72
CA THR I 89 -30.56 0.31 -19.62
C THR I 89 -30.21 -0.19 -21.01
N PRO I 90 -31.11 -0.89 -21.69
CA PRO I 90 -30.80 -1.36 -23.05
C PRO I 90 -30.40 -0.21 -23.96
N GLU I 91 -29.35 -0.44 -24.74
CA GLU I 91 -28.79 0.63 -25.57
C GLU I 91 -28.60 0.15 -27.00
N TRP I 92 -28.41 -1.16 -27.18
CA TRP I 92 -28.21 -1.74 -28.50
C TRP I 92 -29.10 -2.96 -28.66
N TRP I 93 -29.51 -3.22 -29.90
CA TRP I 93 -30.26 -4.42 -30.25
C TRP I 93 -29.44 -5.20 -31.27
N ILE I 94 -29.20 -6.48 -30.98
CA ILE I 94 -28.30 -7.29 -31.78
C ILE I 94 -29.01 -8.58 -32.18
N ALA I 95 -28.45 -9.22 -33.21
CA ALA I 95 -28.80 -10.58 -33.57
C ALA I 95 -27.60 -11.48 -33.36
N ASN I 96 -27.83 -12.69 -32.89
CA ASN I 96 -26.76 -13.62 -32.59
C ASN I 96 -26.40 -14.37 -33.86
N ILE I 97 -25.25 -14.05 -34.44
CA ILE I 97 -24.81 -14.63 -35.70
C ILE I 97 -23.79 -15.71 -35.40
N LYS I 98 -23.94 -16.87 -36.05
CA LYS I 98 -23.01 -17.97 -35.94
C LYS I 98 -22.59 -18.40 -37.33
N PRO I 99 -21.40 -19.00 -37.47
CA PRO I 99 -20.90 -19.33 -38.81
C PRO I 99 -21.87 -20.22 -39.57
N GLY I 100 -22.04 -19.89 -40.84
CA GLY I 100 -22.99 -20.58 -41.69
C GLY I 100 -24.38 -20.00 -41.74
N ARG I 101 -24.65 -18.96 -40.96
CA ARG I 101 -25.97 -18.33 -40.96
C ARG I 101 -26.14 -17.45 -42.20
N VAL I 102 -27.26 -17.61 -42.88
CA VAL I 102 -27.58 -16.74 -44.00
C VAL I 102 -28.24 -15.48 -43.46
N LEU I 103 -27.60 -14.33 -43.69
CA LEU I 103 -28.05 -13.06 -43.13
C LEU I 103 -29.05 -12.37 -44.04
N PHE I 104 -28.67 -12.13 -45.29
CA PHE I 104 -29.50 -11.43 -46.25
C PHE I 104 -29.71 -12.31 -47.47
N GLU I 105 -30.84 -12.13 -48.13
CA GLU I 105 -31.11 -12.80 -49.39
C GLU I 105 -31.61 -11.79 -50.41
N LEU I 106 -31.38 -12.11 -51.68
CA LEU I 106 -31.73 -11.23 -52.78
C LEU I 106 -32.29 -12.06 -53.92
N SER I 107 -33.29 -11.52 -54.61
CA SER I 107 -33.87 -12.21 -55.75
C SER I 107 -34.28 -11.21 -56.82
N GLY I 108 -34.41 -11.73 -58.04
CA GLY I 108 -34.88 -10.92 -59.15
C GLY I 108 -33.85 -9.97 -59.73
N VAL I 109 -32.57 -10.34 -59.66
CA VAL I 109 -31.48 -9.47 -60.10
C VAL I 109 -30.44 -10.34 -60.78
N PRO I 110 -29.84 -9.91 -61.88
CA PRO I 110 -28.79 -10.71 -62.52
C PRO I 110 -27.60 -10.93 -61.59
N GLU I 111 -26.89 -12.03 -61.83
CA GLU I 111 -25.94 -12.53 -60.86
C GLU I 111 -24.79 -11.56 -60.62
N ASP I 112 -24.30 -10.91 -61.67
CA ASP I 112 -23.12 -10.05 -61.51
C ASP I 112 -23.43 -8.83 -60.63
N VAL I 113 -24.52 -8.12 -60.93
CA VAL I 113 -24.85 -6.96 -60.12
C VAL I 113 -25.35 -7.40 -58.74
N ALA I 114 -25.95 -8.58 -58.64
CA ALA I 114 -26.26 -9.12 -57.32
C ALA I 114 -25.00 -9.33 -56.50
N ARG I 115 -23.96 -9.89 -57.12
CA ARG I 115 -22.69 -10.08 -56.44
C ARG I 115 -22.11 -8.75 -55.99
N GLU I 116 -22.19 -7.74 -56.85
CA GLU I 116 -21.62 -6.44 -56.49
C GLU I 116 -22.39 -5.82 -55.32
N ALA I 117 -23.72 -5.94 -55.33
CA ALA I 117 -24.52 -5.45 -54.21
C ALA I 117 -24.19 -6.18 -52.92
N MET I 118 -24.02 -7.50 -53.00
CA MET I 118 -23.64 -8.25 -51.81
C MET I 118 -22.27 -7.82 -51.30
N ARG I 119 -21.35 -7.50 -52.21
CA ARG I 119 -20.04 -7.00 -51.78
C ARG I 119 -20.18 -5.68 -51.02
N LEU I 120 -20.99 -4.77 -51.57
CA LEU I 120 -21.26 -3.51 -50.87
C LEU I 120 -21.84 -3.76 -49.49
N ALA I 121 -22.77 -4.69 -49.37
CA ALA I 121 -23.36 -4.99 -48.07
C ALA I 121 -22.33 -5.59 -47.12
N ILE I 122 -21.53 -6.54 -47.60
CA ILE I 122 -20.59 -7.24 -46.73
C ILE I 122 -19.56 -6.28 -46.17
N HIS I 123 -19.16 -5.29 -46.97
CA HIS I 123 -18.18 -4.34 -46.44
C HIS I 123 -18.74 -3.49 -45.29
N LYS I 124 -20.01 -3.66 -44.91
CA LYS I 124 -20.58 -2.95 -43.78
C LYS I 124 -20.77 -3.84 -42.55
N LEU I 125 -20.57 -5.13 -42.68
CA LEU I 125 -20.80 -6.05 -41.57
C LEU I 125 -19.55 -6.18 -40.70
N PRO I 126 -19.73 -6.49 -39.42
CA PRO I 126 -18.57 -6.63 -38.53
C PRO I 126 -17.92 -8.00 -38.53
N MET I 127 -18.44 -8.97 -39.26
CA MET I 127 -17.85 -10.29 -39.34
C MET I 127 -17.72 -10.71 -40.79
N LYS I 128 -16.80 -11.64 -41.04
CA LYS I 128 -16.55 -12.11 -42.39
C LYS I 128 -17.79 -12.81 -42.94
N ALA I 129 -18.07 -12.54 -44.21
CA ALA I 129 -19.23 -13.13 -44.87
C ALA I 129 -18.90 -13.32 -46.34
N ARG I 130 -19.66 -14.20 -46.98
CA ARG I 130 -19.41 -14.59 -48.35
C ARG I 130 -20.70 -14.59 -49.16
N PHE I 131 -20.55 -14.47 -50.46
CA PHE I 131 -21.68 -14.51 -51.38
C PHE I 131 -21.99 -15.97 -51.72
N ILE I 132 -23.25 -16.36 -51.57
CA ILE I 132 -23.68 -17.72 -51.90
C ILE I 132 -24.86 -17.64 -52.84
N SER I 133 -25.08 -18.73 -53.57
CA SER I 133 -26.16 -18.84 -54.52
C SER I 133 -26.65 -20.29 -54.54
N ARG I 134 -27.75 -20.52 -55.24
CA ARG I 134 -28.28 -21.87 -55.40
C ARG I 134 -27.54 -22.59 -56.51
N GLU I 135 -26.19 -22.59 -56.43
CA GLU I 135 -25.34 -23.13 -57.49
C GLU I 135 -25.72 -22.54 -58.84
N GLY I 136 -26.03 -21.24 -58.85
CA GLY I 136 -26.43 -20.56 -60.06
C GLY I 136 -27.94 -20.58 -60.27
N PRO J 2 52.86 51.12 -4.45
CA PRO J 2 53.22 50.43 -5.68
C PRO J 2 52.11 49.53 -6.21
N LYS J 3 52.47 48.36 -6.69
CA LYS J 3 51.49 47.45 -7.26
C LYS J 3 50.53 46.97 -6.18
N PRO J 4 49.23 46.91 -6.48
CA PRO J 4 48.27 46.40 -5.48
C PRO J 4 48.48 44.93 -5.17
N THR J 5 47.69 44.39 -4.24
CA THR J 5 47.96 43.06 -3.69
C THR J 5 47.19 41.94 -4.38
N LYS J 6 46.43 42.24 -5.44
CA LYS J 6 45.74 41.22 -6.21
C LYS J 6 44.70 40.48 -5.39
N GLY J 7 45.14 39.66 -4.45
CA GLY J 7 44.25 38.84 -3.67
C GLY J 7 43.65 39.58 -2.51
N PRO J 8 43.04 38.85 -1.58
CA PRO J 8 42.46 39.48 -0.39
C PRO J 8 43.53 40.19 0.43
N ARG J 9 43.11 41.27 1.08
CA ARG J 9 44.04 42.16 1.77
C ARG J 9 44.30 41.69 3.19
N LEU J 10 45.43 42.10 3.73
CA LEU J 10 45.78 41.76 5.10
C LEU J 10 44.87 42.47 6.08
N GLY J 11 44.68 41.85 7.24
CA GLY J 11 43.91 42.48 8.29
C GLY J 11 42.42 42.52 8.07
N GLY J 12 41.91 41.80 7.08
CA GLY J 12 40.48 41.74 6.86
C GLY J 12 39.85 42.96 6.22
N SER J 13 40.66 43.88 5.72
CA SER J 13 40.16 45.09 5.08
C SER J 13 41.30 45.79 4.36
N PRO J 14 41.06 46.34 3.16
CA PRO J 14 42.14 47.09 2.50
C PRO J 14 42.61 48.31 3.26
N ALA J 15 41.72 48.99 3.97
CA ALA J 15 42.15 50.11 4.81
C ALA J 15 43.07 49.65 5.91
N HIS J 16 42.72 48.54 6.56
CA HIS J 16 43.60 47.99 7.58
C HIS J 16 44.90 47.51 6.98
N GLU J 17 44.89 47.00 5.75
CA GLU J 17 46.14 46.61 5.12
C GLU J 17 47.03 47.82 4.89
N ARG J 18 46.44 48.93 4.45
CA ARG J 18 47.21 50.16 4.29
C ARG J 18 47.84 50.58 5.60
N ILE J 19 47.05 50.57 6.68
CA ILE J 19 47.57 50.92 8.00
C ILE J 19 48.68 49.97 8.41
N ILE J 20 48.49 48.67 8.18
CA ILE J 20 49.46 47.67 8.60
C ILE J 20 50.76 47.86 7.86
N LEU J 21 50.69 48.05 6.54
CA LEU J 21 51.91 48.22 5.76
C LEU J 21 52.65 49.48 6.15
N ARG J 22 51.92 50.57 6.39
CA ARG J 22 52.59 51.82 6.76
C ARG J 22 53.24 51.70 8.13
N ASN J 23 52.53 51.14 9.11
CA ASN J 23 53.13 50.95 10.43
C ASN J 23 54.30 49.99 10.38
N LEU J 24 54.21 48.94 9.57
CA LEU J 24 55.28 47.96 9.48
C LEU J 24 56.52 48.58 8.85
N ALA J 25 56.34 49.41 7.83
CA ALA J 25 57.48 50.13 7.27
C ALA J 25 58.08 51.08 8.30
N SER J 26 57.24 51.77 9.08
CA SER J 26 57.76 52.65 10.10
C SER J 26 58.56 51.89 11.15
N GLN J 27 58.07 50.71 11.55
CA GLN J 27 58.79 49.92 12.55
C GLN J 27 60.07 49.34 11.98
N LEU J 28 60.06 48.96 10.70
CA LEU J 28 61.29 48.55 10.02
C LEU J 28 62.33 49.67 10.07
N PHE J 29 61.92 50.89 9.75
CA PHE J 29 62.87 51.98 9.78
C PHE J 29 63.32 52.31 11.20
N GLU J 30 62.44 52.11 12.19
CA GLU J 30 62.78 52.39 13.57
C GLU J 30 63.84 51.41 14.08
N HIS J 31 63.67 50.12 13.79
CA HIS J 31 64.48 49.09 14.43
C HIS J 31 65.54 48.49 13.53
N GLY J 32 65.60 48.85 12.25
CA GLY J 32 66.57 48.28 11.35
C GLY J 32 66.15 46.94 10.78
N ARG J 33 65.50 46.12 11.60
CA ARG J 33 65.03 44.81 11.19
C ARG J 33 63.76 44.47 11.95
N VAL J 34 62.98 43.56 11.39
CA VAL J 34 61.70 43.20 11.99
C VAL J 34 61.29 41.82 11.51
N VAL J 35 60.77 41.02 12.43
CA VAL J 35 60.29 39.67 12.16
C VAL J 35 58.78 39.76 12.01
N THR J 36 58.27 39.58 10.77
CA THR J 36 56.90 40.00 10.48
C THR J 36 56.17 39.06 9.53
N THR J 37 56.49 37.77 9.55
CA THR J 37 55.97 36.70 8.68
C THR J 37 56.22 37.00 7.20
N VAL J 38 56.08 35.97 6.35
CA VAL J 38 56.61 36.07 4.99
C VAL J 38 55.79 37.04 4.16
N THR J 39 54.46 36.92 4.21
CA THR J 39 53.63 37.73 3.33
C THR J 39 53.70 39.21 3.67
N LYS J 40 53.66 39.54 4.97
CA LYS J 40 53.74 40.95 5.35
C LYS J 40 55.09 41.55 4.96
N ALA J 41 56.18 40.80 5.14
CA ALA J 41 57.49 41.31 4.78
C ALA J 41 57.60 41.53 3.27
N LYS J 42 57.14 40.54 2.49
CA LYS J 42 57.23 40.65 1.04
C LYS J 42 56.26 41.69 0.49
N ARG J 43 55.21 42.05 1.22
CA ARG J 43 54.32 43.11 0.78
C ARG J 43 54.78 44.48 1.23
N VAL J 44 55.54 44.57 2.33
CA VAL J 44 56.05 45.86 2.77
C VAL J 44 57.36 46.22 2.09
N ARG J 45 58.06 45.25 1.50
CA ARG J 45 59.34 45.55 0.86
C ARG J 45 59.23 46.62 -0.23
N PRO J 46 58.30 46.55 -1.19
CA PRO J 46 58.26 47.61 -2.21
C PRO J 46 58.00 49.00 -1.65
N LEU J 47 57.07 49.13 -0.71
CA LEU J 47 56.79 50.44 -0.12
C LEU J 47 57.99 50.98 0.63
N ALA J 48 58.64 50.11 1.42
CA ALA J 48 59.81 50.56 2.18
C ALA J 48 60.93 51.01 1.26
N GLU J 49 61.14 50.30 0.16
CA GLU J 49 62.20 50.71 -0.76
C GLU J 49 61.83 51.99 -1.52
N LYS J 50 60.55 52.18 -1.85
CA LYS J 50 60.12 53.46 -2.40
C LYS J 50 60.45 54.59 -1.43
N LEU J 51 60.12 54.41 -0.16
CA LEU J 51 60.37 55.46 0.84
C LEU J 51 61.86 55.73 1.00
N ILE J 52 62.67 54.67 1.06
CA ILE J 52 64.12 54.87 1.20
C ILE J 52 64.68 55.60 -0.01
N ASN J 53 64.23 55.24 -1.22
CA ASN J 53 64.71 55.93 -2.41
C ASN J 53 64.33 57.40 -2.39
N ARG J 54 63.10 57.70 -1.97
CA ARG J 54 62.70 59.10 -1.84
C ARG J 54 63.56 59.83 -0.81
N ALA J 55 63.94 59.13 0.25
CA ALA J 55 64.77 59.74 1.29
C ALA J 55 66.24 59.80 0.93
N LYS J 56 66.66 59.17 -0.17
CA LYS J 56 68.07 59.21 -0.55
C LYS J 56 68.54 60.62 -0.85
N THR J 57 67.63 61.48 -1.32
CA THR J 57 67.93 62.89 -1.53
C THR J 57 67.12 63.73 -0.54
N ASP J 58 67.81 64.60 0.18
CA ASP J 58 67.26 65.28 1.34
C ASP J 58 66.86 66.70 0.96
N THR J 59 65.56 66.93 0.83
CA THR J 59 64.99 68.26 0.69
C THR J 59 63.78 68.37 1.61
N VAL J 60 63.35 69.60 1.87
CA VAL J 60 62.19 69.81 2.71
C VAL J 60 60.94 69.23 2.07
N ALA J 61 60.79 69.42 0.76
CA ALA J 61 59.65 68.85 0.06
C ALA J 61 59.67 67.33 0.13
N ASN J 62 60.85 66.72 -0.02
CA ASN J 62 60.95 65.27 0.08
C ASN J 62 60.63 64.79 1.49
N ARG J 63 61.06 65.53 2.50
CA ARG J 63 60.76 65.13 3.87
C ARG J 63 59.26 65.22 4.14
N ARG J 64 58.59 66.25 3.61
CA ARG J 64 57.14 66.33 3.75
C ARG J 64 56.45 65.19 3.01
N PHE J 65 56.94 64.85 1.82
CA PHE J 65 56.33 63.77 1.07
C PHE J 65 56.50 62.43 1.78
N VAL J 66 57.65 62.20 2.40
CA VAL J 66 57.84 60.99 3.18
C VAL J 66 56.97 61.03 4.43
N ASN J 67 56.83 62.20 5.05
CA ASN J 67 55.98 62.33 6.22
C ASN J 67 54.51 62.14 5.90
N ARG J 68 54.13 62.25 4.63
CA ARG J 68 52.78 61.81 4.24
C ARG J 68 52.55 60.37 4.67
N THR J 69 53.52 59.51 4.45
CA THR J 69 53.55 58.17 5.00
C THR J 69 54.30 58.27 6.34
N ILE J 70 54.51 57.14 7.02
CA ILE J 70 55.30 57.11 8.25
C ILE J 70 54.61 57.94 9.34
N THR J 71 54.60 59.26 9.18
CA THR J 71 53.94 60.25 10.02
C THR J 71 54.59 60.42 11.38
N ASP J 72 55.62 59.64 11.71
CA ASP J 72 56.41 59.86 12.91
C ASP J 72 57.68 60.59 12.48
N ARG J 73 57.77 61.88 12.81
CA ARG J 73 58.90 62.70 12.34
C ARG J 73 60.21 62.13 12.86
N GLY J 74 60.21 61.53 14.05
CA GLY J 74 61.43 60.89 14.50
C GLY J 74 61.91 59.82 13.53
N ILE J 75 60.98 58.99 13.04
CA ILE J 75 61.34 57.98 12.05
C ILE J 75 61.72 58.63 10.74
N VAL J 76 61.07 59.75 10.40
CA VAL J 76 61.44 60.49 9.20
C VAL J 76 62.88 60.98 9.31
N HIS J 77 63.25 61.48 10.49
CA HIS J 77 64.62 61.92 10.74
C HIS J 77 65.59 60.76 10.61
N ILE J 78 65.25 59.60 11.19
CA ILE J 78 66.11 58.43 11.05
C ILE J 78 66.30 58.08 9.58
N LEU J 79 65.20 58.05 8.83
CA LEU J 79 65.26 57.66 7.43
C LEU J 79 66.10 58.64 6.62
N PHE J 80 65.97 59.94 6.88
CA PHE J 80 66.69 60.91 6.09
C PHE J 80 68.12 61.13 6.55
N THR J 81 68.47 60.70 7.76
CA THR J 81 69.80 60.93 8.29
C THR J 81 70.70 59.69 8.27
N GLU J 82 70.19 58.52 8.65
CA GLU J 82 70.98 57.31 8.70
C GLU J 82 70.74 56.41 7.48
N ILE J 83 69.48 56.02 7.26
CA ILE J 83 69.18 55.09 6.17
C ILE J 83 69.47 55.72 4.82
N GLY J 84 69.10 56.98 4.65
CA GLY J 84 69.28 57.65 3.37
C GLY J 84 70.72 57.69 2.91
N PRO J 85 71.58 58.37 3.66
CA PRO J 85 73.01 58.41 3.29
C PRO J 85 73.68 57.06 3.26
N ARG J 86 73.11 56.05 3.92
CA ARG J 86 73.68 54.71 3.84
C ARG J 86 73.58 54.11 2.45
N MET J 87 72.67 54.63 1.62
CA MET J 87 72.42 54.08 0.29
C MET J 87 72.76 55.09 -0.79
N GLU J 88 73.89 55.78 -0.65
CA GLU J 88 74.30 56.74 -1.69
C GLU J 88 74.57 56.03 -3.01
N GLY J 89 75.23 54.88 -2.98
CA GLY J 89 75.60 54.20 -4.19
C GLY J 89 74.68 53.07 -4.59
N ARG J 90 73.73 52.71 -3.73
CA ARG J 90 72.85 51.60 -4.03
C ARG J 90 71.80 52.03 -5.05
N ASP J 91 71.64 51.22 -6.10
CA ASP J 91 70.57 51.41 -7.08
C ASP J 91 69.46 50.42 -6.74
N GLY J 92 68.70 50.76 -5.71
CA GLY J 92 67.62 49.90 -5.27
C GLY J 92 68.11 48.77 -4.40
N GLY J 93 67.16 47.92 -4.00
CA GLY J 93 67.48 46.79 -3.16
C GLY J 93 68.00 47.18 -1.79
N TYR J 94 67.31 48.10 -1.13
CA TYR J 94 67.74 48.58 0.17
C TYR J 94 67.32 47.66 1.30
N THR J 95 66.47 46.67 1.05
CA THR J 95 66.02 45.76 2.09
C THR J 95 66.18 44.33 1.62
N ARG J 96 66.22 43.41 2.58
CA ARG J 96 66.31 41.98 2.27
C ARG J 96 65.43 41.21 3.24
N VAL J 97 64.88 40.10 2.76
CA VAL J 97 63.97 39.26 3.51
C VAL J 97 64.58 37.86 3.62
N THR J 98 64.57 37.31 4.83
CA THR J 98 65.09 35.97 5.07
C THR J 98 64.10 35.19 5.92
N ARG J 99 63.76 33.97 5.49
CA ARG J 99 62.85 33.13 6.24
C ARG J 99 63.50 32.61 7.51
N ILE J 100 62.68 32.43 8.54
CA ILE J 100 63.15 32.02 9.86
C ILE J 100 62.65 30.64 10.24
N GLY J 101 61.42 30.34 9.89
CA GLY J 101 60.79 29.10 10.29
C GLY J 101 59.28 29.28 10.29
N ILE J 102 58.62 28.69 11.29
CA ILE J 102 57.19 28.78 11.43
C ILE J 102 56.86 29.10 12.87
N ARG J 103 55.66 29.64 13.09
CA ARG J 103 55.15 29.86 14.42
C ARG J 103 54.44 28.62 14.91
N LYS J 104 54.68 28.25 16.17
CA LYS J 104 54.07 27.04 16.70
C LYS J 104 52.56 27.19 16.79
N GLY J 105 52.06 28.38 17.12
CA GLY J 105 50.65 28.54 17.37
C GLY J 105 49.78 28.34 16.15
N ASP J 106 50.19 28.89 15.01
CA ASP J 106 49.34 28.87 13.82
C ASP J 106 50.10 28.50 12.55
N ASN J 107 51.36 28.09 12.66
CA ASN J 107 52.16 27.64 11.52
C ASN J 107 52.29 28.77 10.49
N ALA J 108 52.37 29.99 10.95
CA ALA J 108 52.63 31.09 10.04
C ALA J 108 54.09 31.04 9.63
N PRO J 109 54.41 30.93 8.35
CA PRO J 109 55.82 31.02 7.93
C PRO J 109 56.34 32.42 8.23
N MET J 110 57.39 32.48 9.04
CA MET J 110 57.92 33.74 9.53
C MET J 110 59.19 34.12 8.78
N ALA J 111 59.44 35.42 8.71
CA ALA J 111 60.63 35.92 8.06
C ALA J 111 60.98 37.28 8.65
N VAL J 112 62.26 37.61 8.60
CA VAL J 112 62.77 38.90 9.03
C VAL J 112 63.12 39.71 7.78
N ILE J 113 62.61 40.94 7.73
CA ILE J 113 62.99 41.91 6.72
C ILE J 113 63.86 42.96 7.40
N GLU J 114 64.96 43.32 6.73
CA GLU J 114 65.93 44.20 7.33
C GLU J 114 66.51 45.13 6.28
N VAL J 115 66.76 46.37 6.68
CA VAL J 115 67.42 47.33 5.81
C VAL J 115 68.89 46.96 5.68
N ILE J 116 69.45 47.15 4.49
CA ILE J 116 70.86 46.85 4.27
C ILE J 116 71.70 47.72 5.18
N SER J 117 72.65 47.09 5.87
CA SER J 117 73.49 47.78 6.86
C SER J 117 74.84 48.20 6.30
N ASP J 118 75.52 47.31 5.58
CA ASP J 118 76.83 47.65 5.05
C ASP J 118 76.74 48.63 3.88
N LYS J 119 77.77 49.47 3.76
CA LYS J 119 77.85 50.42 2.68
C LYS J 119 78.24 49.72 1.38
N VAL J 120 77.63 50.15 0.28
CA VAL J 120 77.91 49.53 -1.01
C VAL J 120 79.35 49.80 -1.45
N ALA J 121 79.88 50.97 -1.12
CA ALA J 121 81.24 51.32 -1.51
C ALA J 121 82.25 50.59 -0.63
N ALA K 2 -60.21 -54.13 -20.72
CA ALA K 2 -60.09 -52.98 -21.60
C ALA K 2 -60.44 -51.68 -20.87
N SER K 3 -59.41 -50.94 -20.46
CA SER K 3 -59.57 -49.65 -19.80
C SER K 3 -58.60 -48.65 -20.42
N THR K 4 -59.06 -47.40 -20.56
CA THR K 4 -58.28 -46.41 -21.31
C THR K 4 -58.25 -45.03 -20.66
N LEU K 5 -58.40 -44.93 -19.34
CA LEU K 5 -58.47 -43.64 -18.66
C LEU K 5 -59.52 -42.74 -19.29
N THR K 6 -59.17 -42.13 -20.42
CA THR K 6 -60.06 -41.20 -21.09
C THR K 6 -61.39 -41.85 -21.45
N VAL K 7 -62.47 -41.12 -21.24
CA VAL K 7 -63.78 -41.58 -21.65
C VAL K 7 -63.85 -41.57 -23.17
N ARG K 8 -64.20 -42.71 -23.76
CA ARG K 8 -64.22 -42.84 -25.21
C ARG K 8 -65.09 -41.77 -25.84
N LYS K 9 -64.52 -41.03 -26.78
CA LYS K 9 -65.29 -40.03 -27.50
C LYS K 9 -66.27 -40.72 -28.44
N SER K 10 -67.36 -40.04 -28.75
CA SER K 10 -68.52 -40.52 -29.50
C SER K 10 -69.39 -41.45 -28.67
N LEU K 11 -69.02 -41.73 -27.43
CA LEU K 11 -69.88 -42.48 -26.53
C LEU K 11 -71.16 -41.68 -26.26
N SER K 12 -72.25 -42.40 -26.04
CA SER K 12 -73.51 -41.73 -25.73
C SER K 12 -73.37 -40.91 -24.44
N ASP K 13 -74.24 -39.93 -24.28
CA ASP K 13 -74.13 -39.03 -23.15
C ASP K 13 -74.32 -39.75 -21.82
N ARG K 14 -75.32 -40.64 -21.76
CA ARG K 14 -75.54 -41.41 -20.54
C ARG K 14 -74.35 -42.31 -20.23
N ALA K 15 -73.78 -42.94 -21.27
CA ALA K 15 -72.62 -43.79 -21.06
C ALA K 15 -71.41 -43.00 -20.58
N LYS K 16 -71.20 -41.80 -21.13
CA LYS K 16 -70.10 -40.96 -20.64
C LYS K 16 -70.32 -40.56 -19.19
N ALA K 17 -71.55 -40.18 -18.84
CA ALA K 17 -71.83 -39.79 -17.47
C ALA K 17 -71.58 -40.94 -16.51
N ARG K 18 -72.06 -42.13 -16.87
CA ARG K 18 -71.87 -43.29 -16.01
C ARG K 18 -70.40 -43.65 -15.91
N ALA K 19 -69.65 -43.56 -17.01
CA ALA K 19 -68.23 -43.87 -16.98
C ALA K 19 -67.48 -42.89 -16.09
N ARG K 20 -67.80 -41.60 -16.17
CA ARG K 20 -67.13 -40.61 -15.33
C ARG K 20 -67.43 -40.86 -13.86
N ARG K 21 -68.69 -41.13 -13.52
CA ARG K 21 -69.03 -41.38 -12.13
C ARG K 21 -68.36 -42.65 -11.62
N GLN K 22 -68.33 -43.69 -12.46
CA GLN K 22 -67.65 -44.92 -12.09
C GLN K 22 -66.17 -44.69 -11.83
N ALA K 23 -65.52 -43.91 -12.69
CA ALA K 23 -64.11 -43.62 -12.50
C ALA K 23 -63.87 -42.86 -11.20
N ARG K 24 -64.72 -41.88 -10.90
CA ARG K 24 -64.49 -41.11 -9.68
C ARG K 24 -64.75 -41.93 -8.43
N GLY K 25 -65.68 -42.89 -8.48
CA GLY K 25 -65.82 -43.80 -7.36
C GLY K 25 -64.64 -44.75 -7.24
N ARG K 26 -64.19 -45.29 -8.37
CA ARG K 26 -63.04 -46.18 -8.40
C ARG K 26 -61.77 -45.48 -7.93
N LYS K 27 -61.76 -44.15 -7.97
CA LYS K 27 -60.59 -43.40 -7.53
C LYS K 27 -60.21 -43.74 -6.10
N LYS K 28 -61.19 -43.97 -5.22
CA LYS K 28 -60.92 -44.42 -3.87
C LYS K 28 -61.31 -45.87 -3.60
N ILE K 29 -62.16 -46.47 -4.41
CA ILE K 29 -62.51 -47.88 -4.23
C ILE K 29 -61.45 -48.74 -4.89
N PHE K 30 -60.90 -49.69 -4.13
CA PHE K 30 -59.90 -50.61 -4.64
C PHE K 30 -59.93 -51.87 -3.79
N GLY K 31 -60.02 -53.02 -4.45
CA GLY K 31 -60.21 -54.29 -3.76
C GLY K 31 -58.90 -55.03 -3.57
N THR K 32 -58.65 -55.41 -2.32
CA THR K 32 -57.50 -56.22 -1.96
C THR K 32 -57.97 -57.62 -1.56
N VAL K 33 -57.01 -58.46 -1.19
CA VAL K 33 -57.35 -59.82 -0.77
C VAL K 33 -58.15 -59.79 0.52
N GLU K 34 -57.82 -58.86 1.42
CA GLU K 34 -58.57 -58.74 2.67
C GLU K 34 -59.98 -58.22 2.42
N ARG K 35 -60.11 -57.18 1.59
CA ARG K 35 -61.39 -56.52 1.33
C ARG K 35 -61.56 -56.35 -0.17
N PRO K 36 -62.03 -57.37 -0.87
CA PRO K 36 -62.18 -57.28 -2.32
C PRO K 36 -63.31 -56.32 -2.69
N ARG K 37 -63.33 -55.94 -3.96
CA ARG K 37 -64.23 -54.92 -4.46
C ARG K 37 -65.45 -55.57 -5.08
N MET K 38 -66.63 -55.28 -4.56
CA MET K 38 -67.88 -55.73 -5.14
C MET K 38 -68.36 -54.71 -6.16
N VAL K 39 -68.40 -55.11 -7.43
CA VAL K 39 -68.85 -54.26 -8.52
C VAL K 39 -70.21 -54.76 -8.98
N VAL K 40 -71.19 -53.85 -9.00
CA VAL K 40 -72.53 -54.15 -9.46
C VAL K 40 -72.78 -53.32 -10.72
N THR K 41 -72.91 -54.00 -11.85
CA THR K 41 -73.31 -53.35 -13.09
C THR K 41 -74.83 -53.47 -13.22
N ARG K 42 -75.51 -52.32 -13.20
CA ARG K 42 -76.96 -52.29 -13.20
C ARG K 42 -77.43 -51.91 -14.60
N SER K 43 -77.58 -52.92 -15.45
CA SER K 43 -78.14 -52.71 -16.77
C SER K 43 -79.66 -52.47 -16.65
N SER K 44 -80.26 -52.07 -17.77
CA SER K 44 -81.67 -51.75 -17.77
C SER K 44 -82.55 -52.95 -17.42
N LYS K 45 -82.08 -54.17 -17.71
CA LYS K 45 -82.87 -55.36 -17.46
C LYS K 45 -82.25 -56.30 -16.43
N HIS K 46 -80.98 -56.13 -16.08
CA HIS K 46 -80.30 -57.08 -15.24
C HIS K 46 -79.29 -56.35 -14.35
N VAL K 47 -78.87 -57.03 -13.29
CA VAL K 47 -77.76 -56.59 -12.45
C VAL K 47 -76.75 -57.73 -12.39
N PHE K 48 -75.48 -57.40 -12.63
CA PHE K 48 -74.39 -58.36 -12.63
C PHE K 48 -73.39 -57.95 -11.56
N VAL K 49 -73.16 -58.82 -10.58
CA VAL K 49 -72.32 -58.51 -9.43
C VAL K 49 -71.11 -59.42 -9.48
N GLN K 50 -69.93 -58.85 -9.29
CA GLN K 50 -68.71 -59.64 -9.18
C GLN K 50 -67.81 -59.08 -8.09
N VAL K 51 -67.24 -59.96 -7.30
CA VAL K 51 -66.28 -59.61 -6.27
C VAL K 51 -64.89 -59.83 -6.84
N ILE K 52 -64.11 -58.77 -6.92
CA ILE K 52 -62.85 -58.76 -7.67
C ILE K 52 -61.71 -58.45 -6.73
N ASP K 53 -60.61 -59.16 -6.88
CA ASP K 53 -59.33 -58.83 -6.26
C ASP K 53 -58.60 -57.88 -7.20
N ASP K 54 -58.68 -56.59 -6.93
CA ASP K 54 -58.13 -55.61 -7.86
C ASP K 54 -56.62 -55.70 -7.99
N VAL K 55 -55.94 -56.31 -7.01
CA VAL K 55 -54.50 -56.48 -7.11
C VAL K 55 -54.16 -57.46 -8.24
N ALA K 56 -54.82 -58.60 -8.25
CA ALA K 56 -54.58 -59.60 -9.29
C ALA K 56 -55.43 -59.38 -10.53
N GLY K 57 -56.54 -58.66 -10.42
CA GLY K 57 -57.39 -58.41 -11.56
C GLY K 57 -58.31 -59.54 -11.92
N ASN K 58 -58.69 -60.37 -10.96
CA ASN K 58 -59.57 -61.50 -11.21
C ASN K 58 -60.81 -61.42 -10.32
N THR K 59 -61.88 -62.03 -10.79
CA THR K 59 -63.12 -62.11 -10.04
C THR K 59 -63.13 -63.37 -9.20
N LEU K 60 -63.43 -63.24 -7.91
CA LEU K 60 -63.49 -64.39 -7.03
C LEU K 60 -64.83 -65.11 -7.15
N VAL K 61 -65.92 -64.40 -6.87
CA VAL K 61 -67.27 -64.93 -7.00
C VAL K 61 -68.11 -63.93 -7.78
N SER K 62 -69.21 -64.41 -8.31
CA SER K 62 -70.08 -63.55 -9.11
C SER K 62 -71.48 -64.12 -9.14
N ALA K 63 -72.42 -63.27 -9.52
CA ALA K 63 -73.82 -63.66 -9.64
C ALA K 63 -74.50 -62.65 -10.56
N SER K 64 -75.70 -63.00 -11.00
CA SER K 64 -76.47 -62.12 -11.86
C SER K 64 -77.90 -62.64 -11.92
N THR K 65 -78.81 -61.76 -12.36
CA THR K 65 -80.16 -62.18 -12.66
C THR K 65 -80.21 -63.13 -13.85
N MET K 66 -79.12 -63.23 -14.61
CA MET K 66 -79.09 -64.06 -15.80
C MET K 66 -79.19 -65.54 -15.48
N GLU K 67 -78.99 -65.92 -14.23
CA GLU K 67 -78.98 -67.32 -13.84
C GLU K 67 -80.36 -67.95 -14.01
N ALA K 68 -80.37 -69.16 -14.56
CA ALA K 68 -81.64 -69.84 -14.85
C ALA K 68 -82.45 -70.08 -13.59
N GLU K 69 -81.80 -70.21 -12.43
CA GLU K 69 -82.54 -70.37 -11.19
C GLU K 69 -83.34 -69.13 -10.83
N LEU K 70 -83.01 -67.98 -11.42
CA LEU K 70 -83.65 -66.73 -11.07
C LEU K 70 -84.42 -66.10 -12.23
N ARG K 71 -84.19 -66.56 -13.47
CA ARG K 71 -84.88 -65.98 -14.62
C ARG K 71 -86.39 -66.02 -14.44
N GLU K 72 -86.92 -67.16 -14.00
CA GLU K 72 -88.36 -67.33 -13.83
C GLU K 72 -88.83 -66.99 -12.42
N MET K 73 -87.94 -66.51 -11.55
CA MET K 73 -88.36 -66.12 -10.21
C MET K 73 -89.17 -64.83 -10.35
N SER K 74 -90.49 -64.97 -10.32
CA SER K 74 -91.36 -63.83 -10.53
C SER K 74 -91.16 -62.79 -9.44
N GLY K 75 -91.07 -61.53 -9.83
CA GLY K 75 -90.86 -60.46 -8.88
C GLY K 75 -90.44 -59.19 -9.58
N ASP K 76 -90.43 -58.12 -8.79
CA ASP K 76 -90.05 -56.81 -9.30
C ASP K 76 -88.53 -56.76 -9.45
N LYS K 77 -88.04 -55.72 -10.14
CA LYS K 77 -86.61 -55.56 -10.34
C LYS K 77 -85.87 -55.48 -9.01
N THR K 78 -86.41 -54.72 -8.05
CA THR K 78 -85.78 -54.58 -6.75
C THR K 78 -85.73 -55.92 -6.01
N ALA K 79 -86.83 -56.69 -6.07
CA ALA K 79 -86.84 -58.00 -5.43
C ALA K 79 -85.83 -58.94 -6.07
N LYS K 80 -85.72 -58.91 -7.40
CA LYS K 80 -84.76 -59.75 -8.09
C LYS K 80 -83.34 -59.36 -7.72
N ALA K 81 -83.08 -58.06 -7.61
CA ALA K 81 -81.77 -57.59 -7.18
C ALA K 81 -81.47 -58.04 -5.75
N ALA K 82 -82.47 -58.02 -4.88
CA ALA K 82 -82.27 -58.49 -3.51
C ALA K 82 -81.95 -59.98 -3.49
N ARG K 83 -82.64 -60.76 -4.31
CA ARG K 83 -82.30 -62.18 -4.42
C ARG K 83 -80.87 -62.38 -4.90
N VAL K 84 -80.45 -61.58 -5.88
CA VAL K 84 -79.07 -61.64 -6.36
C VAL K 84 -78.10 -61.30 -5.23
N GLY K 85 -78.45 -60.31 -4.42
CA GLY K 85 -77.60 -59.93 -3.31
C GLY K 85 -77.46 -61.06 -2.29
N THR K 86 -78.57 -61.73 -1.99
CA THR K 86 -78.49 -62.87 -1.08
C THR K 86 -77.61 -63.97 -1.66
N ILE K 87 -77.76 -64.25 -2.95
CA ILE K 87 -76.96 -65.30 -3.58
C ILE K 87 -75.47 -64.95 -3.53
N ILE K 88 -75.13 -63.70 -3.86
CA ILE K 88 -73.72 -63.31 -3.88
C ILE K 88 -73.15 -63.31 -2.47
N GLY K 89 -73.95 -62.93 -1.47
CA GLY K 89 -73.48 -63.05 -0.09
C GLY K 89 -73.22 -64.48 0.31
N GLU K 90 -74.11 -65.40 -0.10
CA GLU K 90 -73.89 -66.81 0.19
C GLU K 90 -72.61 -67.31 -0.45
N ARG K 91 -72.37 -66.95 -1.70
CA ARG K 91 -71.15 -67.39 -2.38
C ARG K 91 -69.90 -66.76 -1.78
N ALA K 92 -70.00 -65.51 -1.32
CA ALA K 92 -68.88 -64.88 -0.64
C ALA K 92 -68.56 -65.60 0.66
N LYS K 93 -69.60 -65.97 1.42
CA LYS K 93 -69.37 -66.78 2.62
C LYS K 93 -68.72 -68.11 2.27
N ALA K 94 -69.16 -68.74 1.19
CA ALA K 94 -68.57 -70.00 0.76
C ALA K 94 -67.09 -69.82 0.45
N ALA K 95 -66.74 -68.76 -0.26
CA ALA K 95 -65.35 -68.51 -0.61
C ALA K 95 -64.53 -67.91 0.53
N GLY K 96 -65.17 -67.54 1.63
CA GLY K 96 -64.46 -66.99 2.76
C GLY K 96 -63.96 -65.58 2.52
N ILE K 97 -64.88 -64.66 2.25
CA ILE K 97 -64.55 -63.28 1.95
C ILE K 97 -64.81 -62.37 3.13
N THR K 98 -65.94 -62.58 3.81
CA THR K 98 -66.31 -61.86 5.03
C THR K 98 -66.52 -60.37 4.77
N LYS K 99 -65.45 -59.63 4.51
CA LYS K 99 -65.53 -58.18 4.34
C LYS K 99 -65.19 -57.80 2.90
N VAL K 100 -65.99 -56.91 2.33
CA VAL K 100 -65.81 -56.40 0.98
C VAL K 100 -65.91 -54.89 1.00
N VAL K 101 -65.66 -54.28 -0.15
CA VAL K 101 -65.90 -52.86 -0.37
C VAL K 101 -66.85 -52.72 -1.55
N PHE K 102 -67.88 -51.90 -1.38
CA PHE K 102 -68.94 -51.79 -2.38
C PHE K 102 -68.60 -50.72 -3.40
N ASP K 103 -68.69 -51.09 -4.67
CA ASP K 103 -68.45 -50.17 -5.78
C ASP K 103 -69.75 -50.04 -6.55
N LYS K 104 -70.42 -48.88 -6.42
CA LYS K 104 -71.69 -48.67 -7.10
C LYS K 104 -71.52 -48.51 -8.61
N ALA K 105 -70.30 -48.39 -9.10
CA ALA K 105 -70.01 -48.38 -10.54
C ALA K 105 -70.78 -47.26 -11.25
N GLY K 106 -70.69 -46.06 -10.72
CA GLY K 106 -71.26 -44.90 -11.38
C GLY K 106 -72.74 -44.71 -11.18
N ASN K 107 -73.39 -45.52 -10.37
CA ASN K 107 -74.81 -45.40 -10.11
C ASN K 107 -75.05 -44.91 -8.69
N GLN K 108 -76.20 -44.27 -8.49
CA GLN K 108 -76.57 -43.84 -7.15
C GLN K 108 -76.83 -45.04 -6.26
N TYR K 109 -76.34 -44.96 -5.02
CA TYR K 109 -76.63 -46.01 -4.05
C TYR K 109 -78.09 -45.91 -3.63
N HIS K 110 -78.96 -46.62 -4.33
CA HIS K 110 -80.40 -46.44 -4.16
C HIS K 110 -81.11 -47.52 -4.98
N GLY K 111 -82.34 -47.81 -4.58
CA GLY K 111 -83.16 -48.71 -5.38
C GLY K 111 -82.58 -50.11 -5.44
N ARG K 112 -82.38 -50.60 -6.66
CA ARG K 112 -81.92 -51.97 -6.85
C ARG K 112 -80.53 -52.19 -6.26
N ILE K 113 -79.63 -51.24 -6.47
CA ILE K 113 -78.27 -51.36 -5.95
C ILE K 113 -78.29 -51.43 -4.43
N ALA K 114 -79.07 -50.55 -3.80
CA ALA K 114 -79.16 -50.56 -2.34
C ALA K 114 -79.79 -51.84 -1.83
N ALA K 115 -80.83 -52.32 -2.51
CA ALA K 115 -81.46 -53.57 -2.09
C ALA K 115 -80.48 -54.72 -2.16
N LEU K 116 -79.69 -54.79 -3.23
CA LEU K 116 -78.70 -55.84 -3.36
C LEU K 116 -77.63 -55.73 -2.27
N ALA K 117 -77.20 -54.50 -1.97
CA ALA K 117 -76.19 -54.30 -0.93
C ALA K 117 -76.71 -54.76 0.43
N ASP K 118 -77.95 -54.38 0.77
CA ASP K 118 -78.51 -54.80 2.05
C ASP K 118 -78.73 -56.30 2.09
N ALA K 119 -79.10 -56.90 0.96
CA ALA K 119 -79.25 -58.35 0.93
C ALA K 119 -77.93 -59.05 1.20
N ALA K 120 -76.84 -58.56 0.60
CA ALA K 120 -75.52 -59.11 0.89
C ALA K 120 -75.14 -58.91 2.36
N ARG K 121 -75.44 -57.73 2.90
CA ARG K 121 -75.16 -57.48 4.31
C ARG K 121 -75.88 -58.47 5.21
N GLU K 122 -77.16 -58.72 4.94
CA GLU K 122 -77.91 -59.72 5.70
C GLU K 122 -77.31 -61.10 5.51
N ALA K 123 -76.89 -61.42 4.28
CA ALA K 123 -76.25 -62.70 4.03
C ALA K 123 -74.97 -62.86 4.86
N GLY K 124 -74.33 -61.75 5.20
CA GLY K 124 -73.26 -61.82 6.18
C GLY K 124 -71.95 -61.16 5.78
N LEU K 125 -71.97 -60.39 4.70
CA LEU K 125 -70.77 -59.67 4.28
C LEU K 125 -70.57 -58.44 5.15
N ASP K 126 -69.32 -58.20 5.54
CA ASP K 126 -68.98 -57.10 6.44
C ASP K 126 -68.68 -55.88 5.58
N PHE K 127 -69.67 -55.03 5.40
CA PHE K 127 -69.50 -53.77 4.70
C PHE K 127 -70.74 -52.89 4.88
N SER L 2 55.59 45.66 -26.52
CA SER L 2 57.01 45.88 -26.80
C SER L 2 57.22 47.11 -27.65
N ASN L 3 58.48 47.52 -27.80
CA ASN L 3 58.79 48.62 -28.70
C ASN L 3 58.66 48.24 -30.16
N ILE L 4 58.58 46.94 -30.47
CA ILE L 4 58.27 46.54 -31.84
C ILE L 4 56.89 47.01 -32.23
N ILE L 5 55.93 46.93 -31.30
CA ILE L 5 54.60 47.45 -31.53
C ILE L 5 54.65 48.94 -31.83
N ASP L 6 55.46 49.67 -31.04
CA ASP L 6 55.54 51.11 -31.21
C ASP L 6 56.18 51.49 -32.53
N GLU L 7 57.23 50.78 -32.95
CA GLU L 7 57.87 51.14 -34.21
C GLU L 7 56.96 50.80 -35.38
N ILE L 8 56.12 49.78 -35.23
CA ILE L 8 55.11 49.52 -36.23
C ILE L 8 54.06 50.64 -36.25
N ASP L 9 53.68 51.12 -35.06
CA ASP L 9 52.71 52.20 -34.98
C ASP L 9 53.24 53.49 -35.61
N LYS L 10 54.55 53.71 -35.53
CA LYS L 10 55.13 54.91 -36.11
C LYS L 10 54.89 55.00 -37.60
N ALA L 11 54.63 53.89 -38.27
CA ALA L 11 54.30 53.93 -39.70
C ALA L 11 52.93 54.54 -39.94
N SER L 12 52.02 54.40 -38.98
CA SER L 12 50.66 54.92 -39.13
C SER L 12 50.47 56.28 -38.48
N MET L 13 51.28 56.62 -37.48
CA MET L 13 51.13 57.91 -36.82
C MET L 13 51.50 59.05 -37.77
N ARG L 14 50.87 60.20 -37.56
CA ARG L 14 51.11 61.39 -38.35
C ARG L 14 51.98 62.38 -37.57
N ASP L 15 52.38 63.45 -38.26
CA ASP L 15 53.27 64.44 -37.68
C ASP L 15 52.71 65.85 -37.66
N ASP L 16 51.67 66.14 -38.43
CA ASP L 16 51.15 67.50 -38.55
C ASP L 16 50.01 67.79 -37.58
N ILE L 17 49.97 67.10 -36.44
CA ILE L 17 48.94 67.34 -35.44
C ILE L 17 49.33 68.55 -34.60
N PRO L 18 48.46 69.56 -34.49
CA PRO L 18 48.77 70.70 -33.62
C PRO L 18 48.63 70.31 -32.16
N GLU L 19 49.22 71.13 -31.30
CA GLU L 19 49.15 70.89 -29.87
C GLU L 19 47.90 71.57 -29.31
N PHE L 20 47.12 70.80 -28.57
CA PHE L 20 45.88 71.31 -27.99
C PHE L 20 45.52 70.43 -26.80
N ARG L 21 44.59 70.93 -25.99
CA ARG L 21 44.12 70.28 -24.79
C ARG L 21 42.62 70.23 -24.80
N PRO L 22 42.00 69.34 -24.04
CA PRO L 22 40.56 69.43 -23.82
C PRO L 22 40.22 70.79 -23.21
N GLY L 23 39.12 71.36 -23.67
CA GLY L 23 38.79 72.73 -23.36
C GLY L 23 39.07 73.70 -24.48
N ASP L 24 39.83 73.30 -25.49
CA ASP L 24 40.15 74.16 -26.62
C ASP L 24 39.10 74.05 -27.70
N SER L 25 38.79 75.17 -28.34
CA SER L 25 37.91 75.17 -29.49
C SER L 25 38.67 74.67 -30.71
N VAL L 26 38.08 73.73 -31.44
CA VAL L 26 38.76 73.04 -32.53
C VAL L 26 37.80 72.86 -33.69
N LYS L 27 38.32 73.11 -34.89
CA LYS L 27 37.64 72.73 -36.13
C LYS L 27 38.38 71.55 -36.72
N VAL L 28 37.68 70.43 -36.91
CA VAL L 28 38.25 69.23 -37.51
C VAL L 28 37.71 69.14 -38.93
N HIS L 29 38.61 69.09 -39.91
CA HIS L 29 38.19 69.03 -41.31
C HIS L 29 38.05 67.57 -41.71
N VAL L 30 36.87 67.02 -41.47
CA VAL L 30 36.61 65.60 -41.67
C VAL L 30 36.25 65.36 -43.13
N LYS L 31 36.86 64.34 -43.74
CA LYS L 31 36.54 63.99 -45.11
C LYS L 31 35.33 63.08 -45.15
N VAL L 32 34.33 63.47 -45.94
CA VAL L 32 33.06 62.77 -46.06
C VAL L 32 32.96 62.21 -47.47
N VAL L 33 32.65 60.92 -47.57
CA VAL L 33 32.48 60.26 -48.86
C VAL L 33 31.01 60.37 -49.26
N GLU L 34 30.77 60.85 -50.48
CA GLU L 34 29.42 61.00 -51.02
C GLU L 34 29.39 60.30 -52.37
N GLY L 35 29.14 58.99 -52.35
CA GLY L 35 29.13 58.19 -53.57
C GLY L 35 30.39 58.34 -54.39
N SER L 36 30.25 58.91 -55.58
CA SER L 36 31.43 59.23 -56.39
C SER L 36 32.17 60.44 -55.87
N ARG L 37 31.47 61.35 -55.20
CA ARG L 37 32.06 62.59 -54.71
C ARG L 37 32.69 62.40 -53.34
N THR L 38 33.58 63.32 -53.01
CA THR L 38 34.11 63.46 -51.65
C THR L 38 34.10 64.94 -51.30
N ARG L 39 34.08 65.22 -50.00
CA ARG L 39 33.97 66.58 -49.52
C ARG L 39 34.74 66.72 -48.21
N VAL L 40 35.00 67.96 -47.82
CA VAL L 40 35.60 68.27 -46.53
C VAL L 40 34.55 69.04 -45.74
N GLN L 41 34.05 68.43 -44.67
CA GLN L 41 33.05 69.04 -43.80
C GLN L 41 33.73 69.39 -42.48
N VAL L 42 33.48 70.60 -41.99
CA VAL L 42 34.15 71.10 -40.80
C VAL L 42 33.26 70.82 -39.59
N PHE L 43 33.81 70.10 -38.60
CA PHE L 43 33.16 69.88 -37.33
C PHE L 43 33.82 70.81 -36.31
N SER L 44 33.08 71.83 -35.88
CA SER L 44 33.58 72.83 -34.96
C SER L 44 33.00 72.56 -33.58
N GLY L 45 33.84 72.60 -32.56
CA GLY L 45 33.35 72.34 -31.22
C GLY L 45 34.43 72.46 -30.18
N ILE L 46 34.14 71.87 -29.02
CA ILE L 46 35.01 71.91 -27.86
C ILE L 46 35.57 70.51 -27.63
N VAL L 47 36.89 70.42 -27.45
CA VAL L 47 37.49 69.14 -27.09
C VAL L 47 37.15 68.84 -25.64
N ILE L 48 36.48 67.72 -25.42
CA ILE L 48 36.09 67.32 -24.06
C ILE L 48 36.90 66.15 -23.54
N SER L 49 37.70 65.49 -24.37
CA SER L 49 38.48 64.36 -23.90
C SER L 49 39.59 64.06 -24.90
N ARG L 50 40.71 63.57 -24.37
CA ARG L 50 41.82 63.04 -25.16
C ARG L 50 42.28 61.74 -24.52
N THR L 51 41.85 60.62 -25.07
CA THR L 51 42.30 59.30 -24.62
C THR L 51 43.58 58.98 -25.35
N GLY L 52 44.70 58.96 -24.63
CA GLY L 52 46.01 58.96 -25.23
C GLY L 52 46.54 57.59 -25.55
N GLY L 53 47.80 57.57 -25.99
CA GLY L 53 48.53 56.36 -26.27
C GLY L 53 48.82 56.13 -27.73
N GLY L 54 50.02 56.50 -28.17
CA GLY L 54 50.52 56.14 -29.48
C GLY L 54 49.55 56.42 -30.61
N VAL L 55 49.42 55.46 -31.51
CA VAL L 55 48.48 55.56 -32.62
C VAL L 55 47.04 55.38 -32.17
N GLN L 56 46.83 54.91 -30.94
CA GLN L 56 45.48 54.79 -30.40
C GLN L 56 44.90 56.10 -29.90
N GLU L 57 45.69 57.18 -29.89
CA GLU L 57 45.20 58.45 -29.36
C GLU L 57 43.95 58.89 -30.11
N SER L 58 42.96 59.34 -29.35
CA SER L 58 41.72 59.84 -29.92
C SER L 58 41.23 60.99 -29.07
N PHE L 59 40.39 61.83 -29.66
CA PHE L 59 39.87 63.00 -28.98
C PHE L 59 38.42 63.19 -29.34
N THR L 60 37.67 63.76 -28.40
CA THR L 60 36.23 63.94 -28.55
C THR L 60 35.90 65.42 -28.64
N VAL L 61 35.06 65.77 -29.60
CA VAL L 61 34.65 67.15 -29.85
C VAL L 61 33.13 67.23 -29.69
N ARG L 62 32.68 68.21 -28.93
CA ARG L 62 31.27 68.41 -28.66
C ARG L 62 30.80 69.68 -29.36
N LYS L 63 29.69 69.58 -30.07
CA LYS L 63 29.11 70.70 -30.81
C LYS L 63 27.66 70.84 -30.39
N LEU L 64 27.17 72.07 -30.41
CA LEU L 64 25.76 72.36 -30.12
C LEU L 64 25.11 72.82 -31.41
N SER L 65 24.32 71.95 -32.02
CA SER L 65 23.68 72.24 -33.30
C SER L 65 22.18 72.07 -33.17
N PHE L 66 21.43 73.11 -33.52
CA PHE L 66 19.97 73.07 -33.59
C PHE L 66 19.35 72.61 -32.27
N GLY L 67 19.91 73.08 -31.16
CA GLY L 67 19.38 72.76 -29.86
C GLY L 67 19.73 71.38 -29.34
N THR L 68 20.57 70.64 -30.04
CA THR L 68 20.99 69.31 -29.62
C THR L 68 22.50 69.24 -29.66
N GLY L 69 23.08 68.51 -28.71
CA GLY L 69 24.51 68.30 -28.67
C GLY L 69 24.91 67.06 -29.46
N VAL L 70 25.99 67.19 -30.21
CA VAL L 70 26.55 66.10 -31.01
C VAL L 70 28.01 65.95 -30.61
N GLU L 71 28.38 64.76 -30.18
CA GLU L 71 29.77 64.45 -29.83
C GLU L 71 30.34 63.52 -30.88
N ARG L 72 31.54 63.85 -31.36
CA ARG L 72 32.25 63.02 -32.32
C ARG L 72 33.62 62.67 -31.76
N THR L 73 33.96 61.39 -31.83
CA THR L 73 35.25 60.89 -31.36
C THR L 73 36.10 60.55 -32.57
N PHE L 74 37.27 61.16 -32.68
CA PHE L 74 38.15 60.96 -33.80
C PHE L 74 39.47 60.35 -33.33
N PRO L 75 39.92 59.25 -33.94
CA PRO L 75 41.32 58.83 -33.74
C PRO L 75 42.24 59.91 -34.26
N LEU L 76 43.19 60.33 -33.42
CA LEU L 76 44.01 61.49 -33.73
C LEU L 76 44.85 61.28 -34.98
N HIS L 77 45.12 60.05 -35.37
CA HIS L 77 45.91 59.75 -36.56
C HIS L 77 45.06 59.17 -37.69
N SER L 78 43.75 59.36 -37.63
CA SER L 78 42.88 58.84 -38.66
C SER L 78 43.17 59.53 -40.00
N PRO L 79 43.17 58.79 -41.11
CA PRO L 79 43.35 59.42 -42.41
C PRO L 79 42.14 60.16 -42.92
N ILE L 80 40.99 60.07 -42.24
CA ILE L 80 39.82 60.82 -42.66
C ILE L 80 39.89 62.29 -42.26
N ILE L 81 40.80 62.64 -41.36
CA ILE L 81 40.92 64.02 -40.89
C ILE L 81 41.91 64.73 -41.80
N ASP L 82 41.42 65.69 -42.57
CA ASP L 82 42.29 66.48 -43.43
C ASP L 82 43.26 67.31 -42.58
N LYS L 83 42.73 68.02 -41.59
CA LYS L 83 43.57 68.81 -40.70
C LYS L 83 42.74 69.24 -39.49
N ILE L 84 43.43 69.82 -38.51
CA ILE L 84 42.83 70.26 -37.26
C ILE L 84 43.26 71.70 -37.02
N GLU L 85 42.28 72.57 -36.76
CA GLU L 85 42.51 73.98 -36.49
C GLU L 85 42.14 74.27 -35.05
N VAL L 86 42.97 75.03 -34.36
CA VAL L 86 42.72 75.44 -32.98
C VAL L 86 42.34 76.91 -32.97
N ASP L 87 41.14 77.20 -32.48
CA ASP L 87 40.63 78.56 -32.43
C ASP L 87 40.93 79.22 -31.08
N ARG L 88 40.41 78.64 -30.01
CA ARG L 88 40.59 79.15 -28.66
C ARG L 88 41.35 78.12 -27.84
N HIS L 89 42.15 78.61 -26.91
CA HIS L 89 42.81 77.76 -25.91
C HIS L 89 42.07 77.94 -24.60
N GLY L 90 41.38 76.90 -24.16
CA GLY L 90 40.57 77.01 -22.97
C GLY L 90 41.40 77.02 -21.71
N ALA L 91 40.77 77.46 -20.63
CA ALA L 91 41.35 77.47 -19.29
C ALA L 91 40.46 76.61 -18.41
N VAL L 92 40.73 75.30 -18.40
CA VAL L 92 39.94 74.35 -17.65
C VAL L 92 40.79 73.76 -16.53
N ARG L 93 40.17 72.95 -15.70
CA ARG L 93 40.84 72.32 -14.57
C ARG L 93 40.72 70.80 -14.61
N ARG L 94 40.16 70.23 -15.66
CA ARG L 94 39.86 68.81 -15.72
C ARG L 94 40.46 68.23 -16.99
N ALA L 95 40.82 66.95 -16.94
CA ALA L 95 41.25 66.28 -18.16
C ALA L 95 40.07 65.92 -19.05
N LYS L 96 38.93 65.59 -18.47
CA LYS L 96 37.74 65.20 -19.20
C LYS L 96 36.61 66.16 -18.86
N LEU L 97 36.10 66.84 -19.87
CA LEU L 97 35.04 67.84 -19.68
C LEU L 97 33.66 67.24 -19.86
N TYR L 98 33.37 66.17 -19.13
CA TYR L 98 32.09 65.50 -19.25
C TYR L 98 30.97 66.30 -18.61
N TYR L 99 31.29 67.25 -17.73
CA TYR L 99 30.26 68.07 -17.10
C TYR L 99 29.60 69.01 -18.09
N LEU L 100 30.26 69.33 -19.21
CA LEU L 100 29.67 70.19 -20.22
C LEU L 100 28.47 69.56 -20.91
N ARG L 101 28.26 68.25 -20.74
CA ARG L 101 27.12 67.60 -21.36
C ARG L 101 25.81 68.14 -20.81
N GLY L 102 25.77 68.40 -19.50
CA GLY L 102 24.54 68.85 -18.87
C GLY L 102 24.47 70.35 -18.67
N ARG L 103 25.30 71.10 -19.39
CA ARG L 103 25.35 72.55 -19.26
C ARG L 103 25.08 73.21 -20.62
N ARG L 104 24.27 74.25 -20.61
CA ARG L 104 23.97 75.03 -21.80
C ARG L 104 23.93 76.50 -21.42
N GLY L 105 24.12 77.35 -22.44
CA GLY L 105 24.08 78.78 -22.19
C GLY L 105 25.38 79.29 -21.59
N LYS L 106 25.27 80.31 -20.75
CA LYS L 106 26.44 80.93 -20.15
C LYS L 106 27.19 79.97 -19.24
N ALA L 107 26.50 79.00 -18.66
CA ALA L 107 27.16 78.03 -17.78
C ALA L 107 27.99 77.02 -18.55
N ALA L 108 27.90 77.00 -19.89
CA ALA L 108 28.59 76.01 -20.69
C ALA L 108 29.78 76.59 -21.46
N LYS L 109 30.19 77.82 -21.16
CA LYS L 109 31.26 78.45 -21.91
C LYS L 109 32.57 78.40 -21.13
N ILE L 110 33.66 78.31 -21.88
CA ILE L 110 34.99 78.03 -21.34
C ILE L 110 35.81 79.31 -21.36
N LYS L 111 36.51 79.58 -20.26
CA LYS L 111 37.45 80.69 -20.23
C LYS L 111 38.60 80.46 -21.20
N GLU L 112 39.18 81.54 -21.69
CA GLU L 112 40.31 81.46 -22.60
C GLU L 112 41.61 81.44 -21.80
N ARG L 113 42.61 80.77 -22.37
CA ARG L 113 43.92 80.67 -21.71
C ARG L 113 44.55 82.05 -21.56
N GLY L 114 45.25 82.24 -20.45
CA GLY L 114 45.89 83.52 -20.18
C GLY L 114 44.91 84.65 -19.96
N SER L 115 43.85 84.42 -19.19
CA SER L 115 42.86 85.44 -18.92
C SER L 115 42.78 85.76 -17.42
N ALA M 2 15.77 -18.31 42.12
CA ALA M 2 16.99 -18.75 41.45
C ALA M 2 17.24 -17.95 40.19
N ARG M 3 17.79 -16.75 40.35
CA ARG M 3 18.08 -15.92 39.21
C ARG M 3 19.23 -16.52 38.39
N VAL M 4 19.06 -16.50 37.07
CA VAL M 4 20.01 -17.12 36.15
C VAL M 4 20.55 -16.05 35.22
N LYS M 5 21.87 -15.98 35.12
CA LYS M 5 22.53 -15.04 34.22
C LYS M 5 22.78 -15.71 32.88
N ARG M 6 22.44 -15.02 31.80
CA ARG M 6 22.35 -15.65 30.50
C ARG M 6 23.69 -15.83 29.80
N SER M 7 24.74 -15.14 30.27
CA SER M 7 25.93 -14.98 29.43
C SER M 7 26.65 -16.30 29.17
N VAL M 8 26.83 -17.13 30.20
CA VAL M 8 27.64 -18.34 30.03
C VAL M 8 27.01 -19.27 29.01
N ASN M 9 25.70 -19.43 29.05
CA ASN M 9 25.02 -20.26 28.06
C ASN M 9 24.90 -19.57 26.72
N ALA M 10 24.75 -18.24 26.70
CA ALA M 10 24.46 -17.53 25.46
C ALA M 10 25.65 -17.53 24.52
N LYS M 11 26.86 -17.38 25.05
CA LYS M 11 28.04 -17.20 24.21
C LYS M 11 28.38 -18.42 23.36
N LYS M 12 27.81 -19.59 23.66
CA LYS M 12 28.22 -20.80 22.98
C LYS M 12 27.83 -20.77 21.50
N LYS M 13 26.57 -20.46 21.19
CA LYS M 13 26.17 -20.38 19.80
C LYS M 13 26.86 -19.25 19.08
N ARG M 14 27.14 -18.14 19.78
CA ARG M 14 27.85 -17.03 19.17
C ARG M 14 29.26 -17.44 18.77
N ARG M 15 29.97 -18.15 19.65
CA ARG M 15 31.29 -18.64 19.29
C ARG M 15 31.22 -19.62 18.13
N GLU M 16 30.22 -20.50 18.13
CA GLU M 16 30.05 -21.44 17.03
C GLU M 16 29.88 -20.70 15.71
N VAL M 17 29.00 -19.70 15.67
CA VAL M 17 28.70 -19.02 14.43
C VAL M 17 29.88 -18.17 13.97
N LEU M 18 30.54 -17.48 14.91
CA LEU M 18 31.70 -16.68 14.55
C LEU M 18 32.84 -17.54 14.05
N ASP M 19 32.94 -18.78 14.55
CA ASP M 19 33.92 -19.70 13.99
C ASP M 19 33.53 -20.15 12.59
N GLN M 20 32.24 -20.46 12.40
CA GLN M 20 31.78 -20.91 11.08
C GLN M 20 31.95 -19.82 10.03
N ALA M 21 31.95 -18.56 10.44
CA ALA M 21 32.05 -17.42 9.53
C ALA M 21 33.43 -16.80 9.55
N SER M 22 34.49 -17.61 9.65
CA SER M 22 35.84 -17.09 9.88
C SER M 22 36.63 -16.87 8.60
N GLY M 23 35.96 -16.55 7.50
CA GLY M 23 36.67 -16.14 6.31
C GLY M 23 35.90 -15.08 5.57
N TYR M 24 34.85 -14.58 6.19
CA TYR M 24 33.92 -13.69 5.54
C TYR M 24 34.43 -12.26 5.56
N ARG M 25 33.85 -11.43 4.72
CA ARG M 25 34.32 -10.07 4.49
C ARG M 25 33.45 -9.07 5.23
N GLY M 26 34.09 -8.11 5.88
CA GLY M 26 33.37 -7.05 6.55
C GLY M 26 32.72 -7.48 7.84
N GLN M 27 31.47 -7.07 8.06
CA GLN M 27 30.76 -7.42 9.28
C GLN M 27 30.46 -8.91 9.37
N ARG M 28 30.44 -9.61 8.24
CA ARG M 28 30.01 -11.00 8.22
C ARG M 28 30.93 -11.92 8.98
N SER M 29 32.14 -11.48 9.32
CA SER M 29 33.06 -12.29 10.09
C SER M 29 33.36 -11.70 11.45
N ARG M 30 32.81 -10.54 11.77
CA ARG M 30 33.05 -9.87 13.03
C ARG M 30 31.83 -9.82 13.93
N LEU M 31 30.64 -9.73 13.36
CA LEU M 31 29.43 -9.49 14.13
C LEU M 31 28.56 -10.75 14.09
N TYR M 32 28.09 -11.19 15.26
CA TYR M 32 27.38 -12.45 15.33
C TYR M 32 26.08 -12.41 14.53
N ARG M 33 25.32 -11.32 14.64
CA ARG M 33 24.05 -11.24 13.92
C ARG M 33 24.27 -11.26 12.42
N LYS M 34 25.28 -10.55 11.93
CA LYS M 34 25.52 -10.54 10.50
C LYS M 34 26.15 -11.84 10.03
N ALA M 35 26.97 -12.46 10.87
CA ALA M 35 27.51 -13.78 10.55
C ALA M 35 26.41 -14.82 10.52
N LYS M 36 25.42 -14.69 11.41
CA LYS M 36 24.33 -15.66 11.45
C LYS M 36 23.54 -15.65 10.16
N GLU M 37 23.28 -14.47 9.60
CA GLU M 37 22.52 -14.39 8.35
C GLU M 37 23.28 -15.07 7.21
N GLN M 38 24.59 -14.86 7.15
CA GLN M 38 25.37 -15.48 6.08
C GLN M 38 25.50 -16.98 6.26
N THR M 39 25.51 -17.46 7.51
CA THR M 39 25.60 -18.90 7.72
C THR M 39 24.33 -19.61 7.26
N LEU M 40 23.18 -18.95 7.35
CA LEU M 40 21.97 -19.51 6.76
C LEU M 40 22.11 -19.64 5.25
N HIS M 41 22.56 -18.56 4.61
CA HIS M 41 22.80 -18.61 3.16
C HIS M 41 23.90 -19.61 2.83
N SER M 42 24.94 -19.68 3.65
CA SER M 42 26.01 -20.63 3.40
C SER M 42 25.49 -22.06 3.46
N ALA M 43 24.66 -22.37 4.45
CA ALA M 43 24.13 -23.72 4.57
C ALA M 43 23.20 -24.04 3.40
N THR M 44 22.35 -23.10 3.00
CA THR M 44 21.47 -23.34 1.86
C THR M 44 22.29 -23.56 0.60
N TYR M 45 23.31 -22.73 0.37
CA TYR M 45 24.14 -22.87 -0.82
C TYR M 45 24.90 -24.19 -0.81
N SER M 46 25.43 -24.58 0.36
CA SER M 46 26.17 -25.83 0.42
C SER M 46 25.26 -27.02 0.16
N PHE M 47 24.06 -27.02 0.73
CA PHE M 47 23.13 -28.11 0.45
C PHE M 47 22.77 -28.17 -1.02
N ARG M 48 22.48 -27.01 -1.62
CA ARG M 48 22.12 -26.99 -3.03
C ARG M 48 23.29 -27.44 -3.92
N ASP M 49 24.50 -27.03 -3.57
CA ASP M 49 25.66 -27.32 -4.40
C ASP M 49 26.17 -28.73 -4.21
N ARG M 50 25.94 -29.35 -3.06
CA ARG M 50 26.30 -30.75 -2.92
C ARG M 50 25.45 -31.65 -3.81
N ARG M 51 24.27 -31.20 -4.20
CA ARG M 51 23.43 -31.94 -5.14
C ARG M 51 23.64 -31.50 -6.58
N ALA M 52 23.99 -30.23 -6.80
CA ALA M 52 24.34 -29.78 -8.14
C ALA M 52 25.73 -30.24 -8.56
N LYS M 53 26.56 -30.69 -7.61
CA LYS M 53 27.90 -31.14 -7.93
C LYS M 53 27.87 -32.39 -8.81
N LYS M 54 26.89 -33.27 -8.56
CA LYS M 54 26.73 -34.44 -9.42
C LYS M 54 26.57 -34.03 -10.87
N GLY M 55 25.66 -33.10 -11.13
CA GLY M 55 25.44 -32.64 -12.49
C GLY M 55 26.63 -31.90 -13.06
N ASP M 56 27.30 -31.08 -12.25
CA ASP M 56 28.46 -30.34 -12.73
C ASP M 56 29.55 -31.29 -13.18
N PHE M 57 29.86 -32.29 -12.36
CA PHE M 57 30.92 -33.22 -12.72
C PHE M 57 30.50 -34.13 -13.86
N ARG M 58 29.23 -34.51 -13.93
CA ARG M 58 28.78 -35.28 -15.08
C ARG M 58 28.91 -34.48 -16.36
N SER M 59 28.59 -33.19 -16.32
CA SER M 59 28.75 -32.33 -17.48
C SER M 59 30.21 -32.24 -17.89
N LEU M 60 31.11 -32.09 -16.91
CA LEU M 60 32.54 -32.03 -17.23
C LEU M 60 33.00 -33.33 -17.89
N TRP M 61 32.60 -34.47 -17.32
CA TRP M 61 32.97 -35.75 -17.90
C TRP M 61 32.44 -35.89 -19.31
N ILE M 62 31.20 -35.46 -19.53
CA ILE M 62 30.57 -35.58 -20.84
C ILE M 62 31.29 -34.71 -21.85
N GLN M 63 31.68 -33.49 -21.47
CA GLN M 63 32.43 -32.64 -22.38
C GLN M 63 33.77 -33.24 -22.75
N ARG M 64 34.48 -33.79 -21.76
CA ARG M 64 35.78 -34.38 -22.06
C ARG M 64 35.64 -35.60 -22.95
N ILE M 65 34.62 -36.43 -22.70
CA ILE M 65 34.37 -37.59 -23.55
C ILE M 65 34.01 -37.15 -24.96
N ASN M 66 33.21 -36.09 -25.08
CA ASN M 66 32.84 -35.57 -26.38
C ASN M 66 34.08 -35.13 -27.15
N ALA M 67 34.96 -34.39 -26.50
CA ALA M 67 36.19 -33.94 -27.16
C ALA M 67 37.03 -35.12 -27.59
N ALA M 68 37.24 -36.08 -26.69
CA ALA M 68 38.11 -37.20 -26.99
C ALA M 68 37.55 -38.07 -28.12
N SER M 69 36.24 -38.28 -28.15
CA SER M 69 35.65 -39.10 -29.19
C SER M 69 35.57 -38.36 -30.52
N ARG M 70 35.30 -37.05 -30.48
CA ARG M 70 35.30 -36.27 -31.71
C ARG M 70 36.69 -36.19 -32.31
N ALA M 71 37.73 -36.31 -31.47
CA ALA M 71 39.07 -36.45 -32.01
C ALA M 71 39.20 -37.73 -32.85
N GLN M 72 38.34 -38.71 -32.62
CA GLN M 72 38.33 -39.95 -33.39
C GLN M 72 37.23 -39.98 -34.44
N GLY M 73 36.62 -38.83 -34.73
CA GLY M 73 35.54 -38.78 -35.70
C GLY M 73 34.27 -39.46 -35.26
N MET M 74 33.89 -39.30 -33.99
CA MET M 74 32.66 -39.88 -33.46
C MET M 74 32.07 -38.94 -32.44
N THR M 75 30.79 -38.62 -32.60
CA THR M 75 30.12 -37.74 -31.66
C THR M 75 29.83 -38.46 -30.35
N TYR M 76 29.56 -37.66 -29.31
CA TYR M 76 29.34 -38.24 -27.98
C TYR M 76 28.11 -39.13 -27.97
N ASN M 77 27.03 -38.72 -28.61
CA ASN M 77 25.80 -39.50 -28.57
C ASN M 77 25.99 -40.85 -29.23
N ARG M 78 26.63 -40.86 -30.41
CA ARG M 78 26.89 -42.13 -31.08
C ARG M 78 27.87 -42.98 -30.28
N PHE M 79 28.84 -42.35 -29.64
CA PHE M 79 29.80 -43.08 -28.82
C PHE M 79 29.10 -43.78 -27.65
N ILE M 80 28.22 -43.06 -26.97
CA ILE M 80 27.53 -43.63 -25.82
C ILE M 80 26.55 -44.71 -26.25
N ASN M 81 25.83 -44.48 -27.35
CA ASN M 81 24.95 -45.51 -27.86
C ASN M 81 25.73 -46.75 -28.26
N GLY M 82 26.91 -46.57 -28.85
CA GLY M 82 27.72 -47.71 -29.21
C GLY M 82 28.20 -48.49 -28.01
N LEU M 83 28.62 -47.79 -26.96
CA LEU M 83 29.02 -48.50 -25.75
C LEU M 83 27.84 -49.24 -25.13
N LYS M 84 26.67 -48.61 -25.13
CA LYS M 84 25.49 -49.26 -24.56
C LYS M 84 25.13 -50.51 -25.34
N ASN M 85 25.23 -50.46 -26.67
CA ASN M 85 24.92 -51.63 -27.48
C ASN M 85 25.97 -52.71 -27.33
N ALA M 86 27.25 -52.32 -27.23
CA ALA M 86 28.30 -53.29 -27.00
C ALA M 86 28.22 -53.92 -25.62
N GLY M 87 27.52 -53.27 -24.69
CA GLY M 87 27.36 -53.83 -23.37
C GLY M 87 28.47 -53.52 -22.41
N VAL M 88 29.29 -52.51 -22.69
CA VAL M 88 30.35 -52.08 -21.79
C VAL M 88 29.79 -50.98 -20.90
N GLU M 89 29.62 -51.29 -19.62
CA GLU M 89 29.04 -50.35 -18.66
C GLU M 89 30.11 -49.59 -17.88
N VAL M 90 31.06 -49.02 -18.59
CA VAL M 90 32.00 -48.07 -17.99
C VAL M 90 31.35 -46.70 -18.04
N ASP M 91 31.36 -46.00 -16.91
CA ASP M 91 30.53 -44.81 -16.75
C ASP M 91 31.27 -43.53 -17.10
N ARG M 92 30.48 -42.48 -17.34
CA ARG M 92 31.01 -41.14 -17.45
C ARG M 92 31.65 -40.77 -16.12
N LYS M 93 32.98 -40.72 -16.12
CA LYS M 93 33.87 -40.52 -14.96
C LYS M 93 35.11 -41.35 -15.23
N MET M 94 34.94 -42.66 -15.24
CA MET M 94 36.01 -43.54 -15.69
C MET M 94 36.32 -43.31 -17.16
N LEU M 95 35.30 -43.06 -17.98
CA LEU M 95 35.55 -42.75 -19.37
C LEU M 95 36.32 -41.44 -19.52
N ALA M 96 35.97 -40.43 -18.74
CA ALA M 96 36.69 -39.16 -18.81
C ALA M 96 38.12 -39.30 -18.31
N GLU M 97 38.32 -40.07 -17.24
CA GLU M 97 39.67 -40.32 -16.74
C GLU M 97 40.50 -41.07 -17.77
N LEU M 98 39.88 -42.02 -18.49
CA LEU M 98 40.58 -42.70 -19.56
C LEU M 98 40.94 -41.72 -20.68
N ALA M 99 40.00 -40.84 -21.02
CA ALA M 99 40.26 -39.88 -22.10
C ALA M 99 41.44 -38.97 -21.76
N VAL M 100 41.51 -38.49 -20.53
CA VAL M 100 42.62 -37.62 -20.15
C VAL M 100 43.90 -38.42 -20.04
N SER M 101 43.86 -39.58 -19.39
CA SER M 101 45.07 -40.30 -19.04
C SER M 101 45.48 -41.34 -20.09
N ASP M 102 44.63 -42.34 -20.33
CA ASP M 102 44.95 -43.44 -21.23
C ASP M 102 44.17 -43.24 -22.52
N ILE M 103 44.70 -42.37 -23.38
CA ILE M 103 44.00 -42.04 -24.62
C ILE M 103 43.95 -43.26 -25.54
N ASN M 104 44.93 -44.15 -25.45
CA ASN M 104 44.91 -45.35 -26.29
C ASN M 104 43.77 -46.28 -25.88
N ALA M 105 43.58 -46.47 -24.58
CA ALA M 105 42.45 -47.27 -24.13
C ALA M 105 41.12 -46.61 -24.49
N PHE M 106 41.04 -45.29 -24.37
CA PHE M 106 39.82 -44.61 -24.80
C PHE M 106 39.56 -44.81 -26.29
N ASN M 107 40.62 -44.74 -27.10
CA ASN M 107 40.46 -44.94 -28.54
C ASN M 107 40.06 -46.38 -28.86
N SER M 108 40.56 -47.35 -28.11
CA SER M 108 40.10 -48.72 -28.29
C SER M 108 38.62 -48.84 -27.96
N LEU M 109 38.16 -48.16 -26.91
CA LEU M 109 36.74 -48.14 -26.62
C LEU M 109 35.96 -47.46 -27.74
N VAL M 110 36.54 -46.42 -28.34
CA VAL M 110 35.90 -45.76 -29.48
C VAL M 110 35.74 -46.73 -30.63
N GLU M 111 36.75 -47.55 -30.88
CA GLU M 111 36.65 -48.57 -31.92
C GLU M 111 35.57 -49.59 -31.58
N VAL M 112 35.46 -49.95 -30.30
CA VAL M 112 34.42 -50.88 -29.88
C VAL M 112 33.05 -50.29 -30.17
N ALA M 113 32.86 -49.02 -29.83
CA ALA M 113 31.59 -48.35 -30.08
C ALA M 113 31.30 -48.26 -31.58
N LYS M 114 32.33 -47.95 -32.37
CA LYS M 114 32.16 -47.89 -33.82
C LYS M 114 31.70 -49.23 -34.37
N ALA M 115 32.31 -50.32 -33.90
CA ALA M 115 31.92 -51.65 -34.36
C ALA M 115 30.53 -52.01 -33.89
N SER M 116 30.14 -51.57 -32.69
CA SER M 116 28.84 -51.88 -32.14
C SER M 116 27.75 -50.93 -32.61
N GLN M 117 28.08 -49.95 -33.45
CA GLN M 117 27.07 -49.07 -34.01
C GLN M 117 26.06 -49.89 -34.82
N PRO M 118 24.80 -49.45 -34.86
CA PRO M 118 23.82 -50.14 -35.70
C PRO M 118 24.15 -50.11 -37.18
N GLN M 119 24.98 -49.15 -37.62
CA GLN M 119 25.35 -49.00 -39.03
C GLN M 119 24.12 -48.83 -39.92
N ASN M 120 23.13 -48.10 -39.41
CA ASN M 120 21.87 -47.93 -40.12
C ASN M 120 21.47 -46.46 -40.19
N MET N 1 49.20 -52.28 -15.99
CA MET N 1 48.04 -53.12 -15.69
C MET N 1 47.13 -52.47 -14.66
N TYR N 2 45.90 -52.20 -15.06
CA TYR N 2 44.93 -51.60 -14.15
C TYR N 2 43.53 -52.01 -14.58
N ALA N 3 42.58 -51.82 -13.67
CA ALA N 3 41.22 -52.30 -13.87
C ALA N 3 40.21 -51.24 -13.50
N ILE N 4 39.24 -51.02 -14.36
CA ILE N 4 38.04 -50.26 -14.01
C ILE N 4 37.08 -51.25 -13.35
N VAL N 5 36.93 -51.14 -12.03
CA VAL N 5 36.10 -52.06 -11.26
C VAL N 5 34.93 -51.29 -10.68
N ARG N 6 33.96 -52.04 -10.17
CA ARG N 6 32.78 -51.48 -9.53
C ARG N 6 32.66 -52.03 -8.12
N SER N 7 32.12 -51.20 -7.21
CA SER N 7 31.84 -51.65 -5.85
C SER N 7 30.79 -50.73 -5.26
N GLY N 8 29.63 -51.28 -4.92
CA GLY N 8 28.58 -50.51 -4.29
C GLY N 8 28.03 -49.40 -5.17
N GLY N 9 27.73 -49.73 -6.42
CA GLY N 9 27.14 -48.74 -7.32
C GLY N 9 28.04 -47.56 -7.60
N ARG N 10 29.35 -47.75 -7.54
CA ARG N 10 30.30 -46.68 -7.80
C ARG N 10 31.59 -47.31 -8.28
N GLN N 11 32.23 -46.69 -9.27
CA GLN N 11 33.32 -47.31 -10.00
C GLN N 11 34.65 -46.65 -9.66
N HIS N 12 35.72 -47.43 -9.77
CA HIS N 12 37.06 -46.98 -9.45
C HIS N 12 38.05 -47.51 -10.48
N LYS N 13 39.09 -46.72 -10.72
CA LYS N 13 40.22 -47.13 -11.55
C LYS N 13 41.32 -47.59 -10.61
N VAL N 14 41.46 -48.89 -10.43
CA VAL N 14 42.34 -49.45 -9.41
C VAL N 14 43.53 -50.11 -10.07
N ALA N 15 44.59 -50.26 -9.28
CA ALA N 15 45.79 -50.96 -9.68
C ALA N 15 46.36 -51.67 -8.46
N VAL N 16 47.19 -52.68 -8.69
CA VAL N 16 47.73 -53.46 -7.60
C VAL N 16 48.56 -52.56 -6.70
N GLY N 17 48.25 -52.58 -5.40
CA GLY N 17 48.91 -51.73 -4.43
C GLY N 17 48.17 -50.45 -4.11
N ASP N 18 47.17 -50.09 -4.90
CA ASP N 18 46.40 -48.88 -4.64
C ASP N 18 45.51 -49.05 -3.42
N VAL N 19 45.17 -47.92 -2.80
CA VAL N 19 44.25 -47.88 -1.67
C VAL N 19 43.00 -47.15 -2.13
N VAL N 20 41.85 -47.80 -1.99
CA VAL N 20 40.59 -47.34 -2.54
C VAL N 20 39.62 -47.11 -1.39
N GLU N 21 38.78 -46.09 -1.55
CA GLU N 21 37.86 -45.65 -0.51
C GLU N 21 36.49 -46.22 -0.91
N ILE N 22 36.17 -47.40 -0.38
CA ILE N 22 35.02 -48.18 -0.82
C ILE N 22 33.83 -47.90 0.08
N ASP N 23 32.63 -47.93 -0.49
CA ASP N 23 31.42 -47.88 0.30
C ASP N 23 31.41 -49.02 1.30
N LYS N 24 30.91 -48.74 2.50
CA LYS N 24 31.03 -49.68 3.61
C LYS N 24 30.46 -51.05 3.26
N VAL N 25 31.24 -52.09 3.55
CA VAL N 25 30.83 -53.47 3.32
C VAL N 25 30.96 -54.23 4.63
N ALA N 26 30.26 -55.36 4.71
CA ALA N 26 30.17 -56.11 5.96
C ALA N 26 31.42 -56.91 6.27
N ASP N 27 32.28 -57.16 5.28
CA ASP N 27 33.44 -58.01 5.51
C ASP N 27 34.43 -57.35 6.46
N GLU N 28 34.97 -58.15 7.37
CA GLU N 28 35.76 -57.67 8.50
C GLU N 28 37.21 -57.40 8.07
N ALA N 29 37.87 -56.55 8.86
CA ALA N 29 39.17 -56.02 8.47
C ALA N 29 40.22 -57.11 8.40
N GLY N 30 41.03 -57.08 7.35
CA GLY N 30 42.01 -58.11 7.09
C GLY N 30 41.53 -59.22 6.19
N SER N 31 40.21 -59.38 6.06
CA SER N 31 39.66 -60.34 5.11
C SER N 31 39.83 -59.79 3.69
N SER N 32 39.40 -60.58 2.71
CA SER N 32 39.57 -60.24 1.31
C SER N 32 38.24 -60.25 0.59
N ILE N 33 38.10 -59.34 -0.37
CA ILE N 33 36.91 -59.20 -1.20
C ILE N 33 37.33 -59.23 -2.66
N GLU N 34 36.37 -59.52 -3.52
CA GLU N 34 36.56 -59.50 -4.97
C GLU N 34 35.77 -58.34 -5.53
N LEU N 35 36.46 -57.41 -6.16
CA LEU N 35 35.82 -56.28 -6.82
C LEU N 35 35.47 -56.68 -8.25
N THR N 36 34.21 -56.51 -8.62
CA THR N 36 33.79 -56.85 -9.96
C THR N 36 34.44 -55.91 -10.97
N PRO N 37 35.17 -56.42 -11.96
CA PRO N 37 35.81 -55.54 -12.94
C PRO N 37 34.93 -55.27 -14.14
N LEU N 38 34.98 -54.03 -14.62
CA LEU N 38 34.25 -53.64 -15.81
C LEU N 38 35.15 -53.36 -16.99
N LEU N 39 36.45 -53.21 -16.77
CA LEU N 39 37.40 -53.01 -17.84
C LEU N 39 38.78 -53.39 -17.34
N VAL N 40 39.64 -53.90 -18.22
CA VAL N 40 41.02 -54.18 -17.87
C VAL N 40 41.91 -53.59 -18.95
N VAL N 41 42.95 -52.87 -18.56
CA VAL N 41 43.90 -52.33 -19.50
C VAL N 41 45.29 -52.76 -19.07
N ASP N 42 45.99 -53.49 -19.94
CA ASP N 42 47.32 -53.99 -19.65
C ASP N 42 48.36 -53.26 -20.52
N GLY N 43 47.97 -52.15 -21.12
CA GLY N 43 48.88 -51.40 -21.97
C GLY N 43 48.71 -51.79 -23.42
N GLU N 44 48.04 -50.94 -24.20
CA GLU N 44 47.72 -51.25 -25.60
C GLU N 44 47.00 -52.58 -25.73
N SER N 45 46.27 -52.96 -24.68
CA SER N 45 45.51 -54.20 -24.66
C SER N 45 44.35 -54.01 -23.69
N VAL N 46 43.15 -53.91 -24.24
CA VAL N 46 41.98 -53.48 -23.49
C VAL N 46 40.95 -54.61 -23.52
N THR N 47 40.78 -55.28 -22.39
CA THR N 47 39.74 -56.29 -22.22
C THR N 47 38.46 -55.62 -21.76
N SER N 48 37.40 -55.75 -22.56
CA SER N 48 36.15 -55.05 -22.31
C SER N 48 34.91 -55.92 -22.32
N ASP N 49 34.89 -57.04 -23.03
CA ASP N 49 33.66 -57.82 -23.17
C ASP N 49 33.40 -58.70 -21.95
N LYS N 50 32.12 -59.01 -21.74
CA LYS N 50 31.68 -59.65 -20.51
C LYS N 50 32.30 -61.04 -20.34
N ASP N 51 32.43 -61.79 -21.44
CA ASP N 51 32.95 -63.14 -21.32
C ASP N 51 34.37 -63.14 -20.77
N ALA N 52 35.22 -62.25 -21.26
CA ALA N 52 36.59 -62.21 -20.77
C ALA N 52 36.67 -61.55 -19.39
N LEU N 53 35.86 -60.51 -19.14
CA LEU N 53 35.84 -59.94 -17.80
C LEU N 53 35.31 -60.91 -16.74
N GLY N 54 34.60 -61.96 -17.15
CA GLY N 54 34.23 -62.99 -16.20
C GLY N 54 35.42 -63.76 -15.67
N LYS N 55 36.42 -64.00 -16.51
CA LYS N 55 37.58 -64.78 -16.11
C LYS N 55 38.57 -64.01 -15.24
N VAL N 56 38.54 -62.69 -15.28
CA VAL N 56 39.49 -61.89 -14.51
C VAL N 56 38.91 -61.60 -13.13
N LYS N 57 39.75 -61.67 -12.11
CA LYS N 57 39.35 -61.44 -10.73
C LYS N 57 40.24 -60.37 -10.14
N VAL N 58 39.63 -59.30 -9.63
CA VAL N 58 40.36 -58.27 -8.90
C VAL N 58 40.16 -58.55 -7.42
N THR N 59 41.24 -58.89 -6.74
CA THR N 59 41.19 -59.28 -5.35
C THR N 59 41.83 -58.19 -4.49
N ALA N 60 41.21 -57.89 -3.36
CA ALA N 60 41.70 -56.83 -2.50
C ALA N 60 41.38 -57.19 -1.07
N GLU N 61 42.00 -56.49 -0.13
CA GLU N 61 41.80 -56.79 1.29
C GLU N 61 41.30 -55.56 2.04
N VAL N 62 40.55 -55.82 3.09
CA VAL N 62 39.94 -54.76 3.89
C VAL N 62 40.94 -54.29 4.93
N LEU N 63 41.13 -52.97 5.02
CA LEU N 63 42.06 -52.38 5.97
C LEU N 63 41.37 -51.83 7.21
N GLY N 64 40.25 -51.14 7.04
CA GLY N 64 39.54 -50.57 8.18
C GLY N 64 38.41 -49.69 7.71
N GLU N 65 37.69 -49.16 8.69
CA GLU N 65 36.55 -48.29 8.45
C GLU N 65 36.97 -46.85 8.70
N THR N 66 36.77 -46.00 7.70
CA THR N 66 37.07 -44.58 7.81
C THR N 66 35.81 -43.76 7.57
N LYS N 67 35.77 -42.60 8.22
CA LYS N 67 34.64 -41.70 8.14
C LYS N 67 34.93 -40.57 7.15
N GLY N 68 33.88 -40.10 6.49
CA GLY N 68 34.00 -38.98 5.59
C GLY N 68 34.05 -37.68 6.36
N PRO N 69 33.99 -36.56 5.64
CA PRO N 69 33.94 -35.26 6.33
C PRO N 69 32.63 -35.09 7.04
N LYS N 70 32.66 -34.33 8.14
CA LYS N 70 31.44 -34.01 8.85
C LYS N 70 30.67 -32.96 8.07
N ILE N 71 29.44 -33.30 7.69
CA ILE N 71 28.59 -32.42 6.91
C ILE N 71 27.52 -31.85 7.84
N ARG N 72 27.34 -30.52 7.78
CA ARG N 72 26.36 -29.82 8.61
C ARG N 72 25.28 -29.26 7.70
N ILE N 73 24.08 -29.82 7.81
CA ILE N 73 22.92 -29.36 7.05
C ILE N 73 22.14 -28.40 7.93
N LEU N 74 21.76 -27.26 7.37
CA LEU N 74 20.83 -26.33 7.99
C LEU N 74 19.80 -25.93 6.93
N LYS N 75 18.73 -26.70 6.84
CA LYS N 75 17.64 -26.34 5.94
C LYS N 75 16.94 -25.11 6.48
N TYR N 76 16.72 -24.12 5.62
CA TYR N 76 16.21 -22.83 6.06
C TYR N 76 15.36 -22.23 4.95
N LYS N 77 14.29 -21.54 5.34
CA LYS N 77 13.47 -20.78 4.42
C LYS N 77 13.10 -19.46 5.08
N ASN N 78 13.24 -18.36 4.34
CA ASN N 78 13.06 -17.04 4.92
C ASN N 78 11.59 -16.79 5.27
N LYS N 79 11.39 -15.95 6.27
CA LYS N 79 10.08 -15.37 6.61
C LYS N 79 9.08 -16.42 7.05
N THR N 80 9.53 -17.60 7.44
CA THR N 80 8.65 -18.63 7.99
C THR N 80 9.06 -19.10 9.37
N GLY N 81 10.28 -18.80 9.82
CA GLY N 81 10.77 -19.33 11.06
C GLY N 81 11.28 -20.75 10.98
N TYR N 82 11.32 -21.33 9.79
CA TYR N 82 11.67 -22.73 9.63
C TYR N 82 13.18 -22.90 9.59
N LYS N 83 13.68 -23.81 10.41
CA LYS N 83 15.07 -24.25 10.35
C LYS N 83 15.10 -25.73 10.71
N LYS N 84 16.09 -26.43 10.17
CA LYS N 84 16.29 -27.83 10.52
C LYS N 84 17.78 -28.13 10.46
N ARG N 85 18.36 -28.48 11.61
CA ARG N 85 19.76 -28.82 11.71
C ARG N 85 19.94 -30.33 11.58
N GLN N 86 21.06 -30.72 10.97
CA GLN N 86 21.37 -32.13 10.78
C GLN N 86 22.87 -32.28 10.55
N GLY N 87 23.36 -33.50 10.75
CA GLY N 87 24.75 -33.79 10.50
C GLY N 87 24.90 -35.11 9.79
N HIS N 88 26.10 -35.34 9.25
CA HIS N 88 26.35 -36.58 8.54
C HIS N 88 27.85 -36.87 8.54
N ARG N 89 28.18 -38.17 8.53
CA ARG N 89 29.59 -38.58 8.47
C ARG N 89 29.91 -39.51 7.32
N GLN N 90 29.00 -40.44 6.98
CA GLN N 90 29.16 -41.31 5.81
C GLN N 90 30.43 -42.17 5.91
N LYS N 91 30.38 -43.12 6.84
CA LYS N 91 31.46 -44.08 6.98
C LYS N 91 31.69 -44.85 5.68
N TYR N 92 32.96 -45.10 5.38
CA TYR N 92 33.39 -45.95 4.27
C TYR N 92 34.32 -47.04 4.81
N THR N 93 34.96 -47.75 3.90
CA THR N 93 35.93 -48.78 4.26
C THR N 93 37.17 -48.66 3.37
N GLN N 94 38.35 -48.70 4.00
CA GLN N 94 39.59 -48.79 3.26
C GLN N 94 39.68 -50.14 2.55
N VAL N 95 40.28 -50.13 1.37
CA VAL N 95 40.59 -51.35 0.65
C VAL N 95 41.96 -51.20 0.01
N LYS N 96 42.75 -52.26 0.01
CA LYS N 96 44.02 -52.27 -0.72
C LYS N 96 43.96 -53.33 -1.80
N VAL N 97 44.18 -52.92 -3.05
CA VAL N 97 44.12 -53.85 -4.16
C VAL N 97 45.36 -54.72 -4.14
N THR N 98 45.17 -56.04 -4.13
CA THR N 98 46.29 -56.97 -4.02
C THR N 98 46.63 -57.64 -5.34
N GLY N 99 45.69 -57.74 -6.28
CA GLY N 99 46.01 -58.39 -7.53
C GLY N 99 44.88 -58.40 -8.55
N ILE N 100 45.25 -58.22 -9.82
CA ILE N 100 44.32 -58.31 -10.94
C ILE N 100 44.79 -59.50 -11.77
N GLU N 101 44.21 -60.66 -11.51
CA GLU N 101 44.57 -61.89 -12.22
C GLU N 101 43.54 -62.13 -13.32
N GLY N 102 44.02 -62.20 -14.56
CA GLY N 102 43.15 -62.37 -15.72
C GLY N 102 42.35 -63.66 -15.70
N MET O 1 48.30 -22.04 33.08
CA MET O 1 48.39 -21.81 34.55
C MET O 1 49.58 -20.91 34.85
N SER O 2 49.33 -19.74 35.46
CA SER O 2 50.41 -18.75 35.76
C SER O 2 51.69 -19.44 36.25
N LYS O 3 52.87 -18.90 35.91
CA LYS O 3 54.16 -19.55 36.29
C LYS O 3 55.34 -18.63 36.01
N THR O 4 56.28 -19.07 35.16
CA THR O 4 57.51 -18.28 34.88
C THR O 4 57.41 -17.60 33.52
N GLU O 5 58.55 -17.17 32.96
CA GLU O 5 58.49 -16.42 31.70
C GLU O 5 57.20 -15.63 31.56
N ARG O 6 56.88 -14.86 32.60
CA ARG O 6 55.69 -14.02 32.56
C ARG O 6 55.83 -12.99 31.44
N PRO O 7 54.74 -12.65 30.76
CA PRO O 7 54.84 -11.74 29.61
C PRO O 7 55.29 -10.35 30.03
N SER O 8 55.98 -9.69 29.11
CA SER O 8 56.47 -8.34 29.36
C SER O 8 56.55 -7.59 28.03
N ARG O 9 56.54 -6.27 28.12
CA ARG O 9 56.61 -5.45 26.91
C ARG O 9 57.94 -5.66 26.19
N ARG O 10 59.03 -5.76 26.94
CA ARG O 10 60.32 -6.00 26.31
C ARG O 10 60.34 -7.36 25.61
N ALA O 11 59.79 -8.38 26.24
CA ALA O 11 59.75 -9.69 25.61
C ALA O 11 58.90 -9.68 24.35
N ALA O 12 57.77 -8.97 24.38
CA ALA O 12 56.88 -8.94 23.23
C ALA O 12 57.47 -8.15 22.07
N LEU O 13 58.14 -7.04 22.37
CA LEU O 13 58.58 -6.13 21.32
C LEU O 13 59.99 -6.43 20.81
N LEU O 14 60.88 -6.93 21.66
CA LEU O 14 62.26 -7.19 21.27
C LEU O 14 62.60 -8.68 21.32
N GLY O 15 62.32 -9.35 22.43
CA GLY O 15 62.54 -10.78 22.50
C GLY O 15 64.00 -11.19 22.43
N ASP O 16 64.78 -10.85 23.45
CA ASP O 16 66.19 -11.17 23.59
C ASP O 16 67.07 -10.42 22.61
N ARG O 17 66.50 -9.64 21.71
CA ARG O 17 67.30 -8.83 20.80
C ARG O 17 67.77 -7.56 21.50
N PRO O 18 68.91 -7.01 21.11
CA PRO O 18 69.36 -5.76 21.69
C PRO O 18 68.45 -4.61 21.28
N GLY O 19 68.37 -3.61 22.15
CA GLY O 19 67.55 -2.43 21.94
C GLY O 19 66.72 -2.12 23.16
N SER O 20 65.90 -1.09 23.02
CA SER O 20 65.01 -0.70 24.10
C SER O 20 63.75 -0.08 23.51
N TYR O 21 62.97 0.59 24.34
CA TYR O 21 61.68 1.11 23.94
C TYR O 21 61.24 2.17 24.94
N ALA O 22 60.13 2.81 24.63
CA ALA O 22 59.55 3.81 25.52
C ALA O 22 58.07 3.97 25.18
N ILE O 23 57.25 4.11 26.22
CA ILE O 23 55.82 4.27 26.05
C ILE O 23 55.40 5.58 26.71
N ALA O 24 54.63 6.39 26.00
CA ALA O 24 54.00 7.58 26.56
C ALA O 24 52.51 7.28 26.65
N ARG O 25 52.05 7.04 27.87
CA ARG O 25 50.64 6.72 28.08
C ARG O 25 49.85 7.98 28.38
N HIS O 26 48.59 7.96 27.97
CA HIS O 26 47.66 9.07 28.20
C HIS O 26 48.20 10.38 27.65
N VAL O 27 48.66 10.33 26.40
CA VAL O 27 49.00 11.57 25.71
C VAL O 27 47.71 12.26 25.31
N ARG O 28 47.58 13.55 25.68
CA ARG O 28 46.31 14.25 25.58
C ARG O 28 46.08 14.74 24.15
N MET O 29 46.17 13.81 23.21
CA MET O 29 45.94 14.09 21.79
C MET O 29 45.34 12.86 21.13
N SER O 30 44.75 13.07 19.96
CA SER O 30 44.04 12.02 19.27
C SER O 30 45.00 10.98 18.70
N ALA O 31 44.55 9.72 18.72
CA ALA O 31 45.37 8.62 18.22
C ALA O 31 45.62 8.75 16.72
N SER O 32 44.60 9.15 15.95
CA SER O 32 44.79 9.33 14.52
C SER O 32 45.76 10.46 14.21
N LYS O 33 45.64 11.56 14.94
CA LYS O 33 46.56 12.68 14.74
C LYS O 33 47.98 12.32 15.14
N CYS O 34 48.14 11.40 16.10
CA CYS O 34 49.48 10.92 16.42
C CYS O 34 50.00 9.98 15.33
N ARG O 35 49.13 9.11 14.81
CA ARG O 35 49.51 8.19 13.76
C ARG O 35 49.97 8.94 12.51
N ARG O 36 49.39 10.12 12.27
CA ARG O 36 49.77 10.89 11.10
C ARG O 36 51.28 11.19 11.06
N VAL O 37 51.93 11.21 12.22
CA VAL O 37 53.35 11.51 12.29
C VAL O 37 54.13 10.22 12.55
N ILE O 38 53.52 9.29 13.28
CA ILE O 38 54.14 8.00 13.51
C ILE O 38 54.44 7.30 12.19
N ASN O 39 53.51 7.36 11.23
CA ASN O 39 53.75 6.71 9.96
C ASN O 39 54.98 7.26 9.26
N LEU O 40 55.24 8.57 9.39
CA LEU O 40 56.43 9.14 8.81
C LEU O 40 57.68 8.75 9.57
N VAL O 41 57.60 8.69 10.90
CA VAL O 41 58.83 8.52 11.67
C VAL O 41 59.23 7.04 11.77
N ARG O 42 58.33 6.12 11.46
CA ARG O 42 58.64 4.70 11.60
C ARG O 42 59.70 4.26 10.59
N GLY O 43 60.70 3.54 11.07
CA GLY O 43 61.73 2.98 10.22
C GLY O 43 62.96 3.86 10.03
N MET O 44 62.96 5.07 10.55
CA MET O 44 64.06 6.00 10.36
C MET O 44 65.15 5.77 11.40
N ASP O 45 66.32 6.36 11.14
CA ASP O 45 67.34 6.48 12.17
C ASP O 45 66.83 7.40 13.28
N ALA O 46 67.25 7.11 14.51
CA ALA O 46 66.69 7.81 15.65
C ALA O 46 67.10 9.28 15.68
N VAL O 47 68.38 9.56 15.43
CA VAL O 47 68.83 10.95 15.45
C VAL O 47 68.18 11.74 14.33
N ASP O 48 68.10 11.14 13.13
CA ASP O 48 67.43 11.82 12.03
C ASP O 48 65.96 12.06 12.36
N ALA O 49 65.33 11.09 13.03
CA ALA O 49 63.93 11.23 13.38
C ALA O 49 63.71 12.39 14.35
N VAL O 50 64.54 12.48 15.39
CA VAL O 50 64.34 13.54 16.37
C VAL O 50 64.66 14.91 15.76
N THR O 51 65.71 14.98 14.94
CA THR O 51 66.02 16.25 14.29
C THR O 51 64.89 16.68 13.35
N MET O 52 64.31 15.73 12.61
CA MET O 52 63.19 16.06 11.75
C MET O 52 61.98 16.51 12.57
N LEU O 53 61.69 15.81 13.66
CA LEU O 53 60.51 16.14 14.46
C LEU O 53 60.66 17.49 15.16
N LYS O 54 61.89 17.97 15.33
CA LYS O 54 62.04 19.36 15.76
C LYS O 54 61.46 20.34 14.74
N PHE O 55 61.37 19.93 13.47
CA PHE O 55 60.89 20.80 12.41
C PHE O 55 59.52 20.41 11.87
N GLN O 56 59.01 19.24 12.22
CA GLN O 56 57.70 18.82 11.73
C GLN O 56 56.63 19.77 12.23
N PRO O 57 55.74 20.26 11.36
CA PRO O 57 54.80 21.30 11.78
C PRO O 57 53.65 20.80 12.63
N GLN O 58 53.34 19.50 12.61
CA GLN O 58 52.22 19.00 13.37
C GLN O 58 52.49 19.02 14.86
N ALA O 59 51.43 19.18 15.64
CA ALA O 59 51.57 19.20 17.09
C ALA O 59 51.92 17.84 17.66
N ALA O 60 51.64 16.76 16.94
CA ALA O 60 52.00 15.43 17.41
C ALA O 60 53.50 15.19 17.38
N ALA O 61 54.27 16.05 16.71
CA ALA O 61 55.70 15.84 16.61
C ALA O 61 56.37 15.89 17.98
N GLU O 62 55.95 16.83 18.83
CA GLU O 62 56.62 17.00 20.12
C GLU O 62 56.51 15.77 21.01
N PRO O 63 55.32 15.21 21.30
CA PRO O 63 55.29 14.00 22.13
C PRO O 63 56.04 12.84 21.53
N ILE O 64 55.93 12.65 20.22
CA ILE O 64 56.62 11.54 19.57
C ILE O 64 58.14 11.75 19.66
N ARG O 65 58.59 12.99 19.46
CA ARG O 65 60.02 13.26 19.59
C ARG O 65 60.51 12.96 20.99
N LYS O 66 59.74 13.35 22.01
CA LYS O 66 60.16 13.07 23.38
C LYS O 66 60.19 11.58 23.66
N VAL O 67 59.23 10.83 23.10
CA VAL O 67 59.22 9.38 23.28
C VAL O 67 60.45 8.75 22.63
N ILE O 68 60.79 9.20 21.42
CA ILE O 68 61.95 8.65 20.74
C ILE O 68 63.22 8.97 21.52
N ALA O 69 63.33 10.18 22.04
CA ALA O 69 64.50 10.53 22.84
C ALA O 69 64.58 9.68 24.09
N SER O 70 63.44 9.43 24.74
CA SER O 70 63.44 8.60 25.94
C SER O 70 63.85 7.18 25.63
N ALA O 71 63.36 6.63 24.52
CA ALA O 71 63.76 5.28 24.10
C ALA O 71 65.24 5.22 23.80
N MET O 72 65.76 6.26 23.14
CA MET O 72 67.19 6.33 22.85
C MET O 72 68.00 6.33 24.14
N ALA O 73 67.58 7.13 25.12
CA ALA O 73 68.28 7.17 26.39
C ALA O 73 68.22 5.84 27.12
N ASN O 74 67.05 5.19 27.09
CA ASN O 74 66.92 3.88 27.70
C ASN O 74 67.86 2.88 27.07
N ALA O 75 67.96 2.89 25.75
CA ALA O 75 68.88 1.99 25.07
C ALA O 75 70.31 2.29 25.45
N GLU O 76 70.69 3.58 25.45
CA GLU O 76 72.06 3.95 25.76
C GLU O 76 72.43 3.56 27.18
N GLN O 77 71.47 3.56 28.08
CA GLN O 77 71.77 3.25 29.48
C GLN O 77 71.72 1.75 29.78
N THR O 78 70.80 1.01 29.17
CA THR O 78 70.61 -0.38 29.54
C THR O 78 71.25 -1.37 28.58
N GLU O 79 71.77 -0.91 27.43
CA GLU O 79 72.46 -1.82 26.52
C GLU O 79 73.77 -1.26 25.98
N GLY O 80 74.23 -0.12 26.47
CA GLY O 80 75.49 0.44 26.03
C GLY O 80 75.50 0.92 24.60
N LEU O 81 74.34 0.92 23.93
CA LEU O 81 74.28 1.37 22.55
C LEU O 81 74.48 2.88 22.47
N ARG O 82 74.86 3.35 21.29
CA ARG O 82 75.04 4.76 21.04
C ARG O 82 73.85 5.31 20.29
N ALA O 83 73.57 6.60 20.50
CA ALA O 83 72.39 7.21 19.91
C ALA O 83 72.46 7.23 18.39
N ASP O 84 73.67 7.25 17.84
CA ASP O 84 73.84 7.45 16.40
C ASP O 84 73.79 6.17 15.60
N ASP O 85 73.71 5.00 16.24
CA ASP O 85 73.55 3.75 15.51
C ASP O 85 72.23 3.06 15.84
N LEU O 86 71.28 3.79 16.42
CA LEU O 86 69.94 3.28 16.64
C LEU O 86 69.04 3.66 15.48
N TYR O 87 68.07 2.80 15.19
CA TYR O 87 67.01 3.12 14.26
C TYR O 87 65.69 2.69 14.85
N ILE O 88 64.62 3.39 14.49
CA ILE O 88 63.30 3.14 15.06
C ILE O 88 62.77 1.86 14.42
N SER O 89 62.88 0.74 15.14
CA SER O 89 62.45 -0.53 14.60
C SER O 89 60.92 -0.60 14.51
N GLN O 90 60.25 -0.20 15.58
CA GLN O 90 58.80 -0.22 15.61
C GLN O 90 58.28 1.10 16.15
N ALA O 91 57.03 1.42 15.79
CA ALA O 91 56.39 2.63 16.29
C ALA O 91 54.91 2.51 16.04
N PHE O 92 54.11 2.68 17.09
CA PHE O 92 52.67 2.62 16.92
C PHE O 92 51.98 3.45 17.97
N VAL O 93 50.70 3.72 17.73
CA VAL O 93 49.85 4.52 18.59
C VAL O 93 48.56 3.77 18.84
N ASP O 94 48.28 3.54 20.12
CA ASP O 94 47.03 2.87 20.51
C ASP O 94 46.13 3.95 21.10
N GLU O 95 44.89 3.61 21.43
CA GLU O 95 43.93 4.62 21.93
C GLU O 95 43.92 4.56 23.45
N GLY O 96 43.81 5.72 24.09
CA GLY O 96 43.72 5.74 25.56
C GLY O 96 42.37 6.19 26.03
N ILE O 97 42.29 6.70 27.25
CA ILE O 97 40.95 7.07 27.82
C ILE O 97 40.39 8.25 27.04
N THR O 98 39.10 8.23 26.77
CA THR O 98 38.41 9.31 26.09
C THR O 98 37.39 9.93 27.05
N MET O 99 37.31 11.25 27.03
CA MET O 99 36.39 11.99 27.89
C MET O 99 35.22 12.51 27.07
N ARG O 100 34.02 12.23 27.54
CA ARG O 100 32.82 12.77 26.92
C ARG O 100 32.50 14.14 27.50
N ARG O 101 32.30 15.12 26.61
CA ARG O 101 31.93 16.46 26.99
C ARG O 101 30.73 16.89 26.15
N ILE O 102 30.17 18.05 26.50
CA ILE O 102 28.94 18.54 25.89
C ILE O 102 29.21 19.89 25.26
N ARG O 103 28.80 20.06 24.01
CA ARG O 103 28.82 21.36 23.34
C ARG O 103 27.38 21.78 23.09
N PRO O 104 26.89 22.85 23.71
CA PRO O 104 25.53 23.30 23.42
C PRO O 104 25.39 23.77 21.98
N ARG O 105 24.25 23.49 21.38
CA ARG O 105 23.97 23.83 20.00
C ARG O 105 22.64 24.57 19.93
N ALA O 106 22.19 24.83 18.71
CA ALA O 106 20.96 25.58 18.51
C ALA O 106 19.74 24.81 19.00
N LYS O 107 18.73 25.55 19.44
CA LYS O 107 17.42 24.99 19.78
C LYS O 107 17.50 24.04 20.98
N GLY O 108 18.40 24.34 21.91
CA GLY O 108 18.47 23.62 23.16
C GLY O 108 19.14 22.28 23.10
N SER O 109 19.65 21.86 21.94
CA SER O 109 20.28 20.57 21.83
C SER O 109 21.70 20.61 22.39
N ALA O 110 22.22 19.44 22.73
CA ALA O 110 23.58 19.29 23.19
C ALA O 110 24.25 18.22 22.34
N SER O 111 25.42 18.54 21.79
CA SER O 111 26.15 17.63 20.94
C SER O 111 27.33 17.04 21.69
N ARG O 112 27.54 15.75 21.50
CA ARG O 112 28.63 15.05 22.16
C ARG O 112 29.97 15.49 21.58
N ILE O 113 30.96 15.66 22.45
CA ILE O 113 32.33 15.94 22.07
C ILE O 113 33.23 14.90 22.71
N LEU O 114 34.14 14.33 21.94
CA LEU O 114 35.03 13.29 22.45
C LEU O 114 36.44 13.87 22.51
N LYS O 115 36.96 14.02 23.74
CA LYS O 115 38.36 14.38 23.94
C LYS O 115 39.15 13.08 24.03
N ARG O 116 39.89 12.77 22.97
CA ARG O 116 40.58 11.50 22.87
C ARG O 116 42.01 11.61 23.41
N SER O 117 42.62 10.45 23.62
CA SER O 117 44.00 10.37 24.11
C SER O 117 44.66 9.16 23.48
N ALA O 118 46.00 9.18 23.45
CA ALA O 118 46.75 8.15 22.76
C ALA O 118 47.88 7.63 23.63
N HIS O 119 48.27 6.39 23.37
CA HIS O 119 49.50 5.79 23.88
C HIS O 119 50.46 5.64 22.72
N ILE O 120 51.68 6.12 22.89
CA ILE O 120 52.70 6.07 21.84
C ILE O 120 53.81 5.13 22.29
N THR O 121 54.15 4.16 21.43
CA THR O 121 55.24 3.24 21.70
C THR O 121 56.24 3.30 20.57
N VAL O 122 57.51 3.41 20.92
CA VAL O 122 58.61 3.43 19.96
C VAL O 122 59.63 2.39 20.41
N VAL O 123 60.13 1.60 19.47
CA VAL O 123 61.11 0.55 19.72
C VAL O 123 62.31 0.80 18.84
N VAL O 124 63.47 0.97 19.45
CA VAL O 124 64.72 1.30 18.76
C VAL O 124 65.71 0.16 18.94
N GLU O 125 66.35 -0.22 17.85
CA GLU O 125 67.36 -1.27 17.82
C GLU O 125 68.59 -0.77 17.06
N PRO O 126 69.74 -1.41 17.26
CA PRO O 126 70.91 -1.04 16.47
C PRO O 126 70.68 -1.25 14.98
N LYS O 127 71.28 -0.38 14.17
CA LYS O 127 71.06 -0.40 12.73
C LYS O 127 71.47 -1.71 12.10
N GLU O 128 72.37 -2.46 12.73
CA GLU O 128 72.76 -3.76 12.20
C GLU O 128 71.60 -4.73 12.16
N ALA O 129 70.57 -4.52 13.00
CA ALA O 129 69.41 -5.39 13.00
C ALA O 129 68.48 -5.13 11.82
N ARG O 130 68.74 -4.09 11.03
CA ARG O 130 67.83 -3.76 9.94
C ARG O 130 67.80 -4.86 8.89
N GLN O 131 68.96 -5.41 8.56
CA GLN O 131 69.05 -6.48 7.57
C GLN O 131 69.02 -7.87 8.20
N ALA O 132 68.53 -7.98 9.43
CA ALA O 132 68.42 -9.27 10.09
C ALA O 132 66.96 -9.72 10.14
N GLU P 3 21.01 30.97 89.97
CA GLU P 3 21.04 30.36 88.65
C GLU P 3 22.44 29.88 88.29
N LEU P 4 22.51 28.70 87.68
CA LEU P 4 23.78 28.12 87.25
C LEU P 4 24.36 28.95 86.10
N LYS P 5 25.54 28.55 85.62
CA LYS P 5 26.15 29.07 84.41
C LYS P 5 26.44 30.57 84.53
N ILE P 6 27.37 30.87 85.43
CA ILE P 6 27.96 32.20 85.49
C ILE P 6 28.48 32.59 84.11
N ARG P 7 28.20 33.82 83.70
CA ARG P 7 28.64 34.33 82.41
C ARG P 7 29.82 35.27 82.62
N ASP P 8 30.96 34.93 82.02
CA ASP P 8 32.24 35.61 82.03
C ASP P 8 32.40 36.45 80.77
N PRO P 9 32.89 37.68 80.88
CA PRO P 9 33.15 38.48 79.67
C PRO P 9 34.10 37.82 78.70
N ARG P 10 34.89 36.84 79.13
CA ARG P 10 35.79 36.13 78.23
C ARG P 10 35.07 35.09 77.38
N ASP P 11 33.78 34.85 77.64
CA ASP P 11 33.00 34.00 76.75
C ASP P 11 32.68 34.71 75.44
N ILE P 12 32.65 36.04 75.44
CA ILE P 12 32.29 36.79 74.25
C ILE P 12 33.50 36.92 73.32
N ILE P 13 34.65 37.31 73.88
CA ILE P 13 35.86 37.48 73.08
C ILE P 13 36.50 36.11 72.90
N LEU P 14 36.48 35.60 71.67
CA LEU P 14 36.95 34.25 71.40
C LEU P 14 38.45 34.21 71.13
N ALA P 15 38.89 34.93 70.10
CA ALA P 15 40.29 34.87 69.69
C ALA P 15 40.65 36.17 68.98
N PRO P 16 41.92 36.56 69.00
CA PRO P 16 42.34 37.70 68.21
C PRO P 16 42.65 37.32 66.77
N VAL P 17 42.42 38.26 65.88
CA VAL P 17 42.71 38.07 64.47
C VAL P 17 44.15 38.51 64.22
N VAL P 18 44.96 37.58 63.72
CA VAL P 18 46.35 37.85 63.40
C VAL P 18 46.51 37.80 61.89
N SER P 19 46.90 38.91 61.30
CA SER P 19 47.06 39.04 59.86
C SER P 19 47.78 40.34 59.58
N GLU P 20 48.15 40.53 58.32
CA GLU P 20 48.85 41.75 57.94
C GLU P 20 48.00 42.98 58.21
N LYS P 21 46.71 42.92 57.89
CA LYS P 21 45.84 44.07 58.13
C LYS P 21 45.70 44.34 59.62
N SER P 22 45.56 43.29 60.44
CA SER P 22 45.45 43.49 61.88
C SER P 22 46.72 44.11 62.45
N TYR P 23 47.88 43.63 62.01
CA TYR P 23 49.12 44.19 62.53
C TYR P 23 49.32 45.63 62.05
N GLY P 24 48.88 45.94 60.83
CA GLY P 24 48.91 47.33 60.40
C GLY P 24 47.98 48.20 61.21
N LEU P 25 46.82 47.66 61.60
CA LEU P 25 45.88 48.41 62.43
C LEU P 25 46.40 48.59 63.85
N LEU P 26 47.29 47.71 64.30
CA LEU P 26 47.91 47.90 65.60
C LEU P 26 48.63 49.24 65.71
N ASP P 27 49.06 49.80 64.58
CA ASP P 27 49.69 51.11 64.59
C ASP P 27 48.73 52.21 65.02
N GLN P 28 47.42 51.98 64.92
CA GLN P 28 46.41 52.96 65.29
C GLN P 28 45.73 52.60 66.61
N ASN P 29 46.36 51.76 67.42
CA ASN P 29 45.75 51.25 68.66
C ASN P 29 44.42 50.56 68.37
N THR P 30 44.42 49.72 67.34
CA THR P 30 43.23 49.04 66.86
C THR P 30 43.47 47.54 66.91
N TYR P 31 42.51 46.81 67.47
CA TYR P 31 42.64 45.38 67.70
C TYR P 31 41.44 44.66 67.11
N THR P 32 41.69 43.59 66.36
CA THR P 32 40.63 42.83 65.72
C THR P 32 40.44 41.51 66.46
N PHE P 33 39.26 41.30 67.01
CA PHE P 33 38.94 40.10 67.77
C PHE P 33 37.80 39.35 67.09
N VAL P 34 37.84 38.03 67.14
CA VAL P 34 36.70 37.22 66.75
C VAL P 34 35.81 37.06 67.97
N VAL P 35 34.57 37.51 67.86
CA VAL P 35 33.67 37.59 69.01
C VAL P 35 32.51 36.62 68.82
N LYS P 36 31.75 36.45 69.88
CA LYS P 36 30.55 35.62 69.82
C LYS P 36 29.54 36.27 68.89
N PRO P 37 29.01 35.56 67.90
CA PRO P 37 28.21 36.20 66.84
C PRO P 37 26.90 36.80 67.32
N THR P 38 26.57 36.73 68.60
CA THR P 38 25.32 37.30 69.11
C THR P 38 25.57 38.47 70.05
N ALA P 39 26.75 39.07 70.01
CA ALA P 39 27.12 40.15 70.91
C ALA P 39 27.12 41.47 70.17
N ASN P 40 26.53 42.49 70.79
CA ASN P 40 26.47 43.80 70.18
C ASN P 40 27.71 44.62 70.54
N LYS P 41 27.80 45.80 69.94
CA LYS P 41 28.97 46.65 70.13
C LYS P 41 29.13 47.06 71.59
N THR P 42 28.04 47.44 72.24
CA THR P 42 28.12 47.85 73.64
C THR P 42 28.61 46.71 74.52
N GLU P 43 28.09 45.50 74.29
CA GLU P 43 28.52 44.36 75.10
C GLU P 43 29.98 44.03 74.86
N ILE P 44 30.42 44.08 73.60
CA ILE P 44 31.83 43.82 73.30
C ILE P 44 32.70 44.88 73.97
N LYS P 45 32.26 46.13 73.93
CA LYS P 45 33.02 47.21 74.55
C LYS P 45 33.16 46.99 76.05
N ILE P 46 32.05 46.67 76.71
CA ILE P 46 32.08 46.45 78.16
C ILE P 46 32.97 45.25 78.48
N ALA P 47 32.86 44.19 77.69
CA ALA P 47 33.68 42.99 77.94
C ALA P 47 35.16 43.30 77.79
N ILE P 48 35.54 44.03 76.74
CA ILE P 48 36.94 44.36 76.54
C ILE P 48 37.45 45.22 77.69
N GLU P 49 36.65 46.20 78.10
CA GLU P 49 37.03 47.04 79.23
C GLU P 49 37.26 46.20 80.48
N GLN P 50 36.32 45.30 80.78
CA GLN P 50 36.44 44.50 81.99
C GLN P 50 37.62 43.55 81.93
N ILE P 51 37.89 42.97 80.75
CA ILE P 51 38.98 42.01 80.64
C ILE P 51 40.33 42.71 80.78
N PHE P 52 40.52 43.82 80.06
CA PHE P 52 41.85 44.39 79.92
C PHE P 52 42.10 45.63 80.76
N GLY P 53 41.11 46.13 81.49
CA GLY P 53 41.30 47.36 82.23
C GLY P 53 41.68 48.52 81.35
N VAL P 54 41.10 48.59 80.15
CA VAL P 54 41.52 49.50 79.11
C VAL P 54 40.32 50.29 78.64
N LYS P 55 40.47 51.61 78.56
CA LYS P 55 39.40 52.44 78.01
C LYS P 55 39.31 52.23 76.50
N VAL P 56 38.10 52.01 76.02
CA VAL P 56 37.83 51.74 74.61
C VAL P 56 37.01 52.89 74.06
N THR P 57 37.49 53.52 72.99
CA THR P 57 36.78 54.65 72.40
C THR P 57 35.74 54.22 71.39
N SER P 58 36.03 53.17 70.60
CA SER P 58 35.13 52.76 69.53
C SER P 58 35.19 51.25 69.36
N VAL P 59 34.06 50.69 68.93
CA VAL P 59 33.98 49.28 68.57
C VAL P 59 33.24 49.19 67.23
N ASN P 60 33.89 48.60 66.23
CA ASN P 60 33.31 48.40 64.93
C ASN P 60 33.25 46.91 64.65
N THR P 61 32.09 46.43 64.21
CA THR P 61 31.88 45.01 64.00
C THR P 61 31.48 44.75 62.55
N MET P 62 31.88 43.57 62.06
CA MET P 62 31.41 43.09 60.78
C MET P 62 31.12 41.60 60.89
N ASN P 63 30.24 41.13 60.02
CA ASN P 63 29.97 39.70 59.87
C ASN P 63 30.65 39.19 58.62
N ARG P 64 31.43 38.13 58.76
CA ARG P 64 32.21 37.58 57.66
C ARG P 64 31.66 36.20 57.34
N LYS P 65 31.28 35.98 56.07
CA LYS P 65 30.74 34.70 55.66
C LYS P 65 31.85 33.67 55.52
N GLY P 66 31.54 32.43 55.90
CA GLY P 66 32.51 31.37 55.77
C GLY P 66 32.66 30.92 54.33
N LYS P 67 33.87 30.51 53.99
CA LYS P 67 34.16 30.10 52.63
C LYS P 67 33.51 28.76 52.32
N VAL P 68 33.06 28.60 51.08
CA VAL P 68 32.42 27.39 50.60
C VAL P 68 33.35 26.74 49.59
N ARG P 69 33.69 25.48 49.83
CA ARG P 69 34.62 24.75 48.97
C ARG P 69 34.01 23.41 48.61
N ARG P 70 34.06 23.06 47.33
CA ARG P 70 33.51 21.79 46.87
C ARG P 70 34.59 20.72 46.94
N THR P 71 34.31 19.67 47.70
CA THR P 71 35.24 18.57 47.92
C THR P 71 34.56 17.26 47.57
N ARG P 72 35.26 16.15 47.76
CA ARG P 72 34.55 14.90 47.95
C ARG P 72 33.59 15.07 49.10
N THR P 73 32.44 14.41 49.00
CA THR P 73 31.29 14.63 49.90
C THR P 73 30.72 16.03 49.73
N GLY P 74 30.89 16.63 48.55
CA GLY P 74 30.14 17.81 48.18
C GLY P 74 30.67 19.10 48.76
N VAL P 75 29.76 20.07 48.89
CA VAL P 75 30.13 21.41 49.33
C VAL P 75 30.30 21.41 50.84
N GLY P 76 31.42 21.97 51.30
CA GLY P 76 31.64 22.23 52.71
C GLY P 76 31.68 23.73 52.93
N LYS P 77 31.25 24.16 54.11
CA LYS P 77 31.07 25.57 54.40
C LYS P 77 31.71 25.86 55.75
N ARG P 78 32.73 26.71 55.76
CA ARG P 78 33.39 27.06 57.00
C ARG P 78 32.49 27.96 57.85
N PRO P 79 32.66 27.94 59.17
CA PRO P 79 31.73 28.66 60.04
C PRO P 79 31.72 30.16 59.77
N ASP P 80 30.56 30.77 59.97
CA ASP P 80 30.45 32.21 59.94
C ASP P 80 31.11 32.80 61.18
N THR P 81 31.69 33.98 61.02
CA THR P 81 32.36 34.65 62.12
C THR P 81 31.94 36.11 62.16
N LYS P 82 31.83 36.64 63.38
CA LYS P 82 31.71 38.07 63.60
C LYS P 82 32.99 38.54 64.26
N ARG P 83 33.55 39.64 63.78
CA ARG P 83 34.78 40.18 64.34
C ARG P 83 34.57 41.64 64.70
N ALA P 84 34.98 41.99 65.91
CA ALA P 84 34.94 43.35 66.41
C ALA P 84 36.28 44.03 66.20
N ILE P 85 36.25 45.26 65.74
CA ILE P 85 37.43 46.07 65.55
C ILE P 85 37.40 47.14 66.64
N VAL P 86 38.19 46.94 67.68
CA VAL P 86 38.16 47.75 68.89
C VAL P 86 39.24 48.81 68.80
N THR P 87 38.86 50.07 68.99
CA THR P 87 39.79 51.17 69.02
C THR P 87 40.04 51.58 70.47
N VAL P 88 41.30 51.61 70.84
CA VAL P 88 41.73 51.83 72.22
C VAL P 88 42.07 53.30 72.41
N ALA P 89 41.97 53.77 73.65
CA ALA P 89 42.38 55.12 73.99
C ALA P 89 43.85 55.33 73.62
N GLU P 90 44.28 56.60 73.71
CA GLU P 90 45.56 56.99 73.11
C GLU P 90 46.72 56.13 73.60
N GLY P 91 47.08 56.21 74.87
CA GLY P 91 47.94 55.18 75.40
C GLY P 91 47.25 54.31 76.42
N ASP P 92 46.74 53.14 76.00
CA ASP P 92 46.33 52.12 76.95
C ASP P 92 46.99 50.79 76.61
N ARG P 93 46.89 50.39 75.34
CA ARG P 93 47.56 49.22 74.79
C ARG P 93 46.99 47.91 75.33
N ILE P 94 46.81 46.92 74.47
CA ILE P 94 46.32 45.60 74.84
C ILE P 94 47.34 44.58 74.37
N ASP P 95 47.74 43.67 75.27
CA ASP P 95 48.75 42.67 74.96
C ASP P 95 48.07 41.37 74.57
N ILE P 96 48.17 41.01 73.29
CA ILE P 96 47.60 39.78 72.77
C ILE P 96 48.64 38.67 72.65
N PHE P 97 49.91 38.98 72.89
CA PHE P 97 51.02 38.02 72.79
C PHE P 97 51.18 37.54 71.36
N MET Q 1 31.90 -4.62 74.29
CA MET Q 1 33.12 -5.33 73.92
C MET Q 1 34.07 -5.44 75.11
N LYS Q 2 34.84 -6.52 75.14
CA LYS Q 2 35.85 -6.76 76.16
C LYS Q 2 37.22 -6.85 75.51
N SER Q 3 38.22 -7.18 76.33
CA SER Q 3 39.59 -7.23 75.87
C SER Q 3 39.89 -8.59 75.24
N LEU Q 4 41.15 -8.76 74.82
CA LEU Q 4 41.62 -10.01 74.25
C LEU Q 4 42.31 -10.85 75.31
N LYS Q 5 42.48 -12.13 75.00
CA LYS Q 5 43.21 -13.03 75.89
C LYS Q 5 44.70 -12.78 75.89
N ILE Q 6 45.21 -12.03 74.92
CA ILE Q 6 46.63 -11.69 74.82
C ILE Q 6 46.77 -10.21 75.14
N LYS Q 7 47.68 -9.88 76.05
CA LYS Q 7 47.90 -8.50 76.44
C LYS Q 7 49.36 -8.12 76.23
N LYS Q 8 49.61 -6.81 76.21
CA LYS Q 8 50.95 -6.31 76.00
C LYS Q 8 51.87 -6.76 77.12
N GLY Q 9 53.12 -7.06 76.76
CA GLY Q 9 54.09 -7.56 77.71
C GLY Q 9 54.11 -9.07 77.85
N ASP Q 10 53.15 -9.77 77.24
CA ASP Q 10 53.13 -11.21 77.29
C ASP Q 10 54.22 -11.79 76.40
N ARG Q 11 54.65 -13.00 76.73
CA ARG Q 11 55.59 -13.76 75.91
C ARG Q 11 54.80 -14.82 75.16
N VAL Q 12 54.77 -14.72 73.83
CA VAL Q 12 53.95 -15.58 73.00
C VAL Q 12 54.82 -16.22 71.94
N LYS Q 13 54.30 -17.28 71.34
CA LYS Q 13 54.98 -18.01 70.28
C LYS Q 13 54.12 -17.95 69.02
N VAL Q 14 54.75 -17.72 67.88
CA VAL Q 14 54.04 -17.59 66.62
C VAL Q 14 53.75 -18.97 66.06
N ILE Q 15 52.48 -19.25 65.78
CA ILE Q 15 52.04 -20.57 65.35
C ILE Q 15 51.58 -20.58 63.90
N ALA Q 16 51.58 -19.44 63.22
CA ALA Q 16 51.17 -19.39 61.83
C ALA Q 16 51.84 -18.20 61.15
N GLY Q 17 52.10 -18.34 59.87
CA GLY Q 17 52.75 -17.30 59.09
C GLY Q 17 54.17 -17.67 58.75
N ASN Q 18 54.87 -16.70 58.16
CA ASN Q 18 56.24 -16.91 57.73
C ASN Q 18 57.19 -17.15 58.88
N ASP Q 19 56.77 -16.86 60.11
CA ASP Q 19 57.68 -16.93 61.26
C ASP Q 19 57.19 -17.92 62.30
N LYS Q 20 56.76 -19.10 61.87
CA LYS Q 20 56.36 -20.14 62.79
C LYS Q 20 57.51 -20.49 63.73
N GLY Q 21 57.19 -20.64 65.01
CA GLY Q 21 58.18 -20.97 66.01
C GLY Q 21 58.88 -19.79 66.64
N ALA Q 22 58.76 -18.60 66.06
CA ALA Q 22 59.38 -17.42 66.65
C ALA Q 22 58.72 -17.07 67.97
N ILE Q 23 59.54 -16.74 68.96
CA ILE Q 23 59.07 -16.39 70.30
C ILE Q 23 59.52 -14.98 70.60
N GLY Q 24 58.58 -14.15 71.04
CA GLY Q 24 58.89 -12.77 71.36
C GLY Q 24 57.89 -12.22 72.34
N GLU Q 25 58.08 -10.95 72.69
CA GLU Q 25 57.19 -10.24 73.60
C GLU Q 25 56.18 -9.44 72.81
N VAL Q 26 54.95 -9.39 73.31
CA VAL Q 26 53.90 -8.62 72.65
C VAL Q 26 54.20 -7.13 72.87
N LEU Q 27 54.60 -6.45 71.81
CA LEU Q 27 54.97 -5.04 71.92
C LEU Q 27 53.75 -4.14 72.02
N SER Q 28 52.67 -4.48 71.31
CA SER Q 28 51.46 -3.68 71.35
C SER Q 28 50.29 -4.52 70.87
N VAL Q 29 49.09 -4.17 71.32
CA VAL Q 29 47.87 -4.87 70.96
C VAL Q 29 46.90 -3.87 70.36
N ASP Q 30 46.14 -4.32 69.35
CA ASP Q 30 45.16 -3.49 68.66
C ASP Q 30 43.84 -4.24 68.81
N PRO Q 31 43.16 -4.08 69.94
CA PRO Q 31 41.98 -4.91 70.21
C PRO Q 31 40.86 -4.74 69.21
N ALA Q 32 40.73 -3.56 68.60
CA ALA Q 32 39.58 -3.31 67.74
C ALA Q 32 39.54 -4.27 66.56
N ARG Q 33 40.69 -4.53 65.93
CA ARG Q 33 40.75 -5.40 64.76
C ARG Q 33 41.57 -6.65 65.03
N GLU Q 34 41.90 -6.92 66.29
CA GLU Q 34 42.48 -8.19 66.72
C GLU Q 34 43.81 -8.47 66.00
N ARG Q 35 44.74 -7.55 66.17
CA ARG Q 35 46.08 -7.68 65.62
C ARG Q 35 47.08 -7.24 66.66
N VAL Q 36 48.18 -7.99 66.77
CA VAL Q 36 49.18 -7.73 67.80
C VAL Q 36 50.55 -7.61 67.14
N VAL Q 37 51.45 -6.95 67.86
CA VAL Q 37 52.82 -6.72 67.38
C VAL Q 37 53.77 -7.38 68.35
N VAL Q 38 54.55 -8.34 67.86
CA VAL Q 38 55.51 -9.08 68.67
C VAL Q 38 56.91 -8.76 68.18
N GLU Q 39 57.83 -8.59 69.12
CA GLU Q 39 59.15 -8.05 68.80
C GLU Q 39 59.95 -9.00 67.92
N GLY Q 40 60.60 -8.43 66.91
CA GLY Q 40 61.49 -9.20 66.06
C GLY Q 40 60.84 -10.29 65.25
N VAL Q 41 59.64 -10.03 64.73
CA VAL Q 41 58.98 -11.05 63.91
C VAL Q 41 58.67 -10.50 62.52
N ASN Q 42 57.78 -9.53 62.43
CA ASN Q 42 57.29 -9.05 61.14
C ASN Q 42 58.01 -7.75 60.79
N ILE Q 43 59.23 -7.88 60.30
CA ILE Q 43 60.10 -6.73 60.05
C ILE Q 43 59.83 -6.22 58.65
N ARG Q 44 59.23 -5.04 58.55
CA ARG Q 44 58.96 -4.38 57.27
C ARG Q 44 59.15 -2.88 57.46
N LYS Q 45 59.00 -2.14 56.37
CA LYS Q 45 59.31 -0.71 56.33
C LYS Q 45 58.05 0.12 56.49
N HIS Q 46 58.15 1.19 57.28
CA HIS Q 46 57.05 2.13 57.46
C HIS Q 46 57.28 3.39 56.63
N HIS Q 47 56.19 4.10 56.38
CA HIS Q 47 56.21 5.36 55.62
C HIS Q 47 56.84 5.18 54.24
N GLY Q 61 58.46 10.21 55.92
CA GLY Q 61 59.25 9.36 56.80
C GLY Q 61 60.32 8.57 56.08
N GLY Q 62 61.33 8.14 56.82
CA GLY Q 62 62.44 7.39 56.24
C GLY Q 62 62.11 5.92 56.03
N ILE Q 63 63.09 5.05 56.31
CA ILE Q 63 62.88 3.63 56.12
C ILE Q 63 62.00 3.05 57.22
N ILE Q 64 62.47 3.16 58.47
CA ILE Q 64 61.79 2.62 59.65
C ILE Q 64 61.55 1.13 59.43
N SER Q 65 62.56 0.32 59.73
CA SER Q 65 62.46 -1.14 59.62
C SER Q 65 62.01 -1.67 60.98
N SER Q 66 60.71 -1.89 61.14
CA SER Q 66 60.17 -2.28 62.43
C SER Q 66 59.08 -3.32 62.23
N GLU Q 67 58.40 -3.68 63.31
CA GLU Q 67 57.45 -4.77 63.30
C GLU Q 67 56.06 -4.27 62.91
N ALA Q 68 55.39 -5.03 62.05
CA ALA Q 68 54.05 -4.92 61.53
C ALA Q 68 53.11 -5.86 62.26
N PRO Q 69 51.89 -5.44 62.53
CA PRO Q 69 50.98 -6.29 63.30
C PRO Q 69 50.60 -7.55 62.55
N ILE Q 70 50.33 -8.61 63.31
CA ILE Q 70 49.82 -9.86 62.80
C ILE Q 70 48.60 -10.25 63.62
N HIS Q 71 47.79 -11.16 63.07
CA HIS Q 71 46.54 -11.52 63.72
C HIS Q 71 46.80 -12.20 65.05
N VAL Q 72 45.93 -11.90 66.03
CA VAL Q 72 46.12 -12.43 67.37
C VAL Q 72 45.97 -13.94 67.40
N SER Q 73 45.19 -14.52 66.49
CA SER Q 73 45.03 -15.95 66.48
C SER Q 73 46.26 -16.68 65.95
N ASN Q 74 47.24 -15.96 65.42
CA ASN Q 74 48.46 -16.56 64.91
C ASN Q 74 49.55 -16.66 65.96
N VAL Q 75 49.30 -16.21 67.18
CA VAL Q 75 50.24 -16.34 68.29
C VAL Q 75 49.54 -17.11 69.40
N GLN Q 76 50.35 -17.62 70.32
CA GLN Q 76 49.80 -18.37 71.45
C GLN Q 76 50.73 -18.21 72.63
N LEU Q 77 50.15 -18.05 73.81
CA LEU Q 77 50.94 -17.93 75.04
C LEU Q 77 51.76 -19.19 75.25
N VAL Q 78 53.03 -19.02 75.59
CA VAL Q 78 53.96 -20.13 75.74
C VAL Q 78 54.44 -20.16 77.18
N THR Q 79 54.61 -21.38 77.70
CA THR Q 79 55.10 -21.58 79.05
C THR Q 79 56.28 -22.52 79.02
N LYS Q 80 57.10 -22.44 80.06
CA LYS Q 80 58.31 -23.23 80.20
C LYS Q 80 58.05 -24.29 81.27
N ILE Q 81 57.68 -25.50 80.84
CA ILE Q 81 57.33 -26.55 81.79
C ILE Q 81 58.59 -27.22 82.35
N ASP Q 82 59.40 -27.82 81.49
CA ASP Q 82 60.58 -28.57 81.91
C ASP Q 82 61.76 -28.30 80.98
N GLY Q 83 61.97 -27.02 80.66
CA GLY Q 83 63.07 -26.64 79.78
C GLY Q 83 62.72 -26.54 78.32
N LYS Q 84 61.48 -26.85 77.93
CA LYS Q 84 61.02 -26.72 76.56
C LYS Q 84 59.83 -25.79 76.52
N ASP Q 85 59.80 -24.93 75.51
CA ASP Q 85 58.70 -23.98 75.36
C ASP Q 85 57.47 -24.69 74.80
N VAL Q 86 56.35 -24.57 75.49
CA VAL Q 86 55.11 -25.24 75.11
C VAL Q 86 54.03 -24.18 74.98
N VAL Q 87 53.38 -24.15 73.81
CA VAL Q 87 52.25 -23.24 73.61
C VAL Q 87 51.08 -23.75 74.42
N THR Q 88 50.33 -22.82 75.02
CA THR Q 88 49.23 -23.18 75.89
C THR Q 88 48.06 -22.23 75.69
N ARG Q 89 46.87 -22.70 76.04
CA ARG Q 89 45.69 -21.87 76.07
C ARG Q 89 45.50 -21.34 77.49
N VAL Q 90 44.44 -20.55 77.70
CA VAL Q 90 44.27 -19.86 78.97
C VAL Q 90 42.87 -20.12 79.50
N GLY Q 91 42.75 -20.01 80.83
CA GLY Q 91 41.46 -19.98 81.49
C GLY Q 91 41.43 -18.85 82.49
N TYR Q 92 40.28 -18.68 83.12
CA TYR Q 92 40.10 -17.61 84.09
C TYR Q 92 39.46 -18.14 85.36
N ARG Q 93 39.88 -17.58 86.49
CA ARG Q 93 39.36 -17.94 87.79
C ARG Q 93 38.90 -16.68 88.51
N ARG Q 94 37.83 -16.79 89.28
CA ARG Q 94 37.28 -15.64 89.97
C ARG Q 94 37.87 -15.54 91.38
N VAL Q 95 38.41 -14.37 91.70
CA VAL Q 95 39.01 -14.11 93.00
C VAL Q 95 38.37 -12.86 93.59
N ASP Q 96 38.23 -12.85 94.91
CA ASP Q 96 37.62 -11.74 95.62
C ASP Q 96 38.59 -10.58 95.70
N VAL Q 97 38.14 -9.40 95.28
CA VAL Q 97 38.95 -8.20 95.29
C VAL Q 97 38.13 -7.08 95.91
N THR Q 98 38.78 -5.92 96.08
CA THR Q 98 38.09 -4.71 96.50
C THR Q 98 38.40 -3.60 95.51
N LYS Q 99 37.36 -2.91 95.05
CA LYS Q 99 37.49 -1.83 94.09
C LYS Q 99 37.18 -0.51 94.78
N ARG Q 100 37.84 0.56 94.34
CA ARG Q 100 37.61 1.87 94.89
C ARG Q 100 36.76 2.69 93.93
N ARG Q 101 35.64 3.19 94.43
CA ARG Q 101 34.84 4.13 93.67
C ARG Q 101 35.62 5.41 93.46
N PRO Q 102 35.26 6.20 92.45
CA PRO Q 102 36.07 7.41 92.15
C PRO Q 102 36.24 8.33 93.33
N ASP Q 103 35.26 8.44 94.22
CA ASP Q 103 35.43 9.24 95.42
C ASP Q 103 36.43 8.62 96.39
N GLY Q 104 36.68 7.32 96.28
CA GLY Q 104 37.65 6.65 97.15
C GLY Q 104 37.07 5.62 98.09
N SER Q 105 35.77 5.37 98.08
CA SER Q 105 35.18 4.40 98.99
C SER Q 105 35.56 2.98 98.58
N GLU Q 106 35.38 2.05 99.50
CA GLU Q 106 35.72 0.65 99.31
C GLU Q 106 34.45 -0.18 99.13
N TYR Q 107 34.56 -1.26 98.38
CA TYR Q 107 33.53 -2.28 98.33
C TYR Q 107 34.11 -3.55 97.76
N ALA Q 108 33.68 -4.69 98.29
CA ALA Q 108 34.20 -5.97 97.87
C ALA Q 108 33.52 -6.42 96.58
N ALA Q 109 34.32 -6.85 95.60
CA ALA Q 109 33.81 -7.26 94.32
C ALA Q 109 34.58 -8.48 93.83
N GLN Q 110 34.23 -8.93 92.64
CA GLN Q 110 34.72 -10.20 92.09
C GLN Q 110 35.48 -9.89 90.80
N ARG Q 111 36.70 -10.41 90.68
CA ARG Q 111 37.52 -10.12 89.52
C ARG Q 111 38.13 -11.39 88.95
N SER Q 112 38.31 -11.40 87.63
CA SER Q 112 38.85 -12.57 86.94
C SER Q 112 40.38 -12.48 86.85
N VAL Q 113 41.04 -13.61 87.00
CA VAL Q 113 42.48 -13.72 86.90
C VAL Q 113 42.81 -14.84 85.91
N ARG Q 114 43.70 -14.55 84.97
CA ARG Q 114 44.05 -15.51 83.94
C ARG Q 114 45.09 -16.49 84.45
N TYR Q 115 44.93 -17.75 84.06
CA TYR Q 115 45.92 -18.79 84.30
C TYR Q 115 46.18 -19.53 83.01
N LEU Q 116 47.41 -20.02 82.87
CA LEU Q 116 47.79 -20.81 81.71
C LEU Q 116 47.42 -22.27 81.95
N LYS Q 117 46.82 -22.91 80.95
CA LYS Q 117 46.60 -24.34 81.03
C LYS Q 117 47.92 -25.06 80.76
N LYS Q 118 47.90 -26.38 80.88
CA LYS Q 118 49.07 -27.24 80.77
C LYS Q 118 50.08 -26.96 81.89
N GLU Q 119 49.72 -26.14 82.86
CA GLU Q 119 50.49 -26.02 84.09
C GLU Q 119 49.58 -25.90 85.32
N GLU Q 120 48.29 -26.18 85.17
CA GLU Q 120 47.30 -25.99 86.22
C GLU Q 120 47.30 -24.54 86.71
N ASP R 3 -29.25 -41.60 -66.54
CA ASP R 3 -27.86 -42.04 -66.52
C ASP R 3 -27.51 -42.68 -65.18
N ILE R 4 -26.54 -43.59 -65.20
CA ILE R 4 -26.12 -44.33 -64.02
C ILE R 4 -24.71 -43.89 -63.65
N ILE R 5 -24.50 -43.54 -62.39
CA ILE R 5 -23.18 -43.16 -61.90
C ILE R 5 -22.67 -44.29 -61.01
N HIS R 6 -21.51 -44.83 -61.34
CA HIS R 6 -20.97 -45.99 -60.65
C HIS R 6 -19.97 -45.55 -59.59
N LEU R 7 -20.15 -46.05 -58.37
CA LEU R 7 -19.27 -45.72 -57.25
C LEU R 7 -18.79 -47.01 -56.60
N LYS R 8 -17.48 -47.11 -56.40
CA LYS R 8 -16.91 -48.23 -55.67
C LYS R 8 -16.94 -47.94 -54.18
N ALA R 9 -17.44 -48.89 -53.40
CA ALA R 9 -17.53 -48.75 -51.96
C ALA R 9 -17.05 -50.04 -51.30
N GLU R 10 -16.56 -49.92 -50.08
CA GLU R 10 -16.12 -51.06 -49.30
C GLU R 10 -16.74 -50.99 -47.90
N GLN R 11 -16.79 -52.15 -47.27
CA GLN R 11 -17.47 -52.29 -45.98
C GLN R 11 -16.88 -51.35 -44.94
N ARG R 12 -17.75 -50.65 -44.24
CA ARG R 12 -17.38 -49.83 -43.10
C ARG R 12 -17.82 -50.54 -41.84
N THR R 13 -16.90 -50.70 -40.88
CA THR R 13 -17.18 -51.40 -39.65
C THR R 13 -16.93 -50.57 -38.40
N GLU R 14 -16.11 -49.54 -38.47
CA GLU R 14 -15.84 -48.69 -37.31
C GLU R 14 -16.86 -47.56 -37.32
N PHE R 15 -17.57 -47.41 -36.21
CA PHE R 15 -18.63 -46.43 -36.10
C PHE R 15 -18.32 -45.44 -34.98
N GLY R 16 -18.83 -44.23 -35.12
CA GLY R 16 -18.61 -43.18 -34.15
C GLY R 16 -17.89 -41.99 -34.76
N LYS R 17 -17.82 -40.93 -33.95
CA LYS R 17 -17.22 -39.69 -34.42
C LYS R 17 -15.74 -39.86 -34.73
N GLY R 18 -15.04 -40.66 -33.94
CA GLY R 18 -13.63 -40.89 -34.22
C GLY R 18 -13.42 -41.61 -35.53
N ALA R 19 -14.20 -42.65 -35.78
CA ALA R 19 -14.09 -43.38 -37.04
C ALA R 19 -14.45 -42.50 -38.22
N ALA R 20 -15.51 -41.69 -38.09
CA ALA R 20 -15.89 -40.80 -39.18
C ALA R 20 -14.82 -39.77 -39.45
N ARG R 21 -14.21 -39.22 -38.39
CA ARG R 21 -13.13 -38.26 -38.57
C ARG R 21 -11.94 -38.92 -39.27
N ARG R 22 -11.59 -40.14 -38.88
CA ARG R 22 -10.49 -40.83 -39.53
C ARG R 22 -10.78 -41.08 -41.00
N ILE R 23 -12.02 -41.46 -41.32
CA ILE R 23 -12.39 -41.69 -42.71
C ILE R 23 -12.29 -40.40 -43.51
N ARG R 24 -12.83 -39.31 -42.99
CA ARG R 24 -12.80 -38.05 -43.70
C ARG R 24 -11.37 -37.53 -43.85
N ARG R 25 -10.50 -37.81 -42.88
CA ARG R 25 -9.09 -37.46 -43.04
C ARG R 25 -8.43 -38.32 -44.11
N ASP R 26 -8.83 -39.59 -44.20
CA ASP R 26 -8.42 -40.45 -45.31
C ASP R 26 -9.06 -40.03 -46.62
N ASP R 27 -9.95 -39.05 -46.58
CA ASP R 27 -10.55 -38.43 -47.76
C ASP R 27 -11.56 -39.39 -48.41
N LYS R 28 -12.29 -40.10 -47.59
CA LYS R 28 -13.46 -40.87 -47.98
C LYS R 28 -14.69 -40.23 -47.35
N VAL R 29 -15.84 -40.85 -47.54
CA VAL R 29 -17.08 -40.31 -46.98
C VAL R 29 -17.97 -41.46 -46.53
N PRO R 30 -18.49 -41.42 -45.30
CA PRO R 30 -19.37 -42.50 -44.85
C PRO R 30 -20.76 -42.42 -45.47
N ALA R 31 -21.35 -43.60 -45.64
CA ALA R 31 -22.68 -43.69 -46.21
C ALA R 31 -23.39 -44.88 -45.61
N VAL R 32 -24.70 -44.74 -45.44
CA VAL R 32 -25.55 -45.84 -45.02
C VAL R 32 -26.60 -46.07 -46.09
N MET R 33 -26.70 -47.30 -46.56
CA MET R 33 -27.57 -47.66 -47.67
C MET R 33 -28.65 -48.60 -47.14
N TYR R 34 -29.89 -48.16 -47.18
CA TYR R 34 -31.00 -48.93 -46.63
C TYR R 34 -32.14 -48.99 -47.63
N GLY R 35 -33.05 -49.93 -47.39
CA GLY R 35 -34.16 -50.13 -48.29
C GLY R 35 -35.30 -50.83 -47.59
N HIS R 36 -36.24 -51.32 -48.40
CA HIS R 36 -37.45 -51.94 -47.89
C HIS R 36 -37.38 -53.46 -47.88
N ASP R 37 -36.20 -54.04 -48.12
CA ASP R 37 -36.08 -55.49 -48.17
C ASP R 37 -34.92 -56.06 -47.38
N HIS R 38 -33.91 -55.26 -47.02
CA HIS R 38 -32.68 -55.80 -46.44
C HIS R 38 -32.19 -54.90 -45.32
N ASP R 39 -31.28 -55.44 -44.53
CA ASP R 39 -30.68 -54.68 -43.45
C ASP R 39 -29.85 -53.53 -44.01
N PRO R 40 -29.70 -52.44 -43.25
CA PRO R 40 -28.82 -51.35 -43.71
C PRO R 40 -27.40 -51.82 -43.87
N ILE R 41 -26.73 -51.29 -44.90
CA ILE R 41 -25.34 -51.59 -45.20
C ILE R 41 -24.54 -50.31 -44.97
N HIS R 42 -23.46 -50.43 -44.21
CA HIS R 42 -22.62 -49.29 -43.90
C HIS R 42 -21.36 -49.34 -44.76
N VAL R 43 -21.17 -48.33 -45.59
CA VAL R 43 -20.08 -48.33 -46.56
C VAL R 43 -19.34 -47.00 -46.48
N THR R 44 -18.19 -46.95 -47.14
CA THR R 44 -17.43 -45.73 -47.32
C THR R 44 -17.12 -45.55 -48.79
N LEU R 45 -17.22 -44.31 -49.26
CA LEU R 45 -17.07 -43.97 -50.67
C LEU R 45 -15.84 -43.09 -50.84
N ASP R 46 -15.34 -43.02 -52.06
CA ASP R 46 -14.27 -42.09 -52.38
C ASP R 46 -14.82 -40.67 -52.36
N GLY R 47 -14.09 -39.76 -51.70
CA GLY R 47 -14.61 -38.42 -51.52
C GLY R 47 -14.77 -37.67 -52.83
N HIS R 48 -13.74 -37.73 -53.68
CA HIS R 48 -13.79 -37.03 -54.96
C HIS R 48 -14.89 -37.58 -55.85
N ALA R 49 -14.99 -38.91 -55.94
CA ALA R 49 -16.03 -39.52 -56.77
C ALA R 49 -17.40 -39.18 -56.24
N THR R 50 -17.58 -39.19 -54.92
CA THR R 50 -18.86 -38.83 -54.34
C THR R 50 -19.23 -37.39 -54.64
N LEU R 51 -18.26 -36.48 -54.54
CA LEU R 51 -18.54 -35.08 -54.85
C LEU R 51 -18.93 -34.91 -56.32
N LEU R 52 -18.20 -35.58 -57.22
CA LEU R 52 -18.54 -35.49 -58.64
C LEU R 52 -19.93 -36.03 -58.91
N ALA R 53 -20.26 -37.18 -58.30
CA ALA R 53 -21.58 -37.77 -58.50
C ALA R 53 -22.68 -36.88 -57.94
N LEU R 54 -22.47 -36.29 -56.77
CA LEU R 54 -23.48 -35.50 -56.11
C LEU R 54 -23.52 -34.06 -56.58
N ARG R 55 -22.66 -33.68 -57.54
CA ARG R 55 -22.81 -32.37 -58.17
C ARG R 55 -24.25 -32.16 -58.66
N THR R 56 -24.78 -33.13 -59.39
CA THR R 56 -26.17 -33.06 -59.79
C THR R 56 -27.07 -33.52 -58.66
N GLU R 57 -28.36 -33.21 -58.78
CA GLU R 57 -29.34 -33.48 -57.75
C GLU R 57 -30.22 -34.63 -58.19
N ASN R 58 -30.47 -35.58 -57.28
CA ASN R 58 -31.19 -36.81 -57.55
C ASN R 58 -30.56 -37.63 -58.69
N PRO R 59 -29.29 -38.03 -58.59
CA PRO R 59 -28.73 -38.97 -59.56
C PRO R 59 -28.95 -40.40 -59.11
N LEU R 60 -28.91 -41.31 -60.09
CA LEU R 60 -29.09 -42.73 -59.84
C LEU R 60 -27.71 -43.37 -59.76
N LEU R 61 -27.35 -43.83 -58.57
CA LEU R 61 -26.03 -44.38 -58.32
C LEU R 61 -26.09 -45.90 -58.27
N SER R 62 -25.03 -46.53 -58.73
CA SER R 62 -24.81 -47.95 -58.56
C SER R 62 -23.61 -48.13 -57.65
N ILE R 63 -23.83 -48.72 -56.48
CA ILE R 63 -22.76 -48.99 -55.53
C ILE R 63 -22.22 -50.39 -55.81
N GLU R 64 -20.91 -50.48 -56.05
CA GLU R 64 -20.24 -51.77 -56.24
C GLU R 64 -19.34 -52.04 -55.04
N ILE R 65 -19.57 -53.18 -54.39
CA ILE R 65 -18.68 -53.71 -53.37
C ILE R 65 -18.00 -54.94 -53.95
N GLU R 66 -16.69 -55.07 -53.70
CA GLU R 66 -15.92 -56.13 -54.31
C GLU R 66 -16.53 -57.51 -54.04
N GLY R 67 -16.79 -57.81 -52.77
CA GLY R 67 -17.40 -59.08 -52.44
C GLY R 67 -18.84 -59.19 -52.91
N GLN R 68 -19.58 -58.10 -52.84
CA GLN R 68 -21.00 -58.10 -53.15
C GLN R 68 -21.23 -57.83 -54.64
N LYS R 69 -22.48 -57.56 -55.00
CA LYS R 69 -22.88 -57.22 -56.36
C LYS R 69 -23.29 -55.76 -56.44
N PRO R 70 -23.19 -55.14 -57.61
CA PRO R 70 -23.65 -53.75 -57.75
C PRO R 70 -25.14 -53.64 -57.45
N MET R 71 -25.51 -52.54 -56.80
CA MET R 71 -26.90 -52.34 -56.42
C MET R 71 -27.25 -50.86 -56.53
N LEU R 72 -28.50 -50.59 -56.89
CA LEU R 72 -28.94 -49.27 -57.32
C LEU R 72 -29.55 -48.50 -56.17
N ALA R 73 -29.11 -47.25 -55.99
CA ALA R 73 -29.57 -46.42 -54.90
C ALA R 73 -29.70 -44.97 -55.38
N LEU R 74 -30.37 -44.17 -54.55
CA LEU R 74 -30.49 -42.74 -54.73
C LEU R 74 -30.04 -42.04 -53.46
N PRO R 75 -29.34 -40.92 -53.58
CA PRO R 75 -28.95 -40.17 -52.37
C PRO R 75 -30.13 -39.37 -51.85
N LYS R 76 -30.69 -39.83 -50.73
CA LYS R 76 -31.89 -39.19 -50.20
C LYS R 76 -31.55 -38.05 -49.26
N ASP R 77 -30.53 -38.20 -48.42
CA ASP R 77 -30.14 -37.15 -47.48
C ASP R 77 -28.62 -37.06 -47.55
N VAL R 78 -28.12 -35.93 -48.03
CA VAL R 78 -26.69 -35.69 -48.12
C VAL R 78 -26.34 -34.60 -47.13
N GLN R 79 -25.60 -34.97 -46.09
CA GLN R 79 -25.07 -34.00 -45.13
C GLN R 79 -23.77 -33.46 -45.70
N ARG R 80 -23.79 -32.20 -46.09
CA ARG R 80 -22.62 -31.48 -46.56
C ARG R 80 -22.15 -30.51 -45.49
N ASP R 81 -20.87 -30.15 -45.57
CA ASP R 81 -20.36 -29.09 -44.73
C ASP R 81 -21.03 -27.77 -45.11
N VAL R 82 -21.18 -26.88 -44.14
CA VAL R 82 -21.90 -25.65 -44.39
C VAL R 82 -21.00 -24.64 -45.09
N LEU R 83 -19.82 -24.37 -44.53
CA LEU R 83 -18.92 -23.40 -45.14
C LEU R 83 -18.20 -23.99 -46.34
N LYS R 84 -17.43 -25.05 -46.12
CA LYS R 84 -16.91 -25.82 -47.23
C LYS R 84 -18.04 -26.64 -47.86
N GLY R 85 -17.84 -27.03 -49.11
CA GLY R 85 -18.85 -27.80 -49.80
C GLY R 85 -18.72 -29.30 -49.68
N PHE R 86 -17.83 -29.79 -48.83
CA PHE R 86 -17.56 -31.22 -48.76
C PHE R 86 -18.79 -31.99 -48.31
N VAL R 87 -18.94 -33.19 -48.84
CA VAL R 87 -20.01 -34.10 -48.40
C VAL R 87 -19.53 -34.81 -47.14
N ARG R 88 -20.28 -34.65 -46.05
CA ARG R 88 -19.90 -35.27 -44.80
C ARG R 88 -20.52 -36.64 -44.59
N HIS R 89 -21.73 -36.86 -45.10
CA HIS R 89 -22.36 -38.16 -44.93
C HIS R 89 -23.43 -38.36 -46.00
N VAL R 90 -23.63 -39.60 -46.40
CA VAL R 90 -24.61 -39.92 -47.43
C VAL R 90 -25.60 -40.96 -46.93
N ASP R 91 -26.88 -40.71 -47.16
CA ASP R 91 -27.93 -41.71 -47.01
C ASP R 91 -28.31 -42.18 -48.40
N LEU R 92 -28.10 -43.47 -48.67
CA LEU R 92 -28.46 -44.08 -49.93
C LEU R 92 -29.69 -44.94 -49.72
N LEU R 93 -30.71 -44.71 -50.55
CA LEU R 93 -31.95 -45.46 -50.49
C LEU R 93 -32.00 -46.38 -51.70
N THR R 94 -32.09 -47.68 -51.44
CA THR R 94 -32.04 -48.66 -52.51
C THR R 94 -33.34 -48.60 -53.32
N VAL R 95 -33.20 -48.79 -54.63
CA VAL R 95 -34.38 -48.74 -55.52
C VAL R 95 -34.42 -50.04 -56.31
N ARG R 96 -35.61 -50.56 -56.57
CA ARG R 96 -35.74 -51.86 -57.29
C ARG R 96 -35.92 -51.59 -58.79
N ARG R 97 -34.83 -51.31 -59.49
CA ARG R 97 -34.84 -51.02 -60.94
C ARG R 97 -36.26 -50.60 -61.36
N GLY R 98 -36.93 -51.44 -62.15
CA GLY R 98 -38.30 -51.13 -62.57
C GLY R 98 -39.16 -50.82 -61.36
N GLU R 99 -39.39 -49.53 -61.10
CA GLU R 99 -40.15 -49.14 -59.88
C GLU R 99 -40.54 -47.67 -59.98
N LYS R 100 -40.99 -47.09 -58.87
CA LYS R 100 -41.40 -45.67 -58.86
C LYS R 100 -40.80 -45.02 -57.62
N VAL R 101 -40.59 -43.71 -57.65
CA VAL R 101 -39.94 -43.05 -56.52
C VAL R 101 -40.53 -41.66 -56.34
N ASP R 102 -40.39 -41.15 -55.11
CA ASP R 102 -40.73 -39.76 -54.80
C ASP R 102 -39.41 -39.00 -54.62
N VAL R 103 -39.31 -37.84 -55.26
CA VAL R 103 -38.09 -37.07 -55.31
C VAL R 103 -38.43 -35.59 -55.34
N ASN R 104 -37.41 -34.77 -55.17
CA ASN R 104 -37.55 -33.31 -55.27
C ASN R 104 -36.87 -32.83 -56.54
N VAL R 105 -37.58 -31.99 -57.30
CA VAL R 105 -37.06 -31.40 -58.53
C VAL R 105 -37.07 -29.89 -58.38
N ALA R 106 -36.01 -29.25 -58.88
CA ALA R 106 -35.76 -27.84 -58.64
C ALA R 106 -36.67 -26.97 -59.49
N LEU R 107 -37.29 -25.96 -58.86
CA LEU R 107 -38.07 -24.97 -59.58
C LEU R 107 -37.17 -23.84 -60.06
N ARG R 108 -37.37 -23.41 -61.30
CA ARG R 108 -36.65 -22.27 -61.85
C ARG R 108 -37.60 -21.44 -62.69
N ILE R 109 -37.27 -20.16 -62.84
CA ILE R 109 -38.07 -19.23 -63.65
C ILE R 109 -37.34 -18.97 -64.96
N THR R 110 -38.05 -19.17 -66.07
CA THR R 110 -37.54 -18.87 -67.40
C THR R 110 -38.51 -17.99 -68.18
N GLY R 111 -39.13 -17.04 -67.48
CA GLY R 111 -40.06 -16.13 -68.10
C GLY R 111 -39.66 -14.69 -67.86
N GLU R 112 -40.18 -13.80 -68.70
CA GLU R 112 -39.89 -12.38 -68.64
C GLU R 112 -41.19 -11.60 -68.69
N SER R 113 -41.33 -10.63 -67.80
CA SER R 113 -42.52 -9.78 -67.72
C SER R 113 -42.10 -8.33 -67.90
N ALA R 114 -43.06 -7.42 -67.67
CA ALA R 114 -42.74 -6.01 -67.73
C ALA R 114 -41.71 -5.66 -66.65
N PRO R 115 -40.88 -4.64 -66.90
CA PRO R 115 -39.81 -4.33 -65.93
C PRO R 115 -40.33 -3.97 -64.54
N GLY R 116 -41.58 -3.56 -64.41
CA GLY R 116 -42.12 -3.25 -63.09
C GLY R 116 -42.20 -4.47 -62.19
N THR R 117 -42.68 -5.59 -62.72
CA THR R 117 -42.87 -6.80 -61.93
C THR R 117 -41.75 -7.80 -62.17
N ILE R 118 -41.40 -8.54 -61.13
CA ILE R 118 -40.34 -9.53 -61.18
C ILE R 118 -40.87 -10.84 -60.62
N ALA R 119 -40.61 -11.94 -61.33
CA ALA R 119 -41.07 -13.26 -60.90
C ALA R 119 -40.28 -13.74 -59.69
N MET R 120 -40.98 -14.45 -58.80
CA MET R 120 -40.39 -14.99 -57.58
C MET R 120 -40.84 -16.43 -57.38
N THR R 121 -39.95 -17.24 -56.82
CA THR R 121 -40.25 -18.64 -56.52
C THR R 121 -40.58 -18.79 -55.04
N GLU R 122 -41.70 -19.43 -54.75
CA GLU R 122 -42.08 -19.66 -53.35
C GLU R 122 -41.48 -20.92 -52.78
N PHE R 123 -40.84 -21.75 -53.61
CA PHE R 123 -40.21 -22.97 -53.16
C PHE R 123 -38.91 -23.20 -53.91
N ASN R 124 -37.97 -23.87 -53.25
CA ASN R 124 -36.74 -24.33 -53.89
C ASN R 124 -36.95 -25.65 -54.62
N GLU R 125 -37.65 -26.58 -53.98
CA GLU R 125 -37.86 -27.92 -54.49
C GLU R 125 -39.35 -28.25 -54.37
N ILE R 126 -39.82 -29.13 -55.25
CA ILE R 126 -41.17 -29.66 -55.17
C ILE R 126 -41.10 -31.18 -55.20
N GLU R 127 -41.83 -31.81 -54.29
CA GLU R 127 -41.89 -33.27 -54.24
C GLU R 127 -42.69 -33.79 -55.43
N VAL R 128 -42.01 -34.45 -56.35
CA VAL R 128 -42.62 -34.96 -57.58
C VAL R 128 -42.37 -36.46 -57.65
N GLN R 129 -43.44 -37.22 -57.86
CA GLN R 129 -43.38 -38.68 -57.95
C GLN R 129 -43.10 -39.05 -59.40
N ALA R 130 -41.88 -39.47 -59.68
CA ALA R 130 -41.43 -39.79 -61.03
C ALA R 130 -40.88 -41.21 -61.07
N ASP R 131 -40.49 -41.63 -62.27
CA ASP R 131 -39.89 -42.94 -62.49
C ASP R 131 -38.38 -42.84 -62.47
N LEU R 132 -37.73 -43.97 -62.18
CA LEU R 132 -36.28 -43.99 -61.97
C LEU R 132 -35.53 -43.55 -63.21
N LEU R 133 -35.84 -44.15 -64.36
CA LEU R 133 -34.99 -43.95 -65.53
C LEU R 133 -35.18 -42.57 -66.15
N ASN R 134 -36.22 -41.84 -65.76
CA ASN R 134 -36.45 -40.47 -66.23
C ASN R 134 -36.65 -39.59 -65.00
N ILE R 135 -35.55 -39.10 -64.44
CA ILE R 135 -35.58 -38.16 -63.33
C ILE R 135 -35.56 -36.75 -63.92
N PRO R 136 -36.58 -35.93 -63.67
CA PRO R 136 -36.54 -34.54 -64.15
C PRO R 136 -35.41 -33.78 -63.49
N GLU R 137 -34.44 -33.35 -64.30
CA GLU R 137 -33.34 -32.56 -63.78
C GLU R 137 -33.84 -31.26 -63.17
N VAL R 138 -34.68 -30.54 -63.90
CA VAL R 138 -35.32 -29.32 -63.42
C VAL R 138 -36.77 -29.31 -63.91
N ILE R 139 -37.64 -28.76 -63.09
CA ILE R 139 -39.01 -28.49 -63.52
C ILE R 139 -39.11 -27.01 -63.85
N GLU R 140 -39.54 -26.70 -65.07
CA GLU R 140 -39.51 -25.34 -65.59
C GLU R 140 -40.91 -24.79 -65.75
N ILE R 141 -41.10 -23.58 -65.24
CA ILE R 141 -42.35 -22.83 -65.40
C ILE R 141 -42.02 -21.49 -66.01
N ASP R 142 -42.78 -21.09 -67.02
CA ASP R 142 -42.50 -19.89 -67.78
C ASP R 142 -43.60 -18.87 -67.51
N VAL R 143 -43.21 -17.70 -67.01
CA VAL R 143 -44.13 -16.58 -66.83
C VAL R 143 -43.72 -15.47 -67.78
N THR R 144 -44.29 -15.46 -68.97
CA THR R 144 -43.97 -14.46 -69.99
C THR R 144 -45.26 -13.78 -70.43
N GLY R 145 -45.25 -12.44 -70.41
CA GLY R 145 -46.44 -11.68 -70.71
C GLY R 145 -47.43 -11.57 -69.57
N LEU R 146 -47.10 -12.11 -68.40
CA LEU R 146 -47.96 -12.04 -67.23
C LEU R 146 -47.34 -11.08 -66.22
N GLU R 147 -48.15 -10.16 -65.71
CA GLU R 147 -47.65 -9.11 -64.81
C GLU R 147 -48.68 -8.93 -63.70
N ALA R 148 -48.58 -7.80 -63.01
CA ALA R 148 -49.49 -7.42 -61.91
C ALA R 148 -49.28 -8.33 -60.71
N GLY R 149 -50.38 -8.85 -60.15
CA GLY R 149 -50.30 -9.65 -58.94
C GLY R 149 -50.67 -11.10 -59.15
N THR R 150 -50.45 -11.61 -60.35
CA THR R 150 -50.75 -13.01 -60.65
C THR R 150 -49.82 -13.93 -59.86
N THR R 151 -50.39 -15.00 -59.31
CA THR R 151 -49.62 -15.99 -58.56
C THR R 151 -49.90 -17.37 -59.13
N ILE R 152 -48.94 -18.28 -58.96
CA ILE R 152 -49.01 -19.62 -59.51
C ILE R 152 -48.91 -20.62 -58.36
N TYR R 153 -49.86 -21.55 -58.31
CA TYR R 153 -49.86 -22.60 -57.31
C TYR R 153 -49.22 -23.87 -57.91
N LEU R 154 -49.29 -24.98 -57.19
CA LEU R 154 -48.60 -26.21 -57.57
C LEU R 154 -49.46 -27.15 -58.41
N GLY R 155 -50.71 -26.82 -58.68
CA GLY R 155 -51.58 -27.72 -59.42
C GLY R 155 -51.64 -27.44 -60.90
N ASP R 156 -50.90 -26.44 -61.37
CA ASP R 156 -50.84 -26.09 -62.79
C ASP R 156 -49.37 -25.97 -63.21
N LEU R 157 -48.78 -27.11 -63.58
CA LEU R 157 -47.40 -27.16 -64.03
C LEU R 157 -47.30 -28.00 -65.30
N LYS R 158 -46.33 -27.66 -66.14
CA LYS R 158 -46.05 -28.41 -67.36
C LYS R 158 -45.07 -29.56 -67.05
N LEU R 159 -45.48 -30.38 -66.10
CA LEU R 159 -44.64 -31.49 -65.66
C LEU R 159 -44.46 -32.50 -66.80
N PRO R 160 -43.27 -33.09 -66.92
CA PRO R 160 -43.05 -34.09 -67.97
C PRO R 160 -43.80 -35.37 -67.69
N GLU R 161 -43.93 -36.19 -68.73
CA GLU R 161 -44.70 -37.42 -68.63
C GLU R 161 -44.09 -38.37 -67.59
N GLY R 162 -44.96 -39.06 -66.86
CA GLY R 162 -44.54 -40.03 -65.87
C GLY R 162 -44.11 -39.45 -64.54
N THR R 163 -44.26 -38.15 -64.33
CA THR R 163 -43.82 -37.48 -63.11
C THR R 163 -45.03 -36.86 -62.43
N SER R 164 -45.72 -37.65 -61.62
CA SER R 164 -46.91 -37.16 -60.94
C SER R 164 -46.51 -36.31 -59.74
N LEU R 165 -47.44 -35.46 -59.32
CA LEU R 165 -47.21 -34.55 -58.20
C LEU R 165 -47.67 -35.23 -56.91
N LEU R 166 -46.77 -35.27 -55.92
CA LEU R 166 -47.08 -35.84 -54.62
C LEU R 166 -47.37 -34.78 -53.56
N GLY R 167 -46.79 -33.59 -53.69
CA GLY R 167 -47.02 -32.54 -52.73
C GLY R 167 -48.40 -31.92 -52.86
N ASP R 168 -48.70 -31.04 -51.91
CA ASP R 168 -49.98 -30.35 -51.91
C ASP R 168 -50.09 -29.41 -53.10
N ALA R 169 -51.30 -29.30 -53.65
CA ALA R 169 -51.57 -28.44 -54.78
C ALA R 169 -52.45 -27.25 -54.41
N GLU R 170 -52.53 -26.90 -53.12
CA GLU R 170 -53.33 -25.79 -52.64
C GLU R 170 -52.49 -24.65 -52.08
N ASP R 171 -51.24 -24.55 -52.52
CA ASP R 171 -50.34 -23.49 -52.08
C ASP R 171 -49.56 -22.94 -53.26
N VAL R 172 -49.11 -21.70 -53.12
CA VAL R 172 -48.51 -20.97 -54.24
C VAL R 172 -47.08 -21.42 -54.47
N ALA R 173 -46.64 -21.35 -55.72
CA ALA R 173 -45.30 -21.72 -56.12
C ALA R 173 -44.52 -20.57 -56.74
N ALA R 174 -45.13 -19.83 -57.66
CA ALA R 174 -44.49 -18.70 -58.32
C ALA R 174 -45.36 -17.46 -58.16
N THR R 175 -44.71 -16.32 -57.93
CA THR R 175 -45.40 -15.06 -57.76
C THR R 175 -44.72 -13.97 -58.60
N VAL R 176 -45.52 -13.19 -59.30
CA VAL R 176 -45.06 -11.99 -59.98
C VAL R 176 -45.77 -10.80 -59.34
N ALA R 177 -44.99 -9.79 -58.96
CA ALA R 177 -45.54 -8.61 -58.30
C ALA R 177 -44.64 -7.42 -58.57
N PHE R 178 -45.19 -6.20 -58.41
CA PHE R 178 -44.41 -4.95 -58.64
C PHE R 178 -43.06 -5.03 -57.94
N PRO R 179 -42.10 -4.10 -58.19
CA PRO R 179 -40.75 -4.25 -57.65
C PRO R 179 -40.69 -3.97 -56.13
N GLU R 180 -39.50 -4.11 -55.55
CA GLU R 180 -39.35 -3.84 -54.11
C GLU R 180 -39.51 -2.33 -53.88
N THR R 181 -40.76 -1.86 -53.83
CA THR R 181 -41.02 -0.42 -53.59
C THR R 181 -40.89 -0.14 -52.09
N ALA S 7 -26.96 8.41 -8.15
CA ALA S 7 -26.50 7.33 -9.01
C ALA S 7 -27.67 6.48 -9.48
N SER S 8 -27.72 5.24 -8.99
CA SER S 8 -28.77 4.31 -9.37
C SER S 8 -28.91 3.26 -8.28
N SER S 9 -29.96 2.45 -8.39
CA SER S 9 -30.24 1.41 -7.42
C SER S 9 -31.02 0.30 -8.10
N SER S 10 -31.08 -0.85 -7.44
CA SER S 10 -31.76 -2.02 -7.96
C SER S 10 -33.05 -2.24 -7.17
N ARG S 11 -34.14 -2.52 -7.88
CA ARG S 11 -35.41 -2.85 -7.26
C ARG S 11 -35.50 -4.33 -6.95
N ASN S 12 -34.41 -5.07 -7.10
CA ASN S 12 -34.33 -6.49 -6.88
C ASN S 12 -33.35 -6.74 -5.73
N GLY S 13 -33.00 -8.01 -5.54
CA GLY S 13 -32.10 -8.41 -4.48
C GLY S 13 -32.74 -9.27 -3.44
N ARG S 14 -34.05 -9.46 -3.52
CA ARG S 14 -34.75 -10.34 -2.61
C ARG S 14 -34.79 -11.75 -3.19
N ASP S 15 -34.69 -12.75 -2.31
CA ASP S 15 -34.85 -14.13 -2.70
C ASP S 15 -35.22 -14.91 -1.45
N SER S 16 -35.82 -16.07 -1.66
CA SER S 16 -36.25 -16.89 -0.54
C SER S 16 -35.17 -17.91 -0.20
N ASN S 17 -35.22 -18.39 1.04
CA ASN S 17 -34.24 -19.36 1.49
C ASN S 17 -34.37 -20.66 0.71
N ALA S 18 -33.26 -21.37 0.57
CA ALA S 18 -33.28 -22.65 -0.11
C ALA S 18 -34.15 -23.63 0.66
N GLN S 19 -35.04 -24.35 -0.06
CA GLN S 19 -36.04 -25.22 0.61
C GLN S 19 -35.60 -26.68 0.57
N ARG S 20 -34.66 -27.05 -0.30
CA ARG S 20 -34.11 -28.40 -0.31
C ARG S 20 -35.18 -29.45 -0.59
N LEU S 21 -35.79 -29.33 -1.76
CA LEU S 21 -36.76 -30.30 -2.24
C LEU S 21 -36.03 -31.43 -2.96
N GLY S 22 -36.77 -32.26 -3.66
CA GLY S 22 -36.19 -33.32 -4.47
C GLY S 22 -36.36 -34.68 -3.83
N VAL S 23 -36.01 -35.70 -4.60
CA VAL S 23 -36.11 -37.07 -4.14
C VAL S 23 -35.08 -37.32 -3.06
N LYS S 24 -35.53 -37.87 -1.93
CA LYS S 24 -34.63 -38.19 -0.82
C LYS S 24 -34.23 -39.65 -0.77
N ARG S 25 -35.02 -40.54 -1.35
CA ARG S 25 -34.68 -41.96 -1.45
C ARG S 25 -34.95 -42.41 -2.87
N PHE S 26 -33.92 -42.90 -3.55
CA PHE S 26 -34.03 -43.26 -4.95
C PHE S 26 -34.44 -44.73 -5.10
N GLY S 27 -34.61 -45.16 -6.34
CA GLY S 27 -35.14 -46.47 -6.64
C GLY S 27 -34.35 -47.62 -6.06
N GLY S 28 -35.04 -48.52 -5.36
CA GLY S 28 -34.43 -49.66 -4.74
C GLY S 28 -33.87 -49.43 -3.36
N GLN S 29 -33.83 -48.18 -2.90
CA GLN S 29 -33.26 -47.89 -1.59
C GLN S 29 -34.19 -48.39 -0.50
N LEU S 30 -33.63 -49.13 0.46
CA LEU S 30 -34.41 -49.65 1.56
C LEU S 30 -34.80 -48.54 2.52
N VAL S 31 -36.07 -48.54 2.93
CA VAL S 31 -36.60 -47.50 3.80
C VAL S 31 -37.40 -48.15 4.92
N ASN S 32 -37.56 -47.39 6.00
CA ASN S 32 -38.43 -47.77 7.10
C ASN S 32 -39.80 -47.13 6.93
N ALA S 33 -40.77 -47.63 7.69
CA ALA S 33 -42.10 -47.04 7.66
C ALA S 33 -42.04 -45.61 8.16
N GLY S 34 -42.67 -44.70 7.41
CA GLY S 34 -42.67 -43.30 7.75
C GLY S 34 -41.51 -42.52 7.19
N GLU S 35 -40.54 -43.18 6.57
CA GLU S 35 -39.39 -42.48 6.03
C GLU S 35 -39.79 -41.65 4.83
N ILE S 36 -39.28 -40.43 4.77
CA ILE S 36 -39.65 -39.48 3.72
C ILE S 36 -38.95 -39.87 2.43
N ILE S 37 -39.71 -39.97 1.35
CA ILE S 37 -39.18 -40.37 0.06
C ILE S 37 -38.90 -39.17 -0.82
N VAL S 38 -39.86 -38.24 -0.92
CA VAL S 38 -39.62 -37.05 -1.76
C VAL S 38 -40.33 -35.85 -1.16
N ARG S 39 -39.61 -34.73 -1.09
CA ARG S 39 -40.19 -33.43 -0.79
C ARG S 39 -40.48 -32.72 -2.10
N GLN S 40 -41.68 -32.16 -2.23
CA GLN S 40 -42.07 -31.55 -3.49
C GLN S 40 -43.20 -30.57 -3.25
N ARG S 41 -43.42 -29.72 -4.24
CA ARG S 41 -44.57 -28.83 -4.30
C ARG S 41 -45.47 -29.32 -5.41
N GLY S 42 -46.72 -29.65 -5.08
CA GLY S 42 -47.60 -30.27 -6.04
C GLY S 42 -47.24 -31.73 -6.23
N THR S 43 -48.07 -32.48 -6.92
CA THR S 43 -47.82 -33.91 -7.11
C THR S 43 -47.17 -34.15 -8.47
N HIS S 44 -45.88 -33.80 -8.55
CA HIS S 44 -45.08 -34.32 -9.65
C HIS S 44 -44.97 -35.83 -9.56
N PHE S 45 -44.90 -36.36 -8.35
CA PHE S 45 -45.02 -37.78 -8.08
C PHE S 45 -46.27 -38.01 -7.26
N HIS S 46 -47.11 -38.92 -7.69
CA HIS S 46 -48.29 -39.24 -6.91
C HIS S 46 -47.99 -40.39 -5.95
N PRO S 47 -48.73 -40.47 -4.84
CA PRO S 47 -48.51 -41.59 -3.92
C PRO S 47 -48.97 -42.90 -4.53
N GLY S 48 -48.07 -43.87 -4.56
CA GLY S 48 -48.35 -45.19 -5.06
C GLY S 48 -48.68 -46.17 -3.94
N ASP S 49 -48.36 -47.44 -4.17
CA ASP S 49 -48.64 -48.46 -3.18
C ASP S 49 -47.64 -48.36 -2.04
N GLY S 50 -48.15 -48.38 -0.80
CA GLY S 50 -47.29 -48.28 0.35
C GLY S 50 -46.71 -46.92 0.60
N VAL S 51 -47.20 -45.89 -0.09
CA VAL S 51 -46.67 -44.54 0.04
C VAL S 51 -47.83 -43.60 0.37
N GLY S 52 -47.63 -42.78 1.39
CA GLY S 52 -48.60 -41.77 1.74
C GLY S 52 -48.18 -40.38 1.32
N ARG S 53 -49.13 -39.47 1.19
CA ARG S 53 -48.88 -38.10 0.79
C ARG S 53 -49.28 -37.17 1.93
N GLY S 54 -48.38 -36.27 2.31
CA GLY S 54 -48.58 -35.41 3.44
C GLY S 54 -49.19 -34.07 3.06
N GLY S 55 -49.26 -33.18 4.05
CA GLY S 55 -49.91 -31.90 3.85
C GLY S 55 -49.22 -31.04 2.80
N ASP S 56 -47.89 -31.01 2.82
CA ASP S 56 -47.12 -30.26 1.84
C ASP S 56 -46.67 -31.12 0.66
N ASP S 57 -47.44 -32.15 0.32
CA ASP S 57 -47.21 -33.03 -0.81
C ASP S 57 -45.95 -33.88 -0.67
N THR S 58 -45.43 -34.01 0.54
CA THR S 58 -44.32 -34.91 0.78
C THR S 58 -44.78 -36.35 0.64
N LEU S 59 -44.05 -37.15 -0.13
CA LEU S 59 -44.34 -38.56 -0.27
C LEU S 59 -43.44 -39.33 0.70
N PHE S 60 -44.06 -40.12 1.56
CA PHE S 60 -43.38 -40.86 2.62
C PHE S 60 -43.82 -42.31 2.58
N ALA S 61 -43.06 -43.17 3.26
CA ALA S 61 -43.32 -44.60 3.22
C ALA S 61 -44.37 -44.98 4.26
N LEU S 62 -45.39 -45.71 3.82
CA LEU S 62 -46.37 -46.26 4.73
C LEU S 62 -45.93 -47.59 5.32
N ARG S 63 -44.85 -48.18 4.82
CA ARG S 63 -44.40 -49.48 5.28
C ARG S 63 -42.94 -49.65 4.91
N ASP S 64 -42.31 -50.63 5.55
CA ASP S 64 -40.95 -50.98 5.20
C ASP S 64 -40.90 -51.62 3.82
N GLY S 65 -39.76 -51.51 3.17
CA GLY S 65 -39.59 -52.10 1.86
C GLY S 65 -38.65 -51.25 1.02
N ASN S 66 -38.66 -51.53 -0.28
CA ASN S 66 -37.78 -50.87 -1.24
C ASN S 66 -38.56 -49.87 -2.07
N VAL S 67 -37.96 -48.73 -2.32
CA VAL S 67 -38.60 -47.66 -3.09
C VAL S 67 -38.46 -47.95 -4.57
N GLU S 68 -39.56 -47.87 -5.30
CA GLU S 68 -39.52 -47.92 -6.75
C GLU S 68 -40.36 -46.79 -7.33
N PHE S 69 -39.93 -46.29 -8.47
CA PHE S 69 -40.65 -45.25 -9.20
C PHE S 69 -41.30 -45.88 -10.41
N GLY S 70 -42.60 -45.66 -10.57
CA GLY S 70 -43.31 -46.29 -11.66
C GLY S 70 -44.47 -45.46 -12.20
N THR S 71 -45.36 -46.11 -12.93
CA THR S 71 -46.53 -45.46 -13.49
C THR S 71 -47.75 -46.27 -13.09
N ARG S 72 -48.73 -45.59 -12.49
CA ARG S 72 -49.99 -46.19 -12.09
C ARG S 72 -51.06 -45.51 -12.93
N ARG S 73 -51.67 -46.25 -13.85
CA ARG S 73 -52.53 -45.66 -14.85
C ARG S 73 -51.79 -44.54 -15.58
N GLY S 74 -52.29 -43.32 -15.49
CA GLY S 74 -51.66 -42.22 -16.20
C GLY S 74 -50.79 -41.32 -15.35
N ARG S 75 -50.42 -41.77 -14.16
CA ARG S 75 -49.73 -40.94 -13.18
C ARG S 75 -48.34 -41.50 -12.88
N ARG S 76 -47.38 -40.60 -12.70
CA ARG S 76 -46.09 -40.99 -12.15
C ARG S 76 -46.24 -41.20 -10.66
N VAL S 77 -45.94 -42.41 -10.19
CA VAL S 77 -46.17 -42.78 -8.81
C VAL S 77 -44.90 -43.32 -8.19
N VAL S 78 -44.89 -43.34 -6.86
CA VAL S 78 -43.80 -43.88 -6.06
C VAL S 78 -44.38 -44.97 -5.19
N ASN S 79 -43.85 -46.18 -5.33
CA ASN S 79 -44.31 -47.31 -4.55
C ASN S 79 -43.22 -47.76 -3.59
N VAL S 80 -43.63 -48.43 -2.52
CA VAL S 80 -42.71 -49.10 -1.61
C VAL S 80 -43.09 -50.57 -1.65
N THR S 81 -42.29 -51.37 -2.34
CA THR S 81 -42.53 -52.81 -2.38
C THR S 81 -42.16 -53.41 -1.02
N PRO S 82 -43.04 -54.18 -0.41
CA PRO S 82 -42.69 -54.82 0.87
C PRO S 82 -41.50 -55.73 0.70
N VAL S 83 -40.64 -55.74 1.72
CA VAL S 83 -39.39 -56.46 1.62
C VAL S 83 -39.65 -57.97 1.64
N GLU S 84 -38.96 -58.69 0.77
CA GLU S 84 -39.08 -60.14 0.67
C GLU S 84 -38.71 -60.83 1.99
N ALA T 2 -28.69 27.44 58.71
CA ALA T 2 -27.89 26.38 59.31
C ALA T 2 -28.55 25.03 59.11
N ALA T 3 -27.76 23.96 59.28
CA ALA T 3 -28.27 22.60 59.16
C ALA T 3 -27.78 21.72 60.29
N VAL T 4 -27.40 22.30 61.42
CA VAL T 4 -26.97 21.55 62.59
C VAL T 4 -27.68 22.12 63.80
N CYS T 5 -28.33 21.24 64.57
CA CYS T 5 -29.08 21.67 65.75
C CYS T 5 -28.14 21.86 66.93
N ASP T 6 -28.25 23.01 67.59
CA ASP T 6 -27.44 23.25 68.78
C ASP T 6 -27.85 22.36 69.94
N ILE T 7 -29.03 21.74 69.88
CA ILE T 7 -29.44 20.72 70.82
C ILE T 7 -29.62 19.42 70.05
N CYS T 8 -29.00 18.35 70.54
CA CYS T 8 -29.04 17.01 69.99
C CYS T 8 -28.12 16.85 68.77
N ALA T 9 -27.53 17.93 68.26
CA ALA T 9 -26.53 17.86 67.19
C ALA T 9 -27.05 17.12 65.97
N LYS T 10 -28.32 17.34 65.63
CA LYS T 10 -28.86 16.77 64.40
C LYS T 10 -28.17 17.40 63.21
N ARG T 11 -27.74 16.57 62.27
CA ARG T 11 -26.91 17.02 61.16
C ARG T 11 -27.43 16.40 59.87
N PRO T 12 -27.10 17.01 58.72
CA PRO T 12 -27.68 16.52 57.46
C PRO T 12 -27.27 15.09 57.14
N GLY T 13 -28.17 14.40 56.46
CA GLY T 13 -27.88 13.10 55.90
C GLY T 13 -27.59 13.22 54.42
N PHE T 14 -26.95 12.19 53.86
CA PHE T 14 -26.55 12.22 52.46
C PHE T 14 -27.09 10.98 51.77
N GLY T 15 -27.72 11.18 50.63
CA GLY T 15 -28.35 10.08 49.90
C GLY T 15 -28.42 10.41 48.43
N HIS T 16 -29.46 9.90 47.77
CA HIS T 16 -29.55 9.94 46.32
C HIS T 16 -30.87 10.53 45.86
N ASN T 17 -30.80 11.46 44.92
CA ASN T 17 -31.88 11.67 43.97
C ASN T 17 -31.98 10.44 43.07
N VAL T 18 -33.16 9.84 43.03
CA VAL T 18 -33.40 8.60 42.29
C VAL T 18 -34.52 8.85 41.29
N PRO T 19 -34.19 9.18 40.06
CA PRO T 19 -35.21 9.49 39.06
C PRO T 19 -35.93 8.27 38.54
N TRP T 20 -36.78 8.46 37.54
CA TRP T 20 -37.50 7.35 36.94
C TRP T 20 -36.53 6.37 36.28
N SER T 21 -35.48 6.87 35.64
CA SER T 21 -34.44 6.04 35.06
C SER T 21 -33.45 5.53 36.09
N LYS T 22 -33.57 5.95 37.35
CA LYS T 22 -32.72 5.49 38.44
C LYS T 22 -31.28 5.92 38.28
N LYS T 23 -31.03 7.02 37.57
CA LYS T 23 -29.69 7.58 37.44
C LYS T 23 -29.41 8.37 38.71
N LYS T 24 -28.83 7.68 39.70
CA LYS T 24 -28.72 8.24 41.04
C LYS T 24 -27.72 9.39 41.08
N THR T 25 -28.09 10.45 41.79
CA THR T 25 -27.24 11.62 41.94
C THR T 25 -27.16 11.98 43.42
N ASN T 26 -26.00 12.45 43.86
CA ASN T 26 -25.84 12.76 45.28
C ASN T 26 -26.69 13.94 45.69
N ARG T 27 -27.30 13.84 46.87
CA ARG T 27 -28.12 14.91 47.41
C ARG T 27 -28.09 14.84 48.93
N ARG T 28 -28.64 15.88 49.55
CA ARG T 28 -28.57 16.06 50.98
C ARG T 28 -29.96 16.22 51.57
N TRP T 29 -30.13 15.73 52.80
CA TRP T 29 -31.33 15.93 53.58
C TRP T 29 -30.94 16.76 54.79
N SER T 30 -31.35 18.03 54.81
CA SER T 30 -30.99 18.87 55.94
C SER T 30 -32.08 18.81 57.01
N PRO T 31 -31.71 18.89 58.27
CA PRO T 31 -32.73 18.98 59.33
C PRO T 31 -33.44 20.32 59.27
N ASN T 32 -34.67 20.33 59.78
CA ASN T 32 -35.47 21.55 59.79
C ASN T 32 -34.99 22.41 60.96
N ILE T 33 -33.96 23.19 60.69
CA ILE T 33 -33.33 24.02 61.72
C ILE T 33 -34.02 25.38 61.74
N GLN T 34 -34.48 25.78 62.93
CA GLN T 34 -35.11 27.07 63.12
C GLN T 34 -34.27 27.89 64.10
N ARG T 35 -34.12 29.17 63.79
CA ARG T 35 -33.37 30.10 64.63
C ARG T 35 -34.38 30.85 65.49
N VAL T 36 -34.35 30.58 66.80
CA VAL T 36 -35.35 31.11 67.73
C VAL T 36 -34.64 31.78 68.90
N ARG T 37 -35.37 32.68 69.56
CA ARG T 37 -34.88 33.34 70.76
C ARG T 37 -35.02 32.41 71.95
N VAL T 38 -33.97 32.34 72.77
CA VAL T 38 -33.97 31.48 73.95
C VAL T 38 -33.53 32.31 75.14
N VAL T 39 -33.99 31.90 76.32
CA VAL T 39 -33.58 32.50 77.58
C VAL T 39 -33.11 31.35 78.47
N GLU T 40 -31.81 31.07 78.43
CA GLU T 40 -31.22 29.98 79.19
C GLU T 40 -30.61 30.55 80.47
N ASN T 41 -31.01 29.99 81.61
CA ASN T 41 -30.63 30.53 82.92
C ASN T 41 -31.07 31.99 83.00
N GLY T 42 -30.27 32.89 82.44
CA GLY T 42 -30.68 34.28 82.34
C GLY T 42 -30.18 34.92 81.07
N THR T 43 -29.64 34.12 80.15
CA THR T 43 -28.99 34.63 78.96
C THR T 43 -29.97 34.67 77.80
N HIS T 44 -30.19 35.87 77.27
CA HIS T 44 -30.94 36.03 76.02
C HIS T 44 -29.97 35.87 74.86
N LYS T 45 -30.33 35.01 73.91
CA LYS T 45 -29.46 34.73 72.77
C LYS T 45 -30.25 33.98 71.73
N ARG T 46 -29.71 33.94 70.52
CA ARG T 46 -30.27 33.11 69.46
C ARG T 46 -29.70 31.70 69.56
N MET T 47 -30.45 30.74 69.04
CA MET T 47 -29.94 29.38 68.88
C MET T 47 -30.60 28.75 67.66
N ASN T 48 -29.82 28.00 66.89
CA ASN T 48 -30.36 27.23 65.77
C ASN T 48 -30.87 25.91 66.32
N VAL T 49 -32.18 25.74 66.35
CA VAL T 49 -32.83 24.62 67.01
C VAL T 49 -33.68 23.88 65.99
N CYS T 50 -33.55 22.56 65.96
CA CYS T 50 -34.37 21.74 65.07
C CYS T 50 -35.81 21.72 65.56
N THR T 51 -36.73 21.54 64.61
CA THR T 51 -38.14 21.51 64.97
C THR T 51 -38.48 20.36 65.89
N SER T 52 -37.73 19.26 65.82
CA SER T 52 -37.98 18.14 66.72
C SER T 52 -37.70 18.53 68.16
N CYS T 53 -36.56 19.16 68.40
CA CYS T 53 -36.25 19.63 69.75
C CYS T 53 -37.22 20.71 70.18
N LEU T 54 -37.60 21.60 69.26
CA LEU T 54 -38.54 22.66 69.58
C LEU T 54 -39.89 22.10 69.99
N LYS T 55 -40.35 21.05 69.30
CA LYS T 55 -41.60 20.39 69.65
C LYS T 55 -41.48 19.65 70.98
N ALA T 56 -40.37 18.94 71.18
CA ALA T 56 -40.16 18.22 72.44
C ALA T 56 -40.02 19.16 73.62
N GLY T 57 -39.75 20.44 73.37
CA GLY T 57 -39.59 21.37 74.46
C GLY T 57 -38.20 21.39 75.08
N ARG T 58 -37.23 20.74 74.45
CA ARG T 58 -35.86 20.73 74.93
C ARG T 58 -35.21 22.10 74.87
N VAL T 59 -35.90 23.12 74.38
CA VAL T 59 -35.36 24.47 74.28
C VAL T 59 -36.29 25.41 75.04
N SER T 60 -35.70 26.30 75.82
CA SER T 60 -36.44 27.21 76.68
C SER T 60 -36.52 28.57 76.00
N ARG T 61 -37.75 29.06 75.80
CA ARG T 61 -37.96 30.31 75.10
C ARG T 61 -38.52 31.38 76.03
N LYS U 3 46.98 17.34 86.90
CA LYS U 3 45.68 17.32 87.56
C LYS U 3 44.58 17.75 86.61
N LEU U 4 43.39 17.17 86.80
CA LEU U 4 42.26 17.47 85.93
C LEU U 4 40.96 17.65 86.70
N SER U 5 41.02 17.80 88.02
CA SER U 5 39.84 17.92 88.89
C SER U 5 39.05 16.63 88.89
N ALA U 6 38.40 16.33 90.02
CA ALA U 6 37.65 15.10 90.17
C ALA U 6 36.54 15.36 91.19
N ALA U 7 36.01 14.29 91.78
CA ALA U 7 34.94 14.37 92.76
C ALA U 7 35.34 15.05 94.06
N GLU U 8 36.57 15.55 94.22
CA GLU U 8 36.86 16.31 95.43
C GLU U 8 36.35 17.74 95.33
N LEU U 9 35.86 18.16 94.17
CA LEU U 9 35.16 19.43 94.08
C LEU U 9 33.92 19.44 94.97
N ARG U 10 33.38 18.27 95.30
CA ARG U 10 32.26 18.19 96.24
C ARG U 10 32.66 18.56 97.66
N GLN U 11 33.95 18.69 97.94
CA GLN U 11 34.44 19.12 99.24
C GLN U 11 34.62 20.62 99.33
N LEU U 12 34.25 21.37 98.30
CA LEU U 12 34.39 22.81 98.28
C LEU U 12 33.06 23.48 98.58
N SER U 13 33.09 24.81 98.66
CA SER U 13 31.90 25.61 98.92
C SER U 13 31.43 26.27 97.63
N GLY U 14 30.22 26.81 97.67
CA GLY U 14 29.63 27.39 96.48
C GLY U 14 30.42 28.55 95.92
N GLU U 15 30.83 29.48 96.79
CA GLU U 15 31.52 30.68 96.31
C GLU U 15 32.88 30.33 95.75
N GLU U 16 33.61 29.42 96.39
CA GLU U 16 34.93 29.07 95.87
C GLU U 16 34.82 28.17 94.65
N LEU U 17 33.74 27.40 94.53
CA LEU U 17 33.50 26.69 93.28
C LEU U 17 33.21 27.66 92.14
N ARG U 18 32.48 28.74 92.42
CA ARG U 18 32.24 29.75 91.39
C ARG U 18 33.54 30.47 91.02
N ASN U 19 34.39 30.72 92.01
CA ASN U 19 35.72 31.27 91.72
C ASN U 19 36.52 30.31 90.86
N LYS U 20 36.40 29.01 91.12
CA LYS U 20 37.03 28.02 90.27
C LYS U 20 36.52 28.11 88.84
N VAL U 21 35.20 28.31 88.69
CA VAL U 21 34.63 28.49 87.35
C VAL U 21 35.26 29.68 86.65
N ARG U 22 35.36 30.80 87.36
CA ARG U 22 35.91 32.01 86.74
C ARG U 22 37.37 31.82 86.36
N GLU U 23 38.15 31.19 87.24
CA GLU U 23 39.55 30.95 86.94
C GLU U 23 39.71 30.01 85.75
N LEU U 24 38.88 28.98 85.67
CA LEU U 24 38.92 28.08 84.52
C LEU U 24 38.57 28.81 83.24
N LYS U 25 37.57 29.69 83.28
CA LYS U 25 37.20 30.45 82.10
C LYS U 25 38.36 31.35 81.66
N GLU U 26 39.03 31.98 82.62
CA GLU U 26 40.16 32.84 82.26
C GLU U 26 41.31 32.03 81.67
N GLU U 27 41.57 30.85 82.23
CA GLU U 27 42.62 29.99 81.68
C GLU U 27 42.29 29.57 80.25
N LEU U 28 41.02 29.23 80.00
CA LEU U 28 40.60 28.88 78.65
C LEU U 28 40.74 30.05 77.71
N PHE U 29 40.42 31.26 78.18
CA PHE U 29 40.62 32.47 77.38
C PHE U 29 42.09 32.61 76.97
N GLY U 30 42.99 32.47 77.94
CA GLY U 30 44.40 32.55 77.62
C GLY U 30 44.86 31.48 76.65
N LEU U 31 44.35 30.26 76.82
CA LEU U 31 44.70 29.18 75.91
C LEU U 31 44.22 29.45 74.49
N ARG U 32 43.00 29.95 74.35
CA ARG U 32 42.49 30.26 73.03
C ARG U 32 43.31 31.36 72.37
N PHE U 33 43.70 32.37 73.13
CA PHE U 33 44.56 33.42 72.57
C PHE U 33 45.91 32.85 72.14
N GLN U 34 46.50 31.97 72.95
CA GLN U 34 47.76 31.35 72.56
C GLN U 34 47.61 30.54 71.29
N SER U 35 46.51 29.78 71.18
CA SER U 35 46.28 28.99 69.98
C SER U 35 46.16 29.88 68.76
N ALA U 36 45.45 31.00 68.89
CA ALA U 36 45.35 31.93 67.77
C ALA U 36 46.71 32.50 67.40
N THR U 37 47.53 32.85 68.39
CA THR U 37 48.80 33.50 68.12
C THR U 37 49.92 32.53 67.77
N GLY U 38 49.68 31.22 67.81
CA GLY U 38 50.66 30.24 67.39
C GLY U 38 51.39 29.54 68.52
N GLN U 39 51.19 29.97 69.77
CA GLN U 39 51.73 29.30 70.93
C GLN U 39 50.86 28.10 71.28
N LEU U 40 50.98 27.60 72.51
CA LEU U 40 50.19 26.47 72.99
C LEU U 40 50.53 25.20 72.21
N GLU U 41 51.73 24.69 72.51
CA GLU U 41 52.05 23.32 72.15
C GLU U 41 51.15 22.34 72.90
N ASN U 42 50.85 22.62 74.16
CA ASN U 42 50.02 21.75 74.99
C ASN U 42 48.56 21.96 74.57
N THR U 43 48.12 21.16 73.59
CA THR U 43 46.78 21.33 73.05
C THR U 43 45.71 20.61 73.85
N ALA U 44 46.08 19.54 74.57
CA ALA U 44 45.08 18.76 75.29
C ALA U 44 44.46 19.56 76.43
N ARG U 45 45.22 20.48 77.02
CA ARG U 45 44.67 21.31 78.08
C ARG U 45 43.51 22.15 77.56
N LEU U 46 43.52 22.48 76.27
CA LEU U 46 42.46 23.31 75.70
C LEU U 46 41.11 22.61 75.75
N ARG U 47 41.09 21.28 75.78
CA ARG U 47 39.86 20.54 75.97
C ARG U 47 39.64 20.19 77.44
N GLU U 48 40.71 19.91 78.17
CA GLU U 48 40.57 19.53 79.56
C GLU U 48 40.03 20.67 80.41
N VAL U 49 40.34 21.92 80.06
CA VAL U 49 39.80 23.04 80.83
C VAL U 49 38.29 23.12 80.67
N ARG U 50 37.79 22.90 79.46
CA ARG U 50 36.34 22.87 79.25
C ARG U 50 35.71 21.71 79.99
N LYS U 51 36.39 20.55 80.02
CA LYS U 51 35.88 19.43 80.79
C LYS U 51 35.81 19.76 82.27
N ASP U 52 36.81 20.48 82.78
CA ASP U 52 36.79 20.88 84.18
C ASP U 52 35.64 21.85 84.47
N ILE U 53 35.39 22.78 83.55
CA ILE U 53 34.25 23.68 83.71
C ILE U 53 32.96 22.87 83.76
N ALA U 54 32.85 21.86 82.90
CA ALA U 54 31.69 20.99 82.92
C ALA U 54 31.54 20.30 84.27
N ARG U 55 32.66 19.82 84.83
CA ARG U 55 32.60 19.15 86.13
C ARG U 55 32.13 20.10 87.23
N VAL U 56 32.64 21.33 87.22
CA VAL U 56 32.26 22.27 88.27
C VAL U 56 30.79 22.63 88.16
N TYR U 57 30.31 22.88 86.94
CA TYR U 57 28.87 23.09 86.76
C TYR U 57 28.06 21.87 87.18
N THR U 58 28.58 20.67 86.94
CA THR U 58 27.87 19.47 87.38
C THR U 58 27.69 19.47 88.89
N VAL U 59 28.77 19.78 89.61
CA VAL U 59 28.71 19.79 91.07
C VAL U 59 27.75 20.88 91.55
N LEU U 60 27.86 22.07 90.97
CA LEU U 60 26.98 23.17 91.38
C LEU U 60 25.52 22.82 91.14
N GLN U 61 25.21 22.23 89.99
CA GLN U 61 23.81 21.94 89.69
C GLN U 61 23.28 20.80 90.55
N GLU U 62 24.11 19.80 90.88
CA GLU U 62 23.63 18.77 91.78
C GLU U 62 23.36 19.33 93.17
N ARG U 63 24.22 20.26 93.62
CA ARG U 63 23.94 20.91 94.90
C ARG U 63 22.65 21.73 94.84
N ASN U 64 22.45 22.44 93.73
CA ASN U 64 21.28 23.30 93.61
C ASN U 64 19.99 22.49 93.52
N LEU U 65 20.06 21.34 92.86
CA LEU U 65 18.90 20.46 92.70
C LEU U 65 18.77 19.46 93.85
N ASN U 66 19.65 19.52 94.84
CA ASN U 66 19.57 18.70 96.05
C ASN U 66 19.79 17.22 95.78
N ILE U 67 20.46 16.89 94.67
CA ILE U 67 20.92 15.52 94.48
C ILE U 67 21.96 15.16 95.54
N VAL U 68 22.84 16.09 95.85
CA VAL U 68 23.83 15.95 96.90
C VAL U 68 23.63 17.09 97.89
N ASP U 69 23.61 16.76 99.19
CA ASP U 69 23.38 17.78 100.21
C ASP U 69 24.44 18.87 100.15
N ASP U 70 23.99 20.11 100.19
CA ASP U 70 24.89 21.26 100.08
C ASP U 70 25.65 21.45 101.39
N PRO U 71 27.00 21.47 101.37
CA PRO U 71 27.84 21.76 102.53
C PRO U 71 27.40 23.00 103.29
N MET V 1 -8.36 -64.07 -18.74
CA MET V 1 -7.36 -63.60 -17.80
C MET V 1 -5.98 -63.64 -18.46
N SER V 2 -5.40 -62.46 -18.66
CA SER V 2 -4.10 -62.33 -19.30
C SER V 2 -3.06 -61.63 -18.44
N LYS V 3 -3.38 -61.31 -17.19
CA LYS V 3 -2.43 -60.75 -16.23
C LYS V 3 -1.83 -59.44 -16.74
N LEU V 4 -2.71 -58.44 -16.81
CA LEU V 4 -2.32 -57.08 -17.18
C LEU V 4 -1.09 -56.61 -16.40
N LYS V 5 -0.17 -55.96 -17.11
CA LYS V 5 1.03 -55.38 -16.52
C LYS V 5 0.94 -53.86 -16.66
N ILE V 6 0.84 -53.17 -15.53
CA ILE V 6 0.60 -51.73 -15.49
C ILE V 6 1.75 -51.07 -14.77
N THR V 7 2.34 -50.04 -15.40
CA THR V 7 3.41 -49.27 -14.81
C THR V 7 3.10 -47.78 -14.91
N GLN V 8 3.50 -47.04 -13.89
CA GLN V 8 3.25 -45.60 -13.83
C GLN V 8 4.37 -44.84 -14.53
N ILE V 9 3.99 -43.98 -15.46
CA ILE V 9 4.97 -43.21 -16.21
C ILE V 9 4.91 -41.72 -15.91
N LYS V 10 3.81 -41.22 -15.35
CA LYS V 10 3.68 -39.82 -15.00
C LYS V 10 3.30 -39.69 -13.54
N SER V 11 3.66 -38.57 -12.95
CA SER V 11 3.37 -38.32 -11.55
C SER V 11 1.90 -38.04 -11.32
N GLY V 12 1.47 -38.22 -10.08
CA GLY V 12 0.12 -37.88 -9.68
C GLY V 12 -0.07 -36.44 -9.26
N ILE V 13 1.00 -35.64 -9.24
CA ILE V 13 0.87 -34.24 -8.87
C ILE V 13 0.04 -33.50 -9.92
N ALA V 14 -0.88 -32.67 -9.43
CA ALA V 14 -1.78 -31.84 -10.22
C ALA V 14 -2.81 -32.64 -10.99
N THR V 15 -2.83 -33.96 -10.86
CA THR V 15 -3.89 -34.76 -11.45
C THR V 15 -5.14 -34.65 -10.59
N LYS V 16 -6.25 -35.13 -11.13
CA LYS V 16 -7.50 -35.06 -10.40
C LYS V 16 -7.51 -36.06 -9.25
N PRO V 17 -8.22 -35.75 -8.16
CA PRO V 17 -8.28 -36.69 -7.04
C PRO V 17 -8.82 -38.04 -7.46
N ASN V 18 -9.71 -38.06 -8.44
CA ASN V 18 -10.14 -39.31 -9.06
C ASN V 18 -8.94 -40.10 -9.55
N HIS V 19 -8.05 -39.47 -10.31
CA HIS V 19 -6.90 -40.17 -10.87
C HIS V 19 -5.95 -40.64 -9.77
N ARG V 20 -5.73 -39.80 -8.76
CA ARG V 20 -4.82 -40.20 -7.69
C ARG V 20 -5.38 -41.40 -6.92
N GLU V 21 -6.67 -41.38 -6.63
CA GLU V 21 -7.29 -42.52 -5.96
C GLU V 21 -7.27 -43.75 -6.84
N THR V 22 -7.42 -43.59 -8.16
CA THR V 22 -7.31 -44.73 -9.06
C THR V 22 -5.92 -45.34 -9.02
N LEU V 23 -4.89 -44.49 -9.00
CA LEU V 23 -3.52 -45.01 -8.87
C LEU V 23 -3.35 -45.75 -7.56
N ARG V 24 -3.87 -45.19 -6.47
CA ARG V 24 -3.77 -45.86 -5.17
C ARG V 24 -4.46 -47.20 -5.20
N SER V 25 -5.65 -47.27 -5.80
CA SER V 25 -6.38 -48.54 -5.88
C SER V 25 -5.65 -49.55 -6.75
N LEU V 26 -4.97 -49.08 -7.80
CA LEU V 26 -4.16 -49.99 -8.60
C LEU V 26 -2.91 -50.43 -7.87
N GLY V 27 -2.52 -49.72 -6.82
CA GLY V 27 -1.35 -50.09 -6.05
C GLY V 27 -0.07 -49.46 -6.52
N LEU V 28 -0.11 -48.67 -7.59
CA LEU V 28 1.07 -47.94 -8.02
C LEU V 28 1.37 -46.83 -7.04
N LYS V 29 2.64 -46.72 -6.64
CA LYS V 29 3.03 -45.78 -5.61
C LYS V 29 4.08 -44.78 -6.05
N ARG V 30 4.80 -45.05 -7.13
CA ARG V 30 5.83 -44.16 -7.63
C ARG V 30 5.81 -44.20 -9.14
N ILE V 31 6.55 -43.29 -9.77
CA ILE V 31 6.79 -43.40 -11.20
C ILE V 31 7.73 -44.56 -11.45
N GLY V 32 7.36 -45.42 -12.39
CA GLY V 32 8.13 -46.62 -12.66
C GLY V 32 7.70 -47.84 -11.86
N ASP V 33 6.82 -47.67 -10.88
CA ASP V 33 6.29 -48.81 -10.14
C ASP V 33 5.40 -49.63 -11.06
N THR V 34 5.51 -50.95 -10.94
CA THR V 34 4.76 -51.88 -11.78
C THR V 34 3.93 -52.82 -10.91
N VAL V 35 2.70 -53.06 -11.32
CA VAL V 35 1.83 -54.03 -10.67
C VAL V 35 1.28 -54.98 -11.73
N ILE V 36 0.87 -56.15 -11.27
CA ILE V 36 0.26 -57.16 -12.12
C ILE V 36 -1.18 -57.35 -11.66
N LYS V 37 -2.11 -57.23 -12.60
CA LYS V 37 -3.53 -57.37 -12.30
C LYS V 37 -4.17 -58.32 -13.31
N GLU V 38 -5.26 -58.95 -12.90
CA GLU V 38 -5.98 -59.84 -13.79
C GLU V 38 -6.67 -59.04 -14.90
N ASP V 39 -7.07 -59.75 -15.95
CA ASP V 39 -7.78 -59.13 -17.07
C ASP V 39 -9.26 -58.95 -16.71
N ARG V 40 -9.48 -58.23 -15.61
CA ARG V 40 -10.82 -58.01 -15.12
C ARG V 40 -11.32 -56.63 -15.52
N PRO V 41 -12.62 -56.51 -15.83
CA PRO V 41 -13.14 -55.23 -16.33
C PRO V 41 -12.93 -54.08 -15.38
N GLU V 42 -12.93 -54.31 -14.06
CA GLU V 42 -12.66 -53.21 -13.15
C GLU V 42 -11.25 -52.67 -13.33
N PHE V 43 -10.27 -53.56 -13.53
CA PHE V 43 -8.90 -53.11 -13.74
C PHE V 43 -8.73 -52.46 -15.10
N ARG V 44 -9.42 -52.97 -16.12
CA ARG V 44 -9.42 -52.25 -17.40
C ARG V 44 -9.99 -50.85 -17.23
N GLY V 45 -11.02 -50.71 -16.40
CA GLY V 45 -11.59 -49.40 -16.15
C GLY V 45 -10.63 -48.46 -15.45
N MET V 46 -9.93 -48.96 -14.43
CA MET V 46 -8.92 -48.13 -13.80
C MET V 46 -7.84 -47.71 -14.78
N VAL V 47 -7.39 -48.64 -15.62
CA VAL V 47 -6.36 -48.31 -16.59
C VAL V 47 -6.84 -47.25 -17.57
N ARG V 48 -8.07 -47.38 -18.06
CA ARG V 48 -8.55 -46.37 -19.00
C ARG V 48 -8.82 -45.05 -18.30
N THR V 49 -9.11 -45.08 -16.99
CA THR V 49 -9.30 -43.83 -16.27
C THR V 49 -7.99 -43.08 -16.12
N VAL V 50 -6.90 -43.79 -15.88
CA VAL V 50 -5.61 -43.12 -15.71
C VAL V 50 -4.71 -43.39 -16.92
N ARG V 51 -5.33 -43.57 -18.09
CA ARG V 51 -4.59 -43.94 -19.29
C ARG V 51 -3.51 -42.94 -19.66
N HIS V 52 -3.63 -41.69 -19.23
CA HIS V 52 -2.59 -40.71 -19.52
C HIS V 52 -1.44 -40.76 -18.52
N LEU V 53 -1.54 -41.59 -17.49
CA LEU V 53 -0.51 -41.68 -16.46
C LEU V 53 0.21 -43.02 -16.44
N VAL V 54 -0.36 -44.06 -17.05
CA VAL V 54 0.19 -45.41 -16.98
C VAL V 54 0.23 -46.02 -18.37
N THR V 55 1.01 -47.08 -18.51
CA THR V 55 1.00 -47.93 -19.68
C THR V 55 0.65 -49.35 -19.27
N MET V 56 0.03 -50.09 -20.18
CA MET V 56 -0.48 -51.42 -19.89
C MET V 56 0.07 -52.41 -20.89
N GLU V 57 0.24 -53.66 -20.44
CA GLU V 57 0.73 -54.73 -21.29
C GLU V 57 0.06 -56.03 -20.85
N GLU V 58 0.59 -57.16 -21.31
CA GLU V 58 0.00 -58.46 -21.02
C GLU V 58 0.94 -59.37 -20.25
N ALA W 2 21.77 16.82 3.02
CA ALA W 2 21.82 15.39 2.79
C ALA W 2 22.46 14.68 3.99
N VAL W 3 22.19 13.39 4.10
CA VAL W 3 22.68 12.60 5.23
C VAL W 3 23.21 11.27 4.71
N PRO W 4 24.24 10.73 5.36
CA PRO W 4 24.77 9.43 4.92
C PRO W 4 23.72 8.34 5.02
N LYS W 5 23.41 7.74 3.87
CA LYS W 5 22.34 6.75 3.81
C LYS W 5 22.69 5.49 4.59
N ARG W 6 23.92 5.01 4.46
CA ARG W 6 24.34 3.78 5.10
C ARG W 6 25.70 3.97 5.74
N LYS W 7 26.00 3.13 6.72
CA LYS W 7 27.32 3.13 7.34
C LYS W 7 28.35 2.67 6.32
N MET W 8 29.38 3.48 6.12
CA MET W 8 30.39 3.15 5.13
C MET W 8 31.17 1.91 5.57
N SER W 9 31.52 1.07 4.59
CA SER W 9 32.25 -0.14 4.89
C SER W 9 33.65 0.17 5.36
N ARG W 10 34.27 -0.82 6.00
CA ARG W 10 35.63 -0.66 6.49
C ARG W 10 36.60 -0.39 5.33
N SER W 11 36.43 -1.11 4.22
CA SER W 11 37.33 -0.94 3.08
C SER W 11 37.27 0.48 2.55
N ASN W 12 36.06 1.00 2.34
CA ASN W 12 35.92 2.34 1.76
C ASN W 12 36.35 3.42 2.74
N THR W 13 35.99 3.26 4.01
CA THR W 13 36.43 4.22 5.01
C THR W 13 37.94 4.29 5.08
N ARG W 14 38.61 3.14 5.03
CA ARG W 14 40.06 3.13 5.10
C ARG W 14 40.68 3.67 3.81
N HIS W 15 40.07 3.36 2.67
CA HIS W 15 40.54 3.92 1.40
C HIS W 15 40.57 5.44 1.47
N ARG W 16 39.50 6.04 1.99
CA ARG W 16 39.47 7.50 2.07
C ARG W 16 40.39 8.02 3.17
N ARG W 17 40.44 7.33 4.31
CA ARG W 17 41.18 7.84 5.46
C ARG W 17 42.69 7.77 5.24
N SER W 18 43.16 6.77 4.49
CA SER W 18 44.59 6.62 4.27
C SER W 18 45.20 7.79 3.53
N GLN W 19 44.39 8.59 2.84
CA GLN W 19 44.90 9.74 2.10
C GLN W 19 45.07 10.98 2.97
N TRP W 20 44.65 10.93 4.23
CA TRP W 20 44.90 12.01 5.17
C TRP W 20 46.27 11.76 5.79
N LYS W 21 47.29 12.38 5.22
CA LYS W 21 48.66 12.17 5.66
C LYS W 21 49.47 13.43 5.40
N THR W 22 50.71 13.41 5.86
CA THR W 22 51.63 14.52 5.67
C THR W 22 52.96 13.98 5.17
N VAL W 23 53.69 14.84 4.48
CA VAL W 23 55.02 14.48 4.00
C VAL W 23 56.04 14.90 5.04
N ALA W 24 57.17 14.20 5.06
CA ALA W 24 58.23 14.52 6.01
C ALA W 24 58.94 15.80 5.61
N THR W 25 59.28 16.62 6.61
CA THR W 25 60.08 17.80 6.35
C THR W 25 61.48 17.38 5.93
N LYS W 26 62.03 18.06 4.92
CA LYS W 26 63.19 17.55 4.21
C LYS W 26 64.51 17.84 4.94
N LEU W 27 64.73 19.09 5.34
CA LEU W 27 65.91 19.49 6.11
C LEU W 27 67.18 19.47 5.28
N VAL W 28 68.06 20.44 5.50
CA VAL W 28 69.33 20.54 4.79
C VAL W 28 70.43 20.86 5.79
N THR W 29 71.63 20.34 5.52
CA THR W 29 72.76 20.55 6.41
C THR W 29 73.27 21.98 6.33
N CYS W 30 73.50 22.59 7.49
CA CYS W 30 73.97 23.96 7.53
C CYS W 30 75.32 24.10 6.85
N ALA W 31 75.45 25.12 6.00
CA ALA W 31 76.69 25.32 5.28
C ALA W 31 77.83 25.76 6.20
N ASN W 32 77.52 26.30 7.37
CA ASN W 32 78.54 26.71 8.31
C ASN W 32 79.29 25.49 8.82
N PRO W 33 80.60 25.38 8.60
CA PRO W 33 81.33 24.23 9.14
C PRO W 33 81.27 24.13 10.65
N ALA W 34 81.23 25.27 11.34
CA ALA W 34 81.17 25.27 12.80
C ALA W 34 79.81 24.87 13.34
N CYS W 35 78.79 24.75 12.48
CA CYS W 35 77.45 24.39 12.92
C CYS W 35 77.05 23.00 12.44
N GLY W 36 77.05 22.76 11.14
CA GLY W 36 76.75 21.43 10.62
C GLY W 36 75.39 20.89 10.99
N GLU W 37 74.47 21.74 11.42
CA GLU W 37 73.16 21.29 11.85
C GLU W 37 72.20 21.23 10.67
N LYS W 38 71.00 20.72 10.93
CA LYS W 38 69.97 20.58 9.91
C LYS W 38 68.98 21.74 10.06
N HIS W 39 68.68 22.40 8.94
CA HIS W 39 67.73 23.49 8.92
C HIS W 39 66.87 23.37 7.67
N LEU W 40 65.80 24.15 7.64
CA LEU W 40 64.94 24.17 6.46
C LEU W 40 65.66 24.82 5.29
N PRO W 41 65.42 24.35 4.07
CA PRO W 41 66.02 25.00 2.90
C PRO W 41 65.52 26.43 2.76
N HIS W 42 66.42 27.32 2.31
CA HIS W 42 66.12 28.74 2.14
C HIS W 42 65.60 29.35 3.44
N THR W 43 66.18 28.92 4.56
CA THR W 43 65.77 29.37 5.87
C THR W 43 67.00 29.47 6.76
N ALA W 44 67.04 30.48 7.62
CA ALA W 44 68.16 30.65 8.52
C ALA W 44 68.26 29.47 9.47
N CYS W 45 69.49 29.07 9.76
CA CYS W 45 69.72 27.93 10.64
C CYS W 45 69.31 28.28 12.06
N PRO W 46 68.40 27.54 12.68
CA PRO W 46 67.98 27.89 14.05
C PRO W 46 69.11 27.80 15.05
N SER W 47 70.14 26.99 14.79
CA SER W 47 71.23 26.83 15.72
C SER W 47 72.23 27.97 15.61
N CYS W 48 72.86 28.09 14.45
CA CYS W 48 73.85 29.14 14.24
C CYS W 48 73.22 30.50 13.97
N GLY W 49 71.96 30.54 13.55
CA GLY W 49 71.33 31.80 13.21
C GLY W 49 71.97 32.49 12.02
N GLY W 50 72.41 31.71 11.03
CA GLY W 50 73.09 32.28 9.88
C GLY W 50 72.48 31.78 8.58
N TYR W 51 72.84 32.45 7.50
CA TYR W 51 72.29 32.15 6.19
C TYR W 51 73.35 32.43 5.13
N GLY W 52 73.30 31.66 4.05
CA GLY W 52 74.23 31.85 2.96
C GLY W 52 75.20 30.70 2.82
N PRO W 53 76.01 30.72 1.76
CA PRO W 53 76.98 29.66 1.54
C PRO W 53 78.15 29.76 2.49
N ARG W 54 79.07 28.80 2.42
CA ARG W 54 80.20 28.76 3.38
C ARG W 54 80.86 30.14 3.45
N GLY W 55 81.04 30.80 2.30
CA GLY W 55 81.63 32.15 2.28
C GLY W 55 80.72 33.18 2.92
N ASP W 56 79.78 33.74 2.17
CA ASP W 56 78.85 34.79 2.67
C ASP W 56 78.59 34.65 4.17
N ARG W 57 77.69 33.75 4.55
CA ARG W 57 77.43 33.48 5.98
C ARG W 57 77.08 34.78 6.70
N ARG W 58 75.90 35.33 6.45
CA ARG W 58 75.38 36.50 7.13
C ARG W 58 74.48 36.08 8.28
N GLN W 59 74.61 36.76 9.40
CA GLN W 59 73.76 36.49 10.55
C GLN W 59 72.35 37.00 10.30
N VAL W 60 71.37 36.18 10.67
CA VAL W 60 69.96 36.50 10.47
C VAL W 60 69.19 36.47 11.78
N VAL W 61 69.37 35.42 12.57
CA VAL W 61 68.72 35.28 13.88
C VAL W 61 69.79 35.34 14.95
N GLU W 62 69.55 36.14 15.98
CA GLU W 62 70.54 36.31 17.05
C GLU W 62 70.77 35.05 17.86
N ALA W 63 69.91 34.05 17.73
CA ALA W 63 70.10 32.78 18.44
C ALA W 63 71.39 32.10 17.97
N ASP X 7 -56.66 -5.86 13.96
CA ASP X 7 -57.70 -4.98 14.47
C ASP X 7 -59.04 -5.30 13.83
N VAL X 8 -59.01 -5.74 12.57
CA VAL X 8 -60.23 -6.12 11.88
C VAL X 8 -60.51 -7.62 11.99
N ARG X 9 -59.50 -8.42 12.29
CA ARG X 9 -59.68 -9.85 12.55
C ARG X 9 -59.06 -10.14 13.92
N PRO X 10 -59.79 -9.85 14.99
CA PRO X 10 -59.23 -10.00 16.34
C PRO X 10 -59.16 -11.46 16.75
N LYS X 11 -58.39 -11.70 17.81
CA LYS X 11 -58.29 -13.02 18.42
C LYS X 11 -59.43 -13.18 19.42
N ILE X 12 -60.23 -14.22 19.24
CA ILE X 12 -61.35 -14.53 20.12
C ILE X 12 -61.06 -15.82 20.85
N THR X 13 -61.55 -15.91 22.08
CA THR X 13 -61.28 -17.05 22.94
C THR X 13 -62.58 -17.79 23.21
N LEU X 14 -62.63 -19.05 22.80
CA LEU X 14 -63.79 -19.90 23.03
C LEU X 14 -63.64 -20.61 24.37
N ALA X 15 -64.61 -20.38 25.25
CA ALA X 15 -64.72 -21.05 26.52
C ALA X 15 -65.96 -21.95 26.52
N CYS X 16 -65.84 -23.11 27.14
CA CYS X 16 -66.98 -24.01 27.24
C CYS X 16 -68.09 -23.38 28.06
N THR X 17 -69.33 -23.58 27.63
CA THR X 17 -70.48 -23.02 28.34
C THR X 17 -70.88 -23.84 29.55
N GLU X 18 -70.23 -24.99 29.72
CA GLU X 18 -70.49 -25.84 30.91
C GLU X 18 -69.46 -25.50 31.99
N CYS X 19 -68.18 -25.81 31.76
CA CYS X 19 -67.15 -25.58 32.82
C CYS X 19 -66.44 -24.24 32.61
N LYS X 20 -67.03 -23.33 31.86
CA LYS X 20 -66.47 -21.96 31.65
C LYS X 20 -64.95 -21.98 31.52
N GLU X 21 -64.39 -22.93 30.77
CA GLU X 21 -62.92 -23.07 30.66
C GLU X 21 -62.44 -22.55 29.30
N ARG X 22 -61.53 -21.57 29.30
CA ARG X 22 -61.06 -21.00 28.04
C ARG X 22 -60.23 -22.05 27.31
N ASN X 23 -60.92 -22.96 26.63
CA ASN X 23 -60.25 -24.07 25.99
C ASN X 23 -59.53 -23.66 24.71
N TYR X 24 -60.15 -22.83 23.87
CA TYR X 24 -59.62 -22.61 22.53
C TYR X 24 -59.45 -21.13 22.25
N ILE X 25 -58.59 -20.82 21.29
CA ILE X 25 -58.43 -19.45 20.80
C ILE X 25 -58.32 -19.53 19.27
N THR X 26 -58.97 -18.59 18.59
CA THR X 26 -59.03 -18.57 17.14
C THR X 26 -59.26 -17.13 16.70
N LYS X 27 -59.66 -16.96 15.45
CA LYS X 27 -59.84 -15.59 14.91
C LYS X 27 -61.15 -15.49 14.14
N LYS X 28 -61.86 -14.35 14.25
CA LYS X 28 -63.09 -14.14 13.46
C LYS X 28 -62.89 -12.89 12.60
N ASN X 29 -63.98 -12.26 12.15
CA ASN X 29 -63.86 -11.11 11.22
C ASN X 29 -64.46 -9.86 11.85
N ARG X 30 -65.26 -10.01 12.90
CA ARG X 30 -65.83 -8.84 13.62
C ARG X 30 -66.84 -8.13 12.73
N ARG X 31 -66.54 -7.99 11.44
CA ARG X 31 -67.46 -7.30 10.51
C ARG X 31 -68.31 -8.34 9.80
N ASN X 32 -67.76 -9.53 9.58
CA ASN X 32 -68.49 -10.61 8.88
C ASN X 32 -69.22 -11.44 9.94
N ASN X 33 -68.70 -11.42 11.18
CA ASN X 33 -69.34 -12.16 12.29
C ASN X 33 -69.35 -11.24 13.51
N PRO X 34 -70.23 -10.22 13.58
CA PRO X 34 -70.19 -9.25 14.69
C PRO X 34 -70.49 -9.85 16.04
N ASP X 35 -71.36 -10.86 16.11
CA ASP X 35 -71.80 -11.41 17.37
C ASP X 35 -70.84 -12.51 17.85
N ARG X 36 -71.04 -12.93 19.11
CA ARG X 36 -70.24 -13.99 19.69
C ARG X 36 -70.55 -15.32 19.01
N MET X 37 -69.51 -16.11 18.75
CA MET X 37 -69.65 -17.31 17.94
C MET X 37 -69.86 -18.54 18.80
N GLU X 38 -70.70 -19.45 18.31
CA GLU X 38 -71.04 -20.70 18.98
C GLU X 38 -70.41 -21.85 18.22
N MET X 39 -69.69 -22.71 18.93
CA MET X 39 -69.08 -23.88 18.32
C MET X 39 -69.19 -25.06 19.28
N ALA X 40 -69.23 -26.25 18.71
CA ALA X 40 -69.17 -27.49 19.49
C ALA X 40 -67.74 -28.01 19.41
N LYS X 41 -66.99 -27.85 20.50
CA LYS X 41 -65.62 -28.32 20.58
C LYS X 41 -65.48 -29.30 21.72
N PHE X 42 -64.32 -29.96 21.77
CA PHE X 42 -64.04 -30.93 22.81
C PHE X 42 -63.52 -30.22 24.05
N CYS X 43 -64.22 -30.39 25.18
CA CYS X 43 -63.80 -29.79 26.43
C CYS X 43 -63.03 -30.83 27.23
N PRO X 44 -61.73 -30.67 27.43
CA PRO X 44 -60.98 -31.70 28.18
C PRO X 44 -61.50 -31.90 29.60
N ARG X 45 -61.89 -30.84 30.29
CA ARG X 45 -62.43 -31.00 31.63
C ARG X 45 -63.77 -31.73 31.61
N CYS X 46 -64.69 -31.26 30.77
CA CYS X 46 -65.98 -31.92 30.65
C CYS X 46 -65.87 -33.27 29.94
N ARG X 47 -64.74 -33.52 29.27
CA ARG X 47 -64.41 -34.83 28.72
C ARG X 47 -65.40 -35.27 27.64
N LYS X 48 -65.95 -34.31 26.90
CA LYS X 48 -66.82 -34.61 25.78
C LYS X 48 -66.91 -33.36 24.90
N HIS X 49 -67.84 -33.38 23.95
CA HIS X 49 -68.08 -32.24 23.08
C HIS X 49 -69.16 -31.36 23.69
N THR X 50 -68.77 -30.14 24.08
CA THR X 50 -69.69 -29.19 24.68
C THR X 50 -69.72 -27.92 23.84
N ALA X 51 -70.82 -27.17 23.96
CA ALA X 51 -70.93 -25.91 23.24
C ALA X 51 -69.92 -24.91 23.77
N HIS X 52 -69.18 -24.30 22.86
CA HIS X 52 -68.17 -23.31 23.21
C HIS X 52 -68.62 -21.95 22.69
N ARG X 53 -68.42 -20.93 23.52
CA ARG X 53 -68.88 -19.58 23.22
C ARG X 53 -67.72 -18.61 23.37
N GLU X 54 -67.71 -17.59 22.52
CA GLU X 54 -66.67 -16.57 22.60
C GLU X 54 -66.83 -15.76 23.88
N THR X 55 -65.71 -15.50 24.56
CA THR X 55 -65.75 -14.74 25.79
C THR X 55 -66.07 -13.28 25.53
N ARG X 56 -66.68 -12.63 26.52
CA ARG X 56 -67.06 -11.23 26.40
C ARG X 56 -66.11 -10.34 27.19
N MET Y 1 15.55 36.61 25.22
CA MET Y 1 14.34 37.35 25.49
C MET Y 1 14.03 37.31 26.98
N LYS Y 2 12.82 37.70 27.36
CA LYS Y 2 12.41 37.62 28.75
C LYS Y 2 11.93 36.19 29.04
N ARG Y 3 12.60 35.53 29.96
CA ARG Y 3 12.34 34.12 30.25
C ARG Y 3 11.37 33.97 31.41
N THR Y 4 10.98 32.73 31.67
CA THR Y 4 9.92 32.46 32.64
C THR Y 4 10.37 32.79 34.06
N PHE Y 5 11.63 32.50 34.40
CA PHE Y 5 12.11 32.70 35.76
C PHE Y 5 12.69 34.09 35.91
N GLN Y 6 12.06 34.91 36.73
CA GLN Y 6 12.56 36.23 37.08
C GLN Y 6 12.68 36.30 38.60
N PRO Y 7 13.88 36.11 39.15
CA PRO Y 7 13.99 35.84 40.59
C PRO Y 7 13.55 37.02 41.44
N SER Y 8 12.97 36.69 42.59
CA SER Y 8 12.59 37.68 43.59
C SER Y 8 12.53 36.93 44.91
N ASN Y 9 13.48 37.21 45.80
CA ASN Y 9 13.58 36.44 47.04
C ASN Y 9 12.35 36.67 47.91
N ARG Y 10 11.85 37.90 47.98
CA ARG Y 10 10.70 38.17 48.81
C ARG Y 10 9.47 37.43 48.31
N ARG Y 11 9.24 37.45 46.99
CA ARG Y 11 8.12 36.72 46.42
C ARG Y 11 8.28 35.22 46.64
N ARG Y 12 9.49 34.70 46.48
CA ARG Y 12 9.72 33.28 46.68
C ARG Y 12 9.43 32.88 48.12
N ALA Y 13 9.87 33.68 49.08
CA ALA Y 13 9.65 33.37 50.48
C ALA Y 13 8.17 33.48 50.84
N ARG Y 14 7.47 34.44 50.24
CA ARG Y 14 6.04 34.56 50.50
C ARG Y 14 5.26 33.42 49.88
N ASN Y 15 5.73 32.88 48.75
CA ASN Y 15 4.99 31.85 48.05
C ASN Y 15 5.26 30.46 48.62
N HIS Y 16 6.53 30.05 48.61
CA HIS Y 16 6.90 28.69 49.00
C HIS Y 16 7.63 28.62 50.32
N GLY Y 17 7.58 29.68 51.11
CA GLY Y 17 8.29 29.71 52.37
C GLY Y 17 7.67 28.78 53.40
N PHE Y 18 8.43 28.58 54.48
CA PHE Y 18 8.00 27.66 55.53
C PHE Y 18 6.70 28.14 56.18
N ARG Y 19 6.61 29.43 56.49
CA ARG Y 19 5.39 29.94 57.11
C ARG Y 19 4.21 29.88 56.15
N SER Y 20 4.46 30.13 54.87
CA SER Y 20 3.41 29.99 53.87
C SER Y 20 2.88 28.56 53.84
N ARG Y 21 3.78 27.59 53.87
CA ARG Y 21 3.36 26.19 53.88
C ARG Y 21 2.61 25.86 55.17
N MET Y 22 3.06 26.39 56.29
CA MET Y 22 2.42 26.11 57.57
C MET Y 22 1.07 26.78 57.71
N SER Y 23 0.80 27.81 56.90
CA SER Y 23 -0.47 28.53 57.02
C SER Y 23 -1.66 27.63 56.74
N THR Y 24 -1.57 26.79 55.72
CA THR Y 24 -2.70 25.98 55.28
C THR Y 24 -2.43 24.51 55.55
N ARG Y 25 -3.51 23.73 55.69
CA ARG Y 25 -3.36 22.32 56.02
C ARG Y 25 -2.80 21.52 54.86
N ALA Y 26 -3.02 21.98 53.63
CA ALA Y 26 -2.38 21.34 52.48
C ALA Y 26 -0.87 21.51 52.54
N GLY Y 27 -0.40 22.70 52.90
CA GLY Y 27 1.03 22.92 53.00
C GLY Y 27 1.65 22.15 54.16
N ARG Y 28 0.91 22.02 55.26
CA ARG Y 28 1.42 21.23 56.38
C ARG Y 28 1.55 19.77 55.99
N SER Y 29 0.59 19.24 55.24
CA SER Y 29 0.70 17.87 54.75
C SER Y 29 1.83 17.73 53.74
N ILE Y 30 2.10 18.79 52.97
CA ILE Y 30 3.25 18.77 52.06
C ILE Y 30 4.54 18.69 52.85
N LEU Y 31 4.65 19.48 53.92
CA LEU Y 31 5.85 19.42 54.76
C LEU Y 31 6.00 18.04 55.39
N ALA Y 32 4.88 17.45 55.82
CA ALA Y 32 4.93 16.10 56.39
C ALA Y 32 5.38 15.08 55.35
N ALA Y 33 4.90 15.21 54.11
CA ALA Y 33 5.29 14.28 53.06
C ALA Y 33 6.76 14.43 52.72
N ARG Y 34 7.27 15.66 52.68
CA ARG Y 34 8.68 15.87 52.43
C ARG Y 34 9.54 15.36 53.57
N ARG Y 35 9.05 15.48 54.81
CA ARG Y 35 9.76 14.89 55.94
C ARG Y 35 9.80 13.37 55.83
N ARG Y 36 8.68 12.76 55.42
CA ARG Y 36 8.69 11.31 55.23
C ARG Y 36 9.65 10.90 54.14
N LYS Y 37 9.68 11.63 53.02
CA LYS Y 37 10.61 11.27 51.96
C LYS Y 37 12.05 11.49 52.39
N GLY Y 38 12.30 12.48 53.23
CA GLY Y 38 13.64 12.75 53.71
C GLY Y 38 14.33 13.92 53.06
N ARG Y 39 13.58 14.85 52.46
CA ARG Y 39 14.19 16.00 51.82
C ARG Y 39 14.96 16.84 52.85
N VAL Y 40 16.13 17.31 52.46
CA VAL Y 40 16.84 18.26 53.29
C VAL Y 40 16.24 19.66 53.19
N ASN Y 41 15.54 19.96 52.10
CA ASN Y 41 14.86 21.23 51.91
C ASN Y 41 13.37 20.99 52.03
N LEU Y 42 12.81 21.30 53.19
CA LEU Y 42 11.38 21.12 53.38
C LEU Y 42 10.59 22.19 52.65
N SER Y 43 11.16 23.37 52.46
CA SER Y 43 10.47 24.46 51.81
C SER Y 43 11.51 25.41 51.21
N ALA Y 44 11.03 26.43 50.52
CA ALA Y 44 11.90 27.45 49.95
C ALA Y 44 12.15 28.56 50.95
N PRO Z 2 -9.64 -18.20 44.33
CA PRO Z 2 -11.04 -18.10 44.71
C PRO Z 2 -11.93 -19.08 43.97
N LYS Z 3 -13.07 -19.42 44.56
CA LYS Z 3 -14.00 -20.32 43.92
C LYS Z 3 -14.56 -19.68 42.66
N MET Z 4 -14.82 -20.50 41.64
CA MET Z 4 -15.35 -20.00 40.39
C MET Z 4 -16.87 -20.00 40.47
N LYS Z 5 -17.48 -18.85 40.24
CA LYS Z 5 -18.94 -18.75 40.23
C LYS Z 5 -19.50 -19.42 38.99
N SER Z 6 -20.70 -19.96 39.11
CA SER Z 6 -21.40 -20.53 37.98
C SER Z 6 -22.22 -19.46 37.28
N HIS Z 7 -22.47 -19.69 35.99
CA HIS Z 7 -23.28 -18.75 35.23
C HIS Z 7 -24.74 -18.87 35.63
N SER Z 8 -25.35 -17.73 35.99
CA SER Z 8 -26.69 -17.75 36.55
C SER Z 8 -27.73 -18.18 35.52
N GLY Z 9 -27.66 -17.63 34.31
CA GLY Z 9 -28.60 -18.01 33.28
C GLY Z 9 -28.48 -19.49 32.93
N THR Z 10 -27.25 -20.00 32.88
CA THR Z 10 -27.05 -21.41 32.62
C THR Z 10 -27.65 -22.26 33.75
N LYS Z 11 -27.43 -21.86 35.01
CA LYS Z 11 -28.05 -22.56 36.13
C LYS Z 11 -29.55 -22.64 35.96
N LYS Z 12 -30.18 -21.52 35.61
CA LYS Z 12 -31.62 -21.47 35.54
C LYS Z 12 -32.17 -22.16 34.30
N ARG Z 13 -31.36 -22.36 33.26
CA ARG Z 13 -31.88 -22.83 31.99
C ARG Z 13 -31.52 -24.25 31.63
N PHE Z 14 -30.48 -24.84 32.20
CA PHE Z 14 -29.99 -26.13 31.72
C PHE Z 14 -29.96 -27.17 32.82
N LYS Z 15 -30.29 -28.40 32.45
CA LYS Z 15 -30.26 -29.55 33.35
C LYS Z 15 -29.22 -30.54 32.86
N VAL Z 16 -28.72 -31.36 33.79
CA VAL Z 16 -27.78 -32.42 33.47
C VAL Z 16 -28.41 -33.73 33.92
N THR Z 17 -28.52 -34.69 33.01
CA THR Z 17 -29.18 -35.95 33.31
C THR Z 17 -28.25 -36.88 34.07
N GLY Z 18 -28.76 -38.05 34.42
CA GLY Z 18 -27.95 -39.02 35.13
C GLY Z 18 -26.76 -39.51 34.32
N SER Z 19 -26.90 -39.55 32.99
CA SER Z 19 -25.85 -40.02 32.12
C SER Z 19 -25.02 -38.89 31.51
N GLY Z 20 -25.07 -37.70 32.10
CA GLY Z 20 -24.26 -36.60 31.64
C GLY Z 20 -24.80 -35.84 30.46
N LYS Z 21 -26.00 -36.15 29.98
CA LYS Z 21 -26.60 -35.39 28.90
C LYS Z 21 -27.06 -34.03 29.41
N VAL Z 22 -26.94 -33.03 28.55
CA VAL Z 22 -27.38 -31.67 28.85
C VAL Z 22 -28.67 -31.41 28.10
N THR Z 23 -29.72 -31.02 28.82
CA THR Z 23 -31.02 -30.78 28.22
C THR Z 23 -31.52 -29.40 28.62
N ALA Z 24 -32.24 -28.78 27.69
CA ALA Z 24 -32.90 -27.50 27.90
C ALA Z 24 -34.37 -27.65 27.55
N ARG Z 25 -35.14 -26.62 27.85
CA ARG Z 25 -36.54 -26.56 27.46
C ARG Z 25 -36.65 -26.00 26.05
N LYS Z 26 -37.60 -26.52 25.29
CA LYS Z 26 -37.77 -26.05 23.92
C LYS Z 26 -38.20 -24.59 23.90
N ALA Z 27 -37.67 -23.85 22.93
CA ALA Z 27 -37.93 -22.42 22.80
C ALA Z 27 -39.05 -22.17 21.81
N GLY Z 28 -39.75 -21.06 22.01
CA GLY Z 28 -40.77 -20.63 21.08
C GLY Z 28 -42.20 -20.88 21.47
N LYS Z 29 -42.47 -21.18 22.74
CA LYS Z 29 -43.82 -21.51 23.19
C LYS Z 29 -44.32 -20.59 24.30
N ARG Z 30 -43.64 -19.48 24.56
CA ARG Z 30 -44.05 -18.62 25.66
C ARG Z 30 -45.28 -17.79 25.31
N HIS Z 31 -45.41 -17.37 24.06
CA HIS Z 31 -46.55 -16.55 23.65
C HIS Z 31 -46.69 -16.65 22.13
N LEU Z 32 -47.66 -15.91 21.60
CA LEU Z 32 -48.01 -15.96 20.18
C LEU Z 32 -48.34 -17.39 19.74
N ASN Z 33 -49.15 -18.07 20.55
CA ASN Z 33 -49.45 -19.48 20.35
C ASN Z 33 -50.74 -19.71 19.57
N GLU Z 34 -51.50 -18.66 19.24
CA GLU Z 34 -52.78 -18.86 18.56
C GLU Z 34 -52.57 -19.37 17.15
N HIS Z 35 -51.68 -18.73 16.39
CA HIS Z 35 -51.47 -19.15 15.01
C HIS Z 35 -50.77 -20.50 14.94
N LYS Z 36 -50.08 -20.91 16.00
CA LYS Z 36 -49.38 -22.18 16.00
C LYS Z 36 -50.37 -23.33 16.15
N SER Z 37 -50.24 -24.33 15.29
CA SER Z 37 -51.07 -25.53 15.39
C SER Z 37 -50.73 -26.30 16.65
N SER Z 38 -51.59 -27.26 16.98
CA SER Z 38 -51.29 -28.14 18.10
C SER Z 38 -50.07 -28.99 17.82
N ARG Z 39 -49.79 -29.30 16.55
CA ARG Z 39 -48.58 -30.03 16.22
C ARG Z 39 -47.33 -29.21 16.51
N VAL Z 40 -47.37 -27.91 16.18
CA VAL Z 40 -46.22 -27.04 16.47
C VAL Z 40 -46.02 -26.91 17.97
N THR Z 41 -47.10 -26.74 18.72
CA THR Z 41 -47.00 -26.65 20.17
C THR Z 41 -46.48 -27.94 20.77
N ARG Z 42 -46.88 -29.08 20.20
CA ARG Z 42 -46.33 -30.36 20.66
C ARG Z 42 -44.85 -30.46 20.37
N ARG Z 43 -44.40 -29.98 19.21
CA ARG Z 43 -42.98 -29.99 18.92
C ARG Z 43 -42.22 -29.07 19.87
N LEU Z 44 -42.84 -27.98 20.30
CA LEU Z 44 -42.17 -27.00 21.15
C LEU Z 44 -42.39 -27.23 22.64
N THR Z 45 -43.18 -28.21 23.04
CA THR Z 45 -43.46 -28.39 24.46
C THR Z 45 -42.53 -29.37 25.17
N GLY Z 46 -41.58 -29.95 24.48
CA GLY Z 46 -40.77 -31.02 25.03
C GLY Z 46 -39.54 -30.56 25.78
N GLU Z 47 -38.52 -31.41 25.76
CA GLU Z 47 -37.22 -31.14 26.35
C GLU Z 47 -36.14 -31.55 25.35
N THR Z 48 -35.31 -30.60 24.95
CA THR Z 48 -34.34 -30.83 23.89
C THR Z 48 -32.99 -31.18 24.49
N VAL Z 49 -32.28 -32.09 23.82
CA VAL Z 49 -30.93 -32.47 24.22
C VAL Z 49 -29.94 -31.69 23.38
N LEU Z 50 -28.98 -31.04 24.03
CA LEU Z 50 -28.05 -30.17 23.34
C LEU Z 50 -27.10 -30.97 22.46
N SER Z 51 -26.52 -30.28 21.48
CA SER Z 51 -25.44 -30.85 20.69
C SER Z 51 -24.18 -30.98 21.55
N LYS Z 52 -23.16 -31.64 20.99
CA LYS Z 52 -21.94 -31.86 21.76
C LYS Z 52 -21.24 -30.56 22.10
N GLY Z 53 -21.11 -29.67 21.10
CA GLY Z 53 -20.45 -28.39 21.36
C GLY Z 53 -21.21 -27.51 22.33
N GLU Z 54 -22.53 -27.41 22.14
CA GLU Z 54 -23.34 -26.60 23.04
C GLU Z 54 -23.32 -27.18 24.45
N ALA Z 55 -23.36 -28.51 24.56
CA ALA Z 55 -23.30 -29.15 25.87
C ALA Z 55 -21.96 -28.90 26.55
N ALA Z 56 -20.87 -28.94 25.80
CA ALA Z 56 -19.56 -28.62 26.37
C ALA Z 56 -19.52 -27.18 26.85
N LYS Z 57 -20.07 -26.26 26.06
CA LYS Z 57 -20.10 -24.86 26.48
C LYS Z 57 -20.94 -24.68 27.75
N VAL Z 58 -22.08 -25.35 27.83
CA VAL Z 58 -22.92 -25.26 29.02
C VAL Z 58 -22.21 -25.84 30.24
N LYS Z 59 -21.49 -26.94 30.04
CA LYS Z 59 -20.76 -27.54 31.15
C LYS Z 59 -19.63 -26.64 31.62
N LYS Z 60 -18.99 -25.92 30.70
CA LYS Z 60 -18.02 -24.91 31.11
C LYS Z 60 -18.68 -23.78 31.86
N LEU Z 61 -19.86 -23.34 31.41
CA LEU Z 61 -20.54 -22.23 32.07
C LEU Z 61 -20.96 -22.60 33.49
N LEU Z 62 -21.47 -23.82 33.68
CA LEU Z 62 -21.77 -24.31 35.02
C LEU Z 62 -20.45 -24.64 35.72
N ALA Z 63 -20.18 -23.98 36.83
CA ALA Z 63 -18.92 -24.16 37.56
C ALA Z 63 -18.99 -25.42 38.42
N GLY Z 64 -19.32 -26.53 37.77
CA GLY Z 64 -19.65 -27.74 38.49
C GLY Z 64 -21.07 -27.77 39.03
N HIS Z 65 -21.86 -26.74 38.76
CA HIS Z 65 -23.26 -26.75 39.14
C HIS Z 65 -23.97 -27.87 38.40
N PRO Z 66 -24.79 -28.67 39.07
CA PRO Z 66 -25.45 -29.80 38.41
C PRO Z 66 -26.64 -29.41 37.54
N GLY Z 67 -26.85 -28.14 37.30
CA GLY Z 67 -28.03 -27.68 36.60
C GLY Z 67 -29.21 -27.50 37.53
N ARG Z 68 -30.30 -26.98 36.98
CA ARG Z 68 -31.50 -26.79 37.78
C ARG Z 68 -32.10 -28.14 38.15
N MET AA 1 -91.87 -32.93 -11.22
CA MET AA 1 -92.35 -31.70 -10.63
C MET AA 1 -92.17 -31.69 -9.11
N LYS AA 2 -91.86 -30.52 -8.57
CA LYS AA 2 -91.66 -30.35 -7.13
C LYS AA 2 -92.91 -29.72 -6.52
N GLN AA 3 -93.35 -30.25 -5.39
CA GLN AA 3 -94.59 -29.80 -4.78
C GLN AA 3 -94.39 -28.45 -4.11
N GLY AA 4 -95.34 -27.54 -4.35
CA GLY AA 4 -95.36 -26.26 -3.68
C GLY AA 4 -94.57 -25.15 -4.35
N ILE AA 5 -93.88 -25.43 -5.45
CA ILE AA 5 -93.12 -24.40 -6.15
C ILE AA 5 -93.72 -24.03 -7.49
N HIS AA 6 -94.68 -24.77 -7.97
CA HIS AA 6 -95.29 -24.55 -9.27
C HIS AA 6 -96.69 -23.96 -9.12
N PRO AA 7 -97.17 -23.22 -10.11
CA PRO AA 7 -98.47 -22.55 -9.96
C PRO AA 7 -99.62 -23.53 -10.14
N ASP AA 8 -100.84 -23.02 -10.07
CA ASP AA 8 -101.99 -23.91 -10.39
C ASP AA 8 -102.05 -24.04 -11.92
N TYR AA 9 -102.13 -25.26 -12.44
CA TYR AA 9 -102.10 -25.47 -13.91
C TYR AA 9 -103.21 -26.46 -14.29
N ARG AA 10 -104.40 -26.26 -13.73
CA ARG AA 10 -105.51 -27.21 -13.96
C ARG AA 10 -106.09 -27.03 -15.37
N GLU AA 11 -107.13 -27.80 -15.71
CA GLU AA 11 -107.70 -27.74 -17.08
C GLU AA 11 -108.21 -26.34 -17.38
N THR AA 12 -108.47 -26.06 -18.66
CA THR AA 12 -108.93 -24.72 -19.09
C THR AA 12 -109.39 -24.85 -20.55
N THR AA 13 -110.70 -24.79 -20.79
CA THR AA 13 -111.16 -24.81 -22.20
C THR AA 13 -110.81 -23.46 -22.83
N VAL AA 14 -111.31 -23.18 -24.03
CA VAL AA 14 -111.07 -21.84 -24.62
C VAL AA 14 -112.14 -21.54 -25.67
N VAL AA 15 -112.90 -20.47 -25.47
CA VAL AA 15 -113.88 -20.06 -26.51
C VAL AA 15 -113.26 -18.91 -27.30
N CYS AA 16 -113.11 -19.07 -28.61
CA CYS AA 16 -112.40 -18.04 -29.41
C CYS AA 16 -113.41 -17.00 -29.91
N THR AA 17 -114.60 -16.98 -29.32
CA THR AA 17 -115.64 -16.02 -29.76
C THR AA 17 -115.67 -16.05 -31.28
N CYS AA 18 -115.42 -17.22 -31.87
CA CYS AA 18 -115.28 -17.26 -33.35
C CYS AA 18 -115.51 -18.68 -33.87
N GLY AA 19 -116.24 -19.49 -33.11
CA GLY AA 19 -116.59 -20.84 -33.58
C GLY AA 19 -115.48 -21.86 -33.35
N ASN AA 20 -114.49 -21.51 -32.54
CA ASN AA 20 -113.36 -22.43 -32.26
C ASN AA 20 -113.21 -22.61 -30.75
N THR AA 21 -113.21 -23.86 -30.28
CA THR AA 21 -113.10 -24.14 -28.83
C THR AA 21 -112.22 -25.38 -28.58
N PHE AA 22 -111.18 -25.23 -27.75
CA PHE AA 22 -110.27 -26.35 -27.43
C PHE AA 22 -110.27 -26.56 -25.91
N THR AA 23 -109.42 -27.46 -25.40
CA THR AA 23 -109.29 -27.66 -23.94
C THR AA 23 -107.82 -27.92 -23.60
N THR AA 24 -107.18 -27.01 -22.86
CA THR AA 24 -105.76 -27.17 -22.46
C THR AA 24 -105.64 -26.87 -20.97
N ARG AA 25 -104.86 -27.67 -20.24
CA ARG AA 25 -104.74 -27.48 -18.77
C ARG AA 25 -103.81 -26.28 -18.53
N SER AA 26 -104.25 -25.07 -18.89
CA SER AA 26 -103.38 -23.87 -18.78
C SER AA 26 -103.27 -23.40 -17.32
N THR AA 27 -102.95 -22.12 -17.12
CA THR AA 27 -102.74 -21.59 -15.74
C THR AA 27 -103.93 -20.73 -15.32
N SER AA 28 -104.88 -20.52 -16.24
CA SER AA 28 -106.07 -19.69 -15.94
C SER AA 28 -106.75 -20.24 -14.68
N GLN AA 29 -106.48 -19.63 -13.53
CA GLN AA 29 -107.01 -20.16 -12.24
C GLN AA 29 -108.52 -20.36 -12.39
N SER AA 30 -109.21 -19.40 -13.01
CA SER AA 30 -110.68 -19.53 -13.23
C SER AA 30 -110.95 -20.75 -14.12
N GLY AA 31 -110.37 -20.78 -15.32
CA GLY AA 31 -110.57 -21.91 -16.23
C GLY AA 31 -110.50 -21.50 -17.69
N THR AA 32 -111.52 -21.83 -18.48
CA THR AA 32 -111.49 -21.55 -19.94
C THR AA 32 -111.11 -20.09 -20.24
N LEU AA 33 -110.45 -19.86 -21.37
CA LEU AA 33 -110.06 -18.47 -21.77
C LEU AA 33 -110.92 -18.04 -22.96
N ASN AA 34 -110.89 -16.76 -23.32
CA ASN AA 34 -111.79 -16.25 -24.39
C ASN AA 34 -110.93 -15.60 -25.47
N ALA AA 35 -110.79 -16.26 -26.63
CA ALA AA 35 -109.87 -15.75 -27.67
C ALA AA 35 -110.50 -14.60 -28.47
N ASP AA 36 -109.81 -13.47 -28.56
CA ASP AA 36 -110.32 -12.39 -29.42
C ASP AA 36 -110.27 -12.93 -30.85
N VAL AA 37 -109.29 -13.79 -31.13
CA VAL AA 37 -109.17 -14.39 -32.49
C VAL AA 37 -108.33 -15.68 -32.41
N CYS AA 38 -108.69 -16.71 -33.19
CA CYS AA 38 -107.90 -17.96 -33.25
C CYS AA 38 -106.80 -17.79 -34.28
N SER AA 39 -106.26 -18.90 -34.74
CA SER AA 39 -105.29 -18.84 -35.87
C SER AA 39 -106.13 -19.12 -37.11
N LYS AA 40 -107.10 -20.03 -37.01
CA LYS AA 40 -107.97 -20.39 -38.15
C LYS AA 40 -109.08 -19.34 -38.27
N CYS AA 41 -109.16 -18.41 -37.31
CA CYS AA 41 -110.18 -17.33 -37.34
C CYS AA 41 -109.47 -16.00 -37.56
N HIS AA 42 -108.17 -16.03 -37.86
CA HIS AA 42 -107.40 -14.76 -37.92
C HIS AA 42 -107.15 -14.33 -39.37
N PRO AA 43 -107.10 -13.01 -39.67
CA PRO AA 43 -106.95 -12.55 -41.05
C PRO AA 43 -105.56 -12.79 -41.65
N PHE AA 44 -104.63 -13.35 -40.87
CA PHE AA 44 -103.24 -13.51 -41.35
C PHE AA 44 -103.14 -14.56 -42.45
N TYR AA 45 -103.59 -15.78 -42.16
CA TYR AA 45 -103.40 -16.86 -43.14
C TYR AA 45 -104.72 -17.46 -43.60
N THR AA 46 -105.79 -17.20 -42.84
CA THR AA 46 -107.12 -17.65 -43.30
C THR AA 46 -107.35 -16.92 -44.63
N GLY AA 47 -106.36 -16.09 -45.00
CA GLY AA 47 -106.45 -15.36 -46.28
C GLY AA 47 -107.28 -14.10 -46.19
N LYS AA 48 -107.83 -13.78 -45.02
CA LYS AA 48 -108.74 -12.62 -44.89
C LYS AA 48 -107.92 -11.33 -44.84
N GLN AA 49 -107.41 -10.87 -45.98
CA GLN AA 49 -106.59 -9.63 -46.05
C GLN AA 49 -106.12 -9.45 -47.49
N LYS AA 50 -104.80 -9.39 -47.71
CA LYS AA 50 -104.20 -9.34 -49.05
C LYS AA 50 -103.73 -7.93 -49.41
N ILE AA 51 -103.11 -7.24 -48.46
CA ILE AA 51 -102.81 -5.83 -48.65
C ILE AA 51 -101.82 -5.63 -49.79
N LEU AA 52 -100.71 -6.37 -49.76
CA LEU AA 52 -99.62 -6.22 -50.73
C LEU AA 52 -99.21 -4.75 -50.74
N ASP AA 53 -99.71 -3.98 -51.70
CA ASP AA 53 -99.59 -2.52 -51.71
C ASP AA 53 -100.54 -1.97 -52.77
N ALA AA 54 -100.42 -0.67 -53.05
CA ALA AA 54 -101.13 -0.02 -54.15
C ALA AA 54 -100.07 0.71 -54.97
N GLY AA 55 -99.45 -0.01 -55.91
CA GLY AA 55 -98.34 0.49 -56.70
C GLY AA 55 -98.69 1.04 -58.05
N GLY AA 56 -99.96 1.25 -58.36
CA GLY AA 56 -100.35 1.75 -59.65
C GLY AA 56 -100.22 3.25 -59.79
N ARG AA 57 -98.99 3.74 -59.95
CA ARG AA 57 -98.76 5.18 -60.06
C ARG AA 57 -99.36 5.73 -61.35
N VAL AA 58 -99.11 5.07 -62.47
CA VAL AA 58 -99.77 5.46 -63.71
C VAL AA 58 -101.25 5.16 -63.65
N ALA AA 59 -101.60 4.00 -63.09
CA ALA AA 59 -103.00 3.62 -62.97
C ALA AA 59 -103.81 4.71 -62.27
N ARG AA 60 -103.21 5.39 -61.30
CA ARG AA 60 -103.84 6.56 -60.70
C ARG AA 60 -104.05 7.66 -61.74
N PHE AA 61 -103.07 7.86 -62.62
CA PHE AA 61 -103.18 8.89 -63.64
C PHE AA 61 -104.37 8.65 -64.56
N GLU AA 62 -104.51 7.44 -65.10
CA GLU AA 62 -105.69 7.24 -65.95
C GLU AA 62 -106.95 7.05 -65.13
N ARG AA 63 -106.83 6.74 -63.83
CA ARG AA 63 -108.01 6.73 -62.98
C ARG AA 63 -108.62 8.12 -62.88
N ARG AA 64 -107.79 9.14 -62.67
CA ARG AA 64 -108.30 10.50 -62.53
C ARG AA 64 -108.31 11.29 -63.84
N TYR AA 65 -107.82 10.71 -64.93
CA TYR AA 65 -107.81 11.40 -66.21
C TYR AA 65 -108.34 10.59 -67.38
N GLY AA 66 -108.26 9.26 -67.34
CA GLY AA 66 -108.72 8.44 -68.45
C GLY AA 66 -110.18 8.08 -68.36
N GLY DA 2 -1.86 -2.04 -24.32
CA GLY DA 2 -0.51 -1.58 -24.08
C GLY DA 2 0.54 -2.60 -24.50
N LYS DA 3 1.73 -2.10 -24.82
CA LYS DA 3 2.82 -2.97 -25.24
C LYS DA 3 3.22 -3.94 -24.13
N THR DA 4 3.34 -3.43 -22.89
CA THR DA 4 3.72 -4.30 -21.79
C THR DA 4 2.68 -5.38 -21.54
N GLY DA 5 1.40 -5.01 -21.56
CA GLY DA 5 0.35 -6.00 -21.39
C GLY DA 5 0.34 -7.02 -22.51
N ARG DA 6 0.55 -6.57 -23.74
CA ARG DA 6 0.56 -7.49 -24.87
C ARG DA 6 1.71 -8.49 -24.77
N LYS DA 7 2.90 -8.00 -24.38
CA LYS DA 7 4.02 -8.92 -24.21
C LYS DA 7 3.78 -9.88 -23.05
N ARG DA 8 3.18 -9.39 -21.96
CA ARG DA 8 2.87 -10.28 -20.84
C ARG DA 8 1.90 -11.37 -21.25
N ARG DA 9 0.89 -11.02 -22.05
CA ARG DA 9 -0.06 -12.02 -22.50
C ARG DA 9 0.56 -12.98 -23.51
N ALA DA 10 1.45 -12.48 -24.37
CA ALA DA 10 2.06 -13.32 -25.39
C ALA DA 10 3.16 -14.22 -24.85
N ARG DA 11 3.68 -13.93 -23.66
CA ARG DA 11 4.70 -14.79 -23.08
C ARG DA 11 4.21 -16.20 -22.83
N ARG DA 12 2.89 -16.40 -22.75
CA ARG DA 12 2.35 -17.73 -22.50
C ARG DA 12 2.51 -18.67 -23.69
N LYS DA 13 2.93 -18.16 -24.85
CA LYS DA 13 3.09 -18.99 -26.03
C LYS DA 13 4.43 -19.70 -26.08
N LYS DA 14 5.29 -19.50 -25.09
CA LYS DA 14 6.59 -20.16 -25.07
C LYS DA 14 6.39 -21.68 -24.96
N GLY DA 15 7.43 -22.41 -25.34
CA GLY DA 15 7.32 -23.86 -25.40
C GLY DA 15 7.09 -24.51 -24.05
N ALA DA 16 7.87 -24.10 -23.05
CA ALA DA 16 7.81 -24.78 -21.75
C ALA DA 16 6.48 -24.54 -21.06
N ASN DA 17 5.99 -23.31 -21.08
CA ASN DA 17 4.60 -23.09 -20.72
C ASN DA 17 3.72 -23.75 -21.77
N HIS DA 18 2.54 -24.19 -21.36
CA HIS DA 18 1.72 -24.98 -22.26
C HIS DA 18 0.47 -24.21 -22.65
N GLY DA 19 0.66 -22.94 -23.00
CA GLY DA 19 -0.43 -22.06 -23.31
C GLY DA 19 -1.00 -21.33 -22.12
N LYS DA 20 -0.37 -21.47 -20.96
CA LYS DA 20 -0.85 -20.84 -19.73
C LYS DA 20 0.32 -20.17 -19.04
N ARG DA 21 0.00 -19.20 -18.22
CA ARG DA 21 1.00 -18.44 -17.48
C ARG DA 21 0.28 -17.65 -16.40
N PRO DA 22 0.89 -17.45 -15.24
CA PRO DA 22 0.24 -16.62 -14.21
C PRO DA 22 -0.07 -15.23 -14.74
N ASN DA 23 -1.22 -14.70 -14.33
CA ASN DA 23 -1.72 -13.42 -14.81
C ASN DA 23 -1.84 -13.43 -16.34
N ALA DA 24 -2.34 -14.53 -16.88
CA ALA DA 24 -2.54 -14.74 -18.31
C ALA DA 24 -1.25 -14.67 -19.11
N MET FA 1 1.08 10.52 -56.58
CA MET FA 1 0.92 9.14 -56.17
C MET FA 1 0.12 9.04 -54.89
N LYS FA 2 -0.80 8.08 -54.85
CA LYS FA 2 -1.60 7.81 -53.66
C LYS FA 2 -0.98 6.63 -52.91
N VAL FA 3 -0.71 6.83 -51.62
CA VAL FA 3 -0.21 5.78 -50.76
C VAL FA 3 -1.36 5.30 -49.89
N GLN FA 4 -1.82 4.08 -50.15
CA GLN FA 4 -2.98 3.53 -49.47
C GLN FA 4 -2.74 2.06 -49.21
N PRO FA 5 -3.22 1.54 -48.08
CA PRO FA 5 -3.15 0.08 -47.88
C PRO FA 5 -3.92 -0.70 -48.93
N SER FA 6 -4.99 -0.14 -49.48
CA SER FA 6 -5.82 -0.80 -50.48
C SER FA 6 -5.59 -0.12 -51.82
N VAL FA 7 -4.90 -0.80 -52.74
CA VAL FA 7 -4.64 -0.30 -54.08
C VAL FA 7 -5.33 -1.24 -55.07
N LYS FA 8 -6.08 -0.65 -56.00
CA LYS FA 8 -6.85 -1.42 -56.96
C LYS FA 8 -6.75 -0.78 -58.33
N LYS FA 9 -7.00 -1.58 -59.36
CA LYS FA 9 -7.16 -1.05 -60.70
C LYS FA 9 -8.37 -0.14 -60.74
N ILE FA 10 -8.19 1.05 -61.29
CA ILE FA 10 -9.27 2.03 -61.45
C ILE FA 10 -9.76 2.08 -62.88
N CYS FA 11 -8.83 2.19 -63.84
CA CYS FA 11 -9.13 2.15 -65.26
C CYS FA 11 -8.73 0.79 -65.82
N ASP FA 12 -8.99 0.59 -67.10
CA ASP FA 12 -8.65 -0.67 -67.76
C ASP FA 12 -7.19 -0.73 -68.20
N LYS FA 13 -6.50 0.41 -68.14
CA LYS FA 13 -5.09 0.47 -68.61
C LYS FA 13 -4.12 0.34 -67.42
N CYS FA 14 -4.64 0.39 -66.19
CA CYS FA 14 -3.79 0.31 -65.02
C CYS FA 14 -3.29 -1.12 -64.84
N LYS FA 15 -2.02 -1.23 -64.43
CA LYS FA 15 -1.36 -2.52 -64.28
C LYS FA 15 -0.82 -2.66 -62.87
N VAL FA 16 -1.08 -3.80 -62.26
CA VAL FA 16 -0.64 -4.09 -60.89
C VAL FA 16 0.65 -4.89 -60.96
N ILE FA 17 1.68 -4.38 -60.28
CA ILE FA 17 2.99 -5.03 -60.26
C ILE FA 17 3.48 -5.11 -58.83
N ARG FA 18 4.49 -5.94 -58.60
CA ARG FA 18 5.18 -6.02 -57.31
C ARG FA 18 6.62 -5.57 -57.52
N ARG FA 19 6.92 -4.37 -57.05
CA ARG FA 19 8.24 -3.75 -57.23
C ARG FA 19 8.90 -3.60 -55.87
N HIS FA 20 10.08 -4.20 -55.73
CA HIS FA 20 10.89 -4.10 -54.51
C HIS FA 20 10.11 -4.52 -53.27
N GLY FA 21 9.26 -5.55 -53.41
CA GLY FA 21 8.47 -6.03 -52.29
C GLY FA 21 7.21 -5.26 -52.00
N ARG FA 22 6.90 -4.23 -52.77
CA ARG FA 22 5.72 -3.41 -52.55
C ARG FA 22 4.77 -3.53 -53.74
N VAL FA 23 3.48 -3.63 -53.44
CA VAL FA 23 2.47 -3.69 -54.49
C VAL FA 23 2.22 -2.28 -55.01
N MET FA 24 2.30 -2.12 -56.34
CA MET FA 24 2.15 -0.82 -56.97
C MET FA 24 1.20 -0.94 -58.15
N VAL FA 25 0.55 0.18 -58.49
CA VAL FA 25 -0.30 0.27 -59.66
C VAL FA 25 0.26 1.37 -60.55
N ILE FA 26 0.60 1.01 -61.78
CA ILE FA 26 1.17 1.93 -62.76
C ILE FA 26 0.18 2.13 -63.89
N CYS FA 27 -0.01 3.37 -64.30
CA CYS FA 27 -0.96 3.68 -65.36
C CYS FA 27 -0.42 4.85 -66.17
N ASP FA 28 -0.89 4.94 -67.42
CA ASP FA 28 -0.53 6.07 -68.26
C ASP FA 28 -1.06 7.37 -67.67
N ASN FA 29 -2.26 7.34 -67.12
CA ASN FA 29 -2.81 8.50 -66.43
C ASN FA 29 -2.13 8.64 -65.07
N PRO FA 30 -1.46 9.76 -64.79
CA PRO FA 30 -0.74 9.88 -63.51
C PRO FA 30 -1.63 9.84 -62.28
N ARG FA 31 -2.93 10.09 -62.41
CA ARG FA 31 -3.82 10.05 -61.26
C ARG FA 31 -3.88 8.66 -60.65
N HIS FA 32 -3.71 7.61 -61.45
CA HIS FA 32 -3.97 6.25 -61.01
C HIS FA 32 -2.75 5.60 -60.36
N LYS FA 33 -1.64 6.31 -60.25
CA LYS FA 33 -0.46 5.76 -59.59
C LYS FA 33 -0.77 5.50 -58.12
N GLN FA 34 -0.45 4.30 -57.65
CA GLN FA 34 -0.74 3.89 -56.28
C GLN FA 34 0.41 3.05 -55.73
N ARG FA 35 0.49 3.02 -54.40
CA ARG FA 35 1.53 2.27 -53.70
C ARG FA 35 1.02 1.88 -52.33
N GLN FA 36 1.23 0.62 -51.95
CA GLN FA 36 0.78 0.17 -50.64
C GLN FA 36 1.67 0.73 -49.54
N GLY FA 37 1.05 1.20 -48.46
CA GLY FA 37 1.78 1.77 -47.36
C GLY FA 37 0.89 2.38 -46.29
#